data_2KR9
#
_entry.id   2KR9
#
_entity_poly.entity_id   1
_entity_poly.type   'polypeptide(L)'
_entity_poly.pdbx_seq_one_letter_code
;GPLGSPEFPGRKKEFIMAELLQTEKAYVRDLHECLETYLWEMTSGVEEIPPGILNKEHIIFGNIQEIYDFHNNIFLKELE
KYEQLPEDVGHCFVTWADKFQMYVTYCKNKPDSNQLILEHAGTFFDEIQQRHGLANSISSYLIKPVQRVTKYQLLLKELL
TCCEEGKGELKDGLEVMLSVPKKANDAMHV
;
_entity_poly.pdbx_strand_id   A
#
# COMPACT_ATOMS: atom_id res chain seq x y z
N GLY A 1 26.48 -13.13 10.06
CA GLY A 1 25.72 -14.02 9.15
C GLY A 1 24.37 -13.45 8.78
N PRO A 2 23.33 -14.28 8.66
CA PRO A 2 21.99 -13.84 8.21
C PRO A 2 21.20 -13.12 9.29
N LEU A 3 21.85 -12.19 9.97
CA LEU A 3 21.21 -11.41 11.01
C LEU A 3 21.20 -9.94 10.59
N GLY A 4 20.81 -9.05 11.47
CA GLY A 4 20.72 -7.65 11.12
C GLY A 4 20.98 -6.75 12.29
N SER A 5 21.90 -7.18 13.15
CA SER A 5 22.17 -6.44 14.37
C SER A 5 23.19 -5.31 14.15
N PRO A 6 24.29 -5.50 13.37
CA PRO A 6 25.21 -4.38 13.02
C PRO A 6 24.57 -3.21 12.21
N GLU A 7 23.23 -3.18 12.10
CA GLU A 7 22.49 -2.11 11.41
C GLU A 7 22.77 -2.12 9.91
N PHE A 8 21.74 -2.15 9.09
CA PHE A 8 21.94 -2.21 7.64
C PHE A 8 20.89 -1.35 6.91
N PRO A 9 21.09 -0.02 6.85
CA PRO A 9 20.16 0.90 6.17
C PRO A 9 20.25 0.88 4.64
N GLY A 10 20.31 -0.30 4.06
CA GLY A 10 20.27 -0.43 2.61
C GLY A 10 21.58 -0.02 1.94
N ARG A 11 21.68 -0.22 0.63
CA ARG A 11 22.87 0.14 -0.12
C ARG A 11 22.60 1.14 -1.25
N LYS A 12 23.12 2.36 -1.03
CA LYS A 12 23.38 3.38 -2.05
C LYS A 12 23.31 4.76 -1.36
N LYS A 13 23.67 5.84 -2.06
CA LYS A 13 23.61 7.20 -1.45
C LYS A 13 22.26 7.43 -0.80
N GLU A 14 21.21 7.14 -1.54
CA GLU A 14 19.86 7.30 -1.03
C GLU A 14 19.33 5.99 -0.53
N PHE A 15 19.93 5.60 0.59
CA PHE A 15 19.61 4.40 1.35
C PHE A 15 18.14 4.01 1.36
N ILE A 16 17.39 4.82 2.08
CA ILE A 16 16.05 4.49 2.47
C ILE A 16 15.05 5.33 1.70
N MET A 17 15.47 6.49 1.16
CA MET A 17 14.67 7.12 0.12
C MET A 17 14.45 6.16 -1.05
N ALA A 18 15.41 5.26 -1.28
CA ALA A 18 15.28 4.28 -2.36
C ALA A 18 14.30 3.22 -1.95
N GLU A 19 14.30 2.92 -0.67
CA GLU A 19 13.29 2.06 -0.06
C GLU A 19 11.88 2.64 -0.22
N LEU A 20 11.72 3.96 -0.34
CA LEU A 20 10.38 4.48 -0.54
C LEU A 20 10.08 4.61 -2.04
N LEU A 21 11.06 5.13 -2.80
CA LEU A 21 10.97 5.15 -4.27
C LEU A 21 10.64 3.78 -4.84
N GLN A 22 11.20 2.73 -4.25
CA GLN A 22 10.96 1.39 -4.76
C GLN A 22 9.56 0.87 -4.39
N THR A 23 9.05 1.26 -3.22
CA THR A 23 7.75 0.79 -2.76
C THR A 23 6.57 1.50 -3.44
N GLU A 24 6.69 2.76 -3.84
CA GLU A 24 5.87 3.26 -4.97
C GLU A 24 5.77 2.27 -6.12
N LYS A 25 6.85 2.02 -6.83
CA LYS A 25 6.79 1.19 -8.03
C LYS A 25 6.31 -0.24 -7.70
N ALA A 26 6.86 -0.85 -6.67
CA ALA A 26 6.29 -2.06 -6.08
C ALA A 26 4.79 -1.96 -5.76
N TYR A 27 4.31 -0.84 -5.25
CA TYR A 27 2.90 -0.72 -4.86
C TYR A 27 2.00 -0.44 -6.07
N VAL A 28 2.34 0.50 -6.93
CA VAL A 28 1.51 0.73 -8.11
C VAL A 28 1.55 -0.47 -9.09
N ARG A 29 2.65 -1.24 -9.10
CA ARG A 29 2.74 -2.41 -9.98
C ARG A 29 1.99 -3.61 -9.40
N ASP A 30 2.12 -3.81 -8.10
CA ASP A 30 1.39 -4.84 -7.38
C ASP A 30 -0.10 -4.49 -7.25
N LEU A 31 -0.49 -3.24 -7.47
CA LEU A 31 -1.92 -2.92 -7.60
C LEU A 31 -2.38 -3.22 -9.02
N HIS A 32 -1.57 -2.81 -10.00
CA HIS A 32 -1.79 -3.12 -11.42
C HIS A 32 -2.11 -4.59 -11.64
N GLU A 33 -1.25 -5.46 -11.16
CA GLU A 33 -1.40 -6.88 -11.42
C GLU A 33 -2.55 -7.48 -10.64
N CYS A 34 -3.02 -6.78 -9.63
CA CYS A 34 -4.21 -7.19 -8.90
C CYS A 34 -5.48 -6.90 -9.70
N LEU A 35 -5.76 -5.66 -10.07
CA LEU A 35 -6.94 -5.34 -10.87
C LEU A 35 -7.04 -6.23 -12.11
N GLU A 36 -5.92 -6.48 -12.76
CA GLU A 36 -5.90 -7.19 -14.03
C GLU A 36 -6.13 -8.70 -13.87
N THR A 37 -5.95 -9.22 -12.66
CA THR A 37 -6.11 -10.64 -12.42
C THR A 37 -7.38 -10.98 -11.63
N TYR A 38 -7.31 -10.84 -10.30
CA TYR A 38 -8.38 -11.32 -9.43
C TYR A 38 -9.63 -10.45 -9.55
N LEU A 39 -9.45 -9.15 -9.80
CA LEU A 39 -10.60 -8.25 -9.83
C LEU A 39 -11.25 -8.29 -11.21
N TRP A 40 -10.43 -8.25 -12.25
CA TRP A 40 -10.86 -8.49 -13.62
C TRP A 40 -11.74 -9.73 -13.73
N GLU A 41 -11.33 -10.90 -13.27
CA GLU A 41 -12.13 -12.09 -13.57
C GLU A 41 -13.44 -12.14 -12.77
N MET A 42 -13.54 -11.38 -11.67
CA MET A 42 -14.77 -11.45 -10.86
C MET A 42 -15.81 -10.47 -11.39
N THR A 43 -15.32 -9.40 -12.01
CA THR A 43 -16.17 -8.37 -12.59
C THR A 43 -16.50 -8.66 -14.07
N SER A 44 -15.77 -9.57 -14.68
CA SER A 44 -16.03 -9.95 -16.07
C SER A 44 -16.82 -11.26 -16.17
N GLY A 45 -17.19 -11.85 -15.03
CA GLY A 45 -18.14 -12.96 -15.03
C GLY A 45 -17.80 -14.05 -16.04
N VAL A 46 -16.55 -14.51 -16.04
CA VAL A 46 -16.07 -15.51 -16.98
C VAL A 46 -15.78 -16.83 -16.28
N GLU A 47 -15.65 -16.77 -14.96
CA GLU A 47 -15.53 -17.98 -14.14
C GLU A 47 -16.69 -18.05 -13.17
N GLU A 48 -16.90 -19.23 -12.61
CA GLU A 48 -17.93 -19.43 -11.59
C GLU A 48 -17.41 -18.95 -10.24
N ILE A 49 -17.98 -17.83 -9.82
CA ILE A 49 -17.64 -17.22 -8.56
C ILE A 49 -18.68 -17.62 -7.52
N PRO A 50 -18.23 -18.19 -6.41
CA PRO A 50 -19.11 -18.61 -5.32
C PRO A 50 -20.07 -17.50 -4.91
N PRO A 51 -21.34 -17.87 -4.61
CA PRO A 51 -22.44 -16.94 -4.28
C PRO A 51 -22.12 -15.96 -3.15
N GLY A 52 -20.97 -16.11 -2.52
CA GLY A 52 -20.63 -15.24 -1.42
C GLY A 52 -19.76 -14.07 -1.84
N ILE A 53 -18.93 -14.22 -2.87
CA ILE A 53 -17.94 -13.20 -3.18
C ILE A 53 -18.15 -12.50 -4.53
N LEU A 54 -19.03 -13.03 -5.38
CA LEU A 54 -19.34 -12.44 -6.70
C LEU A 54 -19.55 -10.93 -6.68
N ASN A 55 -20.42 -10.42 -5.83
CA ASN A 55 -20.67 -8.98 -5.78
C ASN A 55 -19.98 -8.42 -4.56
N LYS A 56 -18.99 -9.18 -4.15
CA LYS A 56 -18.14 -8.87 -3.01
C LYS A 56 -16.71 -8.65 -3.45
N GLU A 57 -16.54 -8.35 -4.73
CA GLU A 57 -15.26 -7.88 -5.27
C GLU A 57 -14.73 -6.72 -4.42
N HIS A 58 -15.64 -5.87 -3.95
CA HIS A 58 -15.31 -4.70 -3.16
C HIS A 58 -15.01 -5.06 -1.71
N ILE A 59 -15.16 -6.36 -1.36
CA ILE A 59 -14.77 -6.85 -0.04
C ILE A 59 -13.44 -7.58 -0.17
N ILE A 60 -13.39 -8.52 -1.12
CA ILE A 60 -12.17 -9.27 -1.42
C ILE A 60 -10.97 -8.35 -1.57
N PHE A 61 -11.05 -7.27 -2.34
CA PHE A 61 -9.90 -6.40 -2.48
C PHE A 61 -10.19 -4.97 -2.05
N GLY A 62 -11.34 -4.76 -1.40
CA GLY A 62 -11.70 -3.44 -0.92
C GLY A 62 -11.84 -2.42 -2.04
N ASN A 63 -11.14 -1.30 -1.89
CA ASN A 63 -11.18 -0.24 -2.88
C ASN A 63 -9.78 -0.06 -3.49
N ILE A 64 -9.14 -1.18 -3.83
CA ILE A 64 -7.76 -1.14 -4.32
C ILE A 64 -7.67 -0.47 -5.70
N GLN A 65 -8.78 -0.47 -6.43
CA GLN A 65 -8.80 0.09 -7.79
C GLN A 65 -8.43 1.57 -7.74
N GLU A 66 -8.88 2.24 -6.70
CA GLU A 66 -8.68 3.67 -6.55
C GLU A 66 -7.25 3.98 -6.11
N ILE A 67 -6.57 2.96 -5.61
CA ILE A 67 -5.20 3.12 -5.15
C ILE A 67 -4.22 3.14 -6.32
N TYR A 68 -4.31 2.15 -7.22
CA TYR A 68 -3.45 2.11 -8.40
C TYR A 68 -3.45 3.44 -9.15
N ASP A 69 -4.63 3.81 -9.64
CA ASP A 69 -4.75 4.95 -10.54
C ASP A 69 -4.16 6.21 -9.93
N PHE A 70 -4.47 6.41 -8.66
CA PHE A 70 -4.08 7.62 -7.97
C PHE A 70 -2.59 7.64 -7.64
N HIS A 71 -1.99 6.47 -7.44
CA HIS A 71 -0.56 6.43 -7.18
C HIS A 71 0.24 6.52 -8.48
N ASN A 72 -0.12 5.72 -9.50
CA ASN A 72 0.63 5.70 -10.75
C ASN A 72 0.62 7.05 -11.44
N ASN A 73 -0.42 7.86 -11.24
CA ASN A 73 -0.44 9.19 -11.87
C ASN A 73 -0.05 10.31 -10.88
N ILE A 74 0.03 10.00 -9.57
CA ILE A 74 0.43 11.00 -8.58
C ILE A 74 1.57 10.51 -7.69
N PHE A 75 1.28 9.75 -6.63
CA PHE A 75 2.25 9.53 -5.56
C PHE A 75 3.63 9.08 -6.09
N LEU A 76 3.67 8.08 -6.95
CA LEU A 76 4.93 7.64 -7.57
C LEU A 76 5.67 8.81 -8.24
N LYS A 77 5.05 9.40 -9.26
CA LYS A 77 5.72 10.42 -10.08
C LYS A 77 5.89 11.74 -9.34
N GLU A 78 5.39 11.81 -8.13
CA GLU A 78 5.59 12.98 -7.30
C GLU A 78 6.80 12.73 -6.39
N LEU A 79 6.97 11.47 -6.05
CA LEU A 79 8.04 11.02 -5.17
C LEU A 79 9.40 10.98 -5.87
N GLU A 80 9.42 10.55 -7.13
CA GLU A 80 10.68 10.49 -7.88
C GLU A 80 11.30 11.88 -8.00
N LYS A 81 10.54 12.93 -7.68
CA LYS A 81 11.06 14.29 -7.71
C LYS A 81 11.77 14.63 -6.40
N TYR A 82 11.77 13.66 -5.49
CA TYR A 82 12.36 13.81 -4.16
C TYR A 82 13.55 12.86 -4.04
N GLU A 83 13.89 12.25 -5.16
CA GLU A 83 15.02 11.32 -5.23
C GLU A 83 16.33 12.03 -4.79
N GLN A 84 16.41 13.33 -5.02
CA GLN A 84 17.58 14.09 -4.61
C GLN A 84 17.36 14.77 -3.27
N LEU A 85 16.27 14.46 -2.60
CA LEU A 85 15.91 15.17 -1.38
C LEU A 85 14.88 14.42 -0.54
N PRO A 86 15.34 13.50 0.32
CA PRO A 86 14.47 12.81 1.27
C PRO A 86 14.01 13.75 2.37
N GLU A 87 14.59 14.94 2.40
CA GLU A 87 14.14 15.98 3.31
C GLU A 87 12.77 16.54 2.87
N ASP A 88 12.33 16.27 1.64
CA ASP A 88 11.09 16.90 1.18
C ASP A 88 9.92 15.90 1.14
N VAL A 89 10.10 14.67 1.63
CA VAL A 89 9.02 13.69 1.51
C VAL A 89 8.10 13.73 2.72
N GLY A 90 8.50 14.47 3.75
CA GLY A 90 7.60 14.74 4.84
C GLY A 90 6.46 15.61 4.35
N HIS A 91 6.82 16.49 3.42
CA HIS A 91 5.87 17.39 2.75
C HIS A 91 4.90 16.60 1.87
N CYS A 92 5.29 15.39 1.52
CA CYS A 92 4.53 14.52 0.62
C CYS A 92 3.53 13.65 1.37
N PHE A 93 3.86 13.11 2.53
CA PHE A 93 2.85 12.42 3.31
C PHE A 93 1.74 13.40 3.77
N VAL A 94 2.13 14.64 4.04
CA VAL A 94 1.18 15.69 4.43
C VAL A 94 0.43 16.29 3.23
N THR A 95 1.09 16.39 2.06
CA THR A 95 0.47 17.03 0.90
C THR A 95 -0.88 16.35 0.60
N TRP A 96 -0.87 15.07 0.92
CA TRP A 96 -1.93 14.13 0.64
C TRP A 96 -2.48 13.52 1.93
N ALA A 97 -2.23 14.20 3.06
CA ALA A 97 -2.59 13.68 4.37
C ALA A 97 -4.07 13.34 4.44
N ASP A 98 -4.90 14.28 4.00
CA ASP A 98 -6.35 14.07 4.03
C ASP A 98 -6.76 12.90 3.11
N LYS A 99 -6.01 12.70 2.02
CA LYS A 99 -6.28 11.58 1.10
C LYS A 99 -5.95 10.25 1.78
N PHE A 100 -5.21 10.30 2.90
CA PHE A 100 -4.88 9.08 3.63
C PHE A 100 -6.07 8.60 4.45
N GLN A 101 -7.18 9.34 4.41
CA GLN A 101 -8.41 8.88 5.03
C GLN A 101 -8.95 7.66 4.27
N MET A 102 -8.51 7.50 3.02
CA MET A 102 -8.89 6.34 2.23
C MET A 102 -8.32 5.06 2.83
N TYR A 103 -7.21 5.17 3.55
CA TYR A 103 -6.59 4.04 4.24
C TYR A 103 -7.36 3.65 5.50
N VAL A 104 -8.17 4.56 6.05
CA VAL A 104 -9.00 4.19 7.19
C VAL A 104 -10.16 3.33 6.72
N THR A 105 -10.67 3.64 5.53
CA THR A 105 -11.70 2.83 4.91
C THR A 105 -11.19 1.44 4.57
N TYR A 106 -10.05 1.39 3.88
CA TYR A 106 -9.44 0.14 3.45
C TYR A 106 -9.31 -0.85 4.61
N CYS A 107 -8.74 -0.42 5.74
CA CYS A 107 -8.50 -1.34 6.83
C CYS A 107 -9.79 -1.83 7.50
N LYS A 108 -10.84 -1.01 7.52
CA LYS A 108 -12.07 -1.41 8.20
C LYS A 108 -12.74 -2.58 7.48
N ASN A 109 -12.50 -2.67 6.18
CA ASN A 109 -13.04 -3.77 5.36
C ASN A 109 -12.11 -4.97 5.33
N LYS A 110 -10.90 -4.79 5.87
CA LYS A 110 -9.86 -5.82 5.78
C LYS A 110 -10.30 -7.16 6.39
N PRO A 111 -10.70 -7.24 7.66
CA PRO A 111 -11.01 -8.53 8.30
C PRO A 111 -12.19 -9.26 7.62
N ASP A 112 -13.23 -8.51 7.29
CA ASP A 112 -14.38 -9.11 6.61
C ASP A 112 -13.99 -9.58 5.21
N SER A 113 -13.04 -8.87 4.61
CA SER A 113 -12.35 -9.34 3.40
C SER A 113 -11.74 -10.72 3.63
N ASN A 114 -10.97 -10.82 4.71
CA ASN A 114 -10.33 -12.08 5.12
C ASN A 114 -11.36 -13.20 5.18
N GLN A 115 -12.37 -13.01 6.00
CA GLN A 115 -13.46 -13.97 6.16
C GLN A 115 -13.94 -14.50 4.80
N LEU A 116 -14.23 -13.61 3.87
CA LEU A 116 -14.83 -14.01 2.61
C LEU A 116 -13.86 -14.78 1.73
N ILE A 117 -12.58 -14.46 1.78
CA ILE A 117 -11.60 -15.22 0.97
C ILE A 117 -11.30 -16.56 1.58
N LEU A 118 -11.60 -16.74 2.86
CA LEU A 118 -11.38 -18.03 3.50
C LEU A 118 -12.56 -18.98 3.23
N GLU A 119 -13.70 -18.67 3.83
CA GLU A 119 -14.82 -19.61 3.79
C GLU A 119 -15.54 -19.67 2.44
N HIS A 120 -15.92 -18.54 1.86
CA HIS A 120 -16.77 -18.57 0.67
C HIS A 120 -16.07 -18.12 -0.61
N ALA A 121 -14.79 -17.75 -0.57
CA ALA A 121 -14.09 -17.54 -1.84
C ALA A 121 -13.55 -18.85 -2.38
N GLY A 122 -12.88 -19.59 -1.51
CA GLY A 122 -12.43 -20.92 -1.84
C GLY A 122 -11.10 -20.97 -2.57
N THR A 123 -10.97 -21.94 -3.47
CA THR A 123 -9.73 -22.20 -4.17
C THR A 123 -9.66 -21.47 -5.52
N PHE A 124 -10.70 -20.69 -5.85
CA PHE A 124 -10.90 -20.20 -7.21
C PHE A 124 -9.71 -19.38 -7.77
N PHE A 125 -9.02 -18.68 -6.88
CA PHE A 125 -7.90 -17.84 -7.28
C PHE A 125 -6.63 -18.65 -7.54
N ASP A 126 -6.64 -19.92 -7.14
CA ASP A 126 -5.47 -20.79 -7.34
C ASP A 126 -5.32 -21.15 -8.82
N GLU A 127 -6.45 -21.32 -9.51
CA GLU A 127 -6.41 -21.61 -10.94
C GLU A 127 -5.99 -20.38 -11.73
N ILE A 128 -6.54 -19.21 -11.37
CA ILE A 128 -6.18 -17.96 -12.06
C ILE A 128 -4.69 -17.68 -11.87
N GLN A 129 -4.22 -17.95 -10.65
CA GLN A 129 -2.80 -17.89 -10.32
C GLN A 129 -1.93 -18.49 -11.43
N GLN A 130 -2.19 -19.76 -11.73
CA GLN A 130 -1.37 -20.54 -12.64
C GLN A 130 -1.50 -20.07 -14.09
N ARG A 131 -2.67 -19.56 -14.46
CA ARG A 131 -2.88 -19.11 -15.83
C ARG A 131 -1.99 -17.92 -16.15
N HIS A 132 -1.90 -16.99 -15.21
CA HIS A 132 -1.17 -15.75 -15.44
C HIS A 132 0.26 -15.77 -14.86
N GLY A 133 0.59 -16.81 -14.10
CA GLY A 133 1.92 -16.88 -13.48
C GLY A 133 2.05 -15.97 -12.27
N LEU A 134 0.98 -15.86 -11.48
CA LEU A 134 0.93 -14.97 -10.33
C LEU A 134 1.97 -15.34 -9.26
N ALA A 135 2.19 -16.64 -9.09
CA ALA A 135 3.13 -17.22 -8.12
C ALA A 135 2.71 -17.07 -6.65
N ASN A 136 2.12 -15.94 -6.29
CA ASN A 136 1.82 -15.66 -4.88
C ASN A 136 0.31 -15.67 -4.61
N SER A 137 -0.03 -16.10 -3.40
CA SER A 137 -1.42 -16.23 -2.97
C SER A 137 -2.19 -14.89 -3.00
N ILE A 138 -3.52 -14.97 -3.10
CA ILE A 138 -4.36 -13.78 -3.10
C ILE A 138 -4.19 -12.94 -1.83
N SER A 139 -4.38 -13.60 -0.68
CA SER A 139 -4.26 -12.99 0.64
C SER A 139 -3.06 -12.06 0.73
N SER A 140 -1.97 -12.46 0.08
CA SER A 140 -0.73 -11.71 0.11
C SER A 140 -0.94 -10.27 -0.40
N TYR A 141 -1.54 -10.13 -1.59
CA TYR A 141 -1.69 -8.80 -2.18
C TYR A 141 -2.60 -7.91 -1.34
N LEU A 142 -3.80 -8.41 -0.99
CA LEU A 142 -4.78 -7.58 -0.28
C LEU A 142 -4.31 -7.14 1.13
N ILE A 143 -3.45 -7.93 1.77
CA ILE A 143 -2.93 -7.52 3.08
C ILE A 143 -1.73 -6.59 2.94
N LYS A 144 -1.09 -6.62 1.77
CA LYS A 144 0.14 -5.84 1.55
C LYS A 144 -0.01 -4.35 1.89
N PRO A 145 -1.12 -3.67 1.52
CA PRO A 145 -1.39 -2.31 1.96
C PRO A 145 -1.01 -2.03 3.42
N VAL A 146 -1.27 -2.98 4.31
CA VAL A 146 -1.01 -2.79 5.75
C VAL A 146 0.46 -3.08 6.05
N GLN A 147 1.07 -3.90 5.21
CA GLN A 147 2.51 -4.07 5.29
C GLN A 147 3.20 -2.80 4.79
N ARG A 148 2.57 -2.15 3.83
CA ARG A 148 3.11 -0.94 3.21
C ARG A 148 3.00 0.26 4.14
N VAL A 149 1.90 0.35 4.89
CA VAL A 149 1.69 1.48 5.80
C VAL A 149 2.59 1.34 7.02
N THR A 150 3.09 0.15 7.28
CA THR A 150 4.10 0.00 8.31
C THR A 150 5.44 0.50 7.78
N LYS A 151 5.69 0.24 6.50
CA LYS A 151 6.94 0.65 5.86
C LYS A 151 7.07 2.18 5.85
N TYR A 152 5.98 2.87 5.52
CA TYR A 152 5.92 4.33 5.63
C TYR A 152 6.35 4.80 7.01
N GLN A 153 5.94 4.08 8.06
CA GLN A 153 6.30 4.50 9.42
C GLN A 153 7.78 4.26 9.65
N LEU A 154 8.24 3.09 9.18
CA LEU A 154 9.65 2.71 9.22
C LEU A 154 10.55 3.82 8.66
N LEU A 155 10.37 4.17 7.39
CA LEU A 155 11.28 5.10 6.73
C LEU A 155 11.09 6.54 7.16
N LEU A 156 9.84 6.95 7.37
CA LEU A 156 9.56 8.30 7.84
C LEU A 156 10.09 8.56 9.24
N LYS A 157 10.05 7.57 10.12
CA LYS A 157 10.63 7.74 11.46
C LYS A 157 12.13 7.91 11.35
N GLU A 158 12.72 7.25 10.36
CA GLU A 158 14.14 7.36 10.06
C GLU A 158 14.51 8.79 9.71
N LEU A 159 13.77 9.37 8.77
CA LEU A 159 14.10 10.69 8.28
C LEU A 159 13.98 11.73 9.39
N LEU A 160 12.82 11.76 10.03
CA LEU A 160 12.51 12.78 11.01
C LEU A 160 13.41 12.71 12.25
N THR A 161 14.11 11.60 12.46
CA THR A 161 15.04 11.54 13.58
C THR A 161 16.50 11.73 13.14
N CYS A 162 16.80 11.57 11.84
CA CYS A 162 18.20 11.60 11.39
C CYS A 162 18.51 12.73 10.39
N CYS A 163 17.50 13.40 9.84
CA CYS A 163 17.75 14.53 8.95
C CYS A 163 18.39 15.68 9.69
N GLU A 164 19.71 15.83 9.56
CA GLU A 164 20.43 16.99 10.12
C GLU A 164 19.67 18.29 9.91
N GLU A 165 19.03 18.36 8.75
CA GLU A 165 18.21 19.49 8.37
C GLU A 165 16.80 18.97 8.08
N GLY A 166 15.95 18.98 9.08
CA GLY A 166 14.62 18.42 8.96
C GLY A 166 13.63 19.53 8.75
N LYS A 167 13.92 20.31 7.72
CA LYS A 167 13.18 21.52 7.31
C LYS A 167 11.79 21.65 7.95
N GLY A 168 10.95 20.61 7.85
CA GLY A 168 9.66 20.64 8.49
C GLY A 168 8.72 19.52 7.97
N GLU A 169 7.41 19.54 8.37
CA GLU A 169 6.39 18.62 7.83
C GLU A 169 6.55 17.16 8.30
N LEU A 170 7.70 16.80 8.88
CA LEU A 170 8.00 15.39 9.12
C LEU A 170 7.13 14.78 10.21
N LYS A 171 7.02 15.45 11.35
CA LYS A 171 6.28 14.87 12.46
C LYS A 171 4.78 14.88 12.14
N ASP A 172 4.36 15.89 11.40
CA ASP A 172 2.99 15.96 10.93
C ASP A 172 2.73 14.82 9.96
N GLY A 173 3.69 14.58 9.07
CA GLY A 173 3.62 13.46 8.16
C GLY A 173 3.52 12.14 8.90
N LEU A 174 4.12 12.09 10.07
CA LEU A 174 4.00 10.95 10.96
C LEU A 174 2.60 10.84 11.60
N GLU A 175 2.12 11.92 12.21
CA GLU A 175 0.87 11.90 12.97
C GLU A 175 -0.32 11.50 12.09
N VAL A 176 -0.32 11.97 10.87
CA VAL A 176 -1.31 11.55 9.87
C VAL A 176 -1.24 10.03 9.64
N MET A 177 -0.02 9.51 9.49
CA MET A 177 0.17 8.07 9.26
C MET A 177 -0.42 7.26 10.42
N LEU A 178 -0.29 7.79 11.63
CA LEU A 178 -0.64 7.04 12.83
C LEU A 178 -2.11 7.18 13.17
N SER A 179 -2.72 8.25 12.70
CA SER A 179 -4.10 8.55 13.06
C SER A 179 -5.06 7.73 12.21
N VAL A 180 -4.58 7.26 11.06
CA VAL A 180 -5.40 6.48 10.14
C VAL A 180 -5.82 5.13 10.74
N PRO A 181 -4.87 4.19 11.02
CA PRO A 181 -5.25 2.90 11.59
C PRO A 181 -5.84 3.05 12.99
N LYS A 182 -5.52 4.14 13.66
CA LYS A 182 -6.09 4.44 14.95
C LYS A 182 -7.57 4.76 14.78
N LYS A 183 -7.87 5.58 13.77
CA LYS A 183 -9.24 5.94 13.46
C LYS A 183 -10.10 4.73 13.16
N ALA A 184 -9.52 3.76 12.44
CA ALA A 184 -10.25 2.59 11.95
C ALA A 184 -10.79 1.76 13.10
N ASN A 185 -10.04 1.78 14.20
CA ASN A 185 -10.41 1.03 15.39
C ASN A 185 -11.49 1.76 16.18
N ASP A 186 -11.31 3.07 16.32
CA ASP A 186 -12.24 3.93 17.05
C ASP A 186 -13.57 4.05 16.31
N ALA A 187 -13.47 4.27 15.01
CA ALA A 187 -14.61 4.34 14.09
C ALA A 187 -14.98 2.97 13.57
N MET A 188 -14.71 1.95 14.39
CA MET A 188 -14.86 0.51 14.04
C MET A 188 -16.01 0.17 13.06
N HIS A 189 -17.06 0.99 12.97
CA HIS A 189 -18.29 0.60 12.29
C HIS A 189 -18.08 0.57 10.78
N VAL A 190 -18.02 -0.62 10.21
CA VAL A 190 -17.87 -0.80 8.79
C VAL A 190 -19.23 -1.12 8.13
N GLY A 1 19.32 -19.82 25.83
CA GLY A 1 19.87 -20.66 24.73
C GLY A 1 20.84 -19.87 23.86
N PRO A 2 20.32 -19.12 22.88
CA PRO A 2 21.13 -18.18 22.11
C PRO A 2 21.65 -17.04 22.99
N LEU A 3 22.25 -16.03 22.37
CA LEU A 3 22.82 -14.91 23.13
C LEU A 3 23.27 -13.81 22.19
N GLY A 4 23.59 -12.65 22.75
CA GLY A 4 23.92 -11.50 21.93
C GLY A 4 22.68 -10.67 21.61
N SER A 5 22.83 -9.36 21.48
CA SER A 5 21.71 -8.50 21.11
C SER A 5 21.92 -7.95 19.69
N PRO A 6 21.40 -8.67 18.70
CA PRO A 6 21.39 -8.23 17.28
C PRO A 6 20.63 -6.92 17.12
N GLU A 7 21.34 -5.81 17.26
CA GLU A 7 20.73 -4.50 17.09
C GLU A 7 20.89 -4.06 15.65
N PHE A 8 20.04 -3.17 15.19
CA PHE A 8 20.26 -2.56 13.89
C PHE A 8 20.59 -1.07 14.07
N PRO A 9 21.83 -0.74 14.44
CA PRO A 9 22.29 0.64 14.53
C PRO A 9 22.83 1.13 13.18
N GLY A 10 21.95 1.26 12.20
CA GLY A 10 22.39 1.68 10.89
C GLY A 10 21.37 2.55 10.18
N ARG A 11 20.76 3.47 10.91
CA ARG A 11 19.83 4.42 10.33
C ARG A 11 20.59 5.62 9.78
N LYS A 12 20.50 5.82 8.46
CA LYS A 12 21.27 6.83 7.72
C LYS A 12 21.45 6.35 6.29
N LYS A 13 22.33 7.05 5.53
CA LYS A 13 22.48 6.92 4.06
C LYS A 13 21.13 6.80 3.30
N GLU A 14 20.97 7.58 2.21
CA GLU A 14 19.69 7.70 1.52
C GLU A 14 19.30 6.44 0.71
N PHE A 15 19.84 5.30 1.10
CA PHE A 15 19.48 4.04 0.47
C PHE A 15 18.10 3.60 0.92
N ILE A 16 17.53 4.32 1.87
CA ILE A 16 16.24 3.96 2.41
C ILE A 16 15.17 4.82 1.75
N MET A 17 15.54 5.99 1.22
CA MET A 17 14.66 6.71 0.31
C MET A 17 14.37 5.89 -0.94
N ALA A 18 15.34 5.08 -1.38
CA ALA A 18 15.15 4.25 -2.56
C ALA A 18 14.22 3.10 -2.22
N GLU A 19 14.22 2.71 -0.96
CA GLU A 19 13.24 1.78 -0.43
C GLU A 19 11.82 2.35 -0.55
N LEU A 20 11.66 3.67 -0.57
CA LEU A 20 10.31 4.20 -0.73
C LEU A 20 10.00 4.43 -2.21
N LEU A 21 10.97 4.95 -2.96
CA LEU A 21 10.89 5.03 -4.42
C LEU A 21 10.56 3.66 -5.03
N GLN A 22 11.20 2.62 -4.54
CA GLN A 22 11.00 1.29 -5.12
C GLN A 22 9.64 0.70 -4.73
N THR A 23 9.15 1.08 -3.57
CA THR A 23 7.86 0.57 -3.09
C THR A 23 6.68 1.31 -3.73
N GLU A 24 6.83 2.56 -4.15
CA GLU A 24 5.94 3.08 -5.21
C GLU A 24 5.79 2.14 -6.39
N LYS A 25 6.83 1.95 -7.19
CA LYS A 25 6.71 1.16 -8.42
C LYS A 25 6.32 -0.30 -8.14
N ALA A 26 6.87 -0.90 -7.10
CA ALA A 26 6.27 -2.11 -6.49
C ALA A 26 4.76 -1.96 -6.25
N TYR A 27 4.33 -0.95 -5.52
CA TYR A 27 2.93 -0.88 -5.07
C TYR A 27 1.98 -0.46 -6.20
N VAL A 28 2.35 0.44 -7.09
CA VAL A 28 1.45 0.75 -8.20
C VAL A 28 1.41 -0.40 -9.24
N ARG A 29 2.51 -1.13 -9.42
CA ARG A 29 2.52 -2.25 -10.38
C ARG A 29 1.85 -3.51 -9.79
N ASP A 30 2.04 -3.72 -8.50
CA ASP A 30 1.36 -4.78 -7.75
C ASP A 30 -0.12 -4.44 -7.58
N LEU A 31 -0.49 -3.18 -7.82
CA LEU A 31 -1.91 -2.82 -7.89
C LEU A 31 -2.43 -3.01 -9.31
N HIS A 32 -1.65 -2.55 -10.29
CA HIS A 32 -1.93 -2.78 -11.71
C HIS A 32 -2.19 -4.26 -11.97
N GLU A 33 -1.33 -5.10 -11.43
CA GLU A 33 -1.39 -6.53 -11.69
C GLU A 33 -2.55 -7.18 -10.96
N CYS A 34 -2.98 -6.58 -9.86
CA CYS A 34 -4.10 -7.09 -9.09
C CYS A 34 -5.44 -6.78 -9.75
N LEU A 35 -5.68 -5.55 -10.20
CA LEU A 35 -6.92 -5.23 -10.90
C LEU A 35 -7.10 -6.12 -12.13
N GLU A 36 -6.02 -6.38 -12.84
CA GLU A 36 -6.09 -7.07 -14.14
C GLU A 36 -6.26 -8.58 -13.97
N THR A 37 -6.08 -9.06 -12.75
CA THR A 37 -6.19 -10.48 -12.45
C THR A 37 -7.42 -10.82 -11.63
N TYR A 38 -7.28 -10.78 -10.32
CA TYR A 38 -8.34 -11.26 -9.43
C TYR A 38 -9.59 -10.39 -9.55
N LEU A 39 -9.42 -9.10 -9.77
CA LEU A 39 -10.57 -8.19 -9.81
C LEU A 39 -11.22 -8.22 -11.19
N TRP A 40 -10.40 -8.11 -12.22
CA TRP A 40 -10.87 -8.27 -13.59
C TRP A 40 -11.60 -9.59 -13.80
N GLU A 41 -11.10 -10.73 -13.33
CA GLU A 41 -11.79 -11.99 -13.59
C GLU A 41 -13.14 -12.07 -12.84
N MET A 42 -13.29 -11.36 -11.71
CA MET A 42 -14.55 -11.47 -10.96
C MET A 42 -15.59 -10.50 -11.54
N THR A 43 -15.12 -9.35 -11.99
CA THR A 43 -16.02 -8.34 -12.56
C THR A 43 -16.46 -8.69 -13.99
N SER A 44 -15.66 -9.50 -14.68
CA SER A 44 -15.98 -9.88 -16.06
C SER A 44 -16.75 -11.20 -16.13
N GLY A 45 -16.90 -11.88 -15.00
CA GLY A 45 -17.70 -13.10 -14.97
C GLY A 45 -17.29 -14.11 -16.03
N VAL A 46 -16.02 -14.48 -16.08
CA VAL A 46 -15.53 -15.45 -17.05
C VAL A 46 -15.23 -16.77 -16.34
N GLU A 47 -14.79 -16.69 -15.10
CA GLU A 47 -14.80 -17.85 -14.21
C GLU A 47 -16.04 -17.79 -13.34
N GLU A 48 -16.47 -18.93 -12.84
CA GLU A 48 -17.65 -19.00 -11.99
C GLU A 48 -17.28 -18.64 -10.55
N ILE A 49 -17.94 -17.61 -10.01
CA ILE A 49 -17.62 -17.10 -8.70
C ILE A 49 -18.62 -17.62 -7.67
N PRO A 50 -18.13 -18.11 -6.51
CA PRO A 50 -18.99 -18.61 -5.45
C PRO A 50 -20.00 -17.56 -4.99
N PRO A 51 -21.20 -18.01 -4.58
CA PRO A 51 -22.34 -17.14 -4.24
C PRO A 51 -22.07 -16.13 -3.13
N GLY A 52 -20.91 -16.19 -2.50
CA GLY A 52 -20.61 -15.27 -1.43
C GLY A 52 -19.76 -14.08 -1.85
N ILE A 53 -18.91 -14.26 -2.87
CA ILE A 53 -17.94 -13.21 -3.20
C ILE A 53 -18.17 -12.55 -4.57
N LEU A 54 -19.08 -13.09 -5.39
CA LEU A 54 -19.43 -12.51 -6.70
C LEU A 54 -19.52 -10.99 -6.72
N ASN A 55 -20.47 -10.44 -5.98
CA ASN A 55 -20.67 -8.99 -6.01
C ASN A 55 -19.99 -8.42 -4.79
N LYS A 56 -19.01 -9.17 -4.32
CA LYS A 56 -18.22 -8.83 -3.17
C LYS A 56 -16.79 -8.57 -3.57
N GLU A 57 -16.59 -8.25 -4.85
CA GLU A 57 -15.31 -7.77 -5.35
C GLU A 57 -14.80 -6.62 -4.47
N HIS A 58 -15.74 -5.79 -4.01
CA HIS A 58 -15.42 -4.62 -3.19
C HIS A 58 -15.17 -5.00 -1.73
N ILE A 59 -15.29 -6.29 -1.39
CA ILE A 59 -14.90 -6.75 -0.07
C ILE A 59 -13.55 -7.46 -0.17
N ILE A 60 -13.46 -8.40 -1.12
CA ILE A 60 -12.23 -9.14 -1.39
C ILE A 60 -11.05 -8.20 -1.58
N PHE A 61 -11.20 -7.13 -2.36
CA PHE A 61 -10.08 -6.25 -2.60
C PHE A 61 -10.38 -4.81 -2.21
N GLY A 62 -11.44 -4.63 -1.43
CA GLY A 62 -11.86 -3.30 -1.03
C GLY A 62 -12.00 -2.32 -2.18
N ASN A 63 -11.26 -1.23 -2.10
CA ASN A 63 -11.28 -0.19 -3.12
C ASN A 63 -9.86 -0.02 -3.72
N ILE A 64 -9.19 -1.14 -3.99
CA ILE A 64 -7.79 -1.11 -4.43
C ILE A 64 -7.65 -0.45 -5.81
N GLN A 65 -8.74 -0.40 -6.56
CA GLN A 65 -8.74 0.16 -7.91
C GLN A 65 -8.29 1.61 -7.86
N GLU A 66 -8.75 2.31 -6.82
CA GLU A 66 -8.45 3.73 -6.67
C GLU A 66 -6.98 3.96 -6.28
N ILE A 67 -6.42 2.99 -5.55
CA ILE A 67 -5.04 3.12 -5.08
C ILE A 67 -4.07 3.12 -6.27
N TYR A 68 -4.25 2.20 -7.22
CA TYR A 68 -3.46 2.21 -8.45
C TYR A 68 -3.51 3.56 -9.15
N ASP A 69 -4.70 3.96 -9.58
CA ASP A 69 -4.84 5.13 -10.45
C ASP A 69 -4.21 6.36 -9.81
N PHE A 70 -4.49 6.54 -8.52
CA PHE A 70 -4.05 7.71 -7.81
C PHE A 70 -2.56 7.71 -7.56
N HIS A 71 -1.96 6.53 -7.38
CA HIS A 71 -0.52 6.49 -7.14
C HIS A 71 0.28 6.58 -8.45
N ASN A 72 -0.12 5.81 -9.48
CA ASN A 72 0.60 5.80 -10.75
C ASN A 72 0.55 7.15 -11.46
N ASN A 73 -0.47 7.95 -11.18
CA ASN A 73 -0.52 9.30 -11.78
C ASN A 73 -0.11 10.41 -10.80
N ILE A 74 -0.03 10.09 -9.50
CA ILE A 74 0.41 11.07 -8.49
C ILE A 74 1.56 10.54 -7.63
N PHE A 75 1.29 9.77 -6.58
CA PHE A 75 2.29 9.55 -5.53
C PHE A 75 3.65 9.09 -6.10
N LEU A 76 3.63 8.13 -7.03
CA LEU A 76 4.83 7.71 -7.74
C LEU A 76 5.56 8.89 -8.40
N LYS A 77 4.92 9.52 -9.38
CA LYS A 77 5.56 10.59 -10.16
C LYS A 77 5.80 11.85 -9.34
N GLU A 78 5.32 11.86 -8.11
CA GLU A 78 5.59 12.95 -7.21
C GLU A 78 6.82 12.59 -6.37
N LEU A 79 7.00 11.30 -6.12
CA LEU A 79 8.08 10.83 -5.27
C LEU A 79 9.38 10.78 -6.05
N GLU A 80 9.30 10.39 -7.32
CA GLU A 80 10.49 10.38 -8.18
C GLU A 80 11.04 11.79 -8.36
N LYS A 81 10.38 12.80 -7.80
CA LYS A 81 10.91 14.15 -7.78
C LYS A 81 11.75 14.40 -6.52
N TYR A 82 11.79 13.42 -5.64
CA TYR A 82 12.43 13.54 -4.34
C TYR A 82 13.64 12.59 -4.26
N GLU A 83 13.93 12.00 -5.41
CA GLU A 83 15.04 11.04 -5.53
C GLU A 83 16.40 11.66 -5.12
N GLN A 84 16.49 12.97 -5.27
CA GLN A 84 17.69 13.71 -4.85
C GLN A 84 17.50 14.39 -3.50
N LEU A 85 16.41 14.09 -2.80
CA LEU A 85 16.08 14.82 -1.58
C LEU A 85 15.01 14.10 -0.74
N PRO A 86 15.45 13.20 0.16
CA PRO A 86 14.54 12.53 1.09
C PRO A 86 14.08 13.47 2.21
N GLU A 87 14.65 14.66 2.22
CA GLU A 87 14.28 15.67 3.20
C GLU A 87 12.96 16.33 2.81
N ASP A 88 12.53 16.11 1.58
CA ASP A 88 11.33 16.76 1.08
C ASP A 88 10.14 15.82 0.96
N VAL A 89 10.29 14.55 1.34
CA VAL A 89 9.15 13.62 1.26
C VAL A 89 8.30 13.72 2.51
N GLY A 90 8.75 14.49 3.50
CA GLY A 90 7.89 14.80 4.63
C GLY A 90 6.71 15.65 4.18
N HIS A 91 6.97 16.51 3.20
CA HIS A 91 5.95 17.39 2.63
C HIS A 91 4.97 16.61 1.74
N CYS A 92 5.35 15.40 1.37
CA CYS A 92 4.55 14.54 0.48
C CYS A 92 3.61 13.63 1.28
N PHE A 93 3.97 13.13 2.44
CA PHE A 93 2.98 12.45 3.26
C PHE A 93 1.87 13.41 3.71
N VAL A 94 2.27 14.63 4.06
CA VAL A 94 1.32 15.67 4.50
C VAL A 94 0.48 16.26 3.36
N THR A 95 1.07 16.46 2.19
CA THR A 95 0.35 17.14 1.11
C THR A 95 -0.95 16.38 0.78
N TRP A 96 -0.84 15.08 1.02
CA TRP A 96 -1.87 14.09 0.73
C TRP A 96 -2.33 13.44 2.02
N ALA A 97 -2.11 14.12 3.15
CA ALA A 97 -2.46 13.58 4.46
C ALA A 97 -3.93 13.22 4.55
N ASP A 98 -4.77 14.18 4.21
CA ASP A 98 -6.21 13.99 4.34
C ASP A 98 -6.71 12.92 3.37
N LYS A 99 -5.91 12.60 2.36
CA LYS A 99 -6.21 11.48 1.46
C LYS A 99 -5.95 10.15 2.16
N PHE A 100 -5.42 10.20 3.37
CA PHE A 100 -5.26 8.99 4.18
C PHE A 100 -6.60 8.43 4.77
N GLN A 101 -7.74 9.03 4.39
CA GLN A 101 -8.98 8.27 4.19
C GLN A 101 -8.89 6.84 3.75
N MET A 102 -8.14 6.63 2.68
CA MET A 102 -8.26 5.42 1.90
C MET A 102 -7.72 4.24 2.67
N TYR A 103 -6.86 4.53 3.63
CA TYR A 103 -6.32 3.50 4.48
C TYR A 103 -7.19 3.29 5.74
N VAL A 104 -8.08 4.23 6.10
CA VAL A 104 -8.96 3.93 7.23
C VAL A 104 -10.08 3.01 6.76
N THR A 105 -10.55 3.29 5.55
CA THR A 105 -11.55 2.49 4.90
C THR A 105 -11.02 1.09 4.61
N TYR A 106 -9.88 1.04 3.94
CA TYR A 106 -9.26 -0.21 3.54
C TYR A 106 -9.12 -1.17 4.71
N CYS A 107 -8.58 -0.71 5.85
CA CYS A 107 -8.32 -1.61 6.95
C CYS A 107 -9.60 -2.18 7.57
N LYS A 108 -10.66 -1.38 7.65
CA LYS A 108 -11.86 -1.86 8.35
C LYS A 108 -12.52 -3.00 7.56
N ASN A 109 -12.27 -3.01 6.25
CA ASN A 109 -12.80 -4.08 5.37
C ASN A 109 -11.87 -5.30 5.34
N LYS A 110 -10.66 -5.12 5.85
CA LYS A 110 -9.64 -6.18 5.84
C LYS A 110 -10.19 -7.50 6.42
N PRO A 111 -10.73 -7.51 7.67
CA PRO A 111 -11.18 -8.75 8.31
C PRO A 111 -12.38 -9.39 7.61
N ASP A 112 -13.37 -8.58 7.24
CA ASP A 112 -14.53 -9.12 6.54
C ASP A 112 -14.13 -9.66 5.17
N SER A 113 -13.16 -9.02 4.54
CA SER A 113 -12.52 -9.56 3.35
C SER A 113 -11.95 -10.94 3.64
N ASN A 114 -11.14 -11.02 4.69
CA ASN A 114 -10.50 -12.28 5.08
C ASN A 114 -11.53 -13.39 5.18
N GLN A 115 -12.58 -13.15 5.95
CA GLN A 115 -13.66 -14.12 6.11
C GLN A 115 -14.12 -14.63 4.75
N LEU A 116 -14.41 -13.71 3.84
CA LEU A 116 -14.96 -14.09 2.54
C LEU A 116 -13.96 -14.87 1.71
N ILE A 117 -12.68 -14.51 1.76
CA ILE A 117 -11.69 -15.23 0.97
C ILE A 117 -11.33 -16.59 1.58
N LEU A 118 -11.57 -16.76 2.88
CA LEU A 118 -11.30 -18.05 3.49
C LEU A 118 -12.45 -19.02 3.23
N GLU A 119 -13.60 -18.77 3.87
CA GLU A 119 -14.68 -19.75 3.85
C GLU A 119 -15.44 -19.82 2.52
N HIS A 120 -15.85 -18.67 1.97
CA HIS A 120 -16.70 -18.67 0.78
C HIS A 120 -16.01 -18.21 -0.52
N ALA A 121 -14.74 -17.81 -0.52
CA ALA A 121 -14.09 -17.61 -1.82
C ALA A 121 -13.54 -18.95 -2.30
N GLY A 122 -12.94 -19.66 -1.36
CA GLY A 122 -12.49 -21.02 -1.58
C GLY A 122 -11.14 -21.09 -2.26
N THR A 123 -11.01 -22.04 -3.17
CA THR A 123 -9.76 -22.30 -3.84
C THR A 123 -9.68 -21.58 -5.18
N PHE A 124 -10.70 -20.79 -5.50
CA PHE A 124 -10.92 -20.33 -6.88
C PHE A 124 -9.76 -19.47 -7.41
N PHE A 125 -9.06 -18.74 -6.53
CA PHE A 125 -7.96 -17.89 -6.96
C PHE A 125 -6.69 -18.71 -7.21
N ASP A 126 -6.64 -19.92 -6.67
CA ASP A 126 -5.50 -20.81 -6.85
C ASP A 126 -5.38 -21.22 -8.33
N GLU A 127 -6.53 -21.44 -8.98
CA GLU A 127 -6.50 -21.80 -10.41
C GLU A 127 -6.12 -20.59 -11.27
N ILE A 128 -6.63 -19.40 -10.92
CA ILE A 128 -6.27 -18.18 -11.65
C ILE A 128 -4.79 -17.90 -11.44
N GLN A 129 -4.32 -18.20 -10.24
CA GLN A 129 -2.91 -18.12 -9.89
C GLN A 129 -2.04 -18.71 -10.99
N GLN A 130 -2.35 -19.94 -11.38
CA GLN A 130 -1.50 -20.73 -12.26
C GLN A 130 -1.63 -20.27 -13.71
N ARG A 131 -2.78 -19.71 -14.07
CA ARG A 131 -3.03 -19.32 -15.46
C ARG A 131 -2.21 -18.08 -15.82
N HIS A 132 -2.19 -17.10 -14.92
CA HIS A 132 -1.51 -15.85 -15.21
C HIS A 132 -0.06 -15.83 -14.76
N GLY A 133 0.33 -16.80 -13.93
CA GLY A 133 1.68 -16.82 -13.39
C GLY A 133 1.82 -15.94 -12.15
N LEU A 134 0.72 -15.80 -11.40
CA LEU A 134 0.68 -14.95 -10.21
C LEU A 134 1.74 -15.32 -9.19
N ALA A 135 1.92 -16.63 -8.96
CA ALA A 135 2.95 -17.17 -8.06
C ALA A 135 2.61 -17.00 -6.58
N ASN A 136 2.02 -15.88 -6.22
CA ASN A 136 1.79 -15.54 -4.81
C ASN A 136 0.29 -15.53 -4.47
N SER A 137 0.03 -15.83 -3.20
CA SER A 137 -1.33 -15.88 -2.66
C SER A 137 -2.09 -14.54 -2.77
N ILE A 138 -3.42 -14.62 -2.90
CA ILE A 138 -4.28 -13.43 -2.93
C ILE A 138 -4.15 -12.60 -1.64
N SER A 139 -4.34 -13.26 -0.50
CA SER A 139 -4.22 -12.64 0.82
C SER A 139 -2.98 -11.77 0.91
N SER A 140 -1.90 -12.24 0.30
CA SER A 140 -0.65 -11.54 0.29
C SER A 140 -0.79 -10.15 -0.34
N TYR A 141 -1.40 -10.07 -1.52
CA TYR A 141 -1.51 -8.78 -2.20
C TYR A 141 -2.44 -7.82 -1.44
N LEU A 142 -3.65 -8.28 -1.09
CA LEU A 142 -4.62 -7.40 -0.44
C LEU A 142 -4.15 -6.90 0.94
N ILE A 143 -3.27 -7.63 1.61
CA ILE A 143 -2.77 -7.17 2.90
C ILE A 143 -1.54 -6.26 2.74
N LYS A 144 -0.94 -6.25 1.55
CA LYS A 144 0.25 -5.41 1.28
C LYS A 144 0.03 -3.93 1.63
N PRO A 145 -1.12 -3.32 1.28
CA PRO A 145 -1.47 -1.96 1.74
C PRO A 145 -1.16 -1.72 3.22
N VAL A 146 -1.27 -2.75 4.05
CA VAL A 146 -0.98 -2.62 5.48
C VAL A 146 0.51 -2.83 5.73
N GLN A 147 1.15 -3.69 4.95
CA GLN A 147 2.60 -3.84 5.02
C GLN A 147 3.28 -2.52 4.67
N ARG A 148 2.72 -1.83 3.69
CA ARG A 148 3.25 -0.56 3.20
C ARG A 148 3.17 0.54 4.26
N VAL A 149 2.12 0.54 5.06
CA VAL A 149 1.94 1.58 6.08
C VAL A 149 2.88 1.36 7.26
N THR A 150 3.38 0.17 7.48
CA THR A 150 4.45 0.02 8.44
C THR A 150 5.77 0.51 7.83
N LYS A 151 5.91 0.31 6.51
CA LYS A 151 7.10 0.76 5.79
C LYS A 151 7.20 2.28 5.81
N TYR A 152 6.09 2.98 5.55
CA TYR A 152 6.03 4.43 5.75
C TYR A 152 6.54 4.83 7.12
N GLN A 153 6.21 4.06 8.14
CA GLN A 153 6.58 4.42 9.51
C GLN A 153 8.09 4.24 9.69
N LEU A 154 8.58 3.11 9.17
CA LEU A 154 10.01 2.77 9.17
C LEU A 154 10.89 3.89 8.63
N LEU A 155 10.67 4.28 7.37
CA LEU A 155 11.55 5.24 6.69
C LEU A 155 11.33 6.66 7.19
N LEU A 156 10.09 7.05 7.39
CA LEU A 156 9.78 8.37 7.91
C LEU A 156 10.31 8.56 9.34
N LYS A 157 10.36 7.51 10.15
CA LYS A 157 11.05 7.59 11.43
C LYS A 157 12.50 8.03 11.24
N GLU A 158 13.15 7.44 10.24
CA GLU A 158 14.54 7.78 9.90
C GLU A 158 14.73 9.27 9.71
N LEU A 159 13.99 9.85 8.77
CA LEU A 159 14.26 11.21 8.33
C LEU A 159 14.07 12.17 9.49
N LEU A 160 12.98 11.98 10.23
CA LEU A 160 12.64 12.88 11.33
C LEU A 160 13.55 12.69 12.55
N THR A 161 14.31 11.59 12.64
CA THR A 161 15.26 11.47 13.74
C THR A 161 16.70 11.82 13.32
N CYS A 162 16.98 11.86 12.02
CA CYS A 162 18.33 12.18 11.56
C CYS A 162 18.36 13.62 11.06
N CYS A 163 17.39 14.37 11.54
CA CYS A 163 17.19 15.76 11.19
C CYS A 163 16.56 16.46 12.38
N GLU A 164 17.16 17.57 12.81
CA GLU A 164 16.59 18.39 13.88
C GLU A 164 15.10 18.49 13.65
N GLU A 165 14.77 19.06 12.49
CA GLU A 165 13.45 18.93 11.87
C GLU A 165 13.45 19.66 10.52
N GLY A 166 13.85 20.93 10.51
CA GLY A 166 13.97 21.69 9.28
C GLY A 166 12.64 22.27 8.90
N LYS A 167 11.64 21.44 9.00
CA LYS A 167 10.28 21.74 8.60
C LYS A 167 9.35 20.76 9.30
N GLY A 168 8.37 21.28 10.05
CA GLY A 168 7.47 20.44 10.83
C GLY A 168 6.72 19.37 10.02
N GLU A 169 6.82 19.45 8.69
CA GLU A 169 6.10 18.51 7.83
C GLU A 169 6.50 17.04 8.09
N LEU A 170 7.68 16.78 8.64
CA LEU A 170 8.06 15.39 8.91
C LEU A 170 7.23 14.82 10.04
N LYS A 171 7.15 15.57 11.14
CA LYS A 171 6.45 15.07 12.32
C LYS A 171 4.95 15.07 12.09
N ASP A 172 4.44 16.04 11.35
CA ASP A 172 3.03 16.02 10.97
C ASP A 172 2.78 14.92 9.95
N GLY A 173 3.74 14.71 9.05
CA GLY A 173 3.65 13.60 8.10
C GLY A 173 3.53 12.26 8.80
N LEU A 174 4.17 12.16 9.95
CA LEU A 174 4.04 11.01 10.79
C LEU A 174 2.66 10.95 11.46
N GLU A 175 2.26 12.04 12.12
CA GLU A 175 1.00 12.08 12.87
C GLU A 175 -0.21 11.63 12.04
N VAL A 176 -0.26 12.09 10.80
CA VAL A 176 -1.34 11.68 9.88
C VAL A 176 -1.31 10.19 9.64
N MET A 177 -0.12 9.66 9.41
CA MET A 177 0.06 8.24 9.16
C MET A 177 -0.37 7.39 10.35
N LEU A 178 -0.23 7.94 11.55
CA LEU A 178 -0.56 7.20 12.75
C LEU A 178 -2.04 7.32 13.07
N SER A 179 -2.66 8.38 12.60
CA SER A 179 -4.02 8.69 13.02
C SER A 179 -5.04 7.91 12.21
N VAL A 180 -4.64 7.42 11.03
CA VAL A 180 -5.57 6.68 10.18
C VAL A 180 -5.91 5.30 10.75
N PRO A 181 -4.94 4.37 10.98
CA PRO A 181 -5.29 3.09 11.59
C PRO A 181 -5.84 3.27 13.00
N LYS A 182 -5.56 4.44 13.58
CA LYS A 182 -6.17 4.83 14.84
C LYS A 182 -7.65 5.11 14.62
N LYS A 183 -7.95 5.90 13.59
CA LYS A 183 -9.32 6.20 13.20
C LYS A 183 -10.15 4.93 13.07
N ALA A 184 -9.56 3.89 12.48
CA ALA A 184 -10.29 2.69 12.12
C ALA A 184 -10.74 1.94 13.39
N ASN A 185 -9.94 2.03 14.44
CA ASN A 185 -10.29 1.38 15.72
C ASN A 185 -11.34 2.20 16.46
N ASP A 186 -11.22 3.52 16.34
CA ASP A 186 -12.17 4.44 16.96
C ASP A 186 -13.54 4.31 16.31
N ALA A 187 -13.54 4.17 14.99
CA ALA A 187 -14.77 4.01 14.24
C ALA A 187 -15.47 2.69 14.58
N MET A 188 -14.70 1.61 14.66
CA MET A 188 -15.27 0.30 14.95
C MET A 188 -14.43 -0.47 15.96
N HIS A 189 -15.05 -0.84 17.06
CA HIS A 189 -14.40 -1.69 18.06
C HIS A 189 -15.48 -2.43 18.85
N VAL A 190 -15.62 -3.71 18.54
CA VAL A 190 -16.71 -4.51 19.06
C VAL A 190 -16.19 -5.58 20.02
N GLY A 1 18.00 -21.79 3.71
CA GLY A 1 16.76 -21.11 4.13
C GLY A 1 17.02 -19.79 4.82
N PRO A 2 16.26 -19.47 5.88
CA PRO A 2 16.43 -18.22 6.63
C PRO A 2 17.69 -18.24 7.49
N LEU A 3 18.80 -17.76 6.98
CA LEU A 3 20.05 -17.77 7.71
C LEU A 3 20.74 -16.43 7.51
N GLY A 4 19.95 -15.38 7.61
CA GLY A 4 20.40 -14.05 7.33
C GLY A 4 19.31 -13.23 6.69
N SER A 5 19.33 -13.18 5.35
CA SER A 5 18.30 -12.48 4.57
C SER A 5 18.05 -11.07 5.13
N PRO A 6 18.98 -10.13 4.89
CA PRO A 6 18.91 -8.78 5.47
C PRO A 6 17.81 -7.92 4.85
N GLU A 7 16.60 -8.02 5.39
CA GLU A 7 15.48 -7.23 4.88
C GLU A 7 15.44 -5.88 5.56
N PHE A 8 16.58 -5.24 5.50
CA PHE A 8 16.77 -3.90 6.03
C PHE A 8 17.63 -3.10 5.05
N PRO A 9 17.01 -2.53 3.99
CA PRO A 9 17.73 -1.72 2.99
C PRO A 9 18.26 -0.39 3.55
N GLY A 10 18.97 -0.46 4.66
CA GLY A 10 19.51 0.73 5.27
C GLY A 10 20.95 0.58 5.68
N ARG A 11 21.81 0.29 4.72
CA ARG A 11 23.23 0.19 5.00
C ARG A 11 23.95 1.40 4.44
N LYS A 12 24.51 2.19 5.36
CA LYS A 12 25.37 3.33 5.01
C LYS A 12 24.56 4.52 4.51
N LYS A 13 24.56 4.71 3.21
CA LYS A 13 23.90 5.85 2.59
C LYS A 13 22.41 5.62 2.25
N GLU A 14 21.90 6.47 1.34
CA GLU A 14 20.45 6.69 1.13
C GLU A 14 19.70 5.50 0.52
N PHE A 15 20.01 4.30 0.95
CA PHE A 15 19.33 3.12 0.43
C PHE A 15 17.90 3.02 0.98
N ILE A 16 17.48 4.00 1.77
CA ILE A 16 16.19 3.91 2.42
C ILE A 16 15.20 4.80 1.68
N MET A 17 15.63 5.94 1.13
CA MET A 17 14.82 6.64 0.14
C MET A 17 14.47 5.73 -1.03
N ALA A 18 15.34 4.80 -1.38
CA ALA A 18 15.05 3.88 -2.45
C ALA A 18 13.99 2.88 -1.99
N GLU A 19 14.00 2.58 -0.70
CA GLU A 19 12.95 1.78 -0.07
C GLU A 19 11.58 2.43 -0.31
N LEU A 20 11.49 3.74 -0.40
CA LEU A 20 10.18 4.31 -0.64
C LEU A 20 9.92 4.50 -2.15
N LEU A 21 10.92 5.04 -2.85
CA LEU A 21 10.90 5.12 -4.32
C LEU A 21 10.53 3.78 -4.96
N GLN A 22 11.10 2.70 -4.46
CA GLN A 22 10.90 1.40 -5.10
C GLN A 22 9.50 0.86 -4.80
N THR A 23 8.95 1.21 -3.64
CA THR A 23 7.64 0.72 -3.23
C THR A 23 6.48 1.50 -3.87
N GLU A 24 6.66 2.74 -4.27
CA GLU A 24 5.85 3.30 -5.38
C GLU A 24 5.79 2.40 -6.61
N LYS A 25 6.89 2.22 -7.31
CA LYS A 25 6.85 1.46 -8.57
C LYS A 25 6.44 0.00 -8.37
N ALA A 26 6.80 -0.58 -7.24
CA ALA A 26 6.15 -1.80 -6.73
C ALA A 26 4.63 -1.63 -6.49
N TYR A 27 4.19 -0.59 -5.80
CA TYR A 27 2.78 -0.51 -5.37
C TYR A 27 1.85 -0.17 -6.53
N VAL A 28 2.19 0.78 -7.39
CA VAL A 28 1.34 1.03 -8.55
C VAL A 28 1.35 -0.16 -9.54
N ARG A 29 2.43 -0.95 -9.53
CA ARG A 29 2.50 -2.13 -10.42
C ARG A 29 1.76 -3.32 -9.82
N ASP A 30 1.93 -3.55 -8.52
CA ASP A 30 1.19 -4.59 -7.81
C ASP A 30 -0.29 -4.22 -7.65
N LEU A 31 -0.67 -2.97 -7.91
CA LEU A 31 -2.10 -2.64 -8.02
C LEU A 31 -2.58 -2.92 -9.45
N HIS A 32 -1.80 -2.47 -10.42
CA HIS A 32 -2.06 -2.73 -11.85
C HIS A 32 -2.34 -4.21 -12.11
N GLU A 33 -1.44 -5.06 -11.64
CA GLU A 33 -1.59 -6.49 -11.91
C GLU A 33 -2.75 -7.07 -11.10
N CYS A 34 -3.04 -6.50 -9.94
CA CYS A 34 -4.12 -6.99 -9.11
C CYS A 34 -5.49 -6.67 -9.71
N LEU A 35 -5.69 -5.46 -10.22
CA LEU A 35 -6.90 -5.17 -10.98
C LEU A 35 -7.05 -6.11 -12.16
N GLU A 36 -5.93 -6.38 -12.82
CA GLU A 36 -5.92 -7.11 -14.09
C GLU A 36 -6.13 -8.62 -13.90
N THR A 37 -5.89 -9.11 -12.69
CA THR A 37 -6.01 -10.53 -12.43
C THR A 37 -7.23 -10.88 -11.59
N TYR A 38 -7.11 -10.76 -10.27
CA TYR A 38 -8.16 -11.23 -9.36
C TYR A 38 -9.43 -10.38 -9.48
N LEU A 39 -9.27 -9.10 -9.75
CA LEU A 39 -10.43 -8.22 -9.79
C LEU A 39 -11.10 -8.28 -11.15
N TRP A 40 -10.29 -8.16 -12.20
CA TRP A 40 -10.77 -8.35 -13.57
C TRP A 40 -11.52 -9.66 -13.74
N GLU A 41 -11.04 -10.80 -13.24
CA GLU A 41 -11.72 -12.06 -13.53
C GLU A 41 -13.04 -12.20 -12.73
N MET A 42 -13.20 -11.45 -11.62
CA MET A 42 -14.46 -11.54 -10.87
C MET A 42 -15.50 -10.57 -11.44
N THR A 43 -15.03 -9.46 -12.00
CA THR A 43 -15.88 -8.45 -12.61
C THR A 43 -16.21 -8.77 -14.06
N SER A 44 -15.45 -9.66 -14.67
CA SER A 44 -15.70 -10.04 -16.07
C SER A 44 -16.49 -11.36 -16.16
N GLY A 45 -16.76 -12.00 -15.01
CA GLY A 45 -17.64 -13.17 -15.00
C GLY A 45 -17.25 -14.22 -16.05
N VAL A 46 -15.99 -14.65 -16.04
CA VAL A 46 -15.50 -15.61 -17.00
C VAL A 46 -15.21 -16.95 -16.30
N GLU A 47 -14.75 -16.90 -15.06
CA GLU A 47 -14.75 -18.08 -14.21
C GLU A 47 -15.91 -17.97 -13.23
N GLU A 48 -16.35 -19.11 -12.73
CA GLU A 48 -17.51 -19.18 -11.85
C GLU A 48 -17.15 -18.77 -10.42
N ILE A 49 -17.80 -17.71 -9.95
CA ILE A 49 -17.55 -17.16 -8.63
C ILE A 49 -18.59 -17.66 -7.65
N PRO A 50 -18.16 -18.12 -6.46
CA PRO A 50 -19.07 -18.59 -5.42
C PRO A 50 -20.08 -17.51 -5.02
N PRO A 51 -21.31 -17.92 -4.69
CA PRO A 51 -22.42 -17.02 -4.34
C PRO A 51 -22.13 -16.10 -3.16
N GLY A 52 -20.98 -16.25 -2.54
CA GLY A 52 -20.64 -15.42 -1.39
C GLY A 52 -19.79 -14.22 -1.75
N ILE A 53 -18.95 -14.34 -2.78
CA ILE A 53 -17.97 -13.30 -3.04
C ILE A 53 -18.12 -12.61 -4.39
N LEU A 54 -19.05 -13.09 -5.22
CA LEU A 54 -19.33 -12.46 -6.53
C LEU A 54 -19.38 -10.94 -6.47
N ASN A 55 -20.51 -10.37 -6.04
CA ASN A 55 -20.64 -8.91 -5.90
C ASN A 55 -19.93 -8.43 -4.63
N LYS A 56 -18.95 -9.21 -4.21
CA LYS A 56 -18.11 -8.92 -3.07
C LYS A 56 -16.68 -8.66 -3.51
N GLU A 57 -16.54 -8.34 -4.79
CA GLU A 57 -15.28 -7.83 -5.33
C GLU A 57 -14.76 -6.67 -4.47
N HIS A 58 -15.71 -5.83 -4.03
CA HIS A 58 -15.39 -4.65 -3.23
C HIS A 58 -15.09 -5.01 -1.77
N ILE A 59 -15.23 -6.28 -1.42
CA ILE A 59 -14.83 -6.76 -0.10
C ILE A 59 -13.49 -7.46 -0.22
N ILE A 60 -13.42 -8.40 -1.17
CA ILE A 60 -12.20 -9.15 -1.45
C ILE A 60 -11.00 -8.22 -1.61
N PHE A 61 -11.10 -7.15 -2.38
CA PHE A 61 -9.95 -6.27 -2.53
C PHE A 61 -10.24 -4.84 -2.09
N GLY A 62 -11.45 -4.60 -1.57
CA GLY A 62 -11.81 -3.27 -1.12
C GLY A 62 -11.92 -2.26 -2.25
N ASN A 63 -11.22 -1.13 -2.11
CA ASN A 63 -11.27 -0.05 -3.10
C ASN A 63 -9.88 0.14 -3.73
N ILE A 64 -9.22 -0.97 -4.06
CA ILE A 64 -7.86 -0.93 -4.56
C ILE A 64 -7.78 -0.24 -5.94
N GLN A 65 -8.89 -0.21 -6.66
CA GLN A 65 -8.92 0.34 -8.01
C GLN A 65 -8.54 1.82 -8.00
N GLU A 66 -8.98 2.52 -6.97
CA GLU A 66 -8.72 3.95 -6.84
C GLU A 66 -7.26 4.19 -6.48
N ILE A 67 -6.66 3.24 -5.76
CA ILE A 67 -5.27 3.37 -5.33
C ILE A 67 -4.32 3.38 -6.53
N TYR A 68 -4.46 2.41 -7.44
CA TYR A 68 -3.62 2.39 -8.65
C TYR A 68 -3.62 3.73 -9.35
N ASP A 69 -4.81 4.13 -9.80
CA ASP A 69 -4.96 5.30 -10.66
C ASP A 69 -4.35 6.53 -10.00
N PHE A 70 -4.67 6.73 -8.73
CA PHE A 70 -4.26 7.93 -8.05
C PHE A 70 -2.76 7.92 -7.74
N HIS A 71 -2.15 6.75 -7.59
CA HIS A 71 -0.70 6.70 -7.37
C HIS A 71 0.06 6.83 -8.70
N ASN A 72 -0.33 6.10 -9.74
CA ASN A 72 0.40 6.13 -11.00
C ASN A 72 0.34 7.52 -11.63
N ASN A 73 -0.69 8.28 -11.31
CA ASN A 73 -0.84 9.65 -11.81
C ASN A 73 -0.22 10.68 -10.85
N ILE A 74 -0.01 10.31 -9.58
CA ILE A 74 0.44 11.27 -8.57
C ILE A 74 1.59 10.73 -7.73
N PHE A 75 1.31 9.95 -6.69
CA PHE A 75 2.29 9.70 -5.61
C PHE A 75 3.65 9.25 -6.16
N LEU A 76 3.65 8.26 -7.05
CA LEU A 76 4.88 7.83 -7.72
C LEU A 76 5.66 9.02 -8.31
N LYS A 77 5.07 9.68 -9.30
CA LYS A 77 5.74 10.77 -10.01
C LYS A 77 5.87 12.04 -9.18
N GLU A 78 5.43 11.98 -7.94
CA GLU A 78 5.68 13.08 -7.01
C GLU A 78 6.94 12.75 -6.20
N LEU A 79 7.09 11.46 -5.93
CA LEU A 79 8.15 10.95 -5.06
C LEU A 79 9.49 10.93 -5.78
N GLU A 80 9.50 10.53 -7.05
CA GLU A 80 10.74 10.48 -7.82
C GLU A 80 11.36 11.88 -7.93
N LYS A 81 10.59 12.90 -7.56
CA LYS A 81 11.10 14.27 -7.53
C LYS A 81 11.87 14.53 -6.22
N TYR A 82 11.88 13.55 -5.34
CA TYR A 82 12.50 13.66 -4.02
C TYR A 82 13.68 12.70 -3.93
N GLU A 83 13.99 12.09 -5.06
CA GLU A 83 15.10 11.13 -5.16
C GLU A 83 16.44 11.79 -4.76
N GLN A 84 16.54 13.11 -4.96
CA GLN A 84 17.74 13.83 -4.58
C GLN A 84 17.56 14.56 -3.24
N LEU A 85 16.48 14.24 -2.53
CA LEU A 85 16.15 14.96 -1.31
C LEU A 85 15.12 14.21 -0.46
N PRO A 86 15.57 13.23 0.33
CA PRO A 86 14.69 12.51 1.27
C PRO A 86 14.22 13.42 2.40
N GLU A 87 14.80 14.61 2.51
CA GLU A 87 14.30 15.59 3.46
C GLU A 87 12.94 16.14 3.02
N ASP A 88 12.57 15.98 1.74
CA ASP A 88 11.35 16.66 1.27
C ASP A 88 10.16 15.71 1.20
N VAL A 89 10.28 14.48 1.71
CA VAL A 89 9.16 13.56 1.59
C VAL A 89 8.24 13.67 2.78
N GLY A 90 8.62 14.50 3.75
CA GLY A 90 7.67 14.87 4.80
C GLY A 90 6.56 15.71 4.21
N HIS A 91 6.94 16.52 3.20
CA HIS A 91 6.02 17.37 2.45
C HIS A 91 5.01 16.52 1.65
N CYS A 92 5.37 15.28 1.40
CA CYS A 92 4.56 14.38 0.55
C CYS A 92 3.57 13.58 1.38
N PHE A 93 3.91 13.10 2.56
CA PHE A 93 2.89 12.46 3.39
C PHE A 93 1.82 13.47 3.84
N VAL A 94 2.24 14.69 4.16
CA VAL A 94 1.33 15.76 4.59
C VAL A 94 0.52 16.37 3.45
N THR A 95 1.16 16.55 2.28
CA THR A 95 0.49 17.22 1.15
C THR A 95 -0.84 16.52 0.87
N TRP A 96 -0.80 15.23 1.13
CA TRP A 96 -1.83 14.28 0.83
C TRP A 96 -2.38 13.65 2.11
N ALA A 97 -2.09 14.28 3.27
CA ALA A 97 -2.43 13.70 4.57
C ALA A 97 -3.91 13.32 4.62
N ASP A 98 -4.75 14.25 4.22
CA ASP A 98 -6.20 14.05 4.27
C ASP A 98 -6.65 12.90 3.35
N LYS A 99 -5.92 12.69 2.23
CA LYS A 99 -6.25 11.60 1.30
C LYS A 99 -5.94 10.22 1.91
N PHE A 100 -5.16 10.22 2.99
CA PHE A 100 -4.83 8.95 3.64
C PHE A 100 -6.01 8.44 4.46
N GLN A 101 -7.11 9.20 4.48
CA GLN A 101 -8.33 8.73 5.11
C GLN A 101 -8.91 7.54 4.33
N MET A 102 -8.54 7.43 3.06
CA MET A 102 -8.96 6.28 2.24
C MET A 102 -8.45 4.97 2.86
N TYR A 103 -7.29 5.03 3.50
CA TYR A 103 -6.69 3.88 4.16
C TYR A 103 -7.45 3.47 5.43
N VAL A 104 -8.29 4.33 5.98
CA VAL A 104 -9.10 3.90 7.13
C VAL A 104 -10.26 3.03 6.63
N THR A 105 -10.82 3.39 5.47
CA THR A 105 -11.84 2.59 4.83
C THR A 105 -11.28 1.23 4.43
N TYR A 106 -10.13 1.25 3.76
CA TYR A 106 -9.48 0.03 3.28
C TYR A 106 -9.27 -0.99 4.40
N CYS A 107 -8.74 -0.55 5.55
CA CYS A 107 -8.46 -1.47 6.64
C CYS A 107 -9.71 -2.00 7.33
N LYS A 108 -10.75 -1.16 7.47
CA LYS A 108 -11.95 -1.60 8.18
C LYS A 108 -12.64 -2.76 7.46
N ASN A 109 -12.53 -2.75 6.13
CA ASN A 109 -13.12 -3.82 5.30
C ASN A 109 -12.21 -5.04 5.22
N LYS A 110 -10.97 -4.86 5.68
CA LYS A 110 -9.96 -5.92 5.56
C LYS A 110 -10.33 -7.21 6.30
N PRO A 111 -10.75 -7.18 7.58
CA PRO A 111 -11.09 -8.42 8.30
C PRO A 111 -12.30 -9.14 7.68
N ASP A 112 -13.32 -8.38 7.31
CA ASP A 112 -14.49 -8.97 6.67
C ASP A 112 -14.13 -9.45 5.27
N SER A 113 -13.15 -8.79 4.66
CA SER A 113 -12.50 -9.30 3.45
C SER A 113 -11.88 -10.67 3.71
N ASN A 114 -11.07 -10.74 4.75
CA ASN A 114 -10.40 -11.98 5.15
C ASN A 114 -11.40 -13.12 5.27
N GLN A 115 -12.39 -12.89 6.12
CA GLN A 115 -13.46 -13.86 6.34
C GLN A 115 -14.00 -14.41 5.02
N LEU A 116 -14.25 -13.54 4.05
CA LEU A 116 -14.84 -13.97 2.79
C LEU A 116 -13.85 -14.78 1.96
N ILE A 117 -12.58 -14.39 1.94
CA ILE A 117 -11.61 -15.14 1.14
C ILE A 117 -11.28 -16.49 1.77
N LEU A 118 -11.56 -16.63 3.06
CA LEU A 118 -11.35 -17.92 3.71
C LEU A 118 -12.52 -18.86 3.44
N GLU A 119 -13.66 -18.56 4.06
CA GLU A 119 -14.78 -19.51 4.02
C GLU A 119 -15.50 -19.58 2.67
N HIS A 120 -15.90 -18.45 2.08
CA HIS A 120 -16.73 -18.47 0.87
C HIS A 120 -16.00 -18.07 -0.40
N ALA A 121 -14.74 -17.69 -0.36
CA ALA A 121 -14.04 -17.48 -1.63
C ALA A 121 -13.52 -18.82 -2.16
N GLY A 122 -12.90 -19.58 -1.27
CA GLY A 122 -12.48 -20.93 -1.60
C GLY A 122 -11.14 -20.99 -2.28
N THR A 123 -11.00 -21.96 -3.18
CA THR A 123 -9.74 -22.21 -3.87
C THR A 123 -9.66 -21.45 -5.19
N PHE A 124 -10.68 -20.67 -5.50
CA PHE A 124 -10.87 -20.14 -6.86
C PHE A 124 -9.67 -19.33 -7.36
N PHE A 125 -8.96 -18.67 -6.46
CA PHE A 125 -7.82 -17.85 -6.85
C PHE A 125 -6.57 -18.70 -7.07
N ASP A 126 -6.56 -19.93 -6.54
CA ASP A 126 -5.43 -20.84 -6.74
C ASP A 126 -5.37 -21.31 -8.19
N GLU A 127 -6.52 -21.36 -8.85
CA GLU A 127 -6.53 -21.71 -10.25
C GLU A 127 -6.10 -20.52 -11.11
N ILE A 128 -6.62 -19.33 -10.81
CA ILE A 128 -6.19 -18.11 -11.51
C ILE A 128 -4.69 -17.91 -11.30
N GLN A 129 -4.28 -18.24 -10.08
CA GLN A 129 -2.89 -18.28 -9.67
C GLN A 129 -2.00 -18.91 -10.73
N GLN A 130 -2.36 -20.10 -11.17
CA GLN A 130 -1.54 -20.89 -12.07
C GLN A 130 -1.66 -20.40 -13.51
N ARG A 131 -2.83 -19.91 -13.88
CA ARG A 131 -3.08 -19.51 -15.26
C ARG A 131 -2.23 -18.29 -15.64
N HIS A 132 -2.13 -17.33 -14.73
CA HIS A 132 -1.38 -16.11 -15.03
C HIS A 132 0.07 -16.15 -14.53
N GLY A 133 0.41 -17.09 -13.65
CA GLY A 133 1.74 -17.11 -13.06
C GLY A 133 1.91 -16.11 -11.92
N LEU A 134 0.83 -15.91 -11.15
CA LEU A 134 0.82 -14.95 -10.04
C LEU A 134 1.89 -15.26 -8.98
N ALA A 135 2.14 -16.55 -8.77
CA ALA A 135 3.16 -17.08 -7.85
C ALA A 135 2.81 -16.89 -6.36
N ASN A 136 2.18 -15.78 -6.02
CA ASN A 136 1.88 -15.48 -4.63
C ASN A 136 0.38 -15.48 -4.36
N SER A 137 0.02 -15.93 -3.16
CA SER A 137 -1.38 -16.06 -2.74
C SER A 137 -2.17 -14.73 -2.77
N ILE A 138 -3.50 -14.83 -2.88
CA ILE A 138 -4.37 -13.65 -2.91
C ILE A 138 -4.20 -12.79 -1.65
N SER A 139 -4.37 -13.43 -0.49
CA SER A 139 -4.19 -12.81 0.82
C SER A 139 -2.95 -11.93 0.87
N SER A 140 -1.91 -12.37 0.17
CA SER A 140 -0.68 -11.62 0.09
C SER A 140 -0.91 -10.22 -0.50
N TYR A 141 -1.52 -10.14 -1.69
CA TYR A 141 -1.69 -8.83 -2.33
C TYR A 141 -2.64 -7.93 -1.55
N LEU A 142 -3.79 -8.44 -1.12
CA LEU A 142 -4.75 -7.59 -0.42
C LEU A 142 -4.23 -7.12 0.94
N ILE A 143 -3.31 -7.86 1.56
CA ILE A 143 -2.71 -7.38 2.81
C ILE A 143 -1.51 -6.46 2.53
N LYS A 144 -1.07 -6.45 1.28
CA LYS A 144 0.04 -5.58 0.83
C LYS A 144 -0.15 -4.12 1.27
N PRO A 145 -1.32 -3.49 1.01
CA PRO A 145 -1.60 -2.13 1.50
C PRO A 145 -1.21 -1.93 2.96
N VAL A 146 -1.41 -2.94 3.79
CA VAL A 146 -1.16 -2.84 5.24
C VAL A 146 0.31 -3.16 5.53
N GLN A 147 0.95 -3.91 4.66
CA GLN A 147 2.39 -4.07 4.74
C GLN A 147 3.06 -2.75 4.39
N ARG A 148 2.47 -2.07 3.40
CA ARG A 148 3.01 -0.84 2.86
C ARG A 148 2.94 0.30 3.88
N VAL A 149 1.86 0.34 4.66
CA VAL A 149 1.69 1.42 5.62
C VAL A 149 2.64 1.25 6.79
N THR A 150 3.07 0.04 7.09
CA THR A 150 4.07 -0.14 8.12
C THR A 150 5.43 0.33 7.61
N LYS A 151 5.69 0.11 6.32
CA LYS A 151 6.94 0.55 5.72
C LYS A 151 7.04 2.07 5.75
N TYR A 152 5.94 2.76 5.46
CA TYR A 152 5.86 4.20 5.64
C TYR A 152 6.24 4.61 7.06
N GLN A 153 5.86 3.81 8.05
CA GLN A 153 6.21 4.11 9.43
C GLN A 153 7.72 3.92 9.63
N LEU A 154 8.21 2.80 9.12
CA LEU A 154 9.64 2.43 9.16
C LEU A 154 10.54 3.56 8.66
N LEU A 155 10.41 3.92 7.39
CA LEU A 155 11.35 4.84 6.76
C LEU A 155 11.15 6.27 7.24
N LEU A 156 9.92 6.68 7.46
CA LEU A 156 9.62 8.01 7.96
C LEU A 156 10.16 8.21 9.38
N LYS A 157 10.22 7.16 10.20
CA LYS A 157 10.84 7.27 11.52
C LYS A 157 12.29 7.71 11.39
N GLU A 158 12.96 7.16 10.38
CA GLU A 158 14.36 7.45 10.12
C GLU A 158 14.58 8.93 9.85
N LEU A 159 13.78 9.50 8.95
CA LEU A 159 14.02 10.87 8.50
C LEU A 159 13.76 11.86 9.63
N LEU A 160 12.65 11.69 10.34
CA LEU A 160 12.30 12.59 11.42
C LEU A 160 13.23 12.44 12.63
N THR A 161 13.99 11.34 12.71
CA THR A 161 14.99 11.21 13.78
C THR A 161 16.39 11.58 13.28
N CYS A 162 16.47 12.06 12.03
CA CYS A 162 17.75 12.47 11.44
C CYS A 162 18.34 13.71 12.12
N CYS A 163 17.68 14.18 13.18
CA CYS A 163 18.31 15.15 14.11
C CYS A 163 18.71 16.54 13.54
N GLU A 164 18.72 16.80 12.23
CA GLU A 164 19.41 18.01 11.76
C GLU A 164 18.43 19.16 11.55
N GLU A 165 17.57 19.05 10.55
CA GLU A 165 16.60 20.10 10.28
C GLU A 165 15.19 19.62 10.62
N GLY A 166 14.70 20.12 11.75
CA GLY A 166 13.40 19.77 12.25
C GLY A 166 12.34 20.68 11.71
N LYS A 167 12.41 20.87 10.40
CA LYS A 167 11.31 21.44 9.60
C LYS A 167 9.95 21.31 10.30
N GLY A 168 9.47 20.09 10.50
CA GLY A 168 8.28 19.90 11.31
C GLY A 168 7.23 19.05 10.60
N GLU A 169 7.14 19.20 9.28
CA GLU A 169 6.21 18.40 8.48
C GLU A 169 6.45 16.90 8.65
N LEU A 170 7.67 16.53 9.05
CA LEU A 170 8.02 15.12 9.21
C LEU A 170 7.12 14.47 10.26
N LYS A 171 6.90 15.17 11.37
CA LYS A 171 6.14 14.61 12.46
C LYS A 171 4.65 14.64 12.16
N ASP A 172 4.19 15.62 11.41
CA ASP A 172 2.78 15.63 11.00
C ASP A 172 2.56 14.54 9.97
N GLY A 173 3.53 14.38 9.07
CA GLY A 173 3.49 13.29 8.12
C GLY A 173 3.45 11.95 8.82
N LEU A 174 4.03 11.91 9.99
CA LEU A 174 3.94 10.78 10.88
C LEU A 174 2.54 10.68 11.53
N GLU A 175 2.10 11.74 12.21
CA GLU A 175 0.84 11.71 12.96
C GLU A 175 -0.34 11.30 12.08
N VAL A 176 -0.38 11.82 10.87
CA VAL A 176 -1.40 11.42 9.89
C VAL A 176 -1.35 9.90 9.62
N MET A 177 -0.16 9.41 9.39
CA MET A 177 0.06 8.00 9.06
C MET A 177 -0.33 7.08 10.23
N LEU A 178 -0.18 7.57 11.46
CA LEU A 178 -0.48 6.75 12.63
C LEU A 178 -1.95 6.84 13.00
N SER A 179 -2.59 7.92 12.60
CA SER A 179 -3.97 8.17 13.02
C SER A 179 -4.95 7.40 12.15
N VAL A 180 -4.52 6.98 10.97
CA VAL A 180 -5.38 6.25 10.06
C VAL A 180 -5.75 4.86 10.58
N PRO A 181 -4.79 3.93 10.79
CA PRO A 181 -5.13 2.61 11.32
C PRO A 181 -5.69 2.69 12.74
N LYS A 182 -5.35 3.76 13.45
CA LYS A 182 -5.93 4.02 14.76
C LYS A 182 -7.41 4.33 14.61
N LYS A 183 -7.74 5.20 13.65
CA LYS A 183 -9.08 5.60 13.38
C LYS A 183 -9.97 4.41 13.04
N ALA A 184 -9.40 3.43 12.34
CA ALA A 184 -10.15 2.26 11.90
C ALA A 184 -10.65 1.42 13.10
N ASN A 185 -9.87 1.46 14.17
CA ASN A 185 -10.20 0.74 15.42
C ASN A 185 -11.30 1.51 16.15
N ASP A 186 -11.12 2.82 16.24
CA ASP A 186 -12.06 3.69 16.95
C ASP A 186 -13.41 3.76 16.23
N ALA A 187 -13.36 3.77 14.90
CA ALA A 187 -14.56 3.81 14.08
C ALA A 187 -15.32 2.48 14.17
N MET A 188 -14.61 1.38 14.05
CA MET A 188 -15.23 0.06 14.17
C MET A 188 -14.51 -0.72 15.25
N HIS A 189 -15.08 -0.66 16.44
CA HIS A 189 -14.51 -1.30 17.61
C HIS A 189 -15.51 -2.30 18.17
N VAL A 190 -15.29 -3.57 17.91
CA VAL A 190 -16.15 -4.61 18.44
C VAL A 190 -16.00 -4.69 19.96
N GLY A 1 15.87 32.55 -4.38
CA GLY A 1 15.42 31.14 -4.26
C GLY A 1 14.67 30.92 -2.97
N PRO A 2 13.33 31.01 -2.99
CA PRO A 2 12.49 30.82 -1.81
C PRO A 2 12.20 29.34 -1.55
N LEU A 3 13.24 28.62 -1.15
CA LEU A 3 13.13 27.19 -0.90
C LEU A 3 14.12 26.82 0.20
N GLY A 4 13.74 25.84 1.03
CA GLY A 4 14.63 25.39 2.09
C GLY A 4 15.70 24.48 1.53
N SER A 5 15.27 23.34 0.99
CA SER A 5 16.09 22.40 0.23
C SER A 5 17.19 23.10 -0.55
N PRO A 6 18.40 23.02 -0.03
CA PRO A 6 19.57 23.62 -0.64
C PRO A 6 19.98 22.85 -1.89
N GLU A 7 20.27 23.60 -2.94
CA GLU A 7 20.71 23.08 -4.24
C GLU A 7 21.93 22.18 -4.06
N PHE A 8 21.69 20.92 -3.77
CA PHE A 8 22.76 20.01 -3.37
C PHE A 8 22.78 18.74 -4.22
N PRO A 9 23.45 18.77 -5.40
CA PRO A 9 23.64 17.57 -6.21
C PRO A 9 24.62 16.56 -5.56
N GLY A 10 24.19 15.96 -4.45
CA GLY A 10 24.99 14.94 -3.79
C GLY A 10 24.11 13.93 -3.08
N ARG A 11 24.54 12.67 -3.04
CA ARG A 11 23.72 11.61 -2.48
C ARG A 11 24.51 10.77 -1.48
N LYS A 12 24.23 10.93 -0.20
CA LYS A 12 24.90 10.17 0.86
C LYS A 12 24.18 8.83 1.10
N LYS A 13 24.17 8.38 2.36
CA LYS A 13 23.54 7.11 2.73
C LYS A 13 22.01 7.20 2.70
N GLU A 14 21.46 7.99 1.79
CA GLU A 14 20.01 8.12 1.66
C GLU A 14 19.40 6.91 0.95
N PHE A 15 19.94 5.74 1.26
CA PHE A 15 19.47 4.47 0.71
C PHE A 15 18.13 4.06 1.32
N ILE A 16 17.58 4.89 2.18
CA ILE A 16 16.31 4.59 2.80
C ILE A 16 15.22 5.40 2.10
N MET A 17 15.56 6.56 1.54
CA MET A 17 14.71 7.18 0.53
C MET A 17 14.49 6.23 -0.65
N ALA A 18 15.46 5.36 -0.92
CA ALA A 18 15.30 4.40 -2.00
C ALA A 18 14.31 3.33 -1.59
N GLU A 19 14.29 3.02 -0.30
CA GLU A 19 13.28 2.14 0.26
C GLU A 19 11.88 2.66 -0.05
N LEU A 20 11.67 3.96 -0.16
CA LEU A 20 10.32 4.41 -0.46
C LEU A 20 10.11 4.50 -1.97
N LEU A 21 11.10 5.01 -2.70
CA LEU A 21 11.08 5.00 -4.18
C LEU A 21 10.81 3.59 -4.72
N GLN A 22 11.47 2.60 -4.12
CA GLN A 22 11.31 1.19 -4.48
C GLN A 22 9.86 0.76 -4.66
N THR A 23 9.08 1.20 -3.60
CA THR A 23 7.73 0.74 -3.31
C THR A 23 6.63 1.48 -4.05
N GLU A 24 6.75 2.76 -4.37
CA GLU A 24 5.93 3.29 -5.48
C GLU A 24 5.86 2.34 -6.67
N LYS A 25 6.98 2.01 -7.29
CA LYS A 25 6.92 1.18 -8.50
C LYS A 25 6.46 -0.25 -8.17
N ALA A 26 6.96 -0.82 -7.09
CA ALA A 26 6.37 -2.04 -6.50
C ALA A 26 4.88 -1.94 -6.18
N TYR A 27 4.37 -0.80 -5.75
CA TYR A 27 2.98 -0.69 -5.30
C TYR A 27 2.04 -0.41 -6.47
N VAL A 28 2.34 0.54 -7.33
CA VAL A 28 1.49 0.76 -8.49
C VAL A 28 1.49 -0.44 -9.45
N ARG A 29 2.59 -1.21 -9.50
CA ARG A 29 2.62 -2.43 -10.31
C ARG A 29 1.90 -3.58 -9.60
N ASP A 30 2.07 -3.68 -8.29
CA ASP A 30 1.36 -4.65 -7.47
C ASP A 30 -0.13 -4.29 -7.34
N LEU A 31 -0.55 -3.07 -7.66
CA LEU A 31 -1.98 -2.79 -7.77
C LEU A 31 -2.46 -3.12 -9.19
N HIS A 32 -1.65 -2.76 -10.19
CA HIS A 32 -1.89 -3.14 -11.58
C HIS A 32 -2.21 -4.63 -11.71
N GLU A 33 -1.33 -5.47 -11.18
CA GLU A 33 -1.49 -6.91 -11.37
C GLU A 33 -2.61 -7.47 -10.52
N CYS A 34 -3.04 -6.71 -9.52
CA CYS A 34 -4.19 -7.11 -8.73
C CYS A 34 -5.50 -6.84 -9.47
N LEU A 35 -5.73 -5.63 -9.97
CA LEU A 35 -6.93 -5.35 -10.76
C LEU A 35 -7.05 -6.32 -11.93
N GLU A 36 -5.95 -6.55 -12.61
CA GLU A 36 -5.95 -7.29 -13.87
C GLU A 36 -6.19 -8.78 -13.66
N THR A 37 -6.02 -9.26 -12.45
CA THR A 37 -6.19 -10.67 -12.17
C THR A 37 -7.46 -10.97 -11.38
N TYR A 38 -7.35 -10.84 -10.06
CA TYR A 38 -8.41 -11.29 -9.16
C TYR A 38 -9.67 -10.41 -9.29
N LEU A 39 -9.50 -9.15 -9.66
CA LEU A 39 -10.63 -8.23 -9.69
C LEU A 39 -11.31 -8.24 -11.08
N TRP A 40 -10.51 -8.05 -12.12
CA TRP A 40 -10.95 -8.22 -13.49
C TRP A 40 -11.71 -9.53 -13.71
N GLU A 41 -11.28 -10.67 -13.18
CA GLU A 41 -12.00 -11.91 -13.47
C GLU A 41 -13.32 -12.01 -12.69
N MET A 42 -13.48 -11.25 -11.61
CA MET A 42 -14.72 -11.36 -10.83
C MET A 42 -15.77 -10.38 -11.37
N THR A 43 -15.30 -9.31 -11.97
CA THR A 43 -16.17 -8.27 -12.54
C THR A 43 -16.51 -8.53 -14.01
N SER A 44 -15.75 -9.40 -14.66
CA SER A 44 -16.03 -9.75 -16.05
C SER A 44 -16.83 -11.05 -16.18
N GLY A 45 -17.13 -11.66 -15.03
CA GLY A 45 -18.03 -12.81 -14.98
C GLY A 45 -17.64 -13.93 -15.91
N VAL A 46 -16.35 -14.23 -16.00
CA VAL A 46 -15.84 -15.19 -16.97
C VAL A 46 -15.44 -16.48 -16.27
N GLU A 47 -15.26 -16.41 -14.96
CA GLU A 47 -15.06 -17.58 -14.12
C GLU A 47 -16.20 -17.68 -13.13
N GLU A 48 -16.56 -18.91 -12.76
CA GLU A 48 -17.61 -19.15 -11.78
C GLU A 48 -17.17 -18.68 -10.40
N ILE A 49 -17.85 -17.63 -9.93
CA ILE A 49 -17.61 -17.05 -8.63
C ILE A 49 -18.68 -17.53 -7.65
N PRO A 50 -18.25 -18.05 -6.50
CA PRO A 50 -19.18 -18.50 -5.46
C PRO A 50 -20.14 -17.39 -5.02
N PRO A 51 -21.38 -17.78 -4.65
CA PRO A 51 -22.48 -16.86 -4.31
C PRO A 51 -22.17 -15.89 -3.16
N GLY A 52 -21.02 -16.04 -2.53
CA GLY A 52 -20.69 -15.18 -1.42
C GLY A 52 -19.81 -14.00 -1.79
N ILE A 53 -18.94 -14.18 -2.79
CA ILE A 53 -17.94 -13.15 -3.07
C ILE A 53 -18.14 -12.44 -4.42
N LEU A 54 -19.07 -12.92 -5.24
CA LEU A 54 -19.38 -12.31 -6.55
C LEU A 54 -19.42 -10.79 -6.50
N ASN A 55 -20.52 -10.21 -6.07
CA ASN A 55 -20.61 -8.75 -5.93
C ASN A 55 -19.90 -8.28 -4.67
N LYS A 56 -18.97 -9.10 -4.21
CA LYS A 56 -18.15 -8.81 -3.04
C LYS A 56 -16.71 -8.63 -3.46
N GLU A 57 -16.52 -8.38 -4.76
CA GLU A 57 -15.25 -7.92 -5.29
C GLU A 57 -14.71 -6.74 -4.48
N HIS A 58 -15.62 -5.91 -3.99
CA HIS A 58 -15.28 -4.73 -3.21
C HIS A 58 -14.98 -5.09 -1.75
N ILE A 59 -15.10 -6.37 -1.40
CA ILE A 59 -14.72 -6.86 -0.08
C ILE A 59 -13.37 -7.56 -0.18
N ILE A 60 -13.28 -8.52 -1.10
CA ILE A 60 -12.04 -9.26 -1.36
C ILE A 60 -10.85 -8.32 -1.54
N PHE A 61 -11.00 -7.23 -2.28
CA PHE A 61 -9.87 -6.31 -2.43
C PHE A 61 -10.20 -4.88 -2.02
N GLY A 62 -11.38 -4.68 -1.46
CA GLY A 62 -11.77 -3.34 -1.03
C GLY A 62 -11.92 -2.37 -2.19
N ASN A 63 -11.22 -1.25 -2.10
CA ASN A 63 -11.26 -0.22 -3.14
C ASN A 63 -9.87 -0.02 -3.74
N ILE A 64 -9.18 -1.12 -4.02
CA ILE A 64 -7.79 -1.07 -4.48
C ILE A 64 -7.68 -0.41 -5.86
N GLN A 65 -8.77 -0.43 -6.62
CA GLN A 65 -8.78 0.12 -7.98
C GLN A 65 -8.37 1.58 -7.96
N GLU A 66 -8.85 2.30 -6.96
CA GLU A 66 -8.60 3.73 -6.84
C GLU A 66 -7.14 4.00 -6.48
N ILE A 67 -6.52 3.06 -5.78
CA ILE A 67 -5.15 3.21 -5.33
C ILE A 67 -4.18 3.19 -6.51
N TYR A 68 -4.28 2.19 -7.40
CA TYR A 68 -3.46 2.14 -8.60
C TYR A 68 -3.46 3.47 -9.34
N ASP A 69 -4.66 3.88 -9.75
CA ASP A 69 -4.80 5.04 -10.61
C ASP A 69 -4.14 6.25 -10.00
N PHE A 70 -4.49 6.54 -8.76
CA PHE A 70 -4.09 7.78 -8.12
C PHE A 70 -2.59 7.81 -7.81
N HIS A 71 -1.98 6.63 -7.63
CA HIS A 71 -0.53 6.60 -7.39
C HIS A 71 0.28 6.68 -8.70
N ASN A 72 -0.08 5.86 -9.70
CA ASN A 72 0.66 5.82 -10.97
C ASN A 72 0.67 7.18 -11.67
N ASN A 73 -0.33 8.01 -11.44
CA ASN A 73 -0.35 9.33 -12.07
C ASN A 73 0.06 10.46 -11.11
N ILE A 74 0.09 10.17 -9.80
CA ILE A 74 0.49 11.18 -8.82
C ILE A 74 1.64 10.71 -7.93
N PHE A 75 1.36 9.94 -6.88
CA PHE A 75 2.32 9.74 -5.77
C PHE A 75 3.70 9.29 -6.28
N LEU A 76 3.75 8.25 -7.10
CA LEU A 76 5.00 7.80 -7.72
C LEU A 76 5.76 8.97 -8.36
N LYS A 77 5.18 9.57 -9.38
CA LYS A 77 5.84 10.66 -10.11
C LYS A 77 5.95 11.95 -9.29
N GLU A 78 5.49 11.90 -8.06
CA GLU A 78 5.70 13.00 -7.12
C GLU A 78 6.95 12.71 -6.30
N LEU A 79 7.15 11.42 -6.04
CA LEU A 79 8.20 10.93 -5.15
C LEU A 79 9.56 10.88 -5.84
N GLU A 80 9.58 10.48 -7.12
CA GLU A 80 10.84 10.45 -7.89
C GLU A 80 11.42 11.87 -8.01
N LYS A 81 10.65 12.87 -7.61
CA LYS A 81 11.13 14.24 -7.55
C LYS A 81 11.81 14.53 -6.21
N TYR A 82 11.79 13.53 -5.32
CA TYR A 82 12.34 13.67 -3.98
C TYR A 82 13.52 12.72 -3.82
N GLU A 83 13.84 12.06 -4.92
CA GLU A 83 14.97 11.12 -4.97
C GLU A 83 16.27 11.84 -4.59
N GLN A 84 16.33 13.14 -4.84
CA GLN A 84 17.50 13.93 -4.47
C GLN A 84 17.28 14.68 -3.16
N LEU A 85 16.20 14.35 -2.45
CA LEU A 85 15.81 15.10 -1.26
C LEU A 85 14.80 14.34 -0.39
N PRO A 86 15.29 13.44 0.48
CA PRO A 86 14.44 12.71 1.43
C PRO A 86 13.97 13.61 2.57
N GLU A 87 14.50 14.80 2.62
CA GLU A 87 14.13 15.76 3.65
C GLU A 87 12.78 16.40 3.31
N ASP A 88 12.35 16.27 2.06
CA ASP A 88 11.14 16.95 1.60
C ASP A 88 9.95 16.01 1.43
N VAL A 89 10.10 14.73 1.80
CA VAL A 89 8.99 13.79 1.63
C VAL A 89 8.05 13.86 2.83
N GLY A 90 8.40 14.67 3.81
CA GLY A 90 7.46 14.96 4.87
C GLY A 90 6.27 15.75 4.34
N HIS A 91 6.56 16.58 3.34
CA HIS A 91 5.52 17.40 2.68
C HIS A 91 4.60 16.54 1.81
N CYS A 92 5.07 15.35 1.45
CA CYS A 92 4.37 14.46 0.53
C CYS A 92 3.39 13.55 1.28
N PHE A 93 3.71 13.06 2.47
CA PHE A 93 2.69 12.37 3.24
C PHE A 93 1.57 13.33 3.67
N VAL A 94 1.93 14.59 3.94
CA VAL A 94 0.96 15.62 4.33
C VAL A 94 0.18 16.20 3.15
N THR A 95 0.84 16.38 2.00
CA THR A 95 0.19 17.01 0.85
C THR A 95 -1.11 16.28 0.51
N TRP A 96 -1.06 15.00 0.82
CA TRP A 96 -2.09 14.02 0.52
C TRP A 96 -2.62 13.41 1.82
N ALA A 97 -2.40 14.08 2.94
CA ALA A 97 -2.76 13.54 4.26
C ALA A 97 -4.22 13.15 4.32
N ASP A 98 -5.07 14.05 3.86
CA ASP A 98 -6.51 13.83 3.91
C ASP A 98 -6.92 12.66 3.02
N LYS A 99 -6.18 12.47 1.93
CA LYS A 99 -6.44 11.36 1.01
C LYS A 99 -6.04 10.02 1.66
N PHE A 100 -5.29 10.09 2.76
CA PHE A 100 -4.86 8.88 3.46
C PHE A 100 -6.01 8.27 4.25
N GLN A 101 -7.17 8.91 4.21
CA GLN A 101 -8.36 8.32 4.78
C GLN A 101 -8.80 7.11 3.94
N MET A 102 -8.20 6.97 2.76
CA MET A 102 -8.44 5.82 1.90
C MET A 102 -7.89 4.55 2.55
N TYR A 103 -6.89 4.73 3.43
CA TYR A 103 -6.27 3.62 4.14
C TYR A 103 -7.02 3.25 5.41
N VAL A 104 -7.86 4.14 5.94
CA VAL A 104 -8.67 3.76 7.10
C VAL A 104 -9.80 2.85 6.63
N THR A 105 -10.44 3.23 5.52
CA THR A 105 -11.48 2.41 4.91
C THR A 105 -10.95 1.03 4.54
N TYR A 106 -9.79 1.02 3.89
CA TYR A 106 -9.16 -0.23 3.47
C TYR A 106 -8.97 -1.19 4.64
N CYS A 107 -8.41 -0.72 5.75
CA CYS A 107 -8.13 -1.62 6.86
C CYS A 107 -9.39 -2.14 7.54
N LYS A 108 -10.46 -1.35 7.52
CA LYS A 108 -11.68 -1.75 8.23
C LYS A 108 -12.33 -2.95 7.53
N ASN A 109 -12.17 -3.02 6.21
CA ASN A 109 -12.75 -4.12 5.41
C ASN A 109 -11.81 -5.33 5.36
N LYS A 110 -10.60 -5.14 5.84
CA LYS A 110 -9.58 -6.21 5.80
C LYS A 110 -10.09 -7.52 6.43
N PRO A 111 -10.65 -7.50 7.66
CA PRO A 111 -11.12 -8.73 8.31
C PRO A 111 -12.31 -9.40 7.60
N ASP A 112 -13.28 -8.60 7.16
CA ASP A 112 -14.44 -9.20 6.52
C ASP A 112 -14.05 -9.72 5.13
N SER A 113 -13.08 -9.05 4.52
CA SER A 113 -12.39 -9.58 3.34
C SER A 113 -11.83 -10.97 3.64
N ASN A 114 -11.09 -11.06 4.72
CA ASN A 114 -10.46 -12.31 5.16
C ASN A 114 -11.52 -13.40 5.25
N GLN A 115 -12.55 -13.13 6.02
CA GLN A 115 -13.67 -14.06 6.17
C GLN A 115 -14.12 -14.61 4.81
N LEU A 116 -14.37 -13.71 3.87
CA LEU A 116 -14.93 -14.13 2.58
C LEU A 116 -13.93 -14.92 1.75
N ILE A 117 -12.64 -14.59 1.81
CA ILE A 117 -11.67 -15.37 1.05
C ILE A 117 -11.42 -16.74 1.69
N LEU A 118 -11.72 -16.87 2.98
CA LEU A 118 -11.55 -18.16 3.63
C LEU A 118 -12.77 -19.05 3.37
N GLU A 119 -13.91 -18.69 3.94
CA GLU A 119 -15.06 -19.58 3.92
C GLU A 119 -15.75 -19.70 2.56
N HIS A 120 -16.12 -18.58 1.93
CA HIS A 120 -16.93 -18.65 0.71
C HIS A 120 -16.21 -18.24 -0.57
N ALA A 121 -14.95 -17.85 -0.54
CA ALA A 121 -14.25 -17.64 -1.81
C ALA A 121 -13.70 -18.96 -2.35
N GLY A 122 -13.11 -19.74 -1.46
CA GLY A 122 -12.64 -21.06 -1.80
C GLY A 122 -11.29 -21.07 -2.48
N THR A 123 -11.10 -22.04 -3.38
CA THR A 123 -9.81 -22.24 -4.04
C THR A 123 -9.74 -21.49 -5.37
N PHE A 124 -10.79 -20.74 -5.70
CA PHE A 124 -10.97 -20.23 -7.06
C PHE A 124 -9.79 -19.38 -7.56
N PHE A 125 -9.11 -18.68 -6.64
CA PHE A 125 -7.99 -17.84 -7.03
C PHE A 125 -6.73 -18.65 -7.33
N ASP A 126 -6.65 -19.87 -6.80
CA ASP A 126 -5.47 -20.73 -6.96
C ASP A 126 -5.33 -21.17 -8.42
N GLU A 127 -6.47 -21.36 -9.09
CA GLU A 127 -6.44 -21.73 -10.51
C GLU A 127 -6.09 -20.53 -11.38
N ILE A 128 -6.62 -19.34 -11.04
CA ILE A 128 -6.27 -18.12 -11.77
C ILE A 128 -4.78 -17.84 -11.61
N GLN A 129 -4.28 -18.10 -10.41
CA GLN A 129 -2.87 -18.03 -10.11
C GLN A 129 -2.01 -18.62 -11.22
N GLN A 130 -2.31 -19.86 -11.59
CA GLN A 130 -1.48 -20.59 -12.53
C GLN A 130 -1.65 -20.09 -13.96
N ARG A 131 -2.82 -19.57 -14.31
CA ARG A 131 -3.07 -19.18 -15.69
C ARG A 131 -2.21 -17.99 -16.07
N HIS A 132 -2.07 -17.05 -15.14
CA HIS A 132 -1.32 -15.82 -15.40
C HIS A 132 0.13 -15.87 -14.89
N GLY A 133 0.46 -16.85 -14.05
CA GLY A 133 1.80 -16.88 -13.46
C GLY A 133 1.93 -15.96 -12.26
N LEU A 134 0.89 -15.90 -11.44
CA LEU A 134 0.86 -15.00 -10.28
C LEU A 134 1.92 -15.35 -9.23
N ALA A 135 2.18 -16.64 -9.07
CA ALA A 135 3.18 -17.18 -8.15
C ALA A 135 2.80 -17.08 -6.67
N ASN A 136 2.19 -15.98 -6.26
CA ASN A 136 1.92 -15.72 -4.84
C ASN A 136 0.43 -15.78 -4.51
N SER A 137 0.14 -16.17 -3.27
CA SER A 137 -1.23 -16.32 -2.78
C SER A 137 -2.03 -15.01 -2.81
N ILE A 138 -3.37 -15.13 -2.87
CA ILE A 138 -4.25 -13.96 -2.86
C ILE A 138 -4.07 -13.12 -1.59
N SER A 139 -4.25 -13.77 -0.44
CA SER A 139 -4.11 -13.15 0.88
C SER A 139 -2.87 -12.27 0.96
N SER A 140 -1.80 -12.71 0.31
CA SER A 140 -0.56 -11.99 0.31
C SER A 140 -0.74 -10.57 -0.27
N TYR A 141 -1.35 -10.48 -1.46
CA TYR A 141 -1.53 -9.18 -2.10
C TYR A 141 -2.40 -8.25 -1.28
N LEU A 142 -3.59 -8.71 -0.88
CA LEU A 142 -4.54 -7.83 -0.20
C LEU A 142 -4.01 -7.31 1.14
N ILE A 143 -3.12 -8.04 1.79
CA ILE A 143 -2.54 -7.55 3.04
C ILE A 143 -1.30 -6.68 2.79
N LYS A 144 -0.73 -6.75 1.58
CA LYS A 144 0.47 -5.99 1.25
C LYS A 144 0.30 -4.46 1.44
N PRO A 145 -0.84 -3.86 1.04
CA PRO A 145 -1.17 -2.47 1.39
C PRO A 145 -0.85 -2.11 2.86
N VAL A 146 -1.01 -3.07 3.75
CA VAL A 146 -0.79 -2.85 5.18
C VAL A 146 0.66 -3.15 5.56
N GLN A 147 1.35 -3.92 4.73
CA GLN A 147 2.81 -4.03 4.87
C GLN A 147 3.43 -2.68 4.55
N ARG A 148 2.83 -2.01 3.56
CA ARG A 148 3.34 -0.75 3.04
C ARG A 148 3.22 0.38 4.06
N VAL A 149 2.14 0.38 4.83
CA VAL A 149 1.89 1.48 5.77
C VAL A 149 2.82 1.39 6.96
N THR A 150 3.26 0.21 7.34
CA THR A 150 4.24 0.10 8.39
C THR A 150 5.57 0.67 7.90
N LYS A 151 5.79 0.62 6.59
CA LYS A 151 7.04 1.07 5.99
C LYS A 151 7.17 2.59 6.01
N TYR A 152 6.07 3.31 5.83
CA TYR A 152 6.07 4.78 5.98
C TYR A 152 6.62 5.19 7.36
N GLN A 153 6.22 4.49 8.41
CA GLN A 153 6.65 4.72 9.83
C GLN A 153 7.89 3.87 10.08
N LEU A 154 8.29 2.96 9.25
CA LEU A 154 9.70 2.56 9.26
C LEU A 154 10.62 3.73 8.81
N LEU A 155 10.50 4.16 7.55
CA LEU A 155 11.43 5.16 6.98
C LEU A 155 11.19 6.59 7.49
N LEU A 156 9.95 6.99 7.69
CA LEU A 156 9.64 8.34 8.18
C LEU A 156 10.16 8.56 9.60
N LYS A 157 10.25 7.52 10.43
CA LYS A 157 10.90 7.68 11.73
C LYS A 157 12.36 8.10 11.52
N GLU A 158 12.96 7.56 10.47
CA GLU A 158 14.35 7.86 10.10
C GLU A 158 14.55 9.33 9.74
N LEU A 159 13.53 10.01 9.22
CA LEU A 159 13.69 11.41 8.85
C LEU A 159 13.35 12.32 10.04
N LEU A 160 12.18 12.11 10.64
CA LEU A 160 11.68 12.95 11.72
C LEU A 160 12.47 12.77 13.02
N THR A 161 13.23 11.67 13.12
CA THR A 161 14.00 11.30 14.32
C THR A 161 14.44 12.47 15.21
N CYS A 162 15.04 13.47 14.58
CA CYS A 162 15.64 14.58 15.32
C CYS A 162 15.26 15.96 14.77
N CYS A 163 14.13 16.07 14.08
CA CYS A 163 13.75 17.37 13.50
C CYS A 163 12.40 17.85 14.01
N GLU A 164 12.43 19.04 14.59
CA GLU A 164 11.23 19.75 15.03
C GLU A 164 11.53 21.23 14.77
N GLU A 165 12.47 21.42 13.86
CA GLU A 165 13.28 22.62 13.77
C GLU A 165 13.07 23.37 12.44
N GLY A 166 13.26 22.67 11.32
CA GLY A 166 13.22 23.35 10.04
C GLY A 166 11.82 23.79 9.66
N LYS A 167 10.94 22.81 9.50
CA LYS A 167 9.56 23.10 9.17
C LYS A 167 8.64 22.40 10.17
N GLY A 168 8.57 21.07 10.10
CA GLY A 168 7.80 20.31 11.06
C GLY A 168 6.89 19.31 10.38
N GLU A 169 6.76 19.48 9.07
CA GLU A 169 5.93 18.60 8.23
C GLU A 169 6.26 17.11 8.43
N LEU A 170 7.40 16.80 9.03
CA LEU A 170 7.78 15.40 9.25
C LEU A 170 6.93 14.81 10.35
N LYS A 171 6.67 15.59 11.38
CA LYS A 171 5.83 15.14 12.47
C LYS A 171 4.38 15.14 12.05
N ASP A 172 3.98 16.15 11.30
CA ASP A 172 2.61 16.21 10.81
C ASP A 172 2.38 15.05 9.84
N GLY A 173 3.37 14.80 8.99
CA GLY A 173 3.33 13.64 8.09
C GLY A 173 3.27 12.33 8.84
N LEU A 174 3.87 12.33 10.01
CA LEU A 174 3.78 11.19 10.91
C LEU A 174 2.39 11.09 11.54
N GLU A 175 1.92 12.19 12.15
CA GLU A 175 0.65 12.20 12.88
C GLU A 175 -0.51 11.68 12.02
N VAL A 176 -0.56 12.13 10.77
CA VAL A 176 -1.57 11.66 9.81
C VAL A 176 -1.48 10.14 9.63
N MET A 177 -0.26 9.65 9.42
CA MET A 177 -0.04 8.23 9.17
C MET A 177 -0.41 7.37 10.38
N LEU A 178 -0.25 7.91 11.58
CA LEU A 178 -0.56 7.15 12.80
C LEU A 178 -2.05 7.24 13.11
N SER A 179 -2.71 8.26 12.59
CA SER A 179 -4.10 8.50 12.93
C SER A 179 -5.03 7.63 12.10
N VAL A 180 -4.55 7.20 10.94
CA VAL A 180 -5.34 6.39 10.03
C VAL A 180 -5.69 5.00 10.60
N PRO A 181 -4.71 4.11 10.84
CA PRO A 181 -5.02 2.77 11.39
C PRO A 181 -5.65 2.87 12.78
N LYS A 182 -5.34 3.96 13.48
CA LYS A 182 -5.92 4.21 14.79
C LYS A 182 -7.41 4.52 14.65
N LYS A 183 -7.72 5.39 13.69
CA LYS A 183 -9.11 5.75 13.38
C LYS A 183 -9.96 4.52 13.12
N ALA A 184 -9.37 3.54 12.43
CA ALA A 184 -10.09 2.34 12.02
C ALA A 184 -10.54 1.57 13.26
N ASN A 185 -9.77 1.70 14.33
CA ASN A 185 -10.05 1.05 15.60
C ASN A 185 -11.21 1.76 16.31
N ASP A 186 -11.18 3.08 16.29
CA ASP A 186 -12.26 3.87 16.87
C ASP A 186 -13.54 3.62 16.11
N ALA A 187 -13.44 3.44 14.81
CA ALA A 187 -14.61 3.18 14.00
C ALA A 187 -15.06 1.71 14.08
N MET A 188 -14.57 0.95 15.08
CA MET A 188 -14.97 -0.45 15.22
C MET A 188 -16.11 -0.57 16.23
N HIS A 189 -17.27 -0.10 15.81
CA HIS A 189 -18.50 -0.25 16.56
C HIS A 189 -19.65 0.07 15.62
N VAL A 190 -20.35 -0.95 15.15
CA VAL A 190 -21.43 -0.77 14.24
C VAL A 190 -22.72 -1.35 14.82
N GLY A 1 44.24 14.78 -1.28
CA GLY A 1 43.32 13.68 -1.64
C GLY A 1 43.40 13.33 -3.11
N PRO A 2 42.71 12.26 -3.55
CA PRO A 2 42.70 11.84 -4.94
C PRO A 2 41.72 12.66 -5.79
N LEU A 3 41.80 12.51 -7.10
CA LEU A 3 40.90 13.22 -8.00
C LEU A 3 40.53 12.32 -9.16
N GLY A 4 39.35 12.51 -9.73
CA GLY A 4 38.92 11.69 -10.85
C GLY A 4 38.05 10.54 -10.40
N SER A 5 38.47 9.31 -10.73
CA SER A 5 37.76 8.10 -10.36
C SER A 5 36.27 8.15 -10.75
N PRO A 6 35.96 7.88 -12.04
CA PRO A 6 34.59 7.92 -12.60
C PRO A 6 33.70 6.78 -12.11
N GLU A 7 33.31 6.84 -10.84
CA GLU A 7 32.58 5.75 -10.19
C GLU A 7 31.71 6.32 -9.06
N PHE A 8 30.46 6.64 -9.37
CA PHE A 8 29.55 7.19 -8.36
C PHE A 8 28.34 6.27 -8.19
N PRO A 9 28.51 5.15 -7.44
CA PRO A 9 27.45 4.16 -7.23
C PRO A 9 26.33 4.67 -6.31
N GLY A 10 25.41 5.47 -6.86
CA GLY A 10 24.30 5.95 -6.07
C GLY A 10 24.36 7.45 -5.87
N ARG A 11 23.44 8.18 -6.47
CA ARG A 11 23.45 9.63 -6.42
C ARG A 11 22.96 10.13 -5.06
N LYS A 12 23.94 10.51 -4.21
CA LYS A 12 23.70 10.86 -2.80
C LYS A 12 23.42 9.59 -2.00
N LYS A 13 23.63 8.45 -2.66
CA LYS A 13 23.40 7.12 -2.11
C LYS A 13 21.99 7.02 -1.47
N GLU A 14 21.02 6.54 -2.24
CA GLU A 14 19.63 6.52 -1.81
C GLU A 14 19.38 5.35 -0.87
N PHE A 15 19.72 5.52 0.38
CA PHE A 15 19.58 4.47 1.38
C PHE A 15 18.13 4.05 1.57
N ILE A 16 17.41 4.87 2.30
CA ILE A 16 16.09 4.55 2.74
C ILE A 16 15.07 5.38 1.96
N MET A 17 15.51 6.47 1.35
CA MET A 17 14.71 7.06 0.29
C MET A 17 14.43 6.03 -0.81
N ALA A 18 15.37 5.10 -1.02
CA ALA A 18 15.17 4.07 -2.03
C ALA A 18 14.15 3.07 -1.54
N GLU A 19 14.17 2.80 -0.24
CA GLU A 19 13.11 2.01 0.39
C GLU A 19 11.73 2.58 0.03
N LEU A 20 11.56 3.87 -0.10
CA LEU A 20 10.22 4.36 -0.39
C LEU A 20 10.00 4.44 -1.92
N LEU A 21 11.02 4.88 -2.64
CA LEU A 21 10.99 4.85 -4.12
C LEU A 21 10.68 3.44 -4.64
N GLN A 22 11.27 2.44 -4.01
CA GLN A 22 11.06 1.03 -4.36
C GLN A 22 9.60 0.67 -4.56
N THR A 23 8.84 1.11 -3.51
CA THR A 23 7.46 0.71 -3.24
C THR A 23 6.43 1.48 -4.06
N GLU A 24 6.57 2.76 -4.32
CA GLU A 24 5.80 3.34 -5.45
C GLU A 24 5.75 2.45 -6.69
N LYS A 25 6.87 2.16 -7.31
CA LYS A 25 6.85 1.44 -8.59
C LYS A 25 6.46 -0.04 -8.43
N ALA A 26 6.84 -0.66 -7.33
CA ALA A 26 6.21 -1.89 -6.85
C ALA A 26 4.69 -1.74 -6.64
N TYR A 27 4.22 -0.70 -6.00
CA TYR A 27 2.81 -0.64 -5.56
C TYR A 27 1.88 -0.32 -6.73
N VAL A 28 2.19 0.67 -7.55
CA VAL A 28 1.35 0.95 -8.70
C VAL A 28 1.37 -0.19 -9.74
N ARG A 29 2.48 -0.93 -9.83
CA ARG A 29 2.57 -2.06 -10.78
C ARG A 29 1.87 -3.30 -10.21
N ASP A 30 2.06 -3.52 -8.92
CA ASP A 30 1.37 -4.59 -8.18
C ASP A 30 -0.11 -4.26 -7.94
N LEU A 31 -0.54 -3.02 -8.14
CA LEU A 31 -1.98 -2.74 -8.17
C LEU A 31 -2.54 -3.01 -9.56
N HIS A 32 -1.80 -2.54 -10.58
CA HIS A 32 -2.12 -2.81 -12.00
C HIS A 32 -2.40 -4.29 -12.26
N GLU A 33 -1.53 -5.16 -11.75
CA GLU A 33 -1.68 -6.59 -12.03
C GLU A 33 -2.82 -7.18 -11.21
N CYS A 34 -3.09 -6.61 -10.05
CA CYS A 34 -4.15 -7.11 -9.19
C CYS A 34 -5.53 -6.81 -9.79
N LEU A 35 -5.77 -5.60 -10.26
CA LEU A 35 -7.00 -5.31 -11.00
C LEU A 35 -7.15 -6.25 -12.19
N GLU A 36 -6.02 -6.52 -12.85
CA GLU A 36 -6.04 -7.25 -14.13
C GLU A 36 -6.22 -8.76 -13.94
N THR A 37 -5.96 -9.27 -12.75
CA THR A 37 -6.07 -10.69 -12.48
C THR A 37 -7.31 -11.04 -11.66
N TYR A 38 -7.21 -10.88 -10.34
CA TYR A 38 -8.27 -11.35 -9.45
C TYR A 38 -9.53 -10.50 -9.59
N LEU A 39 -9.37 -9.21 -9.86
CA LEU A 39 -10.54 -8.33 -9.88
C LEU A 39 -11.22 -8.41 -11.25
N TRP A 40 -10.43 -8.29 -12.30
CA TRP A 40 -10.91 -8.48 -13.66
C TRP A 40 -11.67 -9.80 -13.85
N GLU A 41 -11.21 -10.93 -13.32
CA GLU A 41 -11.93 -12.19 -13.58
C GLU A 41 -13.22 -12.29 -12.75
N MET A 42 -13.35 -11.53 -11.65
CA MET A 42 -14.58 -11.61 -10.87
C MET A 42 -15.63 -10.64 -11.44
N THR A 43 -15.16 -9.54 -12.00
CA THR A 43 -16.03 -8.53 -12.59
C THR A 43 -16.39 -8.85 -14.04
N SER A 44 -15.62 -9.73 -14.68
CA SER A 44 -15.90 -10.09 -16.06
C SER A 44 -16.66 -11.41 -16.18
N GLY A 45 -17.06 -12.02 -15.03
CA GLY A 45 -18.00 -13.13 -15.07
C GLY A 45 -17.63 -14.21 -16.08
N VAL A 46 -16.37 -14.63 -16.09
CA VAL A 46 -15.87 -15.62 -17.03
C VAL A 46 -15.61 -16.95 -16.34
N GLU A 47 -15.12 -16.92 -15.11
CA GLU A 47 -15.07 -18.10 -14.26
C GLU A 47 -16.17 -18.03 -13.22
N GLU A 48 -16.63 -19.18 -12.77
CA GLU A 48 -17.77 -19.24 -11.86
C GLU A 48 -17.34 -18.82 -10.45
N ILE A 49 -17.97 -17.75 -9.97
CA ILE A 49 -17.69 -17.19 -8.67
C ILE A 49 -18.70 -17.71 -7.66
N PRO A 50 -18.23 -18.16 -6.48
CA PRO A 50 -19.12 -18.63 -5.42
C PRO A 50 -20.11 -17.57 -4.97
N PRO A 51 -21.32 -17.98 -4.60
CA PRO A 51 -22.44 -17.08 -4.20
C PRO A 51 -22.13 -16.15 -3.03
N GLY A 52 -20.93 -16.26 -2.48
CA GLY A 52 -20.58 -15.40 -1.36
C GLY A 52 -19.75 -14.20 -1.75
N ILE A 53 -18.94 -14.32 -2.81
CA ILE A 53 -17.99 -13.27 -3.14
C ILE A 53 -18.25 -12.60 -4.50
N LEU A 54 -19.20 -13.14 -5.27
CA LEU A 54 -19.57 -12.58 -6.59
C LEU A 54 -19.68 -11.06 -6.63
N ASN A 55 -20.55 -10.49 -5.82
CA ASN A 55 -20.73 -9.03 -5.83
C ASN A 55 -19.99 -8.47 -4.64
N LYS A 56 -19.00 -9.24 -4.22
CA LYS A 56 -18.14 -8.93 -3.10
C LYS A 56 -16.71 -8.74 -3.57
N GLU A 57 -16.56 -8.49 -4.86
CA GLU A 57 -15.28 -8.05 -5.42
C GLU A 57 -14.70 -6.87 -4.62
N HIS A 58 -15.61 -6.01 -4.16
CA HIS A 58 -15.24 -4.81 -3.41
C HIS A 58 -14.93 -5.11 -1.94
N ILE A 59 -15.09 -6.37 -1.54
CA ILE A 59 -14.71 -6.82 -0.19
C ILE A 59 -13.38 -7.56 -0.27
N ILE A 60 -13.32 -8.51 -1.19
CA ILE A 60 -12.09 -9.27 -1.46
C ILE A 60 -10.90 -8.33 -1.66
N PHE A 61 -11.02 -7.25 -2.42
CA PHE A 61 -9.87 -6.38 -2.60
C PHE A 61 -10.14 -4.94 -2.16
N GLY A 62 -11.28 -4.70 -1.52
CA GLY A 62 -11.59 -3.36 -1.05
C GLY A 62 -11.77 -2.37 -2.18
N ASN A 63 -11.06 -1.25 -2.11
CA ASN A 63 -11.16 -0.20 -3.13
C ASN A 63 -9.83 -0.05 -3.87
N ILE A 64 -9.12 -1.16 -4.07
CA ILE A 64 -7.74 -1.13 -4.59
C ILE A 64 -7.65 -0.49 -5.98
N GLN A 65 -8.76 -0.50 -6.72
CA GLN A 65 -8.80 0.07 -8.07
C GLN A 65 -8.43 1.56 -8.01
N GLU A 66 -8.90 2.22 -6.96
CA GLU A 66 -8.69 3.64 -6.76
C GLU A 66 -7.22 3.91 -6.40
N ILE A 67 -6.63 2.98 -5.67
CA ILE A 67 -5.23 3.11 -5.25
C ILE A 67 -4.29 3.13 -6.45
N TYR A 68 -4.42 2.18 -7.38
CA TYR A 68 -3.62 2.18 -8.60
C TYR A 68 -3.65 3.53 -9.28
N ASP A 69 -4.85 3.95 -9.65
CA ASP A 69 -5.00 5.13 -10.48
C ASP A 69 -4.31 6.33 -9.84
N PHE A 70 -4.63 6.54 -8.57
CA PHE A 70 -4.17 7.72 -7.84
C PHE A 70 -2.66 7.73 -7.64
N HIS A 71 -2.05 6.55 -7.48
CA HIS A 71 -0.61 6.51 -7.27
C HIS A 71 0.16 6.65 -8.58
N ASN A 72 -0.26 5.93 -9.63
CA ASN A 72 0.43 6.02 -10.93
C ASN A 72 0.44 7.45 -11.49
N ASN A 73 -0.54 8.27 -11.15
CA ASN A 73 -0.56 9.63 -11.71
C ASN A 73 -0.12 10.69 -10.70
N ILE A 74 -0.04 10.35 -9.43
CA ILE A 74 0.40 11.30 -8.41
C ILE A 74 1.59 10.78 -7.59
N PHE A 75 1.35 9.96 -6.56
CA PHE A 75 2.38 9.71 -5.53
C PHE A 75 3.71 9.24 -6.13
N LEU A 76 3.69 8.22 -6.98
CA LEU A 76 4.91 7.76 -7.66
C LEU A 76 5.67 8.91 -8.31
N LYS A 77 5.04 9.55 -9.30
CA LYS A 77 5.69 10.62 -10.05
C LYS A 77 5.89 11.88 -9.22
N GLU A 78 5.47 11.86 -7.97
CA GLU A 78 5.77 12.95 -7.06
C GLU A 78 7.04 12.62 -6.30
N LEU A 79 7.19 11.32 -6.00
CA LEU A 79 8.26 10.82 -5.16
C LEU A 79 9.59 10.74 -5.90
N GLU A 80 9.57 10.31 -7.16
CA GLU A 80 10.81 10.26 -7.95
C GLU A 80 11.41 11.67 -8.09
N LYS A 81 10.64 12.69 -7.74
CA LYS A 81 11.17 14.06 -7.69
C LYS A 81 11.91 14.33 -6.38
N TYR A 82 11.89 13.35 -5.49
CA TYR A 82 12.50 13.48 -4.17
C TYR A 82 13.67 12.50 -4.07
N GLU A 83 13.93 11.83 -5.18
CA GLU A 83 15.02 10.85 -5.25
C GLU A 83 16.36 11.51 -4.93
N GLN A 84 16.46 12.80 -5.20
CA GLN A 84 17.66 13.56 -4.87
C GLN A 84 17.51 14.27 -3.54
N LEU A 85 16.44 14.01 -2.80
CA LEU A 85 16.14 14.75 -1.59
C LEU A 85 15.12 14.05 -0.69
N PRO A 86 15.57 13.03 0.08
CA PRO A 86 14.74 12.38 1.09
C PRO A 86 14.36 13.32 2.23
N GLU A 87 15.01 14.48 2.27
CA GLU A 87 14.69 15.47 3.27
C GLU A 87 13.38 16.18 2.94
N ASP A 88 12.91 15.99 1.70
CA ASP A 88 11.74 16.74 1.21
C ASP A 88 10.48 15.88 1.13
N VAL A 89 10.54 14.63 1.59
CA VAL A 89 9.36 13.76 1.52
C VAL A 89 8.49 13.94 2.75
N GLY A 90 8.92 14.79 3.68
CA GLY A 90 8.04 15.19 4.76
C GLY A 90 6.89 16.01 4.23
N HIS A 91 7.17 16.77 3.17
CA HIS A 91 6.16 17.60 2.51
C HIS A 91 5.16 16.75 1.72
N CYS A 92 5.52 15.52 1.45
CA CYS A 92 4.69 14.62 0.62
C CYS A 92 3.71 13.82 1.47
N PHE A 93 4.06 13.39 2.68
CA PHE A 93 3.04 12.76 3.52
C PHE A 93 1.95 13.75 3.97
N VAL A 94 2.33 15.00 4.28
CA VAL A 94 1.37 16.04 4.67
C VAL A 94 0.56 16.59 3.49
N THR A 95 1.20 16.77 2.33
CA THR A 95 0.52 17.45 1.21
C THR A 95 -0.80 16.75 0.91
N TRP A 96 -0.76 15.45 1.16
CA TRP A 96 -1.80 14.50 0.84
C TRP A 96 -2.34 13.85 2.10
N ALA A 97 -2.10 14.48 3.26
CA ALA A 97 -2.43 13.88 4.55
C ALA A 97 -3.88 13.45 4.64
N ASP A 98 -4.78 14.38 4.34
CA ASP A 98 -6.22 14.11 4.46
C ASP A 98 -6.69 12.97 3.54
N LYS A 99 -6.01 12.78 2.41
CA LYS A 99 -6.36 11.69 1.48
C LYS A 99 -6.01 10.32 2.07
N PHE A 100 -5.23 10.32 3.14
CA PHE A 100 -4.82 9.08 3.78
C PHE A 100 -5.95 8.49 4.60
N GLN A 101 -7.09 9.18 4.66
CA GLN A 101 -8.28 8.59 5.26
C GLN A 101 -8.79 7.46 4.36
N MET A 102 -8.25 7.37 3.16
CA MET A 102 -8.54 6.26 2.25
C MET A 102 -8.06 4.93 2.86
N TYR A 103 -6.99 5.00 3.65
CA TYR A 103 -6.46 3.83 4.35
C TYR A 103 -7.28 3.50 5.61
N VAL A 104 -8.10 4.42 6.11
CA VAL A 104 -8.94 4.11 7.27
C VAL A 104 -10.07 3.17 6.84
N THR A 105 -10.54 3.37 5.61
CA THR A 105 -11.54 2.50 5.02
C THR A 105 -10.96 1.12 4.77
N TYR A 106 -9.79 1.08 4.13
CA TYR A 106 -9.18 -0.17 3.72
C TYR A 106 -9.02 -1.15 4.89
N CYS A 107 -8.55 -0.69 6.05
CA CYS A 107 -8.25 -1.62 7.13
C CYS A 107 -9.52 -2.14 7.82
N LYS A 108 -10.58 -1.34 7.89
CA LYS A 108 -11.79 -1.80 8.58
C LYS A 108 -12.43 -2.98 7.83
N ASN A 109 -12.30 -2.95 6.52
CA ASN A 109 -12.87 -4.00 5.65
C ASN A 109 -11.94 -5.21 5.53
N LYS A 110 -10.69 -5.03 5.94
CA LYS A 110 -9.69 -6.09 5.80
C LYS A 110 -10.14 -7.43 6.43
N PRO A 111 -10.63 -7.45 7.69
CA PRO A 111 -11.05 -8.70 8.32
C PRO A 111 -12.25 -9.36 7.64
N ASP A 112 -13.23 -8.57 7.20
CA ASP A 112 -14.39 -9.16 6.55
C ASP A 112 -14.01 -9.64 5.15
N SER A 113 -13.05 -8.95 4.54
CA SER A 113 -12.38 -9.43 3.36
C SER A 113 -11.80 -10.82 3.60
N ASN A 114 -11.04 -10.94 4.69
CA ASN A 114 -10.42 -12.21 5.08
C ASN A 114 -11.46 -13.31 5.17
N GLN A 115 -12.48 -13.07 5.98
CA GLN A 115 -13.57 -14.03 6.14
C GLN A 115 -14.07 -14.53 4.79
N LEU A 116 -14.33 -13.62 3.86
CA LEU A 116 -14.92 -14.00 2.59
C LEU A 116 -13.94 -14.77 1.71
N ILE A 117 -12.65 -14.45 1.76
CA ILE A 117 -11.70 -15.22 0.95
C ILE A 117 -11.43 -16.59 1.55
N LEU A 118 -11.64 -16.74 2.84
CA LEU A 118 -11.42 -18.04 3.47
C LEU A 118 -12.61 -18.96 3.21
N GLU A 119 -13.74 -18.65 3.82
CA GLU A 119 -14.86 -19.59 3.81
C GLU A 119 -15.64 -19.65 2.49
N HIS A 120 -15.99 -18.50 1.90
CA HIS A 120 -16.81 -18.52 0.69
C HIS A 120 -16.05 -18.16 -0.59
N ALA A 121 -14.78 -17.78 -0.55
CA ALA A 121 -14.09 -17.58 -1.82
C ALA A 121 -13.58 -18.92 -2.35
N GLY A 122 -13.03 -19.72 -1.45
CA GLY A 122 -12.63 -21.07 -1.77
C GLY A 122 -11.28 -21.15 -2.46
N THR A 123 -11.14 -22.14 -3.33
CA THR A 123 -9.87 -22.39 -4.01
C THR A 123 -9.78 -21.65 -5.35
N PHE A 124 -10.82 -20.86 -5.66
CA PHE A 124 -11.01 -20.35 -7.01
C PHE A 124 -9.83 -19.53 -7.53
N PHE A 125 -9.12 -18.83 -6.63
CA PHE A 125 -7.99 -18.00 -7.04
C PHE A 125 -6.74 -18.84 -7.32
N ASP A 126 -6.69 -20.04 -6.76
CA ASP A 126 -5.55 -20.93 -6.90
C ASP A 126 -5.44 -21.41 -8.35
N GLU A 127 -6.59 -21.51 -9.02
CA GLU A 127 -6.60 -21.84 -10.44
C GLU A 127 -6.19 -20.64 -11.29
N ILE A 128 -6.73 -19.46 -10.97
CA ILE A 128 -6.34 -18.24 -11.69
C ILE A 128 -4.86 -18.00 -11.53
N GLN A 129 -4.37 -18.33 -10.34
CA GLN A 129 -2.96 -18.31 -10.01
C GLN A 129 -2.13 -18.93 -11.13
N GLN A 130 -2.48 -20.17 -11.48
CA GLN A 130 -1.72 -20.93 -12.46
C GLN A 130 -1.93 -20.39 -13.88
N ARG A 131 -3.15 -19.97 -14.19
CA ARG A 131 -3.45 -19.54 -15.56
C ARG A 131 -2.61 -18.33 -15.94
N HIS A 132 -2.41 -17.41 -15.00
CA HIS A 132 -1.64 -16.20 -15.30
C HIS A 132 -0.19 -16.29 -14.83
N GLY A 133 0.17 -17.34 -14.08
CA GLY A 133 1.53 -17.44 -13.56
C GLY A 133 1.77 -16.50 -12.39
N LEU A 134 0.73 -16.30 -11.58
CA LEU A 134 0.76 -15.36 -10.47
C LEU A 134 1.86 -15.70 -9.46
N ALA A 135 2.06 -17.00 -9.22
CA ALA A 135 3.05 -17.54 -8.27
C ALA A 135 2.69 -17.31 -6.80
N ASN A 136 2.10 -16.18 -6.47
CA ASN A 136 1.84 -15.80 -5.08
C ASN A 136 0.36 -15.76 -4.75
N SER A 137 0.06 -16.09 -3.49
CA SER A 137 -1.31 -16.16 -2.96
C SER A 137 -2.07 -14.82 -3.04
N ILE A 138 -3.41 -14.90 -3.08
CA ILE A 138 -4.26 -13.72 -3.09
C ILE A 138 -4.07 -12.85 -1.83
N SER A 139 -4.23 -13.50 -0.67
CA SER A 139 -4.02 -12.87 0.63
C SER A 139 -2.76 -12.03 0.64
N SER A 140 -1.73 -12.51 -0.04
CA SER A 140 -0.47 -11.81 -0.13
C SER A 140 -0.65 -10.41 -0.73
N TYR A 141 -1.30 -10.32 -1.89
CA TYR A 141 -1.49 -9.01 -2.52
C TYR A 141 -2.38 -8.10 -1.68
N LEU A 142 -3.54 -8.58 -1.26
CA LEU A 142 -4.48 -7.74 -0.53
C LEU A 142 -3.94 -7.28 0.84
N ILE A 143 -3.02 -8.04 1.43
CA ILE A 143 -2.44 -7.61 2.69
C ILE A 143 -1.27 -6.62 2.47
N LYS A 144 -0.72 -6.60 1.26
CA LYS A 144 0.44 -5.75 0.96
C LYS A 144 0.21 -4.27 1.30
N PRO A 145 -0.95 -3.67 0.95
CA PRO A 145 -1.30 -2.31 1.39
C PRO A 145 -0.99 -2.04 2.86
N VAL A 146 -1.17 -3.04 3.71
CA VAL A 146 -0.95 -2.92 5.15
C VAL A 146 0.51 -3.21 5.49
N GLN A 147 1.21 -3.94 4.65
CA GLN A 147 2.66 -4.04 4.78
C GLN A 147 3.27 -2.67 4.47
N ARG A 148 2.61 -1.97 3.55
CA ARG A 148 3.07 -0.69 3.05
C ARG A 148 2.92 0.42 4.11
N VAL A 149 1.87 0.34 4.92
CA VAL A 149 1.63 1.37 5.94
C VAL A 149 2.58 1.22 7.11
N THR A 150 3.10 0.04 7.37
CA THR A 150 4.15 -0.08 8.36
C THR A 150 5.45 0.51 7.81
N LYS A 151 5.65 0.31 6.50
CA LYS A 151 6.88 0.75 5.84
C LYS A 151 6.99 2.27 5.89
N TYR A 152 5.87 2.98 5.70
CA TYR A 152 5.83 4.42 5.91
C TYR A 152 6.38 4.80 7.27
N GLN A 153 5.94 4.10 8.31
CA GLN A 153 6.28 4.49 9.66
C GLN A 153 7.76 4.23 9.94
N LEU A 154 8.26 3.17 9.32
CA LEU A 154 9.67 2.80 9.39
C LEU A 154 10.59 3.94 8.90
N LEU A 155 10.46 4.27 7.62
CA LEU A 155 11.37 5.20 6.96
C LEU A 155 11.17 6.64 7.42
N LEU A 156 9.92 7.01 7.65
CA LEU A 156 9.60 8.34 8.15
C LEU A 156 10.16 8.58 9.56
N LYS A 157 10.29 7.52 10.37
CA LYS A 157 10.96 7.67 11.68
C LYS A 157 12.41 8.10 11.49
N GLU A 158 12.98 7.64 10.37
CA GLU A 158 14.39 7.92 10.04
C GLU A 158 14.58 9.41 9.74
N LEU A 159 13.60 10.02 9.08
CA LEU A 159 13.71 11.43 8.75
C LEU A 159 13.28 12.29 9.93
N LEU A 160 12.17 11.90 10.58
CA LEU A 160 11.59 12.70 11.66
C LEU A 160 12.32 12.55 12.98
N THR A 161 13.26 11.61 13.09
CA THR A 161 14.06 11.42 14.32
C THR A 161 14.26 12.73 15.12
N CYS A 162 14.52 13.82 14.40
CA CYS A 162 14.74 15.13 15.03
C CYS A 162 13.65 16.16 14.66
N CYS A 163 12.40 15.71 14.48
CA CYS A 163 11.30 16.62 14.21
C CYS A 163 10.96 17.43 15.46
N GLU A 164 10.81 18.75 15.27
CA GLU A 164 10.57 19.70 16.37
C GLU A 164 11.91 20.05 17.01
N GLU A 165 12.96 19.70 16.29
CA GLU A 165 14.31 20.17 16.55
C GLU A 165 14.83 20.83 15.28
N GLY A 166 14.05 20.65 14.22
CA GLY A 166 14.35 21.25 12.94
C GLY A 166 13.07 21.69 12.25
N LYS A 167 12.39 20.75 11.59
CA LYS A 167 11.12 21.07 10.96
C LYS A 167 10.00 20.17 11.48
N GLY A 168 8.88 20.80 11.84
CA GLY A 168 7.75 20.06 12.38
C GLY A 168 6.99 19.21 11.38
N GLU A 169 7.12 19.49 10.09
CA GLU A 169 6.33 18.78 9.06
C GLU A 169 6.61 17.27 9.06
N LEU A 170 7.78 16.88 9.56
CA LEU A 170 8.09 15.46 9.70
C LEU A 170 7.22 14.85 10.80
N LYS A 171 6.99 15.65 11.83
CA LYS A 171 6.12 15.25 12.94
C LYS A 171 4.66 15.28 12.49
N ASP A 172 4.28 16.27 11.69
CA ASP A 172 2.92 16.29 11.15
C ASP A 172 2.71 15.10 10.21
N GLY A 173 3.67 14.87 9.32
CA GLY A 173 3.60 13.76 8.38
C GLY A 173 3.47 12.42 9.08
N LEU A 174 4.03 12.34 10.26
CA LEU A 174 3.91 11.15 11.09
C LEU A 174 2.51 11.04 11.73
N GLU A 175 2.06 12.10 12.38
CA GLU A 175 0.83 12.05 13.16
C GLU A 175 -0.39 11.72 12.29
N VAL A 176 -0.39 12.23 11.07
CA VAL A 176 -1.40 11.85 10.07
C VAL A 176 -1.36 10.33 9.81
N MET A 177 -0.15 9.83 9.59
CA MET A 177 0.06 8.43 9.26
C MET A 177 -0.35 7.50 10.39
N LEU A 178 -0.26 7.97 11.62
CA LEU A 178 -0.60 7.15 12.79
C LEU A 178 -2.07 7.28 13.13
N SER A 179 -2.68 8.35 12.64
CA SER A 179 -4.04 8.68 13.03
C SER A 179 -5.03 7.82 12.24
N VAL A 180 -4.60 7.36 11.07
CA VAL A 180 -5.46 6.58 10.19
C VAL A 180 -5.94 5.27 10.82
N PRO A 181 -5.04 4.29 11.15
CA PRO A 181 -5.48 3.03 11.77
C PRO A 181 -6.11 3.29 13.14
N LYS A 182 -5.75 4.41 13.75
CA LYS A 182 -6.31 4.81 15.04
C LYS A 182 -7.77 5.19 14.84
N LYS A 183 -8.02 6.03 13.84
CA LYS A 183 -9.33 6.48 13.49
C LYS A 183 -10.27 5.31 13.19
N ALA A 184 -9.73 4.27 12.54
CA ALA A 184 -10.52 3.10 12.15
C ALA A 184 -11.04 2.39 13.40
N ASN A 185 -10.36 2.61 14.51
CA ASN A 185 -10.80 2.08 15.79
C ASN A 185 -11.95 2.91 16.35
N ASP A 186 -11.81 4.24 16.30
CA ASP A 186 -12.83 5.14 16.84
C ASP A 186 -14.12 5.02 16.05
N ALA A 187 -13.99 4.94 14.73
CA ALA A 187 -15.16 4.88 13.86
C ALA A 187 -15.63 3.45 13.68
N MET A 188 -15.29 2.60 14.65
CA MET A 188 -15.59 1.17 14.63
C MET A 188 -16.88 0.80 13.90
N HIS A 189 -16.81 -0.20 13.04
CA HIS A 189 -18.00 -0.68 12.36
C HIS A 189 -17.69 -1.98 11.64
N VAL A 190 -18.62 -2.90 11.74
CA VAL A 190 -18.58 -4.12 10.95
C VAL A 190 -19.87 -4.19 10.11
N GLY A 1 24.56 -3.33 -4.85
CA GLY A 1 26.02 -3.07 -4.69
C GLY A 1 26.58 -2.19 -5.78
N PRO A 2 26.91 -2.76 -6.95
CA PRO A 2 27.45 -2.00 -8.09
C PRO A 2 26.44 -1.01 -8.65
N LEU A 3 26.89 -0.18 -9.58
CA LEU A 3 26.05 0.82 -10.22
C LEU A 3 25.65 0.33 -11.61
N GLY A 4 24.91 -0.78 -11.62
CA GLY A 4 24.21 -1.20 -12.81
C GLY A 4 22.76 -0.80 -12.71
N SER A 5 21.95 -1.69 -12.09
CA SER A 5 20.60 -1.38 -11.64
C SER A 5 20.46 0.08 -11.21
N PRO A 6 19.83 0.86 -12.08
CA PRO A 6 19.67 2.33 -11.94
C PRO A 6 18.71 2.77 -10.82
N GLU A 7 19.09 2.47 -9.57
CA GLU A 7 18.36 2.90 -8.38
C GLU A 7 19.33 2.89 -7.21
N PHE A 8 20.28 3.82 -7.27
CA PHE A 8 21.37 3.87 -6.29
C PHE A 8 21.63 5.32 -5.88
N PRO A 9 20.88 5.85 -4.91
CA PRO A 9 21.08 7.20 -4.38
C PRO A 9 22.38 7.32 -3.57
N GLY A 10 23.50 7.56 -4.26
CA GLY A 10 24.76 7.76 -3.56
C GLY A 10 24.82 9.10 -2.85
N ARG A 11 24.24 10.12 -3.50
CA ARG A 11 24.09 11.44 -2.89
C ARG A 11 23.45 11.34 -1.51
N LYS A 12 24.21 11.73 -0.49
CA LYS A 12 23.68 11.81 0.89
C LYS A 12 23.32 10.44 1.41
N LYS A 13 24.00 9.41 0.87
CA LYS A 13 23.97 8.03 1.39
C LYS A 13 22.54 7.60 1.73
N GLU A 14 21.70 7.48 0.72
CA GLU A 14 20.28 7.48 0.98
C GLU A 14 19.61 6.29 0.36
N PHE A 15 20.06 5.12 0.78
CA PHE A 15 19.56 3.87 0.26
C PHE A 15 18.17 3.57 0.82
N ILE A 16 17.67 4.45 1.67
CA ILE A 16 16.37 4.25 2.28
C ILE A 16 15.33 5.08 1.55
N MET A 17 15.72 6.24 1.02
CA MET A 17 14.90 6.91 0.02
C MET A 17 14.59 6.00 -1.16
N ALA A 18 15.51 5.09 -1.47
CA ALA A 18 15.29 4.15 -2.56
C ALA A 18 14.28 3.10 -2.14
N GLU A 19 14.29 2.80 -0.86
CA GLU A 19 13.27 1.92 -0.25
C GLU A 19 11.88 2.53 -0.38
N LEU A 20 11.74 3.86 -0.46
CA LEU A 20 10.41 4.41 -0.64
C LEU A 20 10.12 4.56 -2.13
N LEU A 21 11.10 5.06 -2.88
CA LEU A 21 11.04 5.09 -4.35
C LEU A 21 10.71 3.71 -4.94
N GLN A 22 11.21 2.66 -4.33
CA GLN A 22 10.96 1.31 -4.84
C GLN A 22 9.57 0.80 -4.45
N THR A 23 9.08 1.19 -3.28
CA THR A 23 7.78 0.72 -2.80
C THR A 23 6.59 1.44 -3.46
N GLU A 24 6.72 2.70 -3.83
CA GLU A 24 5.90 3.22 -4.95
C GLU A 24 5.84 2.28 -6.14
N LYS A 25 6.96 1.97 -6.79
CA LYS A 25 6.89 1.16 -8.01
C LYS A 25 6.39 -0.26 -7.70
N ALA A 26 6.89 -0.86 -6.64
CA ALA A 26 6.29 -2.09 -6.05
C ALA A 26 4.81 -1.94 -5.68
N TYR A 27 4.31 -0.75 -5.43
CA TYR A 27 2.89 -0.60 -5.09
C TYR A 27 2.04 -0.34 -6.34
N VAL A 28 2.39 0.64 -7.17
CA VAL A 28 1.56 0.90 -8.34
C VAL A 28 1.57 -0.28 -9.35
N ARG A 29 2.67 -1.05 -9.40
CA ARG A 29 2.71 -2.22 -10.29
C ARG A 29 1.94 -3.40 -9.68
N ASP A 30 2.07 -3.58 -8.37
CA ASP A 30 1.33 -4.61 -7.65
C ASP A 30 -0.16 -4.25 -7.52
N LEU A 31 -0.55 -3.00 -7.76
CA LEU A 31 -1.97 -2.67 -7.88
C LEU A 31 -2.46 -2.96 -9.30
N HIS A 32 -1.66 -2.56 -10.28
CA HIS A 32 -1.91 -2.89 -11.69
C HIS A 32 -2.21 -4.37 -11.87
N GLU A 33 -1.31 -5.23 -11.40
CA GLU A 33 -1.43 -6.65 -11.66
C GLU A 33 -2.58 -7.25 -10.86
N CYS A 34 -3.02 -6.57 -9.82
CA CYS A 34 -4.18 -7.01 -9.07
C CYS A 34 -5.48 -6.70 -9.81
N LEU A 35 -5.72 -5.46 -10.22
CA LEU A 35 -6.91 -5.16 -11.04
C LEU A 35 -7.01 -6.08 -12.26
N GLU A 36 -5.86 -6.32 -12.89
CA GLU A 36 -5.85 -7.05 -14.17
C GLU A 36 -6.14 -8.54 -14.00
N THR A 37 -5.98 -9.05 -12.77
CA THR A 37 -6.13 -10.48 -12.53
C THR A 37 -7.35 -10.82 -11.68
N TYR A 38 -7.26 -10.66 -10.36
CA TYR A 38 -8.30 -11.15 -9.46
C TYR A 38 -9.57 -10.31 -9.56
N LEU A 39 -9.44 -9.01 -9.78
CA LEU A 39 -10.61 -8.13 -9.78
C LEU A 39 -11.31 -8.19 -11.14
N TRP A 40 -10.52 -8.08 -12.21
CA TRP A 40 -10.99 -8.30 -13.57
C TRP A 40 -11.91 -9.52 -13.70
N GLU A 41 -11.53 -10.71 -13.24
CA GLU A 41 -12.40 -11.86 -13.49
C GLU A 41 -13.71 -11.73 -12.72
N MET A 42 -13.67 -11.20 -11.51
CA MET A 42 -14.87 -11.31 -10.66
C MET A 42 -15.92 -10.33 -11.16
N THR A 43 -15.45 -9.33 -11.88
CA THR A 43 -16.31 -8.34 -12.52
C THR A 43 -16.68 -8.75 -13.96
N SER A 44 -15.96 -9.72 -14.52
CA SER A 44 -16.22 -10.18 -15.90
C SER A 44 -17.05 -11.47 -15.96
N GLY A 45 -17.15 -12.20 -14.86
CA GLY A 45 -17.96 -13.43 -14.84
C GLY A 45 -17.56 -14.44 -15.94
N VAL A 46 -16.31 -14.87 -15.95
CA VAL A 46 -15.84 -15.86 -16.92
C VAL A 46 -15.48 -17.16 -16.21
N GLU A 47 -15.37 -17.11 -14.90
CA GLU A 47 -15.28 -18.30 -14.06
C GLU A 47 -16.37 -18.29 -12.99
N GLU A 48 -16.56 -19.45 -12.37
CA GLU A 48 -17.48 -19.59 -11.23
C GLU A 48 -16.95 -18.89 -10.00
N ILE A 49 -17.64 -17.83 -9.62
CA ILE A 49 -17.41 -17.15 -8.37
C ILE A 49 -18.48 -17.56 -7.37
N PRO A 50 -18.08 -18.06 -6.20
CA PRO A 50 -19.02 -18.47 -5.16
C PRO A 50 -20.01 -17.37 -4.79
N PRO A 51 -21.28 -17.76 -4.53
CA PRO A 51 -22.40 -16.85 -4.20
C PRO A 51 -22.13 -15.90 -3.04
N GLY A 52 -20.99 -16.07 -2.38
CA GLY A 52 -20.66 -15.23 -1.25
C GLY A 52 -19.79 -14.06 -1.62
N ILE A 53 -18.95 -14.21 -2.65
CA ILE A 53 -17.94 -13.19 -2.94
C ILE A 53 -18.12 -12.49 -4.30
N LEU A 54 -19.02 -12.99 -5.16
CA LEU A 54 -19.29 -12.36 -6.46
C LEU A 54 -19.38 -10.83 -6.39
N ASN A 55 -20.53 -10.29 -6.00
CA ASN A 55 -20.68 -8.84 -5.84
C ASN A 55 -19.97 -8.34 -4.57
N LYS A 56 -19.01 -9.13 -4.12
CA LYS A 56 -18.17 -8.82 -2.98
C LYS A 56 -16.75 -8.61 -3.46
N GLU A 57 -16.60 -8.35 -4.75
CA GLU A 57 -15.33 -7.90 -5.32
C GLU A 57 -14.75 -6.71 -4.54
N HIS A 58 -15.66 -5.84 -4.08
CA HIS A 58 -15.30 -4.64 -3.32
C HIS A 58 -15.01 -4.95 -1.84
N ILE A 59 -15.16 -6.22 -1.45
CA ILE A 59 -14.78 -6.68 -0.12
C ILE A 59 -13.44 -7.40 -0.20
N ILE A 60 -13.39 -8.36 -1.14
CA ILE A 60 -12.18 -9.12 -1.40
C ILE A 60 -10.98 -8.22 -1.60
N PHE A 61 -11.09 -7.15 -2.38
CA PHE A 61 -9.94 -6.28 -2.57
C PHE A 61 -10.22 -4.83 -2.18
N GLY A 62 -11.40 -4.59 -1.63
CA GLY A 62 -11.76 -3.24 -1.23
C GLY A 62 -11.91 -2.30 -2.42
N ASN A 63 -11.19 -1.18 -2.36
CA ASN A 63 -11.24 -0.17 -3.41
C ASN A 63 -9.86 -0.02 -4.06
N ILE A 64 -9.21 -1.16 -4.31
CA ILE A 64 -7.82 -1.17 -4.76
C ILE A 64 -7.66 -0.53 -6.16
N GLN A 65 -8.75 -0.48 -6.91
CA GLN A 65 -8.74 0.12 -8.24
C GLN A 65 -8.33 1.59 -8.16
N GLU A 66 -8.84 2.26 -7.13
CA GLU A 66 -8.58 3.69 -6.94
C GLU A 66 -7.12 3.93 -6.56
N ILE A 67 -6.55 3.01 -5.81
CA ILE A 67 -5.18 3.14 -5.33
C ILE A 67 -4.19 3.18 -6.48
N TYR A 68 -4.30 2.25 -7.42
CA TYR A 68 -3.45 2.26 -8.61
C TYR A 68 -3.44 3.62 -9.28
N ASP A 69 -4.64 4.07 -9.68
CA ASP A 69 -4.77 5.27 -10.49
C ASP A 69 -4.13 6.46 -9.77
N PHE A 70 -4.51 6.65 -8.52
CA PHE A 70 -4.09 7.82 -7.76
C PHE A 70 -2.59 7.82 -7.49
N HIS A 71 -1.98 6.64 -7.46
CA HIS A 71 -0.53 6.60 -7.25
C HIS A 71 0.25 6.72 -8.56
N ASN A 72 -0.12 5.93 -9.59
CA ASN A 72 0.62 5.94 -10.85
C ASN A 72 0.68 7.32 -11.50
N ASN A 73 -0.29 8.18 -11.24
CA ASN A 73 -0.26 9.53 -11.81
C ASN A 73 0.16 10.60 -10.80
N ILE A 74 0.15 10.27 -9.51
CA ILE A 74 0.53 11.25 -8.47
C ILE A 74 1.68 10.74 -7.59
N PHE A 75 1.38 9.94 -6.57
CA PHE A 75 2.34 9.71 -5.48
C PHE A 75 3.71 9.25 -5.99
N LEU A 76 3.75 8.22 -6.82
CA LEU A 76 5.02 7.76 -7.43
C LEU A 76 5.75 8.93 -8.12
N LYS A 77 5.13 9.52 -9.14
CA LYS A 77 5.79 10.55 -9.94
C LYS A 77 5.97 11.88 -9.18
N GLU A 78 5.49 11.93 -7.96
CA GLU A 78 5.77 13.08 -7.10
C GLU A 78 7.00 12.76 -6.25
N LEU A 79 7.13 11.48 -5.93
CA LEU A 79 8.18 10.98 -5.06
C LEU A 79 9.52 10.96 -5.77
N GLU A 80 9.53 10.57 -7.04
CA GLU A 80 10.78 10.54 -7.81
C GLU A 80 11.37 11.95 -7.93
N LYS A 81 10.60 12.95 -7.54
CA LYS A 81 11.09 14.32 -7.49
C LYS A 81 11.77 14.62 -6.15
N TYR A 82 11.78 13.63 -5.28
CA TYR A 82 12.37 13.74 -3.95
C TYR A 82 13.59 12.80 -3.87
N GLU A 83 13.90 12.24 -5.03
CA GLU A 83 15.07 11.36 -5.18
C GLU A 83 16.35 12.08 -4.73
N GLN A 84 16.38 13.40 -4.90
CA GLN A 84 17.54 14.18 -4.46
C GLN A 84 17.29 14.83 -3.10
N LEU A 85 16.19 14.48 -2.47
CA LEU A 85 15.77 15.17 -1.26
C LEU A 85 14.74 14.37 -0.46
N PRO A 86 15.20 13.37 0.32
CA PRO A 86 14.35 12.64 1.26
C PRO A 86 13.91 13.55 2.40
N GLU A 87 14.51 14.72 2.45
CA GLU A 87 14.09 15.73 3.41
C GLU A 87 12.72 16.31 3.01
N ASP A 88 12.25 16.06 1.77
CA ASP A 88 10.97 16.66 1.36
C ASP A 88 9.83 15.64 1.38
N VAL A 89 10.05 14.39 1.84
CA VAL A 89 8.98 13.41 1.71
C VAL A 89 8.05 13.45 2.91
N GLY A 90 8.45 14.18 3.95
CA GLY A 90 7.51 14.44 5.02
C GLY A 90 6.41 15.36 4.54
N HIS A 91 6.78 16.23 3.61
CA HIS A 91 5.86 17.18 2.96
C HIS A 91 4.89 16.45 2.01
N CYS A 92 5.24 15.23 1.66
CA CYS A 92 4.46 14.38 0.75
C CYS A 92 3.45 13.53 1.53
N PHE A 93 3.76 13.02 2.70
CA PHE A 93 2.74 12.37 3.50
C PHE A 93 1.66 13.37 3.96
N VAL A 94 2.07 14.60 4.24
CA VAL A 94 1.15 15.67 4.65
C VAL A 94 0.39 16.29 3.48
N THR A 95 1.05 16.49 2.33
CA THR A 95 0.43 17.18 1.20
C THR A 95 -0.90 16.50 0.84
N TRP A 96 -0.87 15.20 1.13
CA TRP A 96 -1.90 14.24 0.78
C TRP A 96 -2.47 13.58 2.03
N ALA A 97 -2.26 14.20 3.20
CA ALA A 97 -2.63 13.58 4.47
C ALA A 97 -4.09 13.16 4.50
N ASP A 98 -4.98 14.10 4.20
CA ASP A 98 -6.41 13.83 4.27
C ASP A 98 -6.81 12.70 3.32
N LYS A 99 -6.09 12.56 2.22
CA LYS A 99 -6.37 11.51 1.25
C LYS A 99 -6.01 10.13 1.81
N PHE A 100 -5.26 10.11 2.91
CA PHE A 100 -4.89 8.86 3.56
C PHE A 100 -6.05 8.28 4.36
N GLN A 101 -7.19 8.99 4.37
CA GLN A 101 -8.41 8.42 4.94
C GLN A 101 -8.86 7.25 4.05
N MET A 102 -8.32 7.23 2.83
CA MET A 102 -8.47 6.11 1.90
C MET A 102 -8.04 4.80 2.56
N TYR A 103 -7.01 4.87 3.39
CA TYR A 103 -6.47 3.70 4.08
C TYR A 103 -7.30 3.34 5.33
N VAL A 104 -8.12 4.25 5.86
CA VAL A 104 -8.96 3.88 6.99
C VAL A 104 -10.12 3.02 6.51
N THR A 105 -10.66 3.38 5.35
CA THR A 105 -11.68 2.57 4.67
C THR A 105 -11.13 1.20 4.34
N TYR A 106 -9.96 1.20 3.70
CA TYR A 106 -9.33 -0.04 3.25
C TYR A 106 -9.14 -1.02 4.40
N CYS A 107 -8.54 -0.57 5.52
CA CYS A 107 -8.23 -1.47 6.62
C CYS A 107 -9.47 -2.01 7.33
N LYS A 108 -10.55 -1.22 7.41
CA LYS A 108 -11.75 -1.69 8.09
C LYS A 108 -12.33 -2.91 7.36
N ASN A 109 -12.17 -2.92 6.05
CA ASN A 109 -12.68 -4.01 5.23
C ASN A 109 -11.75 -5.21 5.22
N LYS A 110 -10.51 -5.00 5.69
CA LYS A 110 -9.50 -6.06 5.68
C LYS A 110 -10.00 -7.35 6.36
N PRO A 111 -10.51 -7.28 7.61
CA PRO A 111 -10.96 -8.49 8.32
C PRO A 111 -12.19 -9.14 7.67
N ASP A 112 -13.17 -8.33 7.27
CA ASP A 112 -14.36 -8.89 6.65
C ASP A 112 -14.01 -9.48 5.27
N SER A 113 -13.04 -8.87 4.61
CA SER A 113 -12.43 -9.46 3.43
C SER A 113 -11.86 -10.83 3.75
N ASN A 114 -11.06 -10.89 4.82
CA ASN A 114 -10.44 -12.14 5.27
C ASN A 114 -11.47 -13.25 5.35
N GLN A 115 -12.50 -13.03 6.15
CA GLN A 115 -13.58 -14.01 6.30
C GLN A 115 -14.06 -14.50 4.95
N LEU A 116 -14.34 -13.57 4.04
CA LEU A 116 -14.90 -13.95 2.75
C LEU A 116 -13.89 -14.71 1.91
N ILE A 117 -12.61 -14.36 1.96
CA ILE A 117 -11.63 -15.09 1.17
C ILE A 117 -11.28 -16.45 1.77
N LEU A 118 -11.49 -16.62 3.07
CA LEU A 118 -11.21 -17.90 3.68
C LEU A 118 -12.33 -18.90 3.41
N GLU A 119 -13.49 -18.65 4.03
CA GLU A 119 -14.55 -19.64 4.00
C GLU A 119 -15.34 -19.70 2.68
N HIS A 120 -15.75 -18.56 2.13
CA HIS A 120 -16.62 -18.57 0.94
C HIS A 120 -15.92 -18.17 -0.36
N ALA A 121 -14.68 -17.72 -0.34
CA ALA A 121 -13.99 -17.50 -1.62
C ALA A 121 -13.45 -18.81 -2.15
N GLY A 122 -12.74 -19.52 -1.29
CA GLY A 122 -12.29 -20.86 -1.59
C GLY A 122 -10.97 -20.92 -2.33
N THR A 123 -10.85 -21.90 -3.22
CA THR A 123 -9.62 -22.19 -3.93
C THR A 123 -9.58 -21.53 -5.31
N PHE A 124 -10.58 -20.70 -5.60
CA PHE A 124 -10.82 -20.21 -6.96
C PHE A 124 -9.62 -19.41 -7.53
N PHE A 125 -8.95 -18.66 -6.66
CA PHE A 125 -7.83 -17.83 -7.09
C PHE A 125 -6.58 -18.67 -7.36
N ASP A 126 -6.59 -19.92 -6.92
CA ASP A 126 -5.47 -20.84 -7.16
C ASP A 126 -5.41 -21.26 -8.63
N GLU A 127 -6.54 -21.22 -9.33
CA GLU A 127 -6.55 -21.53 -10.76
C GLU A 127 -6.08 -20.33 -11.57
N ILE A 128 -6.56 -19.14 -11.23
CA ILE A 128 -6.11 -17.93 -11.92
C ILE A 128 -4.61 -17.77 -11.72
N GLN A 129 -4.19 -18.13 -10.51
CA GLN A 129 -2.79 -18.22 -10.14
C GLN A 129 -1.93 -18.82 -11.25
N GLN A 130 -2.24 -20.06 -11.61
CA GLN A 130 -1.43 -20.82 -12.56
C GLN A 130 -1.58 -20.31 -13.98
N ARG A 131 -2.72 -19.74 -14.35
CA ARG A 131 -2.92 -19.31 -15.73
C ARG A 131 -1.99 -18.14 -16.07
N HIS A 132 -1.82 -17.22 -15.11
CA HIS A 132 -1.04 -16.01 -15.36
C HIS A 132 0.38 -16.04 -14.77
N GLY A 133 0.63 -16.88 -13.75
CA GLY A 133 1.91 -16.81 -13.04
C GLY A 133 1.82 -16.07 -11.72
N LEU A 134 0.68 -16.13 -11.05
CA LEU A 134 0.53 -15.51 -9.72
C LEU A 134 0.79 -16.59 -8.68
N ALA A 135 2.04 -17.06 -8.61
CA ALA A 135 2.44 -18.10 -7.65
C ALA A 135 2.17 -17.71 -6.19
N ASN A 136 1.69 -16.51 -5.95
CA ASN A 136 1.52 -16.00 -4.59
C ASN A 136 0.05 -15.82 -4.24
N SER A 137 -0.29 -16.18 -3.00
CA SER A 137 -1.66 -16.19 -2.51
C SER A 137 -2.37 -14.83 -2.64
N ILE A 138 -3.70 -14.88 -2.77
CA ILE A 138 -4.51 -13.67 -2.85
C ILE A 138 -4.33 -12.78 -1.61
N SER A 139 -4.51 -13.39 -0.43
CA SER A 139 -4.34 -12.73 0.86
C SER A 139 -3.08 -11.88 0.89
N SER A 140 -2.03 -12.37 0.24
CA SER A 140 -0.77 -11.66 0.17
C SER A 140 -0.93 -10.27 -0.45
N TYR A 141 -1.54 -10.19 -1.63
CA TYR A 141 -1.68 -8.90 -2.31
C TYR A 141 -2.62 -7.94 -1.58
N LEU A 142 -3.80 -8.40 -1.16
CA LEU A 142 -4.74 -7.50 -0.48
C LEU A 142 -4.22 -6.97 0.86
N ILE A 143 -3.34 -7.74 1.52
CA ILE A 143 -2.74 -7.24 2.78
C ILE A 143 -1.56 -6.30 2.50
N LYS A 144 -1.10 -6.28 1.25
CA LYS A 144 0.04 -5.44 0.83
C LYS A 144 -0.09 -4.00 1.35
N PRO A 145 -1.24 -3.31 1.11
CA PRO A 145 -1.46 -1.95 1.61
C PRO A 145 -1.02 -1.74 3.06
N VAL A 146 -1.28 -2.71 3.93
CA VAL A 146 -1.03 -2.56 5.36
C VAL A 146 0.45 -2.85 5.68
N GLN A 147 1.08 -3.63 4.82
CA GLN A 147 2.53 -3.80 4.89
C GLN A 147 3.20 -2.51 4.43
N ARG A 148 2.58 -1.87 3.45
CA ARG A 148 3.10 -0.64 2.88
C ARG A 148 2.95 0.54 3.84
N VAL A 149 1.89 0.55 4.63
CA VAL A 149 1.68 1.63 5.58
C VAL A 149 2.58 1.48 6.78
N THR A 150 3.08 0.28 7.04
CA THR A 150 4.07 0.12 8.07
C THR A 150 5.44 0.54 7.52
N LYS A 151 5.65 0.29 6.23
CA LYS A 151 6.91 0.65 5.58
C LYS A 151 7.06 2.17 5.58
N TYR A 152 5.98 2.88 5.28
CA TYR A 152 5.92 4.34 5.45
C TYR A 152 6.40 4.75 6.83
N GLN A 153 5.97 4.03 7.86
CA GLN A 153 6.32 4.41 9.23
C GLN A 153 7.81 4.17 9.48
N LEU A 154 8.30 3.05 8.94
CA LEU A 154 9.70 2.65 9.04
C LEU A 154 10.65 3.77 8.56
N LEU A 155 10.46 4.19 7.32
CA LEU A 155 11.35 5.15 6.68
C LEU A 155 11.09 6.60 7.13
N LEU A 156 9.83 6.97 7.28
CA LEU A 156 9.48 8.28 7.81
C LEU A 156 10.01 8.48 9.22
N LYS A 157 10.13 7.42 10.00
CA LYS A 157 10.74 7.50 11.32
C LYS A 157 12.23 7.83 11.20
N GLU A 158 12.85 7.25 10.19
CA GLU A 158 14.25 7.50 9.88
C GLU A 158 14.52 8.99 9.64
N LEU A 159 13.54 9.69 9.10
CA LEU A 159 13.69 11.12 8.88
C LEU A 159 13.24 11.91 10.12
N LEU A 160 12.06 11.58 10.63
CA LEU A 160 11.45 12.35 11.72
C LEU A 160 12.17 12.13 13.06
N THR A 161 13.04 11.13 13.15
CA THR A 161 13.80 10.85 14.37
C THR A 161 14.12 12.11 15.20
N CYS A 162 14.53 13.17 14.50
CA CYS A 162 14.88 14.45 15.12
C CYS A 162 13.94 15.60 14.69
N CYS A 163 12.65 15.30 14.47
CA CYS A 163 11.68 16.31 14.04
C CYS A 163 11.31 17.29 15.15
N GLU A 164 12.27 18.10 15.58
CA GLU A 164 12.02 19.07 16.65
C GLU A 164 12.55 20.46 16.27
N GLU A 165 13.67 20.50 15.55
CA GLU A 165 14.22 21.77 15.05
C GLU A 165 13.36 22.31 13.90
N GLY A 166 12.33 21.55 13.56
CA GLY A 166 11.49 21.90 12.43
C GLY A 166 12.15 21.57 11.10
N LYS A 167 12.63 20.32 10.96
CA LYS A 167 13.20 19.84 9.70
C LYS A 167 12.16 19.76 8.57
N GLY A 168 10.93 20.18 8.84
CA GLY A 168 9.91 20.22 7.80
C GLY A 168 8.92 19.04 7.81
N GLU A 169 7.72 19.21 8.44
CA GLU A 169 6.54 18.36 8.10
C GLU A 169 6.57 16.97 8.73
N LEU A 170 7.74 16.53 9.21
CA LEU A 170 7.95 15.10 9.49
C LEU A 170 6.99 14.54 10.55
N LYS A 171 6.80 15.27 11.64
CA LYS A 171 5.98 14.77 12.75
C LYS A 171 4.51 14.79 12.36
N ASP A 172 4.12 15.74 11.52
CA ASP A 172 2.75 15.79 11.04
C ASP A 172 2.50 14.65 10.07
N GLY A 173 3.46 14.42 9.18
CA GLY A 173 3.36 13.30 8.24
C GLY A 173 3.27 11.97 8.96
N LEU A 174 3.86 11.92 10.14
CA LEU A 174 3.75 10.78 11.02
C LEU A 174 2.36 10.67 11.66
N GLU A 175 1.90 11.74 12.32
CA GLU A 175 0.65 11.69 13.07
C GLU A 175 -0.54 11.31 12.18
N VAL A 176 -0.56 11.82 10.97
CA VAL A 176 -1.56 11.42 9.96
C VAL A 176 -1.50 9.92 9.73
N MET A 177 -0.29 9.43 9.54
CA MET A 177 -0.04 8.02 9.23
C MET A 177 -0.48 7.11 10.37
N LEU A 178 -0.39 7.60 11.59
CA LEU A 178 -0.70 6.79 12.76
C LEU A 178 -2.18 6.88 13.09
N SER A 179 -2.82 7.94 12.63
CA SER A 179 -4.20 8.20 12.99
C SER A 179 -5.14 7.37 12.11
N VAL A 180 -4.66 7.00 10.93
CA VAL A 180 -5.50 6.28 9.96
C VAL A 180 -5.88 4.87 10.45
N PRO A 181 -4.92 3.93 10.65
CA PRO A 181 -5.26 2.59 11.14
C PRO A 181 -5.88 2.65 12.53
N LYS A 182 -5.55 3.70 13.29
CA LYS A 182 -6.12 3.92 14.60
C LYS A 182 -7.59 4.25 14.46
N LYS A 183 -7.89 5.14 13.51
CA LYS A 183 -9.26 5.54 13.23
C LYS A 183 -10.14 4.35 12.91
N ALA A 184 -9.55 3.36 12.23
CA ALA A 184 -10.29 2.19 11.77
C ALA A 184 -10.79 1.39 12.96
N ASN A 185 -10.03 1.47 14.05
CA ASN A 185 -10.36 0.79 15.29
C ASN A 185 -11.46 1.56 16.01
N ASP A 186 -11.33 2.88 16.01
CA ASP A 186 -12.35 3.75 16.59
C ASP A 186 -13.67 3.62 15.84
N ALA A 187 -13.61 3.72 14.53
CA ALA A 187 -14.80 3.62 13.71
C ALA A 187 -15.43 2.23 13.83
N MET A 188 -14.58 1.20 13.87
CA MET A 188 -15.07 -0.17 13.98
C MET A 188 -14.22 -0.96 14.96
N HIS A 189 -14.77 -1.36 16.10
CA HIS A 189 -13.98 -2.16 17.04
C HIS A 189 -14.73 -3.38 17.57
N VAL A 190 -14.62 -4.47 16.82
CA VAL A 190 -15.05 -5.77 17.32
C VAL A 190 -14.14 -6.22 18.47
N GLY A 1 46.46 14.43 19.20
CA GLY A 1 45.37 14.02 18.28
C GLY A 1 44.63 12.81 18.81
N PRO A 2 43.57 12.39 18.11
CA PRO A 2 42.81 11.19 18.47
C PRO A 2 43.47 9.93 17.92
N LEU A 3 42.85 8.79 18.17
CA LEU A 3 43.40 7.52 17.74
C LEU A 3 42.60 7.02 16.55
N GLY A 4 43.19 7.08 15.36
CA GLY A 4 42.47 6.72 14.16
C GLY A 4 42.81 7.66 13.01
N SER A 5 41.77 8.18 12.36
CA SER A 5 41.93 9.04 11.17
C SER A 5 40.59 9.36 10.47
N PRO A 6 39.72 8.34 10.19
CA PRO A 6 38.47 8.56 9.41
C PRO A 6 37.58 9.63 10.02
N GLU A 7 37.37 10.69 9.25
CA GLU A 7 36.45 11.76 9.64
C GLU A 7 35.03 11.19 9.65
N PHE A 8 34.55 10.83 10.85
CA PHE A 8 33.33 10.00 11.08
C PHE A 8 32.36 10.03 9.89
N PRO A 9 32.55 9.13 8.89
CA PRO A 9 31.71 9.10 7.67
C PRO A 9 30.34 8.46 7.87
N GLY A 10 29.70 8.78 8.97
CA GLY A 10 28.31 8.40 9.21
C GLY A 10 27.36 8.89 8.13
N ARG A 11 27.77 9.95 7.46
CA ARG A 11 26.94 10.52 6.41
C ARG A 11 27.06 9.69 5.15
N LYS A 12 25.94 9.04 4.83
CA LYS A 12 25.78 8.09 3.73
C LYS A 12 24.37 7.52 3.88
N LYS A 13 23.46 8.00 3.05
CA LYS A 13 22.05 7.68 3.18
C LYS A 13 21.46 7.53 1.78
N GLU A 14 20.31 8.18 1.53
CA GLU A 14 19.65 8.14 0.19
C GLU A 14 19.08 6.75 -0.15
N PHE A 15 19.71 5.70 0.36
CA PHE A 15 19.31 4.33 0.05
C PHE A 15 17.96 3.98 0.67
N ILE A 16 17.45 4.85 1.51
CA ILE A 16 16.16 4.60 2.13
C ILE A 16 15.09 5.47 1.46
N MET A 17 15.50 6.60 0.87
CA MET A 17 14.64 7.30 -0.07
C MET A 17 14.32 6.42 -1.28
N ALA A 18 15.27 5.55 -1.64
CA ALA A 18 15.05 4.66 -2.76
C ALA A 18 14.08 3.55 -2.35
N GLU A 19 14.14 3.20 -1.09
CA GLU A 19 13.17 2.30 -0.48
C GLU A 19 11.75 2.85 -0.64
N LEU A 20 11.56 4.16 -0.67
CA LEU A 20 10.20 4.68 -0.84
C LEU A 20 9.90 4.92 -2.33
N LEU A 21 10.86 5.47 -3.07
CA LEU A 21 10.78 5.55 -4.55
C LEU A 21 10.47 4.18 -5.17
N GLN A 22 11.07 3.14 -4.63
CA GLN A 22 10.88 1.81 -5.16
C GLN A 22 9.52 1.24 -4.79
N THR A 23 9.00 1.63 -3.63
CA THR A 23 7.70 1.16 -3.18
C THR A 23 6.55 1.92 -3.84
N GLU A 24 6.74 3.14 -4.27
CA GLU A 24 5.93 3.69 -5.36
C GLU A 24 5.78 2.72 -6.53
N LYS A 25 6.84 2.47 -7.26
CA LYS A 25 6.74 1.68 -8.48
C LYS A 25 6.31 0.23 -8.20
N ALA A 26 6.85 -0.39 -7.15
CA ALA A 26 6.23 -1.57 -6.52
C ALA A 26 4.72 -1.41 -6.29
N TYR A 27 4.26 -0.38 -5.60
CA TYR A 27 2.86 -0.33 -5.15
C TYR A 27 1.91 0.07 -6.27
N VAL A 28 2.30 0.88 -7.23
CA VAL A 28 1.40 1.12 -8.36
C VAL A 28 1.41 -0.07 -9.34
N ARG A 29 2.51 -0.85 -9.39
CA ARG A 29 2.56 -2.03 -10.27
C ARG A 29 1.86 -3.24 -9.62
N ASP A 30 2.08 -3.40 -8.33
CA ASP A 30 1.37 -4.39 -7.53
C ASP A 30 -0.13 -4.05 -7.39
N LEU A 31 -0.54 -2.82 -7.63
CA LEU A 31 -1.98 -2.53 -7.78
C LEU A 31 -2.44 -2.81 -9.21
N HIS A 32 -1.61 -2.44 -10.18
CA HIS A 32 -1.86 -2.75 -11.59
C HIS A 32 -2.15 -4.24 -11.80
N GLU A 33 -1.32 -5.10 -11.23
CA GLU A 33 -1.44 -6.53 -11.47
C GLU A 33 -2.67 -7.09 -10.77
N CYS A 34 -3.06 -6.50 -9.65
CA CYS A 34 -4.19 -6.98 -8.88
C CYS A 34 -5.52 -6.70 -9.59
N LEU A 35 -5.71 -5.51 -10.14
CA LEU A 35 -6.91 -5.25 -10.92
C LEU A 35 -7.01 -6.19 -12.12
N GLU A 36 -5.87 -6.49 -12.73
CA GLU A 36 -5.85 -7.22 -14.00
C GLU A 36 -6.02 -8.73 -13.80
N THR A 37 -5.84 -9.19 -12.57
CA THR A 37 -5.93 -10.61 -12.24
C THR A 37 -7.21 -10.95 -11.49
N TYR A 38 -7.16 -10.90 -10.16
CA TYR A 38 -8.25 -11.37 -9.32
C TYR A 38 -9.50 -10.51 -9.50
N LEU A 39 -9.33 -9.21 -9.72
CA LEU A 39 -10.48 -8.33 -9.80
C LEU A 39 -11.09 -8.37 -11.20
N TRP A 40 -10.24 -8.30 -12.20
CA TRP A 40 -10.63 -8.51 -13.58
C TRP A 40 -11.44 -9.80 -13.76
N GLU A 41 -11.02 -10.94 -13.22
CA GLU A 41 -11.76 -12.18 -13.47
C GLU A 41 -13.12 -12.19 -12.77
N MET A 42 -13.26 -11.50 -11.64
CA MET A 42 -14.52 -11.60 -10.87
C MET A 42 -15.54 -10.61 -11.43
N THR A 43 -15.03 -9.56 -12.07
CA THR A 43 -15.88 -8.53 -12.64
C THR A 43 -16.24 -8.83 -14.10
N SER A 44 -15.43 -9.66 -14.76
CA SER A 44 -15.66 -10.02 -16.15
C SER A 44 -16.39 -11.35 -16.31
N GLY A 45 -16.76 -11.96 -15.19
CA GLY A 45 -17.67 -13.12 -15.22
C GLY A 45 -17.27 -14.19 -16.23
N VAL A 46 -16.02 -14.63 -16.20
CA VAL A 46 -15.51 -15.65 -17.12
C VAL A 46 -15.35 -16.98 -16.37
N GLU A 47 -14.98 -16.91 -15.11
CA GLU A 47 -15.06 -18.06 -14.22
C GLU A 47 -16.30 -17.94 -13.33
N GLU A 48 -16.72 -19.05 -12.78
CA GLU A 48 -17.89 -19.08 -11.91
C GLU A 48 -17.51 -18.67 -10.49
N ILE A 49 -18.14 -17.62 -9.99
CA ILE A 49 -17.82 -17.07 -8.68
C ILE A 49 -18.85 -17.52 -7.65
N PRO A 50 -18.40 -18.01 -6.49
CA PRO A 50 -19.28 -18.43 -5.40
C PRO A 50 -20.28 -17.33 -5.02
N PRO A 51 -21.52 -17.73 -4.68
CA PRO A 51 -22.64 -16.82 -4.40
C PRO A 51 -22.38 -15.82 -3.28
N GLY A 52 -21.27 -15.95 -2.56
CA GLY A 52 -21.01 -15.04 -1.47
C GLY A 52 -20.07 -13.91 -1.86
N ILE A 53 -19.16 -14.15 -2.79
CA ILE A 53 -18.11 -13.17 -3.08
C ILE A 53 -18.22 -12.53 -4.47
N LEU A 54 -19.12 -13.00 -5.33
CA LEU A 54 -19.38 -12.38 -6.65
C LEU A 54 -19.34 -10.86 -6.62
N ASN A 55 -20.44 -10.23 -6.24
CA ASN A 55 -20.49 -8.77 -6.15
C ASN A 55 -19.80 -8.29 -4.88
N LYS A 56 -18.92 -9.11 -4.36
CA LYS A 56 -18.15 -8.81 -3.17
C LYS A 56 -16.70 -8.66 -3.55
N GLU A 57 -16.51 -8.42 -4.85
CA GLU A 57 -15.25 -7.94 -5.39
C GLU A 57 -14.76 -6.74 -4.59
N HIS A 58 -15.70 -5.88 -4.20
CA HIS A 58 -15.39 -4.69 -3.42
C HIS A 58 -15.12 -5.02 -1.94
N ILE A 59 -15.24 -6.29 -1.56
CA ILE A 59 -14.86 -6.73 -0.22
C ILE A 59 -13.51 -7.44 -0.28
N ILE A 60 -13.43 -8.41 -1.20
CA ILE A 60 -12.20 -9.19 -1.41
C ILE A 60 -10.99 -8.29 -1.60
N PHE A 61 -11.11 -7.22 -2.37
CA PHE A 61 -9.98 -6.34 -2.58
C PHE A 61 -10.29 -4.91 -2.18
N GLY A 62 -11.35 -4.73 -1.42
CA GLY A 62 -11.75 -3.40 -0.97
C GLY A 62 -11.93 -2.41 -2.11
N ASN A 63 -11.24 -1.29 -1.99
CA ASN A 63 -11.34 -0.20 -2.97
C ASN A 63 -9.96 0.03 -3.59
N ILE A 64 -9.26 -1.06 -3.93
CA ILE A 64 -7.89 -0.98 -4.45
C ILE A 64 -7.83 -0.33 -5.83
N GLN A 65 -8.94 -0.36 -6.56
CA GLN A 65 -8.97 0.14 -7.93
C GLN A 65 -8.62 1.63 -7.95
N GLU A 66 -9.03 2.33 -6.91
CA GLU A 66 -8.82 3.76 -6.80
C GLU A 66 -7.38 4.05 -6.34
N ILE A 67 -6.77 3.07 -5.69
CA ILE A 67 -5.40 3.22 -5.22
C ILE A 67 -4.41 3.22 -6.39
N TYR A 68 -4.53 2.26 -7.30
CA TYR A 68 -3.69 2.23 -8.50
C TYR A 68 -3.70 3.55 -9.24
N ASP A 69 -4.87 3.93 -9.74
CA ASP A 69 -4.99 5.09 -10.61
C ASP A 69 -4.36 6.29 -9.96
N PHE A 70 -4.78 6.57 -8.75
CA PHE A 70 -4.36 7.77 -8.06
C PHE A 70 -2.87 7.74 -7.72
N HIS A 71 -2.32 6.54 -7.55
CA HIS A 71 -0.90 6.44 -7.20
C HIS A 71 -0.03 6.54 -8.46
N ASN A 72 -0.42 5.90 -9.55
CA ASN A 72 0.34 5.95 -10.79
C ASN A 72 0.31 7.35 -11.42
N ASN A 73 -0.72 8.15 -11.12
CA ASN A 73 -0.79 9.53 -11.67
C ASN A 73 -0.44 10.61 -10.64
N ILE A 74 -0.31 10.24 -9.38
CA ILE A 74 0.14 11.16 -8.33
C ILE A 74 1.35 10.64 -7.54
N PHE A 75 1.18 9.82 -6.51
CA PHE A 75 2.29 9.62 -5.55
C PHE A 75 3.65 9.23 -6.21
N LEU A 76 3.63 8.28 -7.15
CA LEU A 76 4.86 7.87 -7.88
C LEU A 76 5.66 9.08 -8.45
N LYS A 77 5.12 9.72 -9.49
CA LYS A 77 5.57 11.02 -9.99
C LYS A 77 6.14 12.07 -9.07
N GLU A 78 5.52 12.17 -7.90
CA GLU A 78 5.73 13.30 -7.02
C GLU A 78 6.89 12.99 -6.13
N LEU A 79 7.08 11.70 -5.89
CA LEU A 79 8.18 11.26 -5.09
C LEU A 79 9.43 11.22 -5.94
N GLU A 80 9.28 10.92 -7.24
CA GLU A 80 10.43 10.93 -8.14
C GLU A 80 11.00 12.34 -8.24
N LYS A 81 10.25 13.35 -7.80
CA LYS A 81 10.78 14.72 -7.76
C LYS A 81 11.58 14.98 -6.47
N TYR A 82 11.62 14.00 -5.59
CA TYR A 82 12.27 14.10 -4.29
C TYR A 82 13.47 13.16 -4.22
N GLU A 83 13.76 12.55 -5.36
CA GLU A 83 14.87 11.59 -5.45
C GLU A 83 16.19 12.22 -5.01
N GLN A 84 16.30 13.54 -5.23
CA GLN A 84 17.49 14.29 -4.84
C GLN A 84 17.29 15.03 -3.53
N LEU A 85 16.23 14.68 -2.79
CA LEU A 85 15.91 15.39 -1.55
C LEU A 85 14.92 14.60 -0.69
N PRO A 86 15.43 13.66 0.12
CA PRO A 86 14.58 12.85 1.02
C PRO A 86 14.12 13.62 2.25
N GLU A 87 14.63 14.82 2.42
CA GLU A 87 14.18 15.67 3.52
C GLU A 87 12.88 16.37 3.15
N ASP A 88 12.53 16.33 1.86
CA ASP A 88 11.37 17.06 1.35
C ASP A 88 10.14 16.17 1.22
N VAL A 89 10.25 14.91 1.63
CA VAL A 89 9.12 14.00 1.51
C VAL A 89 8.22 14.09 2.73
N GLY A 90 8.60 14.91 3.71
CA GLY A 90 7.65 15.27 4.76
C GLY A 90 6.49 16.04 4.16
N HIS A 91 6.80 16.81 3.13
CA HIS A 91 5.80 17.57 2.36
C HIS A 91 4.85 16.64 1.61
N CYS A 92 5.29 15.42 1.34
CA CYS A 92 4.53 14.50 0.51
C CYS A 92 3.58 13.64 1.34
N PHE A 93 3.91 13.20 2.53
CA PHE A 93 2.90 12.55 3.35
C PHE A 93 1.80 13.53 3.78
N VAL A 94 2.17 14.75 4.14
CA VAL A 94 1.20 15.77 4.56
C VAL A 94 0.36 16.33 3.41
N THR A 95 0.97 16.56 2.24
CA THR A 95 0.25 17.21 1.15
C THR A 95 -1.01 16.41 0.82
N TRP A 96 -0.88 15.12 1.05
CA TRP A 96 -1.86 14.11 0.70
C TRP A 96 -2.36 13.41 1.95
N ALA A 97 -2.15 14.01 3.13
CA ALA A 97 -2.50 13.39 4.38
C ALA A 97 -3.94 12.91 4.38
N ASP A 98 -4.85 13.80 4.00
CA ASP A 98 -6.27 13.46 4.01
C ASP A 98 -6.60 12.30 3.07
N LYS A 99 -5.80 12.12 2.03
CA LYS A 99 -5.99 11.01 1.08
C LYS A 99 -5.68 9.67 1.75
N PHE A 100 -5.00 9.71 2.89
CA PHE A 100 -4.72 8.50 3.64
C PHE A 100 -5.95 8.06 4.44
N GLN A 101 -7.03 8.83 4.35
CA GLN A 101 -8.27 8.42 5.02
C GLN A 101 -8.88 7.22 4.28
N MET A 102 -8.49 7.07 3.03
CA MET A 102 -8.90 5.92 2.23
C MET A 102 -8.32 4.62 2.83
N TYR A 103 -7.20 4.75 3.52
CA TYR A 103 -6.58 3.64 4.25
C TYR A 103 -7.33 3.30 5.54
N VAL A 104 -8.11 4.23 6.12
CA VAL A 104 -8.90 3.86 7.30
C VAL A 104 -10.08 3.00 6.83
N THR A 105 -10.56 3.32 5.63
CA THR A 105 -11.58 2.54 4.96
C THR A 105 -11.05 1.16 4.60
N TYR A 106 -9.91 1.13 3.93
CA TYR A 106 -9.29 -0.10 3.49
C TYR A 106 -9.06 -1.07 4.64
N CYS A 107 -8.50 -0.62 5.76
CA CYS A 107 -8.19 -1.52 6.87
C CYS A 107 -9.45 -2.13 7.49
N LYS A 108 -10.54 -1.37 7.55
CA LYS A 108 -11.75 -1.92 8.17
C LYS A 108 -12.34 -3.05 7.33
N ASN A 109 -12.11 -2.98 6.02
CA ASN A 109 -12.62 -4.02 5.11
C ASN A 109 -11.69 -5.23 5.07
N LYS A 110 -10.48 -5.05 5.59
CA LYS A 110 -9.48 -6.12 5.66
C LYS A 110 -10.04 -7.41 6.29
N PRO A 111 -10.64 -7.36 7.50
CA PRO A 111 -11.16 -8.56 8.16
C PRO A 111 -12.32 -9.21 7.43
N ASP A 112 -13.31 -8.40 7.03
CA ASP A 112 -14.46 -8.95 6.31
C ASP A 112 -14.02 -9.55 4.97
N SER A 113 -13.03 -8.93 4.34
CA SER A 113 -12.36 -9.53 3.18
C SER A 113 -11.83 -10.91 3.53
N ASN A 114 -11.04 -10.96 4.60
CA ASN A 114 -10.45 -12.21 5.10
C ASN A 114 -11.50 -13.29 5.24
N GLN A 115 -12.54 -12.98 6.02
CA GLN A 115 -13.63 -13.90 6.22
C GLN A 115 -14.13 -14.47 4.89
N LEU A 116 -14.41 -13.59 3.95
CA LEU A 116 -14.98 -14.02 2.67
C LEU A 116 -13.99 -14.84 1.87
N ILE A 117 -12.70 -14.51 1.90
CA ILE A 117 -11.73 -15.31 1.16
C ILE A 117 -11.42 -16.63 1.85
N LEU A 118 -11.73 -16.75 3.14
CA LEU A 118 -11.55 -18.02 3.82
C LEU A 118 -12.74 -18.94 3.56
N GLU A 119 -13.90 -18.61 4.13
CA GLU A 119 -15.03 -19.54 4.08
C GLU A 119 -15.69 -19.66 2.71
N HIS A 120 -16.06 -18.55 2.09
CA HIS A 120 -16.90 -18.58 0.90
C HIS A 120 -16.21 -18.14 -0.40
N ALA A 121 -14.95 -17.73 -0.38
CA ALA A 121 -14.28 -17.55 -1.67
C ALA A 121 -13.70 -18.88 -2.14
N GLY A 122 -13.02 -19.53 -1.20
CA GLY A 122 -12.55 -20.88 -1.40
C GLY A 122 -11.22 -20.93 -2.10
N THR A 123 -11.12 -21.85 -3.05
CA THR A 123 -9.86 -22.12 -3.75
C THR A 123 -9.78 -21.39 -5.09
N PHE A 124 -10.81 -20.61 -5.43
CA PHE A 124 -10.99 -20.17 -6.82
C PHE A 124 -9.81 -19.35 -7.36
N PHE A 125 -9.10 -18.64 -6.48
CA PHE A 125 -7.95 -17.83 -6.90
C PHE A 125 -6.70 -18.69 -7.08
N ASP A 126 -6.70 -19.91 -6.55
CA ASP A 126 -5.58 -20.84 -6.69
C ASP A 126 -5.43 -21.27 -8.14
N GLU A 127 -6.56 -21.43 -8.83
CA GLU A 127 -6.50 -21.81 -10.24
C GLU A 127 -6.07 -20.62 -11.11
N ILE A 128 -6.53 -19.41 -10.77
CA ILE A 128 -6.14 -18.22 -11.53
C ILE A 128 -4.66 -17.94 -11.30
N GLN A 129 -4.20 -18.26 -10.09
CA GLN A 129 -2.79 -18.21 -9.75
C GLN A 129 -1.91 -18.77 -10.88
N GLN A 130 -2.18 -20.03 -11.24
CA GLN A 130 -1.33 -20.77 -12.17
C GLN A 130 -1.43 -20.22 -13.59
N ARG A 131 -2.62 -19.73 -13.96
CA ARG A 131 -2.86 -19.33 -15.35
C ARG A 131 -2.05 -18.09 -15.70
N HIS A 132 -1.91 -17.17 -14.74
CA HIS A 132 -1.16 -15.95 -15.00
C HIS A 132 0.29 -16.02 -14.47
N GLY A 133 0.59 -17.01 -13.64
CA GLY A 133 1.92 -17.08 -13.02
C GLY A 133 2.03 -16.19 -11.79
N LEU A 134 0.92 -16.01 -11.07
CA LEU A 134 0.87 -15.12 -9.90
C LEU A 134 1.87 -15.51 -8.80
N ALA A 135 2.04 -16.82 -8.57
CA ALA A 135 3.02 -17.36 -7.63
C ALA A 135 2.63 -17.20 -6.16
N ASN A 136 1.99 -16.10 -5.81
CA ASN A 136 1.69 -15.80 -4.41
C ASN A 136 0.20 -15.81 -4.11
N SER A 137 -0.12 -16.15 -2.87
CA SER A 137 -1.50 -16.22 -2.38
C SER A 137 -2.25 -14.87 -2.50
N ILE A 138 -3.57 -14.93 -2.70
CA ILE A 138 -4.41 -13.72 -2.79
C ILE A 138 -4.29 -12.86 -1.53
N SER A 139 -4.51 -13.49 -0.37
CA SER A 139 -4.41 -12.85 0.93
C SER A 139 -3.16 -11.97 1.02
N SER A 140 -2.09 -12.45 0.43
CA SER A 140 -0.83 -11.71 0.42
C SER A 140 -0.99 -10.33 -0.25
N TYR A 141 -1.55 -10.27 -1.46
CA TYR A 141 -1.66 -8.98 -2.12
C TYR A 141 -2.57 -8.01 -1.35
N LEU A 142 -3.77 -8.49 -0.96
CA LEU A 142 -4.73 -7.62 -0.30
C LEU A 142 -4.28 -7.15 1.08
N ILE A 143 -3.40 -7.91 1.74
CA ILE A 143 -2.88 -7.45 3.03
C ILE A 143 -1.71 -6.48 2.84
N LYS A 144 -1.09 -6.51 1.65
CA LYS A 144 0.10 -5.70 1.37
C LYS A 144 -0.11 -4.21 1.67
N PRO A 145 -1.25 -3.59 1.30
CA PRO A 145 -1.56 -2.22 1.72
C PRO A 145 -1.32 -1.96 3.22
N VAL A 146 -1.43 -2.97 4.06
CA VAL A 146 -1.13 -2.80 5.49
C VAL A 146 0.36 -2.99 5.74
N GLN A 147 1.02 -3.78 4.90
CA GLN A 147 2.47 -3.96 5.00
C GLN A 147 3.20 -2.71 4.52
N ARG A 148 2.64 -2.08 3.49
CA ARG A 148 3.24 -0.89 2.89
C ARG A 148 3.25 0.28 3.87
N VAL A 149 2.19 0.39 4.67
CA VAL A 149 2.06 1.50 5.61
C VAL A 149 2.94 1.27 6.83
N THR A 150 3.36 0.06 7.12
CA THR A 150 4.37 -0.13 8.14
C THR A 150 5.72 0.36 7.62
N LYS A 151 5.99 0.10 6.34
CA LYS A 151 7.22 0.56 5.72
C LYS A 151 7.31 2.08 5.72
N TYR A 152 6.23 2.75 5.36
CA TYR A 152 6.12 4.20 5.51
C TYR A 152 6.41 4.64 6.93
N GLN A 153 6.01 3.86 7.94
CA GLN A 153 6.34 4.22 9.32
C GLN A 153 7.84 4.09 9.55
N LEU A 154 8.38 2.99 9.06
CA LEU A 154 9.81 2.68 9.15
C LEU A 154 10.69 3.82 8.60
N LEU A 155 10.49 4.21 7.33
CA LEU A 155 11.40 5.17 6.69
C LEU A 155 11.16 6.60 7.16
N LEU A 156 9.91 6.98 7.38
CA LEU A 156 9.60 8.29 7.92
C LEU A 156 10.12 8.46 9.36
N LYS A 157 10.23 7.38 10.12
CA LYS A 157 10.90 7.47 11.43
C LYS A 157 12.36 7.86 11.25
N GLU A 158 12.93 7.42 10.14
CA GLU A 158 14.34 7.66 9.82
C GLU A 158 14.59 9.15 9.63
N LEU A 159 13.80 9.78 8.78
CA LEU A 159 14.06 11.17 8.40
C LEU A 159 13.82 12.11 9.60
N LEU A 160 12.76 11.87 10.35
CA LEU A 160 12.38 12.77 11.45
C LEU A 160 13.29 12.65 12.67
N THR A 161 14.11 11.62 12.76
CA THR A 161 15.16 11.62 13.78
C THR A 161 16.48 12.11 13.21
N CYS A 162 16.51 12.39 11.92
CA CYS A 162 17.70 12.97 11.29
C CYS A 162 17.57 14.48 11.11
N CYS A 163 16.53 14.91 10.39
CA CYS A 163 16.33 16.32 10.07
C CYS A 163 16.18 17.20 11.30
N GLU A 164 17.28 17.87 11.66
CA GLU A 164 17.32 18.87 12.72
C GLU A 164 16.58 18.47 14.00
N GLU A 165 16.57 17.17 14.27
CA GLU A 165 15.80 16.60 15.37
C GLU A 165 14.35 17.12 15.34
N GLY A 166 13.75 17.00 14.17
CA GLY A 166 12.34 17.37 14.00
C GLY A 166 12.13 18.73 13.36
N LYS A 167 12.63 18.91 12.13
CA LYS A 167 12.32 20.11 11.32
C LYS A 167 10.85 20.54 11.48
N GLY A 168 9.92 19.61 11.33
CA GLY A 168 8.52 19.90 11.58
C GLY A 168 7.55 19.05 10.75
N GLU A 169 7.48 19.28 9.43
CA GLU A 169 6.49 18.58 8.57
C GLU A 169 6.58 17.06 8.73
N LEU A 170 7.78 16.59 9.06
CA LEU A 170 8.02 15.19 9.34
C LEU A 170 7.09 14.65 10.43
N LYS A 171 6.89 15.42 11.49
CA LYS A 171 6.05 14.98 12.60
C LYS A 171 4.59 15.01 12.19
N ASP A 172 4.20 16.00 11.40
CA ASP A 172 2.83 16.05 10.89
C ASP A 172 2.60 14.89 9.93
N GLY A 173 3.59 14.62 9.08
CA GLY A 173 3.50 13.48 8.18
C GLY A 173 3.41 12.18 8.94
N LEU A 174 4.02 12.14 10.09
CA LEU A 174 3.91 11.00 10.98
C LEU A 174 2.52 10.87 11.60
N GLU A 175 2.04 11.94 12.24
CA GLU A 175 0.76 11.91 12.97
C GLU A 175 -0.39 11.41 12.08
N VAL A 176 -0.43 11.89 10.85
CA VAL A 176 -1.43 11.46 9.88
C VAL A 176 -1.35 9.96 9.63
N MET A 177 -0.13 9.48 9.44
CA MET A 177 0.14 8.08 9.12
C MET A 177 -0.22 7.17 10.27
N LEU A 178 -0.06 7.66 11.50
CA LEU A 178 -0.36 6.85 12.68
C LEU A 178 -1.85 6.87 12.99
N SER A 179 -2.50 7.95 12.59
CA SER A 179 -3.89 8.16 12.97
C SER A 179 -4.83 7.33 12.10
N VAL A 180 -4.34 6.91 10.94
CA VAL A 180 -5.16 6.13 10.01
C VAL A 180 -5.54 4.77 10.58
N PRO A 181 -4.59 3.84 10.83
CA PRO A 181 -4.94 2.54 11.38
C PRO A 181 -5.53 2.66 12.79
N LYS A 182 -5.17 3.73 13.48
CA LYS A 182 -5.70 4.03 14.80
C LYS A 182 -7.19 4.33 14.69
N LYS A 183 -7.53 5.21 13.75
CA LYS A 183 -8.91 5.59 13.47
C LYS A 183 -9.79 4.39 13.26
N ALA A 184 -9.24 3.39 12.56
CA ALA A 184 -9.99 2.22 12.15
C ALA A 184 -10.47 1.42 13.35
N ASN A 185 -9.69 1.49 14.42
CA ASN A 185 -10.08 0.85 15.67
C ASN A 185 -11.22 1.60 16.32
N ASP A 186 -11.10 2.92 16.37
CA ASP A 186 -12.14 3.77 16.94
C ASP A 186 -13.44 3.57 16.17
N ALA A 187 -13.30 3.53 14.85
CA ALA A 187 -14.44 3.36 13.96
C ALA A 187 -15.08 1.99 14.09
N MET A 188 -14.29 0.92 13.94
CA MET A 188 -14.88 -0.41 13.89
C MET A 188 -14.06 -1.47 14.65
N HIS A 189 -14.08 -1.47 15.97
CA HIS A 189 -13.28 -2.45 16.72
C HIS A 189 -14.14 -3.64 17.17
N VAL A 190 -14.45 -4.50 16.22
CA VAL A 190 -15.25 -5.68 16.50
C VAL A 190 -14.36 -6.90 16.78
N GLY A 1 35.25 -8.48 20.73
CA GLY A 1 36.29 -8.21 21.76
C GLY A 1 36.39 -9.31 22.80
N PRO A 2 36.71 -8.97 24.05
CA PRO A 2 36.94 -9.93 25.14
C PRO A 2 35.66 -10.45 25.78
N LEU A 3 34.59 -10.53 25.01
CA LEU A 3 33.27 -10.86 25.57
C LEU A 3 32.23 -10.89 24.45
N GLY A 4 30.96 -10.95 24.82
CA GLY A 4 29.88 -10.83 23.85
C GLY A 4 30.07 -9.66 22.92
N SER A 5 30.52 -8.54 23.50
CA SER A 5 30.92 -7.36 22.76
C SER A 5 29.73 -6.58 22.20
N PRO A 6 29.31 -5.54 22.91
CA PRO A 6 28.26 -4.63 22.44
C PRO A 6 28.75 -3.80 21.27
N GLU A 7 28.44 -4.25 20.07
CA GLU A 7 28.86 -3.55 18.87
C GLU A 7 27.82 -2.50 18.48
N PHE A 8 28.24 -1.51 17.73
CA PHE A 8 27.30 -0.55 17.14
C PHE A 8 27.47 -0.59 15.62
N PRO A 9 27.00 -1.66 14.96
CA PRO A 9 27.17 -1.83 13.52
C PRO A 9 26.21 -0.97 12.71
N GLY A 10 26.12 0.32 13.04
CA GLY A 10 25.17 1.20 12.38
C GLY A 10 25.32 1.20 10.88
N ARG A 11 24.21 1.30 10.17
CA ARG A 11 24.20 1.16 8.75
C ARG A 11 23.29 2.23 8.17
N LYS A 12 23.84 3.30 7.61
CA LYS A 12 23.04 4.47 7.34
C LYS A 12 23.60 5.24 6.15
N LYS A 13 22.90 5.22 5.02
CA LYS A 13 23.36 5.94 3.84
C LYS A 13 22.25 6.72 3.16
N GLU A 14 21.72 6.18 2.06
CA GLU A 14 20.73 6.90 1.26
C GLU A 14 19.72 5.90 0.70
N PHE A 15 19.99 4.62 1.00
CA PHE A 15 19.25 3.50 0.45
C PHE A 15 17.82 3.41 0.96
N ILE A 16 17.38 4.37 1.77
CA ILE A 16 16.09 4.25 2.39
C ILE A 16 15.08 5.11 1.65
N MET A 17 15.50 6.27 1.15
CA MET A 17 14.69 6.99 0.17
C MET A 17 14.46 6.15 -1.08
N ALA A 18 15.42 5.32 -1.44
CA ALA A 18 15.26 4.45 -2.60
C ALA A 18 14.28 3.36 -2.27
N GLU A 19 14.26 2.97 -1.01
CA GLU A 19 13.25 2.06 -0.48
C GLU A 19 11.85 2.65 -0.59
N LEU A 20 11.68 3.96 -0.58
CA LEU A 20 10.33 4.48 -0.70
C LEU A 20 10.01 4.71 -2.18
N LEU A 21 10.99 5.22 -2.92
CA LEU A 21 10.92 5.29 -4.39
C LEU A 21 10.64 3.92 -5.02
N GLN A 22 11.22 2.86 -4.49
CA GLN A 22 11.02 1.52 -5.05
C GLN A 22 9.66 0.95 -4.67
N THR A 23 9.17 1.27 -3.47
CA THR A 23 7.89 0.74 -2.98
C THR A 23 6.70 1.45 -3.61
N GLU A 24 6.80 2.71 -3.99
CA GLU A 24 5.96 3.22 -5.09
C GLU A 24 5.85 2.25 -6.26
N LYS A 25 6.93 2.01 -6.98
CA LYS A 25 6.84 1.20 -8.20
C LYS A 25 6.36 -0.23 -7.90
N ALA A 26 6.93 -0.87 -6.89
CA ALA A 26 6.37 -2.09 -6.30
C ALA A 26 4.88 -1.99 -5.93
N TYR A 27 4.40 -0.84 -5.50
CA TYR A 27 2.99 -0.72 -5.08
C TYR A 27 2.09 -0.40 -6.27
N VAL A 28 2.45 0.52 -7.15
CA VAL A 28 1.62 0.78 -8.32
C VAL A 28 1.62 -0.41 -9.32
N ARG A 29 2.71 -1.18 -9.37
CA ARG A 29 2.76 -2.35 -10.28
C ARG A 29 1.97 -3.53 -9.70
N ASP A 30 2.09 -3.73 -8.40
CA ASP A 30 1.34 -4.77 -7.69
C ASP A 30 -0.14 -4.38 -7.56
N LEU A 31 -0.51 -3.13 -7.79
CA LEU A 31 -1.93 -2.80 -7.91
C LEU A 31 -2.41 -3.06 -9.33
N HIS A 32 -1.63 -2.59 -10.31
CA HIS A 32 -1.91 -2.84 -11.74
C HIS A 32 -2.19 -4.31 -12.02
N GLU A 33 -1.34 -5.20 -11.53
CA GLU A 33 -1.49 -6.64 -11.85
C GLU A 33 -2.69 -7.23 -11.11
N CYS A 34 -2.99 -6.70 -9.94
CA CYS A 34 -4.09 -7.22 -9.13
C CYS A 34 -5.46 -6.91 -9.76
N LEU A 35 -5.66 -5.70 -10.28
CA LEU A 35 -6.89 -5.41 -11.02
C LEU A 35 -7.08 -6.35 -12.20
N GLU A 36 -5.97 -6.63 -12.88
CA GLU A 36 -6.01 -7.38 -14.13
C GLU A 36 -6.21 -8.87 -13.92
N THR A 37 -5.91 -9.36 -12.73
CA THR A 37 -6.01 -10.77 -12.45
C THR A 37 -7.23 -11.11 -11.61
N TYR A 38 -7.14 -10.92 -10.30
CA TYR A 38 -8.19 -11.37 -9.38
C TYR A 38 -9.44 -10.51 -9.49
N LEU A 39 -9.30 -9.24 -9.84
CA LEU A 39 -10.46 -8.35 -9.87
C LEU A 39 -11.14 -8.43 -11.23
N TRP A 40 -10.36 -8.32 -12.30
CA TRP A 40 -10.83 -8.52 -13.66
C TRP A 40 -11.64 -9.81 -13.80
N GLU A 41 -11.20 -10.96 -13.29
CA GLU A 41 -11.92 -12.20 -13.55
C GLU A 41 -13.23 -12.28 -12.74
N MET A 42 -13.36 -11.51 -11.66
CA MET A 42 -14.61 -11.56 -10.88
C MET A 42 -15.64 -10.59 -11.45
N THR A 43 -15.15 -9.50 -12.04
CA THR A 43 -16.02 -8.50 -12.66
C THR A 43 -16.36 -8.85 -14.11
N SER A 44 -15.59 -9.74 -14.71
CA SER A 44 -15.83 -10.13 -16.11
C SER A 44 -16.69 -11.40 -16.22
N GLY A 45 -17.01 -11.99 -15.07
CA GLY A 45 -17.97 -13.08 -15.02
C GLY A 45 -17.62 -14.25 -15.92
N VAL A 46 -16.35 -14.65 -15.97
CA VAL A 46 -15.90 -15.69 -16.88
C VAL A 46 -15.68 -17.00 -16.12
N GLU A 47 -15.62 -16.89 -14.81
CA GLU A 47 -15.60 -18.05 -13.93
C GLU A 47 -16.81 -17.99 -13.02
N GLU A 48 -17.20 -19.12 -12.47
CA GLU A 48 -18.31 -19.18 -11.53
C GLU A 48 -17.82 -18.75 -10.15
N ILE A 49 -18.33 -17.61 -9.71
CA ILE A 49 -17.94 -17.02 -8.45
C ILE A 49 -18.94 -17.41 -7.38
N PRO A 50 -18.47 -17.96 -6.25
CA PRO A 50 -19.34 -18.36 -5.14
C PRO A 50 -20.26 -17.21 -4.70
N PRO A 51 -21.49 -17.57 -4.31
CA PRO A 51 -22.55 -16.61 -3.95
C PRO A 51 -22.17 -15.62 -2.85
N GLY A 52 -21.02 -15.81 -2.22
CA GLY A 52 -20.62 -14.93 -1.15
C GLY A 52 -19.69 -13.82 -1.59
N ILE A 53 -18.88 -14.04 -2.63
CA ILE A 53 -17.85 -13.06 -2.96
C ILE A 53 -18.05 -12.37 -4.32
N LEU A 54 -18.97 -12.86 -5.15
CA LEU A 54 -19.26 -12.23 -6.46
C LEU A 54 -19.30 -10.71 -6.41
N ASN A 55 -20.42 -10.13 -6.01
CA ASN A 55 -20.53 -8.67 -5.86
C ASN A 55 -19.81 -8.20 -4.59
N LYS A 56 -18.85 -9.00 -4.17
CA LYS A 56 -17.99 -8.70 -3.05
C LYS A 56 -16.56 -8.53 -3.51
N GLU A 57 -16.41 -8.26 -4.81
CA GLU A 57 -15.13 -7.83 -5.36
C GLU A 57 -14.56 -6.66 -4.55
N HIS A 58 -15.47 -5.80 -4.09
CA HIS A 58 -15.12 -4.61 -3.32
C HIS A 58 -14.84 -4.97 -1.85
N ILE A 59 -15.00 -6.24 -1.50
CA ILE A 59 -14.65 -6.73 -0.16
C ILE A 59 -13.31 -7.47 -0.26
N ILE A 60 -13.27 -8.43 -1.18
CA ILE A 60 -12.05 -9.21 -1.44
C ILE A 60 -10.84 -8.30 -1.66
N PHE A 61 -10.94 -7.26 -2.47
CA PHE A 61 -9.79 -6.41 -2.66
C PHE A 61 -10.07 -4.97 -2.27
N GLY A 62 -11.15 -4.75 -1.54
CA GLY A 62 -11.51 -3.42 -1.09
C GLY A 62 -11.73 -2.45 -2.23
N ASN A 63 -11.05 -1.32 -2.16
CA ASN A 63 -11.20 -0.25 -3.13
C ASN A 63 -9.86 -0.04 -3.85
N ILE A 64 -9.19 -1.14 -4.20
CA ILE A 64 -7.82 -1.11 -4.71
C ILE A 64 -7.71 -0.44 -6.10
N GLN A 65 -8.79 -0.48 -6.87
CA GLN A 65 -8.76 0.07 -8.23
C GLN A 65 -8.39 1.54 -8.21
N GLU A 66 -8.84 2.22 -7.16
CA GLU A 66 -8.61 3.65 -7.02
C GLU A 66 -7.17 3.92 -6.59
N ILE A 67 -6.59 2.96 -5.88
CA ILE A 67 -5.23 3.07 -5.38
C ILE A 67 -4.22 3.07 -6.53
N TYR A 68 -4.31 2.10 -7.45
CA TYR A 68 -3.46 2.10 -8.63
C TYR A 68 -3.49 3.44 -9.34
N ASP A 69 -4.69 3.83 -9.75
CA ASP A 69 -4.89 4.99 -10.59
C ASP A 69 -4.27 6.23 -9.96
N PHE A 70 -4.56 6.43 -8.68
CA PHE A 70 -4.13 7.63 -7.98
C PHE A 70 -2.62 7.65 -7.71
N HIS A 71 -2.00 6.47 -7.59
CA HIS A 71 -0.56 6.45 -7.35
C HIS A 71 0.25 6.56 -8.65
N ASN A 72 -0.12 5.78 -9.68
CA ASN A 72 0.61 5.78 -10.95
C ASN A 72 0.70 7.18 -11.57
N ASN A 73 -0.27 8.05 -11.30
CA ASN A 73 -0.23 9.41 -11.87
C ASN A 73 0.15 10.48 -10.85
N ILE A 74 0.11 10.16 -9.56
CA ILE A 74 0.44 11.14 -8.52
C ILE A 74 1.58 10.66 -7.60
N PHE A 75 1.28 9.87 -6.59
CA PHE A 75 2.23 9.65 -5.49
C PHE A 75 3.62 9.18 -6.00
N LEU A 76 3.66 8.20 -6.91
CA LEU A 76 4.92 7.81 -7.53
C LEU A 76 5.66 9.00 -8.16
N LYS A 77 5.04 9.63 -9.17
CA LYS A 77 5.68 10.73 -9.90
C LYS A 77 5.80 12.01 -9.09
N GLU A 78 5.33 11.98 -7.85
CA GLU A 78 5.55 13.10 -6.95
C GLU A 78 6.79 12.81 -6.13
N LEU A 79 6.98 11.53 -5.84
CA LEU A 79 8.07 11.08 -4.97
C LEU A 79 9.41 11.10 -5.69
N GLU A 80 9.43 10.68 -6.96
CA GLU A 80 10.68 10.66 -7.73
C GLU A 80 11.27 12.07 -7.82
N LYS A 81 10.47 13.09 -7.49
CA LYS A 81 10.95 14.46 -7.49
C LYS A 81 11.67 14.78 -6.18
N TYR A 82 11.68 13.82 -5.28
CA TYR A 82 12.28 13.97 -3.94
C TYR A 82 13.48 13.03 -3.83
N GLU A 83 13.82 12.42 -4.96
CA GLU A 83 14.95 11.49 -5.01
C GLU A 83 16.25 12.18 -4.60
N GLN A 84 16.32 13.49 -4.82
CA GLN A 84 17.49 14.28 -4.42
C GLN A 84 17.26 14.97 -3.08
N LEU A 85 16.17 14.64 -2.41
CA LEU A 85 15.80 15.35 -1.18
C LEU A 85 14.79 14.56 -0.34
N PRO A 86 15.27 13.61 0.46
CA PRO A 86 14.42 12.85 1.38
C PRO A 86 13.96 13.69 2.56
N GLU A 87 14.50 14.89 2.66
CA GLU A 87 14.09 15.82 3.69
C GLU A 87 12.74 16.46 3.31
N ASP A 88 12.35 16.31 2.04
CA ASP A 88 11.16 17.01 1.56
C ASP A 88 9.93 16.10 1.48
N VAL A 89 10.07 14.82 1.89
CA VAL A 89 8.95 13.90 1.75
C VAL A 89 8.04 13.97 2.97
N GLY A 90 8.44 14.72 3.98
CA GLY A 90 7.55 15.00 5.08
C GLY A 90 6.38 15.87 4.61
N HIS A 91 6.68 16.72 3.63
CA HIS A 91 5.67 17.60 3.02
C HIS A 91 4.73 16.80 2.10
N CYS A 92 5.14 15.60 1.76
CA CYS A 92 4.39 14.72 0.84
C CYS A 92 3.39 13.84 1.59
N PHE A 93 3.72 13.29 2.74
CA PHE A 93 2.71 12.55 3.49
C PHE A 93 1.58 13.48 3.96
N VAL A 94 1.92 14.72 4.29
CA VAL A 94 0.93 15.73 4.68
C VAL A 94 0.18 16.35 3.49
N THR A 95 0.85 16.51 2.35
CA THR A 95 0.22 17.18 1.21
C THR A 95 -1.11 16.49 0.87
N TRP A 96 -1.07 15.19 1.11
CA TRP A 96 -2.09 14.23 0.74
C TRP A 96 -2.65 13.56 1.98
N ALA A 97 -2.45 14.17 3.14
CA ALA A 97 -2.81 13.57 4.42
C ALA A 97 -4.28 13.16 4.45
N ASP A 98 -5.15 14.08 4.05
CA ASP A 98 -6.59 13.83 4.08
C ASP A 98 -6.98 12.69 3.14
N LYS A 99 -6.20 12.46 2.10
CA LYS A 99 -6.45 11.35 1.17
C LYS A 99 -6.09 10.01 1.83
N PHE A 100 -5.34 10.04 2.93
CA PHE A 100 -4.98 8.81 3.63
C PHE A 100 -6.16 8.28 4.44
N GLN A 101 -7.29 8.99 4.41
CA GLN A 101 -8.51 8.48 5.03
C GLN A 101 -9.06 7.31 4.20
N MET A 102 -8.60 7.19 2.97
CA MET A 102 -8.93 6.04 2.14
C MET A 102 -8.28 4.78 2.70
N TYR A 103 -7.18 4.96 3.43
CA TYR A 103 -6.50 3.85 4.10
C TYR A 103 -7.21 3.46 5.39
N VAL A 104 -8.04 4.33 5.97
CA VAL A 104 -8.83 3.92 7.12
C VAL A 104 -10.01 3.10 6.62
N THR A 105 -10.47 3.44 5.42
CA THR A 105 -11.49 2.67 4.73
C THR A 105 -10.99 1.27 4.41
N TYR A 106 -9.86 1.23 3.71
CA TYR A 106 -9.27 -0.03 3.24
C TYR A 106 -9.09 -1.03 4.39
N CYS A 107 -8.52 -0.61 5.51
CA CYS A 107 -8.20 -1.54 6.58
C CYS A 107 -9.44 -2.09 7.27
N LYS A 108 -10.53 -1.31 7.32
CA LYS A 108 -11.74 -1.79 8.00
C LYS A 108 -12.33 -2.97 7.25
N ASN A 109 -12.18 -2.96 5.93
CA ASN A 109 -12.71 -4.03 5.09
C ASN A 109 -11.78 -5.23 5.04
N LYS A 110 -10.56 -5.04 5.55
CA LYS A 110 -9.55 -6.10 5.53
C LYS A 110 -10.06 -7.41 6.19
N PRO A 111 -10.56 -7.37 7.44
CA PRO A 111 -11.02 -8.59 8.14
C PRO A 111 -12.24 -9.24 7.48
N ASP A 112 -13.22 -8.44 7.07
CA ASP A 112 -14.40 -9.02 6.42
C ASP A 112 -14.02 -9.59 5.06
N SER A 113 -13.04 -8.96 4.42
CA SER A 113 -12.39 -9.53 3.25
C SER A 113 -11.83 -10.92 3.56
N ASN A 114 -11.04 -10.98 4.63
CA ASN A 114 -10.42 -12.22 5.07
C ASN A 114 -11.46 -13.31 5.20
N GLN A 115 -12.47 -13.04 6.02
CA GLN A 115 -13.57 -13.97 6.22
C GLN A 115 -14.06 -14.52 4.89
N LEU A 116 -14.30 -13.63 3.94
CA LEU A 116 -14.88 -14.05 2.67
C LEU A 116 -13.87 -14.84 1.85
N ILE A 117 -12.59 -14.48 1.87
CA ILE A 117 -11.62 -15.23 1.07
C ILE A 117 -11.32 -16.60 1.69
N LEU A 118 -11.57 -16.75 2.98
CA LEU A 118 -11.34 -18.03 3.64
C LEU A 118 -12.51 -18.98 3.39
N GLU A 119 -13.67 -18.66 3.95
CA GLU A 119 -14.78 -19.60 3.93
C GLU A 119 -15.53 -19.66 2.59
N HIS A 120 -15.89 -18.52 1.99
CA HIS A 120 -16.73 -18.53 0.79
C HIS A 120 -16.00 -18.11 -0.49
N ALA A 121 -14.73 -17.75 -0.45
CA ALA A 121 -14.04 -17.54 -1.72
C ALA A 121 -13.47 -18.87 -2.22
N GLY A 122 -12.71 -19.51 -1.34
CA GLY A 122 -12.16 -20.82 -1.62
C GLY A 122 -11.02 -20.80 -2.66
N THR A 123 -10.46 -21.99 -2.95
CA THR A 123 -9.42 -22.21 -3.97
C THR A 123 -9.61 -21.51 -5.34
N PHE A 124 -10.70 -20.78 -5.56
CA PHE A 124 -11.00 -20.26 -6.90
C PHE A 124 -9.85 -19.41 -7.48
N PHE A 125 -9.12 -18.73 -6.60
CA PHE A 125 -7.99 -17.91 -7.03
C PHE A 125 -6.74 -18.75 -7.32
N ASP A 126 -6.68 -19.95 -6.76
CA ASP A 126 -5.55 -20.85 -6.98
C ASP A 126 -5.50 -21.31 -8.44
N GLU A 127 -6.68 -21.43 -9.06
CA GLU A 127 -6.73 -21.82 -10.45
C GLU A 127 -6.37 -20.66 -11.36
N ILE A 128 -6.84 -19.45 -11.02
CA ILE A 128 -6.47 -18.24 -11.77
C ILE A 128 -4.97 -18.01 -11.66
N GLN A 129 -4.43 -18.35 -10.51
CA GLN A 129 -3.00 -18.31 -10.27
C GLN A 129 -2.23 -18.99 -11.40
N GLN A 130 -2.64 -20.21 -11.72
CA GLN A 130 -1.90 -21.07 -12.64
C GLN A 130 -2.09 -20.64 -14.09
N ARG A 131 -3.12 -19.85 -14.35
CA ARG A 131 -3.37 -19.39 -15.71
C ARG A 131 -2.48 -18.19 -16.03
N HIS A 132 -2.39 -17.26 -15.09
CA HIS A 132 -1.64 -16.04 -15.34
C HIS A 132 -0.19 -16.10 -14.83
N GLY A 133 0.14 -17.11 -14.03
CA GLY A 133 1.49 -17.20 -13.46
C GLY A 133 1.67 -16.32 -12.24
N LEU A 134 0.61 -16.17 -11.46
CA LEU A 134 0.59 -15.27 -10.29
C LEU A 134 1.65 -15.63 -9.26
N ALA A 135 1.85 -16.93 -9.05
CA ALA A 135 2.84 -17.49 -8.13
C ALA A 135 2.51 -17.28 -6.63
N ASN A 136 1.95 -16.14 -6.29
CA ASN A 136 1.73 -15.80 -4.89
C ASN A 136 0.25 -15.74 -4.54
N SER A 137 -0.05 -16.09 -3.29
CA SER A 137 -1.41 -16.14 -2.76
C SER A 137 -2.13 -14.80 -2.84
N ILE A 138 -3.46 -14.84 -2.93
CA ILE A 138 -4.29 -13.64 -2.97
C ILE A 138 -4.11 -12.79 -1.70
N SER A 139 -4.25 -13.45 -0.56
CA SER A 139 -4.06 -12.84 0.75
C SER A 139 -2.81 -11.96 0.79
N SER A 140 -1.78 -12.41 0.09
CA SER A 140 -0.53 -11.69 0.03
C SER A 140 -0.72 -10.29 -0.56
N TYR A 141 -1.33 -10.19 -1.73
CA TYR A 141 -1.49 -8.88 -2.36
C TYR A 141 -2.42 -7.96 -1.57
N LEU A 142 -3.59 -8.44 -1.16
CA LEU A 142 -4.54 -7.58 -0.45
C LEU A 142 -4.00 -7.08 0.89
N ILE A 143 -3.06 -7.81 1.50
CA ILE A 143 -2.46 -7.32 2.75
C ILE A 143 -1.26 -6.41 2.48
N LYS A 144 -0.79 -6.39 1.22
CA LYS A 144 0.32 -5.52 0.79
C LYS A 144 0.14 -4.06 1.25
N PRO A 145 -1.03 -3.42 0.98
CA PRO A 145 -1.32 -2.06 1.44
C PRO A 145 -0.95 -1.84 2.91
N VAL A 146 -1.16 -2.84 3.74
CA VAL A 146 -0.91 -2.71 5.19
C VAL A 146 0.57 -2.99 5.49
N GLN A 147 1.24 -3.71 4.61
CA GLN A 147 2.70 -3.80 4.69
C GLN A 147 3.32 -2.44 4.37
N ARG A 148 2.71 -1.75 3.40
CA ARG A 148 3.23 -0.46 2.94
C ARG A 148 3.07 0.62 4.01
N VAL A 149 1.96 0.58 4.76
CA VAL A 149 1.69 1.62 5.76
C VAL A 149 2.60 1.46 6.96
N THR A 150 3.12 0.26 7.21
CA THR A 150 4.13 0.13 8.24
C THR A 150 5.46 0.65 7.71
N LYS A 151 5.71 0.45 6.42
CA LYS A 151 6.95 0.89 5.79
C LYS A 151 7.05 2.42 5.83
N TYR A 152 5.95 3.10 5.52
CA TYR A 152 5.86 4.55 5.71
C TYR A 152 6.31 4.96 7.10
N GLN A 153 5.90 4.21 8.11
CA GLN A 153 6.22 4.59 9.49
C GLN A 153 7.71 4.34 9.75
N LEU A 154 8.21 3.25 9.19
CA LEU A 154 9.61 2.86 9.26
C LEU A 154 10.56 3.97 8.80
N LEU A 155 10.45 4.33 7.52
CA LEU A 155 11.41 5.24 6.89
C LEU A 155 11.22 6.69 7.34
N LEU A 156 9.98 7.09 7.56
CA LEU A 156 9.66 8.39 8.10
C LEU A 156 10.23 8.58 9.51
N LYS A 157 10.43 7.50 10.25
CA LYS A 157 11.15 7.60 11.54
C LYS A 157 12.60 8.05 11.28
N GLU A 158 13.17 7.52 10.20
CA GLU A 158 14.55 7.81 9.81
C GLU A 158 14.77 9.28 9.53
N LEU A 159 13.74 9.97 9.04
CA LEU A 159 13.91 11.39 8.74
C LEU A 159 13.55 12.24 9.96
N LEU A 160 12.44 11.92 10.62
CA LEU A 160 11.96 12.72 11.74
C LEU A 160 12.76 12.50 13.02
N THR A 161 13.57 11.43 13.07
CA THR A 161 14.36 11.05 14.24
C THR A 161 14.87 12.22 15.10
N CYS A 162 15.34 13.28 14.45
CA CYS A 162 16.02 14.39 15.14
C CYS A 162 15.61 15.76 14.59
N CYS A 163 15.77 15.94 13.27
CA CYS A 163 15.46 17.17 12.55
C CYS A 163 14.32 18.00 13.15
N GLU A 164 14.64 19.25 13.45
CA GLU A 164 13.67 20.21 13.97
C GLU A 164 13.97 21.61 13.45
N GLU A 165 14.75 21.67 12.38
CA GLU A 165 15.23 22.92 11.82
C GLU A 165 14.44 23.25 10.55
N GLY A 166 13.45 22.44 10.25
CA GLY A 166 12.70 22.59 9.02
C GLY A 166 11.22 22.39 9.22
N LYS A 167 10.74 22.81 10.39
CA LYS A 167 9.32 22.70 10.77
C LYS A 167 8.86 21.24 10.92
N GLY A 168 7.95 21.02 11.86
CA GLY A 168 7.54 19.66 12.21
C GLY A 168 6.54 19.03 11.26
N GLU A 169 6.60 19.35 9.97
CA GLU A 169 5.78 18.64 8.97
C GLU A 169 6.07 17.15 8.99
N LEU A 170 7.26 16.78 9.46
CA LEU A 170 7.62 15.36 9.60
C LEU A 170 6.77 14.70 10.68
N LYS A 171 6.54 15.44 11.76
CA LYS A 171 5.73 14.92 12.85
C LYS A 171 4.27 14.93 12.46
N ASP A 172 3.82 15.95 11.74
CA ASP A 172 2.46 15.94 11.19
C ASP A 172 2.31 14.81 10.19
N GLY A 173 3.32 14.62 9.34
CA GLY A 173 3.32 13.53 8.39
C GLY A 173 3.26 12.18 9.06
N LEU A 174 3.86 12.11 10.23
CA LEU A 174 3.79 10.93 11.06
C LEU A 174 2.40 10.77 11.69
N GLU A 175 1.91 11.82 12.36
CA GLU A 175 0.65 11.75 13.10
C GLU A 175 -0.51 11.30 12.22
N VAL A 176 -0.57 11.84 11.01
CA VAL A 176 -1.56 11.42 10.02
C VAL A 176 -1.48 9.92 9.75
N MET A 177 -0.25 9.44 9.56
CA MET A 177 -0.01 8.04 9.24
C MET A 177 -0.41 7.12 10.40
N LEU A 178 -0.29 7.60 11.63
CA LEU A 178 -0.57 6.76 12.80
C LEU A 178 -2.04 6.83 13.15
N SER A 179 -2.71 7.88 12.72
CA SER A 179 -4.08 8.10 13.10
C SER A 179 -5.02 7.31 12.20
N VAL A 180 -4.54 6.94 11.01
CA VAL A 180 -5.36 6.22 10.05
C VAL A 180 -5.76 4.82 10.56
N PRO A 181 -4.81 3.88 10.77
CA PRO A 181 -5.17 2.55 11.29
C PRO A 181 -5.77 2.63 12.69
N LYS A 182 -5.43 3.68 13.41
CA LYS A 182 -6.00 3.93 14.73
C LYS A 182 -7.48 4.25 14.57
N LYS A 183 -7.79 5.12 13.60
CA LYS A 183 -9.15 5.50 13.32
C LYS A 183 -10.03 4.30 13.03
N ALA A 184 -9.47 3.33 12.33
CA ALA A 184 -10.22 2.16 11.88
C ALA A 184 -10.74 1.37 13.08
N ASN A 185 -9.97 1.43 14.16
CA ASN A 185 -10.28 0.73 15.41
C ASN A 185 -11.36 1.49 16.17
N ASP A 186 -11.39 2.80 15.96
CA ASP A 186 -12.32 3.69 16.66
C ASP A 186 -13.65 3.77 15.91
N ALA A 187 -13.58 3.91 14.60
CA ALA A 187 -14.76 3.91 13.74
C ALA A 187 -15.51 2.59 13.83
N MET A 188 -14.76 1.48 13.76
CA MET A 188 -15.36 0.16 13.87
C MET A 188 -14.66 -0.64 14.95
N HIS A 189 -15.33 -0.78 16.09
CA HIS A 189 -14.80 -1.50 17.23
C HIS A 189 -15.84 -2.47 17.77
N VAL A 190 -15.65 -3.74 17.49
CA VAL A 190 -16.55 -4.77 17.99
C VAL A 190 -16.08 -5.28 19.35
N GLY A 1 29.27 -0.20 15.57
CA GLY A 1 30.75 -0.19 15.53
C GLY A 1 31.30 -1.25 14.61
N PRO A 2 32.37 -1.97 15.03
CA PRO A 2 32.98 -3.02 14.22
C PRO A 2 32.09 -4.27 14.14
N LEU A 3 31.30 -4.36 13.08
CA LEU A 3 30.42 -5.50 12.87
C LEU A 3 31.07 -6.49 11.89
N GLY A 4 31.71 -7.50 12.47
CA GLY A 4 32.28 -8.58 11.68
C GLY A 4 33.74 -8.34 11.33
N SER A 5 34.19 -8.89 10.19
CA SER A 5 35.61 -8.82 9.84
C SER A 5 35.96 -7.64 8.91
N PRO A 6 35.20 -7.38 7.80
CA PRO A 6 35.42 -6.18 6.93
C PRO A 6 35.23 -4.81 7.62
N GLU A 7 35.38 -4.79 8.96
CA GLU A 7 35.18 -3.58 9.78
C GLU A 7 33.94 -2.78 9.40
N PHE A 8 32.80 -3.48 9.46
CA PHE A 8 31.49 -2.98 8.98
C PHE A 8 31.69 -1.90 7.89
N PRO A 9 31.84 -2.29 6.60
CA PRO A 9 32.27 -1.35 5.53
C PRO A 9 31.28 -0.25 5.14
N GLY A 10 30.61 0.32 6.14
CA GLY A 10 29.84 1.54 5.93
C GLY A 10 28.58 1.32 5.14
N ARG A 11 27.49 0.96 5.82
CA ARG A 11 26.25 0.69 5.13
C ARG A 11 25.14 1.59 5.67
N LYS A 12 24.83 2.68 4.94
CA LYS A 12 23.84 3.68 5.35
C LYS A 12 24.13 4.99 4.63
N LYS A 13 23.17 5.45 3.84
CA LYS A 13 23.25 6.76 3.22
C LYS A 13 21.83 7.28 3.00
N GLU A 14 21.29 6.96 1.84
CA GLU A 14 19.91 7.34 1.52
C GLU A 14 19.19 6.09 1.01
N PHE A 15 19.70 4.93 1.41
CA PHE A 15 19.24 3.65 0.87
C PHE A 15 17.79 3.35 1.29
N ILE A 16 17.23 4.18 2.15
CA ILE A 16 15.89 3.91 2.66
C ILE A 16 14.89 4.77 1.92
N MET A 17 15.30 5.95 1.46
CA MET A 17 14.55 6.67 0.44
C MET A 17 14.30 5.79 -0.78
N ALA A 18 15.23 4.91 -1.10
CA ALA A 18 15.08 4.03 -2.25
C ALA A 18 14.07 2.95 -1.95
N GLU A 19 14.00 2.59 -0.68
CA GLU A 19 12.97 1.69 -0.20
C GLU A 19 11.60 2.31 -0.35
N LEU A 20 11.47 3.64 -0.43
CA LEU A 20 10.15 4.21 -0.63
C LEU A 20 9.90 4.41 -2.14
N LEU A 21 10.91 4.94 -2.84
CA LEU A 21 10.90 5.02 -4.31
C LEU A 21 10.61 3.65 -4.95
N GLN A 22 11.15 2.59 -4.39
CA GLN A 22 10.95 1.26 -4.93
C GLN A 22 9.55 0.72 -4.62
N THR A 23 9.00 1.10 -3.46
CA THR A 23 7.67 0.65 -3.06
C THR A 23 6.56 1.41 -3.76
N GLU A 24 6.74 2.66 -4.13
CA GLU A 24 5.99 3.22 -5.28
C GLU A 24 5.83 2.23 -6.42
N LYS A 25 6.90 1.90 -7.12
CA LYS A 25 6.80 1.09 -8.33
C LYS A 25 6.27 -0.32 -8.02
N ALA A 26 6.76 -0.94 -6.95
CA ALA A 26 6.14 -2.14 -6.38
C ALA A 26 4.64 -1.98 -6.11
N TYR A 27 4.22 -0.86 -5.54
CA TYR A 27 2.81 -0.72 -5.14
C TYR A 27 1.92 -0.41 -6.34
N VAL A 28 2.29 0.54 -7.19
CA VAL A 28 1.47 0.78 -8.38
C VAL A 28 1.51 -0.40 -9.37
N ARG A 29 2.59 -1.19 -9.39
CA ARG A 29 2.65 -2.38 -10.26
C ARG A 29 1.83 -3.54 -9.69
N ASP A 30 1.92 -3.72 -8.38
CA ASP A 30 1.12 -4.70 -7.67
C ASP A 30 -0.34 -4.27 -7.58
N LEU A 31 -0.69 -3.02 -7.89
CA LEU A 31 -2.09 -2.66 -8.02
C LEU A 31 -2.55 -2.94 -9.45
N HIS A 32 -1.71 -2.55 -10.41
CA HIS A 32 -1.91 -2.88 -11.83
C HIS A 32 -2.23 -4.35 -12.03
N GLU A 33 -1.35 -5.21 -11.53
CA GLU A 33 -1.49 -6.63 -11.80
C GLU A 33 -2.64 -7.23 -10.99
N CYS A 34 -3.05 -6.55 -9.94
CA CYS A 34 -4.19 -6.99 -9.15
C CYS A 34 -5.52 -6.68 -9.84
N LEU A 35 -5.74 -5.45 -10.31
CA LEU A 35 -6.94 -5.16 -11.10
C LEU A 35 -7.05 -6.12 -12.28
N GLU A 36 -5.92 -6.40 -12.92
CA GLU A 36 -5.90 -7.16 -14.17
C GLU A 36 -6.16 -8.64 -13.95
N THR A 37 -6.00 -9.12 -12.73
CA THR A 37 -6.17 -10.53 -12.44
C THR A 37 -7.43 -10.82 -11.61
N TYR A 38 -7.32 -10.64 -10.30
CA TYR A 38 -8.38 -11.08 -9.39
C TYR A 38 -9.64 -10.21 -9.52
N LEU A 39 -9.47 -8.92 -9.79
CA LEU A 39 -10.63 -8.02 -9.83
C LEU A 39 -11.29 -8.08 -11.21
N TRP A 40 -10.45 -8.05 -12.25
CA TRP A 40 -10.88 -8.31 -13.63
C TRP A 40 -11.84 -9.50 -13.72
N GLU A 41 -11.53 -10.67 -13.21
CA GLU A 41 -12.43 -11.80 -13.44
C GLU A 41 -13.75 -11.61 -12.69
N MET A 42 -13.73 -11.09 -11.46
CA MET A 42 -14.93 -11.20 -10.63
C MET A 42 -15.98 -10.21 -11.13
N THR A 43 -15.50 -9.23 -11.89
CA THR A 43 -16.35 -8.25 -12.54
C THR A 43 -16.67 -8.63 -14.01
N SER A 44 -15.93 -9.58 -14.56
CA SER A 44 -16.16 -10.03 -15.95
C SER A 44 -17.00 -11.31 -16.03
N GLY A 45 -17.15 -12.05 -14.93
CA GLY A 45 -17.95 -13.28 -14.96
C GLY A 45 -17.53 -14.26 -16.06
N VAL A 46 -16.27 -14.68 -16.07
CA VAL A 46 -15.78 -15.64 -17.05
C VAL A 46 -15.41 -16.94 -16.35
N GLU A 47 -15.31 -16.86 -15.03
CA GLU A 47 -15.22 -18.03 -14.17
C GLU A 47 -16.43 -18.02 -13.22
N GLU A 48 -16.70 -19.15 -12.60
CA GLU A 48 -17.81 -19.23 -11.66
C GLU A 48 -17.37 -18.76 -10.27
N ILE A 49 -17.93 -17.63 -9.86
CA ILE A 49 -17.64 -17.03 -8.57
C ILE A 49 -18.66 -17.52 -7.56
N PRO A 50 -18.19 -18.04 -6.41
CA PRO A 50 -19.06 -18.50 -5.34
C PRO A 50 -20.07 -17.42 -4.90
N PRO A 51 -21.31 -17.84 -4.57
CA PRO A 51 -22.42 -16.93 -4.23
C PRO A 51 -22.13 -15.99 -3.06
N GLY A 52 -20.98 -16.14 -2.42
CA GLY A 52 -20.67 -15.30 -1.28
C GLY A 52 -19.78 -14.12 -1.65
N ILE A 53 -18.93 -14.26 -2.66
CA ILE A 53 -17.94 -13.23 -2.92
C ILE A 53 -18.17 -12.48 -4.24
N LEU A 54 -19.09 -12.95 -5.08
CA LEU A 54 -19.40 -12.29 -6.37
C LEU A 54 -19.49 -10.75 -6.26
N ASN A 55 -20.63 -10.23 -5.81
CA ASN A 55 -20.76 -8.78 -5.59
C ASN A 55 -20.02 -8.34 -4.33
N LYS A 56 -19.04 -9.14 -3.93
CA LYS A 56 -18.17 -8.84 -2.81
C LYS A 56 -16.75 -8.61 -3.32
N GLU A 57 -16.64 -8.34 -4.61
CA GLU A 57 -15.39 -7.88 -5.21
C GLU A 57 -14.81 -6.70 -4.43
N HIS A 58 -15.70 -5.84 -3.93
CA HIS A 58 -15.32 -4.65 -3.17
C HIS A 58 -14.98 -4.98 -1.71
N ILE A 59 -15.11 -6.25 -1.33
CA ILE A 59 -14.70 -6.72 -0.01
C ILE A 59 -13.35 -7.42 -0.14
N ILE A 60 -13.30 -8.36 -1.09
CA ILE A 60 -12.08 -9.13 -1.35
C ILE A 60 -10.87 -8.22 -1.54
N PHE A 61 -10.95 -7.17 -2.33
CA PHE A 61 -9.80 -6.30 -2.49
C PHE A 61 -10.09 -4.86 -2.05
N GLY A 62 -11.28 -4.63 -1.50
CA GLY A 62 -11.65 -3.29 -1.09
C GLY A 62 -11.81 -2.34 -2.26
N ASN A 63 -11.11 -1.22 -2.20
CA ASN A 63 -11.19 -0.19 -3.23
C ASN A 63 -9.83 0.00 -3.90
N ILE A 64 -9.17 -1.11 -4.25
CA ILE A 64 -7.80 -1.06 -4.78
C ILE A 64 -7.73 -0.40 -6.16
N GLN A 65 -8.85 -0.39 -6.88
CA GLN A 65 -8.88 0.16 -8.25
C GLN A 65 -8.52 1.65 -8.21
N GLU A 66 -8.99 2.34 -7.19
CA GLU A 66 -8.79 3.77 -7.07
C GLU A 66 -7.36 4.08 -6.62
N ILE A 67 -6.73 3.10 -5.97
CA ILE A 67 -5.36 3.25 -5.48
C ILE A 67 -4.36 3.26 -6.63
N TYR A 68 -4.44 2.27 -7.53
CA TYR A 68 -3.58 2.24 -8.71
C TYR A 68 -3.55 3.59 -9.42
N ASP A 69 -4.74 4.05 -9.80
CA ASP A 69 -4.87 5.25 -10.62
C ASP A 69 -4.20 6.43 -9.95
N PHE A 70 -4.55 6.65 -8.68
CA PHE A 70 -4.13 7.84 -7.96
C PHE A 70 -2.64 7.81 -7.64
N HIS A 71 -2.03 6.63 -7.57
CA HIS A 71 -0.59 6.55 -7.30
C HIS A 71 0.26 6.61 -8.58
N ASN A 72 -0.11 5.85 -9.62
CA ASN A 72 0.65 5.85 -10.88
C ASN A 72 0.78 7.26 -11.48
N ASN A 73 -0.23 8.11 -11.30
CA ASN A 73 -0.19 9.44 -11.90
C ASN A 73 0.21 10.53 -10.88
N ILE A 74 0.18 10.21 -9.60
CA ILE A 74 0.54 11.20 -8.57
C ILE A 74 1.68 10.70 -7.68
N PHE A 75 1.38 9.91 -6.65
CA PHE A 75 2.37 9.66 -5.58
C PHE A 75 3.72 9.20 -6.12
N LEU A 76 3.74 8.19 -7.00
CA LEU A 76 4.99 7.74 -7.62
C LEU A 76 5.77 8.91 -8.24
N LYS A 77 5.20 9.56 -9.26
CA LYS A 77 5.90 10.63 -9.97
C LYS A 77 6.07 11.90 -9.13
N GLU A 78 5.59 11.86 -7.90
CA GLU A 78 5.82 12.96 -6.99
C GLU A 78 7.04 12.65 -6.14
N LEU A 79 7.20 11.36 -5.86
CA LEU A 79 8.25 10.87 -4.98
C LEU A 79 9.60 10.82 -5.68
N GLU A 80 9.61 10.40 -6.93
CA GLU A 80 10.87 10.35 -7.68
C GLU A 80 11.50 11.76 -7.78
N LYS A 81 10.74 12.79 -7.44
CA LYS A 81 11.27 14.15 -7.39
C LYS A 81 12.00 14.42 -6.08
N TYR A 82 11.98 13.45 -5.19
CA TYR A 82 12.56 13.57 -3.86
C TYR A 82 13.73 12.60 -3.72
N GLU A 83 14.04 11.95 -4.83
CA GLU A 83 15.13 10.97 -4.87
C GLU A 83 16.46 11.62 -4.45
N GLN A 84 16.60 12.92 -4.69
CA GLN A 84 17.81 13.63 -4.30
C GLN A 84 17.61 14.40 -3.00
N LEU A 85 16.50 14.14 -2.31
CA LEU A 85 16.17 14.92 -1.11
C LEU A 85 15.15 14.20 -0.23
N PRO A 86 15.62 13.29 0.65
CA PRO A 86 14.75 12.60 1.59
C PRO A 86 14.29 13.50 2.74
N GLU A 87 14.86 14.71 2.79
CA GLU A 87 14.45 15.68 3.80
C GLU A 87 13.12 16.31 3.42
N ASP A 88 12.71 16.12 2.17
CA ASP A 88 11.52 16.81 1.66
C ASP A 88 10.31 15.89 1.49
N VAL A 89 10.40 14.63 1.94
CA VAL A 89 9.26 13.72 1.78
C VAL A 89 8.32 13.82 2.98
N GLY A 90 8.72 14.59 3.98
CA GLY A 90 7.79 14.92 5.05
C GLY A 90 6.63 15.74 4.52
N HIS A 91 6.95 16.58 3.55
CA HIS A 91 5.96 17.42 2.87
C HIS A 91 5.02 16.58 1.99
N CYS A 92 5.44 15.37 1.67
CA CYS A 92 4.71 14.49 0.74
C CYS A 92 3.70 13.63 1.48
N PHE A 93 3.99 13.10 2.65
CA PHE A 93 2.95 12.41 3.40
C PHE A 93 1.83 13.38 3.85
N VAL A 94 2.20 14.62 4.15
CA VAL A 94 1.23 15.66 4.53
C VAL A 94 0.49 16.26 3.33
N THR A 95 1.17 16.43 2.21
CA THR A 95 0.57 17.11 1.04
C THR A 95 -0.75 16.42 0.68
N TRP A 96 -0.72 15.12 0.95
CA TRP A 96 -1.75 14.17 0.59
C TRP A 96 -2.33 13.52 1.83
N ALA A 97 -2.13 14.14 3.00
CA ALA A 97 -2.56 13.56 4.27
C ALA A 97 -4.04 13.22 4.24
N ASP A 98 -4.85 14.17 3.80
CA ASP A 98 -6.29 13.97 3.77
C ASP A 98 -6.68 12.81 2.84
N LYS A 99 -5.86 12.58 1.80
CA LYS A 99 -6.07 11.46 0.86
C LYS A 99 -5.77 10.12 1.54
N PHE A 100 -5.16 10.16 2.72
CA PHE A 100 -4.85 8.93 3.44
C PHE A 100 -6.07 8.44 4.23
N GLN A 101 -7.18 9.18 4.17
CA GLN A 101 -8.41 8.72 4.81
C GLN A 101 -9.02 7.56 4.02
N MET A 102 -8.62 7.44 2.77
CA MET A 102 -9.00 6.31 1.95
C MET A 102 -8.44 5.00 2.52
N TYR A 103 -7.33 5.10 3.25
CA TYR A 103 -6.71 3.94 3.91
C TYR A 103 -7.49 3.52 5.17
N VAL A 104 -8.32 4.39 5.74
CA VAL A 104 -9.13 3.97 6.88
C VAL A 104 -10.29 3.10 6.38
N THR A 105 -10.78 3.41 5.20
CA THR A 105 -11.79 2.60 4.54
C THR A 105 -11.22 1.22 4.15
N TYR A 106 -10.04 1.23 3.54
CA TYR A 106 -9.40 0.01 3.06
C TYR A 106 -9.21 -1.02 4.18
N CYS A 107 -8.72 -0.61 5.34
CA CYS A 107 -8.45 -1.55 6.41
C CYS A 107 -9.74 -2.12 7.03
N LYS A 108 -10.78 -1.29 7.13
CA LYS A 108 -12.01 -1.74 7.83
C LYS A 108 -12.68 -2.92 7.13
N ASN A 109 -12.55 -2.99 5.82
CA ASN A 109 -13.17 -4.09 5.05
C ASN A 109 -12.28 -5.33 5.04
N LYS A 110 -11.05 -5.16 5.51
CA LYS A 110 -10.05 -6.22 5.38
C LYS A 110 -10.35 -7.49 6.20
N PRO A 111 -10.77 -7.41 7.49
CA PRO A 111 -11.09 -8.63 8.25
C PRO A 111 -12.29 -9.40 7.66
N ASP A 112 -13.34 -8.66 7.32
CA ASP A 112 -14.49 -9.29 6.67
C ASP A 112 -14.09 -9.82 5.29
N SER A 113 -13.14 -9.14 4.67
CA SER A 113 -12.47 -9.66 3.47
C SER A 113 -11.79 -11.00 3.75
N ASN A 114 -11.01 -11.04 4.83
CA ASN A 114 -10.32 -12.26 5.25
C ASN A 114 -11.28 -13.42 5.30
N GLN A 115 -12.32 -13.28 6.11
CA GLN A 115 -13.36 -14.29 6.23
C GLN A 115 -13.83 -14.78 4.86
N LEU A 116 -14.11 -13.84 3.96
CA LEU A 116 -14.68 -14.20 2.67
C LEU A 116 -13.66 -14.95 1.82
N ILE A 117 -12.41 -14.57 1.86
CA ILE A 117 -11.40 -15.26 1.05
C ILE A 117 -11.02 -16.61 1.64
N LEU A 118 -11.30 -16.82 2.92
CA LEU A 118 -11.05 -18.12 3.53
C LEU A 118 -12.17 -19.09 3.20
N GLU A 119 -13.33 -18.87 3.81
CA GLU A 119 -14.40 -19.86 3.74
C GLU A 119 -15.16 -19.86 2.40
N HIS A 120 -15.65 -18.72 1.94
CA HIS A 120 -16.52 -18.71 0.76
C HIS A 120 -15.84 -18.28 -0.55
N ALA A 121 -14.61 -17.81 -0.52
CA ALA A 121 -13.92 -17.57 -1.79
C ALA A 121 -13.37 -18.88 -2.33
N GLY A 122 -12.76 -19.65 -1.44
CA GLY A 122 -12.31 -20.99 -1.75
C GLY A 122 -10.97 -21.03 -2.45
N THR A 123 -10.85 -21.94 -3.39
CA THR A 123 -9.61 -22.17 -4.13
C THR A 123 -9.60 -21.41 -5.45
N PHE A 124 -10.63 -20.60 -5.68
CA PHE A 124 -10.87 -20.05 -7.01
C PHE A 124 -9.71 -19.19 -7.54
N PHE A 125 -9.06 -18.44 -6.66
CA PHE A 125 -7.92 -17.60 -7.05
C PHE A 125 -6.66 -18.43 -7.25
N ASP A 126 -6.63 -19.62 -6.66
CA ASP A 126 -5.48 -20.51 -6.75
C ASP A 126 -5.29 -20.99 -8.19
N GLU A 127 -6.39 -21.19 -8.90
CA GLU A 127 -6.33 -21.55 -10.32
C GLU A 127 -5.88 -20.36 -11.18
N ILE A 128 -6.46 -19.18 -10.92
CA ILE A 128 -6.06 -17.96 -11.63
C ILE A 128 -4.58 -17.69 -11.41
N GLN A 129 -4.16 -17.92 -10.18
CA GLN A 129 -2.76 -17.87 -9.79
C GLN A 129 -1.87 -18.56 -10.81
N GLN A 130 -2.21 -19.81 -11.10
CA GLN A 130 -1.38 -20.67 -11.93
C GLN A 130 -1.44 -20.26 -13.39
N ARG A 131 -2.62 -19.88 -13.86
CA ARG A 131 -2.79 -19.56 -15.28
C ARG A 131 -1.88 -18.39 -15.68
N HIS A 132 -1.82 -17.37 -14.84
CA HIS A 132 -1.06 -16.16 -15.16
C HIS A 132 0.37 -16.18 -14.61
N GLY A 133 0.69 -17.16 -13.74
CA GLY A 133 2.02 -17.19 -13.13
C GLY A 133 2.15 -16.17 -12.00
N LEU A 134 1.06 -15.92 -11.29
CA LEU A 134 1.04 -14.94 -10.20
C LEU A 134 2.06 -15.26 -9.12
N ALA A 135 2.22 -16.55 -8.84
CA ALA A 135 3.19 -17.08 -7.87
C ALA A 135 2.81 -16.82 -6.40
N ASN A 136 2.24 -15.66 -6.12
CA ASN A 136 1.95 -15.26 -4.74
C ASN A 136 0.45 -15.19 -4.47
N SER A 137 0.09 -15.60 -3.26
CA SER A 137 -1.30 -15.70 -2.81
C SER A 137 -2.08 -14.36 -2.89
N ILE A 138 -3.40 -14.49 -3.03
CA ILE A 138 -4.29 -13.34 -3.01
C ILE A 138 -4.17 -12.55 -1.70
N SER A 139 -4.32 -13.27 -0.58
CA SER A 139 -4.21 -12.70 0.76
C SER A 139 -2.95 -11.84 0.87
N SER A 140 -1.89 -12.31 0.25
CA SER A 140 -0.62 -11.58 0.24
C SER A 140 -0.80 -10.19 -0.36
N TYR A 141 -1.39 -10.11 -1.55
CA TYR A 141 -1.52 -8.83 -2.22
C TYR A 141 -2.53 -7.90 -1.54
N LEU A 142 -3.65 -8.42 -1.08
CA LEU A 142 -4.63 -7.58 -0.39
C LEU A 142 -4.14 -7.09 0.98
N ILE A 143 -3.29 -7.86 1.67
CA ILE A 143 -2.72 -7.36 2.93
C ILE A 143 -1.51 -6.44 2.64
N LYS A 144 -1.01 -6.51 1.41
CA LYS A 144 0.15 -5.71 0.98
C LYS A 144 0.03 -4.22 1.35
N PRO A 145 -1.12 -3.55 1.11
CA PRO A 145 -1.33 -2.17 1.56
C PRO A 145 -0.91 -1.94 3.01
N VAL A 146 -1.19 -2.89 3.89
CA VAL A 146 -0.94 -2.72 5.32
C VAL A 146 0.54 -2.99 5.61
N GLN A 147 1.18 -3.73 4.74
CA GLN A 147 2.62 -3.90 4.82
C GLN A 147 3.31 -2.61 4.37
N ARG A 148 2.73 -1.95 3.37
CA ARG A 148 3.25 -0.69 2.85
C ARG A 148 3.09 0.45 3.87
N VAL A 149 1.97 0.45 4.60
CA VAL A 149 1.70 1.52 5.56
C VAL A 149 2.57 1.33 6.78
N THR A 150 3.07 0.13 7.01
CA THR A 150 4.04 -0.06 8.07
C THR A 150 5.38 0.54 7.65
N LYS A 151 5.73 0.36 6.38
CA LYS A 151 6.98 0.87 5.86
C LYS A 151 7.05 2.38 5.96
N TYR A 152 5.94 3.05 5.63
CA TYR A 152 5.83 4.50 5.82
C TYR A 152 6.26 4.91 7.22
N GLN A 153 5.85 4.15 8.23
CA GLN A 153 6.19 4.49 9.60
C GLN A 153 7.69 4.29 9.82
N LEU A 154 8.16 3.14 9.38
CA LEU A 154 9.57 2.75 9.46
C LEU A 154 10.52 3.81 8.89
N LEU A 155 10.35 4.18 7.62
CA LEU A 155 11.29 5.07 6.96
C LEU A 155 11.13 6.52 7.42
N LEU A 156 9.88 6.94 7.61
CA LEU A 156 9.59 8.28 8.11
C LEU A 156 10.10 8.47 9.53
N LYS A 157 10.17 7.41 10.32
CA LYS A 157 10.76 7.50 11.66
C LYS A 157 12.21 7.96 11.54
N GLU A 158 12.92 7.42 10.56
CA GLU A 158 14.33 7.75 10.33
C GLU A 158 14.53 9.25 10.15
N LEU A 159 13.74 9.84 9.26
CA LEU A 159 13.96 11.23 8.87
C LEU A 159 13.62 12.17 10.02
N LEU A 160 12.53 11.89 10.72
CA LEU A 160 12.12 12.73 11.85
C LEU A 160 13.02 12.52 13.08
N THR A 161 13.69 11.39 13.18
CA THR A 161 14.56 11.12 14.32
C THR A 161 16.02 11.39 13.98
N CYS A 162 16.26 11.95 12.79
CA CYS A 162 17.61 12.35 12.38
C CYS A 162 18.23 13.13 13.52
N CYS A 163 17.46 14.12 14.02
CA CYS A 163 17.69 14.68 15.34
C CYS A 163 16.79 15.87 15.63
N GLU A 164 16.21 15.83 16.82
CA GLU A 164 15.48 16.93 17.47
C GLU A 164 14.01 16.95 17.07
N GLU A 165 13.42 15.75 16.92
CA GLU A 165 12.00 15.58 16.58
C GLU A 165 11.67 15.97 15.14
N GLY A 166 12.23 17.07 14.66
CA GLY A 166 12.03 17.44 13.29
C GLY A 166 11.47 18.83 13.14
N LYS A 167 12.02 19.57 12.16
CA LYS A 167 11.52 20.91 11.78
C LYS A 167 9.99 21.03 11.88
N GLY A 168 9.25 20.03 11.43
CA GLY A 168 7.81 20.03 11.70
C GLY A 168 7.03 19.05 10.84
N GLU A 169 7.10 19.21 9.51
CA GLU A 169 6.27 18.41 8.59
C GLU A 169 6.50 16.90 8.77
N LEU A 170 7.60 16.55 9.41
CA LEU A 170 7.92 15.15 9.61
C LEU A 170 7.03 14.54 10.69
N LYS A 171 6.74 15.31 11.74
CA LYS A 171 5.88 14.84 12.81
C LYS A 171 4.42 14.88 12.36
N ASP A 172 4.07 15.86 11.55
CA ASP A 172 2.73 15.91 10.97
C ASP A 172 2.53 14.75 10.00
N GLY A 173 3.53 14.50 9.15
CA GLY A 173 3.48 13.38 8.22
C GLY A 173 3.36 12.06 8.96
N LEU A 174 3.90 12.04 10.15
CA LEU A 174 3.77 10.92 11.05
C LEU A 174 2.35 10.80 11.61
N GLU A 175 1.85 11.85 12.25
CA GLU A 175 0.55 11.83 12.93
C GLU A 175 -0.57 11.35 12.00
N VAL A 176 -0.58 11.86 10.78
CA VAL A 176 -1.56 11.43 9.76
C VAL A 176 -1.49 9.93 9.54
N MET A 177 -0.26 9.42 9.38
CA MET A 177 -0.03 8.01 9.11
C MET A 177 -0.49 7.13 10.26
N LEU A 178 -0.39 7.63 11.48
CA LEU A 178 -0.74 6.84 12.66
C LEU A 178 -2.22 6.96 12.96
N SER A 179 -2.83 8.03 12.48
CA SER A 179 -4.21 8.33 12.82
C SER A 179 -5.17 7.49 11.99
N VAL A 180 -4.71 7.04 10.83
CA VAL A 180 -5.56 6.30 9.91
C VAL A 180 -5.90 4.88 10.41
N PRO A 181 -4.91 3.96 10.58
CA PRO A 181 -5.23 2.61 11.07
C PRO A 181 -5.81 2.64 12.49
N LYS A 182 -5.48 3.70 13.24
CA LYS A 182 -6.05 3.91 14.55
C LYS A 182 -7.53 4.24 14.41
N LYS A 183 -7.83 5.11 13.46
CA LYS A 183 -9.21 5.49 13.18
C LYS A 183 -10.06 4.31 12.81
N ALA A 184 -9.46 3.38 12.07
CA ALA A 184 -10.19 2.23 11.54
C ALA A 184 -10.72 1.39 12.68
N ASN A 185 -10.00 1.41 13.78
CA ASN A 185 -10.35 0.67 14.99
C ASN A 185 -11.44 1.41 15.77
N ASP A 186 -11.23 2.72 15.92
CA ASP A 186 -12.18 3.57 16.64
C ASP A 186 -13.51 3.61 15.90
N ALA A 187 -13.45 3.84 14.59
CA ALA A 187 -14.61 3.80 13.72
C ALA A 187 -15.17 2.38 13.54
N MET A 188 -14.96 1.50 14.52
CA MET A 188 -15.55 0.16 14.45
C MET A 188 -16.77 0.08 15.36
N HIS A 189 -17.94 0.19 14.77
CA HIS A 189 -19.16 0.12 15.54
C HIS A 189 -20.05 -0.98 14.99
N VAL A 190 -20.59 -1.81 15.87
CA VAL A 190 -21.43 -2.93 15.49
C VAL A 190 -22.74 -2.88 16.27
N GLY A 1 27.82 -19.23 6.31
CA GLY A 1 26.89 -18.79 5.24
C GLY A 1 27.62 -18.30 4.00
N PRO A 2 27.54 -19.03 2.88
CA PRO A 2 28.16 -18.65 1.62
C PRO A 2 27.24 -17.73 0.82
N LEU A 3 26.57 -16.85 1.53
CA LEU A 3 25.59 -15.96 0.95
C LEU A 3 25.50 -14.69 1.79
N GLY A 4 25.18 -13.59 1.15
CA GLY A 4 24.93 -12.36 1.88
C GLY A 4 23.78 -11.61 1.24
N SER A 5 23.73 -10.28 1.38
CA SER A 5 22.71 -9.51 0.69
C SER A 5 23.33 -8.53 -0.32
N PRO A 6 23.64 -9.02 -1.54
CA PRO A 6 24.20 -8.22 -2.66
C PRO A 6 23.18 -7.25 -3.25
N GLU A 7 22.98 -6.13 -2.59
CA GLU A 7 22.02 -5.14 -3.02
C GLU A 7 22.72 -3.81 -3.24
N PHE A 8 22.62 -3.26 -4.43
CA PHE A 8 23.31 -2.02 -4.77
C PHE A 8 22.36 -1.08 -5.52
N PRO A 9 21.41 -0.44 -4.81
CA PRO A 9 20.44 0.50 -5.39
C PRO A 9 21.00 1.91 -5.60
N GLY A 10 22.20 1.98 -6.15
CA GLY A 10 22.82 3.27 -6.40
C GLY A 10 23.90 3.52 -5.35
N ARG A 11 24.76 4.49 -5.59
CA ARG A 11 25.80 4.81 -4.64
C ARG A 11 25.53 6.18 -4.01
N LYS A 12 25.13 6.17 -2.73
CA LYS A 12 24.76 7.37 -1.98
C LYS A 12 23.91 6.96 -0.77
N LYS A 13 24.37 7.36 0.44
CA LYS A 13 23.76 6.95 1.74
C LYS A 13 22.24 6.89 1.76
N GLU A 14 21.59 7.69 0.95
CA GLU A 14 20.13 7.79 0.96
C GLU A 14 19.46 6.56 0.35
N PHE A 15 19.86 5.38 0.81
CA PHE A 15 19.33 4.13 0.29
C PHE A 15 17.94 3.89 0.82
N ILE A 16 17.46 4.78 1.67
CA ILE A 16 16.17 4.58 2.31
C ILE A 16 15.12 5.41 1.60
N MET A 17 15.51 6.56 1.04
CA MET A 17 14.68 7.19 0.02
C MET A 17 14.37 6.23 -1.13
N ALA A 18 15.29 5.32 -1.43
CA ALA A 18 15.06 4.37 -2.50
C ALA A 18 14.04 3.33 -2.07
N GLU A 19 14.04 3.04 -0.78
CA GLU A 19 13.03 2.18 -0.14
C GLU A 19 11.64 2.78 -0.31
N LEU A 20 11.49 4.09 -0.42
CA LEU A 20 10.15 4.63 -0.60
C LEU A 20 9.84 4.76 -2.10
N LEU A 21 10.81 5.26 -2.86
CA LEU A 21 10.73 5.27 -4.33
C LEU A 21 10.38 3.88 -4.90
N GLN A 22 10.97 2.84 -4.34
CA GLN A 22 10.76 1.50 -4.87
C GLN A 22 9.37 0.97 -4.53
N THR A 23 8.86 1.34 -3.36
CA THR A 23 7.56 0.84 -2.89
C THR A 23 6.39 1.57 -3.54
N GLU A 24 6.48 2.84 -3.90
CA GLU A 24 5.67 3.37 -5.01
C GLU A 24 5.57 2.41 -6.18
N LYS A 25 6.65 2.15 -6.91
CA LYS A 25 6.56 1.31 -8.10
C LYS A 25 6.04 -0.10 -7.76
N ALA A 26 6.62 -0.74 -6.76
CA ALA A 26 6.06 -1.96 -6.16
C ALA A 26 4.58 -1.85 -5.79
N TYR A 27 4.09 -0.68 -5.42
CA TYR A 27 2.68 -0.55 -5.06
C TYR A 27 1.81 -0.28 -6.28
N VAL A 28 2.15 0.70 -7.11
CA VAL A 28 1.35 0.97 -8.30
C VAL A 28 1.37 -0.21 -9.31
N ARG A 29 2.49 -0.95 -9.37
CA ARG A 29 2.57 -2.10 -10.29
C ARG A 29 1.79 -3.28 -9.72
N ASP A 30 1.93 -3.51 -8.44
CA ASP A 30 1.19 -4.57 -7.74
C ASP A 30 -0.29 -4.21 -7.56
N LEU A 31 -0.70 -2.97 -7.77
CA LEU A 31 -2.12 -2.65 -7.84
C LEU A 31 -2.62 -2.95 -9.25
N HIS A 32 -1.85 -2.50 -10.25
CA HIS A 32 -2.12 -2.78 -11.66
C HIS A 32 -2.39 -4.26 -11.89
N GLU A 33 -1.48 -5.11 -11.44
CA GLU A 33 -1.60 -6.55 -11.73
C GLU A 33 -2.74 -7.18 -10.94
N CYS A 34 -3.13 -6.57 -9.83
CA CYS A 34 -4.25 -7.06 -9.04
C CYS A 34 -5.58 -6.78 -9.73
N LEU A 35 -5.83 -5.56 -10.18
CA LEU A 35 -7.04 -5.28 -10.94
C LEU A 35 -7.21 -6.22 -12.12
N GLU A 36 -6.10 -6.53 -12.78
CA GLU A 36 -6.12 -7.29 -14.03
C GLU A 36 -6.31 -8.79 -13.81
N THR A 37 -6.03 -9.26 -12.60
CA THR A 37 -6.12 -10.68 -12.32
C THR A 37 -7.35 -11.03 -11.49
N TYR A 38 -7.25 -10.89 -10.17
CA TYR A 38 -8.30 -11.36 -9.28
C TYR A 38 -9.56 -10.51 -9.39
N LEU A 39 -9.41 -9.21 -9.67
CA LEU A 39 -10.58 -8.34 -9.72
C LEU A 39 -11.24 -8.44 -11.09
N TRP A 40 -10.44 -8.33 -12.14
CA TRP A 40 -10.88 -8.54 -13.51
C TRP A 40 -11.69 -9.84 -13.67
N GLU A 41 -11.23 -10.98 -13.17
CA GLU A 41 -11.94 -12.24 -13.43
C GLU A 41 -13.26 -12.33 -12.64
N MET A 42 -13.40 -11.54 -11.57
CA MET A 42 -14.65 -11.59 -10.79
C MET A 42 -15.69 -10.62 -11.37
N THR A 43 -15.19 -9.56 -11.98
CA THR A 43 -16.05 -8.56 -12.61
C THR A 43 -16.38 -8.91 -14.07
N SER A 44 -15.59 -9.79 -14.66
CA SER A 44 -15.81 -10.21 -16.04
C SER A 44 -16.60 -11.52 -16.13
N GLY A 45 -16.93 -12.12 -14.99
CA GLY A 45 -17.86 -13.26 -14.99
C GLY A 45 -17.48 -14.35 -16.01
N VAL A 46 -16.22 -14.79 -15.98
CA VAL A 46 -15.72 -15.80 -16.91
C VAL A 46 -15.41 -17.09 -16.16
N GLU A 47 -15.32 -16.99 -14.85
CA GLU A 47 -15.22 -18.15 -13.99
C GLU A 47 -16.41 -18.17 -13.05
N GLU A 48 -16.69 -19.34 -12.48
CA GLU A 48 -17.78 -19.45 -11.50
C GLU A 48 -17.33 -18.96 -10.14
N ILE A 49 -17.91 -17.83 -9.75
CA ILE A 49 -17.64 -17.20 -8.47
C ILE A 49 -18.71 -17.61 -7.47
N PRO A 50 -18.30 -18.10 -6.30
CA PRO A 50 -19.24 -18.49 -5.24
C PRO A 50 -20.20 -17.35 -4.89
N PRO A 51 -21.45 -17.72 -4.56
CA PRO A 51 -22.54 -16.76 -4.25
C PRO A 51 -22.22 -15.78 -3.12
N GLY A 52 -21.08 -15.95 -2.47
CA GLY A 52 -20.74 -15.07 -1.37
C GLY A 52 -19.83 -13.92 -1.77
N ILE A 53 -18.97 -14.13 -2.76
CA ILE A 53 -17.95 -13.13 -3.04
C ILE A 53 -18.13 -12.44 -4.39
N LEU A 54 -19.04 -12.94 -5.24
CA LEU A 54 -19.32 -12.32 -6.55
C LEU A 54 -19.37 -10.79 -6.51
N ASN A 55 -20.49 -10.21 -6.10
CA ASN A 55 -20.58 -8.76 -5.97
C ASN A 55 -19.88 -8.27 -4.70
N LYS A 56 -18.96 -9.07 -4.23
CA LYS A 56 -18.14 -8.77 -3.08
C LYS A 56 -16.70 -8.61 -3.52
N GLU A 57 -16.51 -8.37 -4.80
CA GLU A 57 -15.23 -7.95 -5.35
C GLU A 57 -14.67 -6.74 -4.55
N HIS A 58 -15.58 -5.87 -4.14
CA HIS A 58 -15.24 -4.66 -3.38
C HIS A 58 -14.96 -4.96 -1.91
N ILE A 59 -15.09 -6.23 -1.52
CA ILE A 59 -14.69 -6.69 -0.19
C ILE A 59 -13.36 -7.41 -0.30
N ILE A 60 -13.30 -8.35 -1.25
CA ILE A 60 -12.08 -9.11 -1.50
C ILE A 60 -10.87 -8.19 -1.68
N PHE A 61 -11.00 -7.09 -2.41
CA PHE A 61 -9.87 -6.18 -2.55
C PHE A 61 -10.21 -4.74 -2.14
N GLY A 62 -11.42 -4.53 -1.62
CA GLY A 62 -11.80 -3.20 -1.17
C GLY A 62 -11.96 -2.22 -2.32
N ASN A 63 -11.31 -1.07 -2.19
CA ASN A 63 -11.37 -0.01 -3.21
C ASN A 63 -10.01 0.18 -3.86
N ILE A 64 -9.34 -0.93 -4.17
CA ILE A 64 -7.96 -0.88 -4.65
C ILE A 64 -7.85 -0.23 -6.04
N GLN A 65 -8.93 -0.24 -6.82
CA GLN A 65 -8.89 0.25 -8.19
C GLN A 65 -8.48 1.72 -8.24
N GLU A 66 -8.93 2.48 -7.26
CA GLU A 66 -8.62 3.91 -7.19
C GLU A 66 -7.15 4.11 -6.81
N ILE A 67 -6.65 3.21 -5.96
CA ILE A 67 -5.30 3.32 -5.41
C ILE A 67 -4.26 3.27 -6.53
N TYR A 68 -4.37 2.30 -7.43
CA TYR A 68 -3.49 2.26 -8.61
C TYR A 68 -3.48 3.60 -9.32
N ASP A 69 -4.64 3.98 -9.81
CA ASP A 69 -4.76 5.13 -10.68
C ASP A 69 -4.12 6.36 -10.05
N PHE A 70 -4.53 6.65 -8.83
CA PHE A 70 -4.15 7.89 -8.18
C PHE A 70 -2.68 7.92 -7.79
N HIS A 71 -2.08 6.76 -7.54
CA HIS A 71 -0.65 6.73 -7.20
C HIS A 71 0.22 6.82 -8.45
N ASN A 72 -0.10 6.02 -9.48
CA ASN A 72 0.70 6.02 -10.71
C ASN A 72 0.73 7.40 -11.38
N ASN A 73 -0.35 8.17 -11.29
CA ASN A 73 -0.36 9.49 -11.93
C ASN A 73 0.01 10.62 -10.97
N ILE A 74 -0.01 10.35 -9.66
CA ILE A 74 0.36 11.34 -8.66
C ILE A 74 1.49 10.86 -7.74
N PHE A 75 1.17 10.08 -6.72
CA PHE A 75 2.13 9.83 -5.62
C PHE A 75 3.50 9.38 -6.14
N LEU A 76 3.54 8.38 -7.03
CA LEU A 76 4.80 7.95 -7.64
C LEU A 76 5.55 9.12 -8.29
N LYS A 77 4.94 9.75 -9.30
CA LYS A 77 5.60 10.83 -10.03
C LYS A 77 5.75 12.10 -9.21
N GLU A 78 5.30 12.07 -7.97
CA GLU A 78 5.54 13.19 -7.06
C GLU A 78 6.78 12.87 -6.24
N LEU A 79 6.97 11.59 -5.98
CA LEU A 79 8.04 11.09 -5.13
C LEU A 79 9.38 11.05 -5.85
N GLU A 80 9.38 10.67 -7.13
CA GLU A 80 10.64 10.65 -7.90
C GLU A 80 11.24 12.05 -7.97
N LYS A 81 10.47 13.07 -7.62
CA LYS A 81 10.97 14.44 -7.55
C LYS A 81 11.70 14.70 -6.23
N TYR A 82 11.69 13.72 -5.36
CA TYR A 82 12.26 13.83 -4.02
C TYR A 82 13.46 12.89 -3.89
N GLU A 83 13.80 12.26 -5.01
CA GLU A 83 14.92 11.31 -5.04
C GLU A 83 16.23 11.99 -4.61
N GLN A 84 16.31 13.30 -4.84
CA GLN A 84 17.49 14.06 -4.42
C GLN A 84 17.27 14.74 -3.08
N LEU A 85 16.18 14.41 -2.41
CA LEU A 85 15.83 15.13 -1.18
C LEU A 85 14.81 14.36 -0.33
N PRO A 86 15.30 13.43 0.53
CA PRO A 86 14.44 12.69 1.46
C PRO A 86 13.96 13.58 2.60
N GLU A 87 14.47 14.80 2.63
CA GLU A 87 14.02 15.78 3.60
C GLU A 87 12.67 16.35 3.18
N ASP A 88 12.29 16.16 1.92
CA ASP A 88 11.09 16.81 1.39
C ASP A 88 9.91 15.85 1.31
N VAL A 89 10.05 14.61 1.77
CA VAL A 89 8.95 13.65 1.65
C VAL A 89 8.02 13.74 2.86
N GLY A 90 8.40 14.53 3.85
CA GLY A 90 7.46 14.87 4.89
C GLY A 90 6.34 15.72 4.31
N HIS A 91 6.70 16.50 3.31
CA HIS A 91 5.77 17.35 2.55
C HIS A 91 4.80 16.49 1.74
N CYS A 92 5.19 15.25 1.49
CA CYS A 92 4.40 14.33 0.65
C CYS A 92 3.39 13.52 1.47
N PHE A 93 3.73 13.01 2.65
CA PHE A 93 2.71 12.36 3.46
C PHE A 93 1.62 13.35 3.92
N VAL A 94 2.03 14.58 4.21
CA VAL A 94 1.09 15.62 4.63
C VAL A 94 0.29 16.23 3.47
N THR A 95 0.94 16.41 2.30
CA THR A 95 0.27 17.08 1.19
C THR A 95 -1.05 16.37 0.87
N TRP A 96 -1.00 15.08 1.13
CA TRP A 96 -2.01 14.10 0.80
C TRP A 96 -2.55 13.43 2.05
N ALA A 97 -2.31 14.06 3.22
CA ALA A 97 -2.64 13.45 4.50
C ALA A 97 -4.09 13.01 4.55
N ASP A 98 -4.97 13.92 4.16
CA ASP A 98 -6.41 13.65 4.18
C ASP A 98 -6.78 12.50 3.23
N LYS A 99 -6.00 12.33 2.16
CA LYS A 99 -6.24 11.23 1.21
C LYS A 99 -5.89 9.88 1.83
N PHE A 100 -5.15 9.90 2.93
CA PHE A 100 -4.81 8.67 3.64
C PHE A 100 -6.02 8.15 4.43
N GLN A 101 -7.15 8.88 4.39
CA GLN A 101 -8.39 8.38 4.99
C GLN A 101 -8.92 7.21 4.15
N MET A 102 -8.45 7.09 2.92
CA MET A 102 -8.79 5.94 2.09
C MET A 102 -8.17 4.66 2.68
N TYR A 103 -7.11 4.82 3.46
CA TYR A 103 -6.48 3.71 4.16
C TYR A 103 -7.22 3.36 5.46
N VAL A 104 -8.00 4.29 6.02
CA VAL A 104 -8.79 3.96 7.21
C VAL A 104 -9.98 3.10 6.81
N THR A 105 -10.48 3.34 5.60
CA THR A 105 -11.51 2.49 5.02
C THR A 105 -10.94 1.12 4.70
N TYR A 106 -9.79 1.10 4.04
CA TYR A 106 -9.16 -0.14 3.60
C TYR A 106 -8.93 -1.10 4.77
N CYS A 107 -8.36 -0.64 5.87
CA CYS A 107 -8.02 -1.55 6.97
C CYS A 107 -9.25 -2.11 7.68
N LYS A 108 -10.35 -1.37 7.70
CA LYS A 108 -11.56 -1.88 8.32
C LYS A 108 -12.14 -3.04 7.52
N ASN A 109 -11.92 -3.00 6.20
CA ASN A 109 -12.40 -4.06 5.29
C ASN A 109 -11.45 -5.24 5.27
N LYS A 110 -10.26 -5.04 5.86
CA LYS A 110 -9.25 -6.09 5.92
C LYS A 110 -9.83 -7.42 6.44
N PRO A 111 -10.42 -7.45 7.65
CA PRO A 111 -10.91 -8.70 8.26
C PRO A 111 -12.08 -9.33 7.50
N ASP A 112 -13.02 -8.51 7.06
CA ASP A 112 -14.19 -9.08 6.38
C ASP A 112 -13.79 -9.57 4.99
N SER A 113 -12.82 -8.90 4.37
CA SER A 113 -12.17 -9.42 3.18
C SER A 113 -11.61 -10.80 3.46
N ASN A 114 -10.83 -10.89 4.54
CA ASN A 114 -10.21 -12.14 4.97
C ASN A 114 -11.26 -13.22 5.07
N GLN A 115 -12.27 -12.96 5.88
CA GLN A 115 -13.37 -13.88 6.07
C GLN A 115 -13.91 -14.42 4.74
N LEU A 116 -14.18 -13.51 3.81
CA LEU A 116 -14.78 -13.92 2.54
C LEU A 116 -13.81 -14.70 1.68
N ILE A 117 -12.52 -14.37 1.69
CA ILE A 117 -11.55 -15.15 0.91
C ILE A 117 -11.23 -16.49 1.55
N LEU A 118 -11.51 -16.63 2.83
CA LEU A 118 -11.32 -17.92 3.48
C LEU A 118 -12.51 -18.83 3.24
N GLU A 119 -13.65 -18.51 3.85
CA GLU A 119 -14.76 -19.44 3.87
C GLU A 119 -15.55 -19.52 2.54
N HIS A 120 -15.94 -18.38 1.96
CA HIS A 120 -16.79 -18.41 0.77
C HIS A 120 -16.07 -18.04 -0.53
N ALA A 121 -14.79 -17.70 -0.50
CA ALA A 121 -14.09 -17.55 -1.78
C ALA A 121 -13.59 -18.91 -2.26
N GLY A 122 -13.00 -19.65 -1.33
CA GLY A 122 -12.60 -21.01 -1.59
C GLY A 122 -11.24 -21.10 -2.27
N THR A 123 -11.11 -22.06 -3.16
CA THR A 123 -9.84 -22.32 -3.84
C THR A 123 -9.76 -21.60 -5.18
N PHE A 124 -10.78 -20.80 -5.49
CA PHE A 124 -10.99 -20.30 -6.85
C PHE A 124 -9.77 -19.52 -7.40
N PHE A 125 -9.05 -18.84 -6.52
CA PHE A 125 -7.91 -18.03 -6.95
C PHE A 125 -6.66 -18.89 -7.19
N ASP A 126 -6.66 -20.13 -6.70
CA ASP A 126 -5.52 -21.03 -6.87
C ASP A 126 -5.43 -21.48 -8.35
N GLU A 127 -6.57 -21.55 -9.01
CA GLU A 127 -6.57 -21.90 -10.44
C GLU A 127 -6.18 -20.69 -11.29
N ILE A 128 -6.66 -19.50 -10.93
CA ILE A 128 -6.27 -18.28 -11.65
C ILE A 128 -4.78 -18.06 -11.49
N GLN A 129 -4.29 -18.45 -10.32
CA GLN A 129 -2.87 -18.43 -10.00
C GLN A 129 -2.03 -19.01 -11.15
N GLN A 130 -2.37 -20.23 -11.53
CA GLN A 130 -1.58 -20.97 -12.53
C GLN A 130 -1.76 -20.39 -13.93
N ARG A 131 -2.90 -19.78 -14.22
CA ARG A 131 -3.15 -19.29 -15.58
C ARG A 131 -2.30 -18.06 -15.86
N HIS A 132 -2.16 -17.17 -14.87
CA HIS A 132 -1.38 -15.95 -15.06
C HIS A 132 0.05 -16.05 -14.51
N GLY A 133 0.36 -17.13 -13.80
CA GLY A 133 1.70 -17.24 -13.19
C GLY A 133 1.85 -16.35 -11.96
N LEU A 134 0.76 -16.22 -11.20
CA LEU A 134 0.72 -15.33 -10.03
C LEU A 134 1.78 -15.68 -8.97
N ALA A 135 2.02 -16.99 -8.81
CA ALA A 135 2.98 -17.55 -7.86
C ALA A 135 2.62 -17.35 -6.38
N ASN A 136 2.02 -16.23 -6.03
CA ASN A 136 1.73 -15.95 -4.62
C ASN A 136 0.24 -15.92 -4.33
N SER A 137 -0.12 -16.35 -3.13
CA SER A 137 -1.52 -16.42 -2.70
C SER A 137 -2.24 -15.07 -2.83
N ILE A 138 -3.56 -15.10 -2.97
CA ILE A 138 -4.34 -13.85 -3.05
C ILE A 138 -4.09 -12.95 -1.83
N SER A 139 -4.22 -13.54 -0.65
CA SER A 139 -4.03 -12.85 0.62
C SER A 139 -2.78 -11.97 0.64
N SER A 140 -1.73 -12.42 -0.03
CA SER A 140 -0.48 -11.69 -0.03
C SER A 140 -0.65 -10.28 -0.59
N TYR A 141 -1.30 -10.16 -1.75
CA TYR A 141 -1.46 -8.85 -2.37
C TYR A 141 -2.39 -7.93 -1.57
N LEU A 142 -3.56 -8.41 -1.16
CA LEU A 142 -4.53 -7.55 -0.47
C LEU A 142 -4.03 -7.06 0.89
N ILE A 143 -3.15 -7.83 1.55
CA ILE A 143 -2.59 -7.37 2.82
C ILE A 143 -1.38 -6.44 2.58
N LYS A 144 -0.82 -6.47 1.37
CA LYS A 144 0.34 -5.65 1.03
C LYS A 144 0.13 -4.15 1.31
N PRO A 145 -1.03 -3.55 0.96
CA PRO A 145 -1.38 -2.19 1.38
C PRO A 145 -1.05 -1.91 2.86
N VAL A 146 -1.28 -2.88 3.74
CA VAL A 146 -1.06 -2.71 5.18
C VAL A 146 0.40 -3.02 5.52
N GLN A 147 1.07 -3.74 4.65
CA GLN A 147 2.51 -3.88 4.75
C GLN A 147 3.16 -2.56 4.37
N ARG A 148 2.52 -1.87 3.42
CA ARG A 148 3.02 -0.59 2.93
C ARG A 148 2.87 0.51 3.96
N VAL A 149 1.81 0.45 4.76
CA VAL A 149 1.58 1.49 5.76
C VAL A 149 2.49 1.29 6.95
N THR A 150 3.01 0.08 7.16
CA THR A 150 4.01 -0.11 8.20
C THR A 150 5.36 0.39 7.70
N LYS A 151 5.67 0.10 6.42
CA LYS A 151 6.92 0.53 5.82
C LYS A 151 7.03 2.06 5.82
N TYR A 152 5.93 2.73 5.52
CA TYR A 152 5.83 4.18 5.69
C TYR A 152 6.28 4.62 7.07
N GLN A 153 5.85 3.91 8.11
CA GLN A 153 6.20 4.35 9.48
C GLN A 153 7.68 4.08 9.73
N LEU A 154 8.14 2.94 9.22
CA LEU A 154 9.55 2.55 9.27
C LEU A 154 10.47 3.65 8.74
N LEU A 155 10.32 4.01 7.46
CA LEU A 155 11.24 4.93 6.82
C LEU A 155 11.02 6.39 7.29
N LEU A 156 9.77 6.76 7.52
CA LEU A 156 9.45 8.08 8.04
C LEU A 156 9.98 8.28 9.45
N LYS A 157 9.97 7.23 10.26
CA LYS A 157 10.53 7.30 11.61
C LYS A 157 12.02 7.59 11.54
N GLU A 158 12.65 7.04 10.51
CA GLU A 158 14.08 7.25 10.27
C GLU A 158 14.38 8.73 10.05
N LEU A 159 13.57 9.37 9.21
CA LEU A 159 13.82 10.76 8.85
C LEU A 159 13.54 11.68 10.02
N LEU A 160 12.39 11.50 10.68
CA LEU A 160 11.98 12.41 11.74
C LEU A 160 12.84 12.27 13.01
N THR A 161 13.48 11.13 13.20
CA THR A 161 14.36 10.92 14.34
C THR A 161 15.78 11.43 14.04
N CYS A 162 15.91 12.19 12.96
CA CYS A 162 17.09 13.01 12.73
C CYS A 162 17.23 14.04 13.86
N CYS A 163 16.16 14.15 14.64
CA CYS A 163 16.15 14.93 15.90
C CYS A 163 16.04 16.45 15.68
N GLU A 164 17.02 17.09 15.01
CA GLU A 164 17.03 18.54 14.88
C GLU A 164 17.44 18.96 13.48
N GLU A 165 16.73 18.45 12.49
CA GLU A 165 16.99 18.80 11.10
C GLU A 165 15.68 19.09 10.38
N GLY A 166 14.95 20.08 10.92
CA GLY A 166 13.68 20.49 10.33
C GLY A 166 12.50 19.66 10.80
N LYS A 167 12.42 19.33 12.11
CA LYS A 167 11.36 18.44 12.58
C LYS A 167 10.05 19.24 12.76
N GLY A 168 9.33 19.30 11.64
CA GLY A 168 8.03 19.92 11.55
C GLY A 168 7.09 19.08 10.69
N GLU A 169 7.19 19.18 9.35
CA GLU A 169 6.35 18.38 8.46
C GLU A 169 6.59 16.89 8.63
N LEU A 170 7.76 16.51 9.15
CA LEU A 170 8.06 15.09 9.37
C LEU A 170 7.16 14.53 10.46
N LYS A 171 6.98 15.30 11.51
CA LYS A 171 6.18 14.89 12.65
C LYS A 171 4.70 14.92 12.28
N ASP A 172 4.30 15.93 11.51
CA ASP A 172 2.92 15.96 11.00
C ASP A 172 2.68 14.81 10.04
N GLY A 173 3.67 14.54 9.16
CA GLY A 173 3.59 13.40 8.27
C GLY A 173 3.45 12.09 9.01
N LEU A 174 4.01 12.06 10.21
CA LEU A 174 3.88 10.93 11.10
C LEU A 174 2.50 10.85 11.74
N GLU A 175 2.05 11.95 12.35
CA GLU A 175 0.80 11.97 13.11
C GLU A 175 -0.40 11.53 12.26
N VAL A 176 -0.41 11.96 11.00
CA VAL A 176 -1.41 11.50 10.04
C VAL A 176 -1.33 9.98 9.84
N MET A 177 -0.12 9.48 9.67
CA MET A 177 0.12 8.06 9.41
C MET A 177 -0.30 7.20 10.59
N LEU A 178 -0.19 7.73 11.80
CA LEU A 178 -0.56 6.98 13.00
C LEU A 178 -2.04 7.14 13.29
N SER A 179 -2.65 8.19 12.77
CA SER A 179 -4.04 8.48 13.09
C SER A 179 -4.98 7.66 12.22
N VAL A 180 -4.50 7.23 11.06
CA VAL A 180 -5.31 6.45 10.11
C VAL A 180 -5.75 5.10 10.67
N PRO A 181 -4.82 4.14 10.93
CA PRO A 181 -5.20 2.82 11.45
C PRO A 181 -5.88 2.93 12.83
N LYS A 182 -5.54 3.99 13.55
CA LYS A 182 -6.16 4.24 14.85
C LYS A 182 -7.61 4.66 14.64
N LYS A 183 -7.81 5.55 13.68
CA LYS A 183 -9.15 5.99 13.32
C LYS A 183 -10.06 4.79 13.04
N ALA A 184 -9.48 3.75 12.43
CA ALA A 184 -10.24 2.56 12.02
C ALA A 184 -10.77 1.82 13.25
N ASN A 185 -10.03 1.95 14.34
CA ASN A 185 -10.42 1.35 15.61
C ASN A 185 -11.55 2.14 16.25
N ASP A 186 -11.41 3.46 16.19
CA ASP A 186 -12.38 4.38 16.77
C ASP A 186 -13.69 4.36 15.98
N ALA A 187 -13.57 4.36 14.66
CA ALA A 187 -14.72 4.30 13.76
C ALA A 187 -15.13 2.87 13.50
N MET A 188 -14.80 2.01 14.47
CA MET A 188 -15.05 0.58 14.42
C MET A 188 -16.32 0.19 13.66
N HIS A 189 -16.20 -0.48 12.53
CA HIS A 189 -17.37 -1.03 11.85
C HIS A 189 -16.99 -2.07 10.83
N VAL A 190 -17.29 -3.32 11.14
CA VAL A 190 -17.16 -4.40 10.19
C VAL A 190 -18.51 -5.12 10.05
N GLY A 1 41.72 -20.15 -11.62
CA GLY A 1 42.26 -18.83 -11.96
C GLY A 1 41.91 -17.78 -10.92
N PRO A 2 42.82 -16.83 -10.67
CA PRO A 2 42.53 -15.68 -9.80
C PRO A 2 41.40 -14.84 -10.38
N LEU A 3 40.54 -14.27 -9.54
CA LEU A 3 39.35 -13.61 -10.04
C LEU A 3 38.91 -12.50 -9.09
N GLY A 4 38.34 -11.44 -9.65
CA GLY A 4 37.93 -10.30 -8.86
C GLY A 4 36.48 -10.38 -8.39
N SER A 5 35.57 -9.85 -9.18
CA SER A 5 34.17 -9.77 -8.78
C SER A 5 33.21 -10.20 -9.90
N PRO A 6 32.74 -11.45 -9.85
CA PRO A 6 31.67 -11.98 -10.72
C PRO A 6 30.30 -11.35 -10.43
N GLU A 7 30.06 -10.17 -11.03
CA GLU A 7 28.77 -9.48 -10.95
C GLU A 7 28.57 -8.85 -9.57
N PHE A 8 28.32 -7.55 -9.53
CA PHE A 8 28.00 -6.90 -8.27
C PHE A 8 26.84 -5.91 -8.47
N PRO A 9 25.59 -6.41 -8.56
CA PRO A 9 24.38 -5.58 -8.70
C PRO A 9 24.03 -4.77 -7.45
N GLY A 10 25.02 -4.17 -6.82
CA GLY A 10 24.79 -3.46 -5.59
C GLY A 10 25.07 -1.97 -5.69
N ARG A 11 24.11 -1.23 -6.21
CA ARG A 11 24.19 0.24 -6.24
C ARG A 11 23.64 0.79 -4.92
N LYS A 12 24.54 1.30 -4.09
CA LYS A 12 24.13 1.79 -2.77
C LYS A 12 24.37 3.30 -2.71
N LYS A 13 23.70 3.98 -3.63
CA LYS A 13 23.74 5.44 -3.74
C LYS A 13 22.42 6.04 -3.27
N GLU A 14 21.40 5.20 -3.19
CA GLU A 14 20.08 5.63 -2.76
C GLU A 14 19.61 4.70 -1.65
N PHE A 15 19.89 5.08 -0.43
CA PHE A 15 19.76 4.20 0.71
C PHE A 15 18.30 3.84 1.01
N ILE A 16 17.64 4.77 1.69
CA ILE A 16 16.31 4.54 2.20
C ILE A 16 15.32 5.34 1.38
N MET A 17 15.78 6.39 0.71
CA MET A 17 14.98 6.97 -0.34
C MET A 17 14.65 5.94 -1.41
N ALA A 18 15.56 5.00 -1.69
CA ALA A 18 15.28 4.00 -2.70
C ALA A 18 14.26 3.00 -2.18
N GLU A 19 14.33 2.76 -0.89
CA GLU A 19 13.34 1.94 -0.19
C GLU A 19 11.92 2.54 -0.33
N LEU A 20 11.78 3.86 -0.45
CA LEU A 20 10.43 4.40 -0.61
C LEU A 20 10.09 4.54 -2.10
N LEU A 21 11.04 5.04 -2.89
CA LEU A 21 10.93 5.04 -4.36
C LEU A 21 10.54 3.66 -4.91
N GLN A 22 11.12 2.62 -4.36
CA GLN A 22 10.85 1.28 -4.87
C GLN A 22 9.48 0.76 -4.47
N THR A 23 9.00 1.16 -3.29
CA THR A 23 7.71 0.68 -2.80
C THR A 23 6.52 1.41 -3.44
N GLU A 24 6.65 2.66 -3.85
CA GLU A 24 5.84 3.18 -4.98
C GLU A 24 5.76 2.24 -6.17
N LYS A 25 6.84 2.02 -6.91
CA LYS A 25 6.76 1.21 -8.13
C LYS A 25 6.29 -0.23 -7.83
N ALA A 26 6.82 -0.85 -6.79
CA ALA A 26 6.25 -2.09 -6.21
C ALA A 26 4.76 -1.97 -5.85
N TYR A 27 4.27 -0.79 -5.53
CA TYR A 27 2.86 -0.65 -5.15
C TYR A 27 1.99 -0.39 -6.36
N VAL A 28 2.32 0.56 -7.22
CA VAL A 28 1.48 0.80 -8.40
C VAL A 28 1.50 -0.40 -9.38
N ARG A 29 2.59 -1.17 -9.41
CA ARG A 29 2.63 -2.37 -10.28
C ARG A 29 1.83 -3.52 -9.65
N ASP A 30 1.97 -3.69 -8.35
CA ASP A 30 1.20 -4.66 -7.58
C ASP A 30 -0.27 -4.25 -7.51
N LEU A 31 -0.62 -3.01 -7.85
CA LEU A 31 -2.04 -2.67 -7.96
C LEU A 31 -2.53 -2.95 -9.38
N HIS A 32 -1.70 -2.61 -10.38
CA HIS A 32 -1.95 -2.99 -11.77
C HIS A 32 -2.27 -4.48 -11.89
N GLU A 33 -1.39 -5.33 -11.36
CA GLU A 33 -1.55 -6.77 -11.54
C GLU A 33 -2.71 -7.31 -10.73
N CYS A 34 -3.16 -6.57 -9.73
CA CYS A 34 -4.36 -6.95 -9.01
C CYS A 34 -5.61 -6.66 -9.84
N LEU A 35 -5.84 -5.42 -10.26
CA LEU A 35 -7.01 -5.12 -11.08
C LEU A 35 -7.12 -6.04 -12.29
N GLU A 36 -5.98 -6.37 -12.90
CA GLU A 36 -5.97 -7.15 -14.14
C GLU A 36 -6.27 -8.62 -13.89
N THR A 37 -6.12 -9.10 -12.66
CA THR A 37 -6.30 -10.51 -12.38
C THR A 37 -7.53 -10.81 -11.53
N TYR A 38 -7.39 -10.67 -10.21
CA TYR A 38 -8.43 -11.11 -9.30
C TYR A 38 -9.67 -10.24 -9.42
N LEU A 39 -9.51 -8.96 -9.72
CA LEU A 39 -10.65 -8.05 -9.75
C LEU A 39 -11.31 -8.10 -11.13
N TRP A 40 -10.50 -8.01 -12.18
CA TRP A 40 -10.97 -8.21 -13.55
C TRP A 40 -11.75 -9.52 -13.70
N GLU A 41 -11.29 -10.66 -13.18
CA GLU A 41 -12.01 -11.91 -13.45
C GLU A 41 -13.32 -11.99 -12.65
N MET A 42 -13.46 -11.24 -11.56
CA MET A 42 -14.70 -11.32 -10.78
C MET A 42 -15.74 -10.34 -11.34
N THR A 43 -15.27 -9.25 -11.91
CA THR A 43 -16.13 -8.23 -12.51
C THR A 43 -16.44 -8.51 -13.98
N SER A 44 -15.72 -9.44 -14.59
CA SER A 44 -15.97 -9.83 -15.97
C SER A 44 -16.77 -11.14 -16.06
N GLY A 45 -17.10 -11.75 -14.92
CA GLY A 45 -18.03 -12.89 -14.91
C GLY A 45 -17.67 -13.96 -15.94
N VAL A 46 -16.42 -14.41 -15.92
CA VAL A 46 -15.93 -15.41 -16.86
C VAL A 46 -15.66 -16.73 -16.14
N GLU A 47 -15.14 -16.65 -14.93
CA GLU A 47 -15.06 -17.82 -14.05
C GLU A 47 -16.23 -17.77 -13.07
N GLU A 48 -16.79 -18.93 -12.76
CA GLU A 48 -17.90 -18.99 -11.79
C GLU A 48 -17.42 -18.58 -10.41
N ILE A 49 -17.99 -17.48 -9.93
CA ILE A 49 -17.65 -16.95 -8.62
C ILE A 49 -18.65 -17.46 -7.59
N PRO A 50 -18.17 -18.06 -6.49
CA PRO A 50 -19.03 -18.54 -5.41
C PRO A 50 -20.03 -17.47 -4.98
N PRO A 51 -21.26 -17.89 -4.65
CA PRO A 51 -22.39 -17.00 -4.31
C PRO A 51 -22.11 -16.04 -3.15
N GLY A 52 -20.96 -16.17 -2.52
CA GLY A 52 -20.65 -15.32 -1.38
C GLY A 52 -19.78 -14.12 -1.74
N ILE A 53 -18.91 -14.26 -2.74
CA ILE A 53 -17.91 -13.22 -2.99
C ILE A 53 -18.08 -12.51 -4.34
N LEU A 54 -18.97 -12.98 -5.20
CA LEU A 54 -19.25 -12.34 -6.50
C LEU A 54 -19.32 -10.81 -6.39
N ASN A 55 -20.46 -10.28 -5.97
CA ASN A 55 -20.61 -8.83 -5.78
C ASN A 55 -19.92 -8.38 -4.50
N LYS A 56 -18.95 -9.16 -4.08
CA LYS A 56 -18.11 -8.88 -2.94
C LYS A 56 -16.68 -8.65 -3.40
N GLU A 57 -16.54 -8.36 -4.69
CA GLU A 57 -15.28 -7.87 -5.26
C GLU A 57 -14.75 -6.68 -4.45
N HIS A 58 -15.67 -5.83 -4.00
CA HIS A 58 -15.35 -4.64 -3.23
C HIS A 58 -15.06 -4.98 -1.75
N ILE A 59 -15.17 -6.26 -1.39
CA ILE A 59 -14.79 -6.74 -0.07
C ILE A 59 -13.43 -7.41 -0.17
N ILE A 60 -13.35 -8.36 -1.11
CA ILE A 60 -12.11 -9.10 -1.37
C ILE A 60 -10.92 -8.17 -1.56
N PHE A 61 -11.05 -7.10 -2.33
CA PHE A 61 -9.90 -6.21 -2.48
C PHE A 61 -10.22 -4.77 -2.07
N GLY A 62 -11.43 -4.54 -1.57
CA GLY A 62 -11.82 -3.20 -1.15
C GLY A 62 -11.93 -2.23 -2.32
N ASN A 63 -11.22 -1.11 -2.22
CA ASN A 63 -11.24 -0.08 -3.24
C ASN A 63 -9.84 0.10 -3.86
N ILE A 64 -9.18 -1.02 -4.17
CA ILE A 64 -7.79 -0.98 -4.63
C ILE A 64 -7.67 -0.32 -6.02
N GLN A 65 -8.76 -0.31 -6.78
CA GLN A 65 -8.76 0.24 -8.13
C GLN A 65 -8.33 1.71 -8.10
N GLU A 66 -8.83 2.43 -7.11
CA GLU A 66 -8.55 3.86 -6.97
C GLU A 66 -7.07 4.07 -6.61
N ILE A 67 -6.53 3.15 -5.84
CA ILE A 67 -5.15 3.26 -5.37
C ILE A 67 -4.16 3.26 -6.53
N TYR A 68 -4.28 2.29 -7.45
CA TYR A 68 -3.44 2.26 -8.64
C TYR A 68 -3.42 3.60 -9.35
N ASP A 69 -4.59 4.04 -9.79
CA ASP A 69 -4.70 5.23 -10.62
C ASP A 69 -4.06 6.42 -9.93
N PHE A 70 -4.46 6.64 -8.68
CA PHE A 70 -4.07 7.83 -7.95
C PHE A 70 -2.57 7.83 -7.64
N HIS A 71 -1.95 6.65 -7.57
CA HIS A 71 -0.51 6.61 -7.33
C HIS A 71 0.29 6.73 -8.64
N ASN A 72 -0.06 5.93 -9.66
CA ASN A 72 0.68 5.91 -10.92
C ASN A 72 0.74 7.29 -11.59
N ASN A 73 -0.28 8.11 -11.39
CA ASN A 73 -0.26 9.46 -12.00
C ASN A 73 0.10 10.56 -10.99
N ILE A 74 0.10 10.26 -9.70
CA ILE A 74 0.45 11.24 -8.68
C ILE A 74 1.58 10.78 -7.76
N PHE A 75 1.28 9.98 -6.73
CA PHE A 75 2.24 9.77 -5.63
C PHE A 75 3.61 9.31 -6.14
N LEU A 76 3.66 8.29 -7.00
CA LEU A 76 4.91 7.84 -7.60
C LEU A 76 5.66 9.00 -8.26
N LYS A 77 5.06 9.65 -9.24
CA LYS A 77 5.72 10.72 -9.98
C LYS A 77 5.85 12.00 -9.17
N GLU A 78 5.44 11.95 -7.92
CA GLU A 78 5.71 13.04 -7.00
C GLU A 78 6.96 12.70 -6.19
N LEU A 79 7.08 11.41 -5.91
CA LEU A 79 8.13 10.89 -5.04
C LEU A 79 9.47 10.79 -5.75
N GLU A 80 9.47 10.36 -7.01
CA GLU A 80 10.72 10.29 -7.78
C GLU A 80 11.36 11.68 -7.90
N LYS A 81 10.61 12.73 -7.55
CA LYS A 81 11.15 14.09 -7.55
C LYS A 81 11.91 14.37 -6.25
N TYR A 82 11.88 13.42 -5.33
CA TYR A 82 12.49 13.56 -4.01
C TYR A 82 13.68 12.62 -3.90
N GLU A 83 14.01 12.00 -5.02
CA GLU A 83 15.16 11.08 -5.11
C GLU A 83 16.45 11.78 -4.65
N GLN A 84 16.53 13.09 -4.87
CA GLN A 84 17.71 13.84 -4.45
C GLN A 84 17.48 14.55 -3.13
N LEU A 85 16.41 14.20 -2.43
CA LEU A 85 16.05 14.91 -1.21
C LEU A 85 15.03 14.13 -0.38
N PRO A 86 15.50 13.17 0.45
CA PRO A 86 14.63 12.41 1.33
C PRO A 86 14.10 13.26 2.48
N GLU A 87 14.64 14.45 2.64
CA GLU A 87 14.10 15.39 3.60
C GLU A 87 12.75 15.94 3.16
N ASP A 88 12.41 15.81 1.86
CA ASP A 88 11.18 16.46 1.38
C ASP A 88 10.01 15.49 1.33
N VAL A 89 10.16 14.26 1.84
CA VAL A 89 9.05 13.32 1.72
C VAL A 89 8.13 13.41 2.92
N GLY A 90 8.51 14.22 3.92
CA GLY A 90 7.56 14.55 4.97
C GLY A 90 6.44 15.40 4.41
N HIS A 91 6.81 16.23 3.45
CA HIS A 91 5.88 17.10 2.70
C HIS A 91 4.90 16.27 1.85
N CYS A 92 5.30 15.06 1.55
CA CYS A 92 4.53 14.18 0.67
C CYS A 92 3.54 13.33 1.46
N PHE A 93 3.83 12.94 2.69
CA PHE A 93 2.79 12.34 3.51
C PHE A 93 1.71 13.36 3.92
N VAL A 94 2.12 14.60 4.20
CA VAL A 94 1.16 15.65 4.58
C VAL A 94 0.41 16.27 3.39
N THR A 95 1.08 16.47 2.26
CA THR A 95 0.44 17.15 1.12
C THR A 95 -0.87 16.44 0.77
N TRP A 96 -0.83 15.15 1.03
CA TRP A 96 -1.86 14.20 0.69
C TRP A 96 -2.43 13.54 1.93
N ALA A 97 -2.24 14.16 3.10
CA ALA A 97 -2.62 13.55 4.37
C ALA A 97 -4.08 13.13 4.36
N ASP A 98 -4.95 14.04 3.98
CA ASP A 98 -6.39 13.76 3.98
C ASP A 98 -6.75 12.64 3.01
N LYS A 99 -5.97 12.50 1.93
CA LYS A 99 -6.19 11.44 0.94
C LYS A 99 -5.87 10.07 1.54
N PHE A 100 -5.17 10.05 2.67
CA PHE A 100 -4.85 8.78 3.33
C PHE A 100 -6.04 8.22 4.09
N GLN A 101 -7.18 8.93 4.06
CA GLN A 101 -8.40 8.39 4.64
C GLN A 101 -8.86 7.16 3.84
N MET A 102 -8.41 7.04 2.59
CA MET A 102 -8.67 5.82 1.81
C MET A 102 -8.17 4.57 2.54
N TYR A 103 -7.10 4.72 3.33
CA TYR A 103 -6.53 3.61 4.08
C TYR A 103 -7.33 3.30 5.35
N VAL A 104 -8.16 4.22 5.83
CA VAL A 104 -9.00 3.91 6.99
C VAL A 104 -10.19 3.06 6.55
N THR A 105 -10.68 3.34 5.35
CA THR A 105 -11.71 2.53 4.74
C THR A 105 -11.19 1.14 4.42
N TYR A 106 -10.02 1.09 3.77
CA TYR A 106 -9.41 -0.16 3.35
C TYR A 106 -9.28 -1.13 4.52
N CYS A 107 -8.69 -0.68 5.63
CA CYS A 107 -8.41 -1.57 6.75
C CYS A 107 -9.69 -2.04 7.46
N LYS A 108 -10.73 -1.22 7.46
CA LYS A 108 -11.97 -1.64 8.15
C LYS A 108 -12.61 -2.82 7.43
N ASN A 109 -12.36 -2.90 6.13
CA ASN A 109 -12.88 -4.00 5.32
C ASN A 109 -11.95 -5.21 5.36
N LYS A 110 -10.76 -5.03 5.94
CA LYS A 110 -9.76 -6.11 6.01
C LYS A 110 -10.33 -7.41 6.58
N PRO A 111 -10.84 -7.41 7.84
CA PRO A 111 -11.25 -8.66 8.50
C PRO A 111 -12.42 -9.35 7.79
N ASP A 112 -13.37 -8.56 7.34
CA ASP A 112 -14.52 -9.15 6.64
C ASP A 112 -14.11 -9.63 5.25
N SER A 113 -13.14 -8.95 4.66
CA SER A 113 -12.47 -9.45 3.46
C SER A 113 -11.84 -10.81 3.73
N ASN A 114 -11.04 -10.84 4.80
CA ASN A 114 -10.36 -12.07 5.22
C ASN A 114 -11.33 -13.23 5.29
N GLN A 115 -12.34 -13.07 6.13
CA GLN A 115 -13.37 -14.09 6.30
C GLN A 115 -13.91 -14.59 4.97
N LEU A 116 -14.18 -13.67 4.04
CA LEU A 116 -14.75 -14.07 2.75
C LEU A 116 -13.72 -14.84 1.93
N ILE A 117 -12.47 -14.40 1.89
CA ILE A 117 -11.47 -15.11 1.08
C ILE A 117 -11.08 -16.44 1.69
N LEU A 118 -11.36 -16.64 2.98
CA LEU A 118 -11.09 -17.91 3.60
C LEU A 118 -12.22 -18.90 3.33
N GLU A 119 -13.37 -18.65 3.94
CA GLU A 119 -14.44 -19.65 3.92
C GLU A 119 -15.28 -19.67 2.63
N HIS A 120 -15.74 -18.52 2.13
CA HIS A 120 -16.64 -18.53 0.95
C HIS A 120 -15.95 -18.15 -0.36
N ALA A 121 -14.70 -17.70 -0.36
CA ALA A 121 -14.02 -17.50 -1.63
C ALA A 121 -13.50 -18.83 -2.16
N GLY A 122 -12.91 -19.59 -1.26
CA GLY A 122 -12.49 -20.94 -1.56
C GLY A 122 -11.12 -20.99 -2.22
N THR A 123 -10.96 -21.96 -3.10
CA THR A 123 -9.69 -22.21 -3.78
C THR A 123 -9.61 -21.46 -5.12
N PHE A 124 -10.66 -20.71 -5.45
CA PHE A 124 -10.85 -20.20 -6.81
C PHE A 124 -9.67 -19.36 -7.33
N PHE A 125 -8.99 -18.66 -6.41
CA PHE A 125 -7.86 -17.83 -6.80
C PHE A 125 -6.61 -18.67 -7.06
N ASP A 126 -6.54 -19.87 -6.48
CA ASP A 126 -5.41 -20.76 -6.68
C ASP A 126 -5.32 -21.19 -8.13
N GLU A 127 -6.47 -21.28 -8.80
CA GLU A 127 -6.50 -21.65 -10.20
C GLU A 127 -6.08 -20.46 -11.08
N ILE A 128 -6.62 -19.27 -10.76
CA ILE A 128 -6.23 -18.05 -11.49
C ILE A 128 -4.75 -17.78 -11.29
N GLN A 129 -4.30 -18.01 -10.06
CA GLN A 129 -2.90 -17.96 -9.68
C GLN A 129 -2.01 -18.61 -10.73
N GLN A 130 -2.39 -19.81 -11.16
CA GLN A 130 -1.56 -20.61 -12.05
C GLN A 130 -1.70 -20.14 -13.49
N ARG A 131 -2.89 -19.69 -13.88
CA ARG A 131 -3.14 -19.33 -15.27
C ARG A 131 -2.28 -18.15 -15.68
N HIS A 132 -2.23 -17.13 -14.82
CA HIS A 132 -1.51 -15.91 -15.15
C HIS A 132 -0.06 -15.95 -14.65
N GLY A 133 0.29 -16.95 -13.85
CA GLY A 133 1.64 -17.00 -13.28
C GLY A 133 1.81 -16.01 -12.15
N LEU A 134 0.75 -15.79 -11.38
CA LEU A 134 0.76 -14.85 -10.27
C LEU A 134 1.83 -15.19 -9.23
N ALA A 135 2.04 -16.50 -9.03
CA ALA A 135 3.06 -17.04 -8.12
C ALA A 135 2.70 -16.87 -6.64
N ASN A 136 2.16 -15.72 -6.27
CA ASN A 136 1.91 -15.40 -4.87
C ASN A 136 0.42 -15.35 -4.54
N SER A 137 0.09 -15.79 -3.33
CA SER A 137 -1.30 -15.94 -2.89
C SER A 137 -2.09 -14.62 -2.89
N ILE A 138 -3.41 -14.73 -2.92
CA ILE A 138 -4.28 -13.56 -2.87
C ILE A 138 -4.11 -12.76 -1.56
N SER A 139 -4.29 -13.44 -0.43
CA SER A 139 -4.15 -12.85 0.91
C SER A 139 -2.86 -12.05 1.02
N SER A 140 -1.82 -12.56 0.37
CA SER A 140 -0.55 -11.87 0.30
C SER A 140 -0.69 -10.48 -0.35
N TYR A 141 -1.25 -10.43 -1.56
CA TYR A 141 -1.38 -9.15 -2.27
C TYR A 141 -2.29 -8.16 -1.55
N LEU A 142 -3.48 -8.59 -1.12
CA LEU A 142 -4.42 -7.67 -0.49
C LEU A 142 -3.91 -7.12 0.85
N ILE A 143 -3.09 -7.90 1.56
CA ILE A 143 -2.51 -7.39 2.82
C ILE A 143 -1.27 -6.53 2.55
N LYS A 144 -0.76 -6.58 1.32
CA LYS A 144 0.44 -5.80 0.95
C LYS A 144 0.25 -4.29 1.20
N PRO A 145 -0.89 -3.67 0.85
CA PRO A 145 -1.19 -2.29 1.25
C PRO A 145 -0.87 -2.00 2.73
N VAL A 146 -1.07 -2.98 3.59
CA VAL A 146 -0.84 -2.81 5.03
C VAL A 146 0.61 -3.11 5.36
N GLN A 147 1.27 -3.93 4.55
CA GLN A 147 2.72 -4.07 4.65
C GLN A 147 3.36 -2.71 4.32
N ARG A 148 2.76 -2.04 3.34
CA ARG A 148 3.26 -0.77 2.83
C ARG A 148 3.11 0.36 3.85
N VAL A 149 2.07 0.32 4.67
CA VAL A 149 1.84 1.37 5.67
C VAL A 149 2.77 1.20 6.85
N THR A 150 3.31 0.01 7.06
CA THR A 150 4.37 -0.13 8.05
C THR A 150 5.67 0.44 7.49
N LYS A 151 5.88 0.26 6.20
CA LYS A 151 7.12 0.69 5.56
C LYS A 151 7.22 2.23 5.63
N TYR A 152 6.10 2.91 5.39
CA TYR A 152 6.01 4.35 5.63
C TYR A 152 6.51 4.73 7.02
N GLN A 153 6.08 3.99 8.03
CA GLN A 153 6.41 4.34 9.41
C GLN A 153 7.90 4.13 9.67
N LEU A 154 8.41 3.04 9.11
CA LEU A 154 9.83 2.70 9.17
C LEU A 154 10.71 3.87 8.73
N LEU A 155 10.53 4.32 7.48
CA LEU A 155 11.42 5.32 6.91
C LEU A 155 11.10 6.73 7.40
N LEU A 156 9.83 7.04 7.59
CA LEU A 156 9.43 8.33 8.15
C LEU A 156 9.97 8.53 9.56
N LYS A 157 10.05 7.48 10.37
CA LYS A 157 10.72 7.59 11.65
C LYS A 157 12.17 8.02 11.48
N GLU A 158 12.82 7.45 10.47
CA GLU A 158 14.22 7.74 10.18
C GLU A 158 14.44 9.24 10.02
N LEU A 159 13.62 9.87 9.19
CA LEU A 159 13.85 11.27 8.84
C LEU A 159 13.53 12.18 10.03
N LEU A 160 12.43 11.93 10.71
CA LEU A 160 12.02 12.78 11.83
C LEU A 160 12.95 12.65 13.03
N THR A 161 13.69 11.56 13.13
CA THR A 161 14.68 11.41 14.20
C THR A 161 16.07 11.86 13.74
N CYS A 162 16.17 12.37 12.52
CA CYS A 162 17.44 12.91 11.99
C CYS A 162 17.87 14.21 12.68
N CYS A 163 17.17 14.58 13.77
CA CYS A 163 17.66 15.66 14.66
C CYS A 163 18.07 16.96 13.94
N GLU A 164 17.13 17.93 13.81
CA GLU A 164 17.48 19.22 13.22
C GLU A 164 16.38 20.27 13.45
N GLU A 165 15.32 20.22 12.65
CA GLU A 165 14.29 21.27 12.72
C GLU A 165 13.39 21.07 13.94
N GLY A 166 13.40 19.85 14.47
CA GLY A 166 12.70 19.57 15.72
C GLY A 166 11.37 18.88 15.50
N LYS A 167 11.32 17.99 14.51
CA LYS A 167 10.09 17.30 14.09
C LYS A 167 8.93 18.28 13.87
N GLY A 168 8.64 18.56 12.60
CA GLY A 168 7.56 19.47 12.28
C GLY A 168 6.60 18.84 11.27
N GLU A 169 6.68 19.15 9.96
CA GLU A 169 5.87 18.46 8.96
C GLU A 169 6.15 16.96 8.97
N LEU A 170 7.32 16.58 9.48
CA LEU A 170 7.65 15.17 9.63
C LEU A 170 6.80 14.54 10.73
N LYS A 171 6.53 15.33 11.77
CA LYS A 171 5.70 14.90 12.88
C LYS A 171 4.24 14.93 12.48
N ASP A 172 3.85 15.92 11.67
CA ASP A 172 2.50 15.94 11.11
C ASP A 172 2.32 14.77 10.15
N GLY A 173 3.32 14.56 9.28
CA GLY A 173 3.29 13.45 8.34
C GLY A 173 3.20 12.11 9.04
N LEU A 174 3.74 12.06 10.23
CA LEU A 174 3.62 10.91 11.08
C LEU A 174 2.20 10.77 11.66
N GLU A 175 1.70 11.84 12.28
CA GLU A 175 0.41 11.81 12.99
C GLU A 175 -0.73 11.38 12.06
N VAL A 176 -0.70 11.86 10.83
CA VAL A 176 -1.67 11.43 9.82
C VAL A 176 -1.58 9.93 9.58
N MET A 177 -0.35 9.44 9.48
CA MET A 177 -0.10 8.04 9.19
C MET A 177 -0.53 7.14 10.35
N LEU A 178 -0.49 7.67 11.57
CA LEU A 178 -0.83 6.88 12.75
C LEU A 178 -2.32 6.99 13.07
N SER A 179 -2.95 8.06 12.62
CA SER A 179 -4.33 8.32 12.99
C SER A 179 -5.27 7.52 12.10
N VAL A 180 -4.80 7.11 10.93
CA VAL A 180 -5.62 6.36 10.00
C VAL A 180 -5.95 4.95 10.50
N PRO A 181 -4.96 4.03 10.69
CA PRO A 181 -5.27 2.68 11.18
C PRO A 181 -5.85 2.71 12.59
N LYS A 182 -5.51 3.75 13.35
CA LYS A 182 -6.09 3.95 14.67
C LYS A 182 -7.57 4.26 14.52
N LYS A 183 -7.89 5.17 13.60
CA LYS A 183 -9.26 5.54 13.33
C LYS A 183 -10.11 4.35 12.94
N ALA A 184 -9.50 3.41 12.22
CA ALA A 184 -10.20 2.25 11.70
C ALA A 184 -10.73 1.40 12.84
N ASN A 185 -10.03 1.47 13.96
CA ASN A 185 -10.42 0.76 15.17
C ASN A 185 -11.59 1.48 15.84
N ASP A 186 -11.50 2.81 15.87
CA ASP A 186 -12.52 3.67 16.47
C ASP A 186 -13.81 3.61 15.66
N ALA A 187 -13.70 3.89 14.36
CA ALA A 187 -14.85 3.89 13.46
C ALA A 187 -15.51 2.52 13.41
N MET A 188 -14.70 1.46 13.47
CA MET A 188 -15.20 0.08 13.54
C MET A 188 -16.32 -0.05 14.57
N HIS A 189 -17.51 -0.33 14.05
CA HIS A 189 -18.65 -0.64 14.88
C HIS A 189 -19.46 -1.73 14.20
N VAL A 190 -19.92 -2.70 14.99
CA VAL A 190 -20.61 -3.85 14.45
C VAL A 190 -21.59 -4.43 15.48
N GLY A 1 21.54 1.42 -23.34
CA GLY A 1 22.37 2.44 -24.05
C GLY A 1 23.38 1.78 -24.97
N PRO A 2 24.62 1.62 -24.51
CA PRO A 2 25.62 0.77 -25.17
C PRO A 2 25.19 -0.70 -25.15
N LEU A 3 26.15 -1.60 -25.23
CA LEU A 3 25.84 -3.01 -25.17
C LEU A 3 26.88 -3.73 -24.31
N GLY A 4 26.64 -3.80 -23.01
CA GLY A 4 27.51 -4.58 -22.16
C GLY A 4 27.61 -4.01 -20.76
N SER A 5 28.83 -3.94 -20.23
CA SER A 5 29.04 -3.45 -18.89
C SER A 5 29.21 -1.91 -18.82
N PRO A 6 29.74 -1.21 -19.87
CA PRO A 6 29.68 0.28 -19.95
C PRO A 6 28.26 0.86 -20.00
N GLU A 7 27.36 0.31 -19.20
CA GLU A 7 26.01 0.80 -19.06
C GLU A 7 25.73 1.08 -17.58
N PHE A 8 25.48 2.33 -17.24
CA PHE A 8 25.27 2.69 -15.84
C PHE A 8 23.92 3.38 -15.68
N PRO A 9 22.82 2.61 -15.58
CA PRO A 9 21.50 3.13 -15.27
C PRO A 9 21.37 3.27 -13.75
N GLY A 10 21.55 4.49 -13.23
CA GLY A 10 21.69 4.67 -11.81
C GLY A 10 21.44 6.11 -11.40
N ARG A 11 21.34 6.34 -10.11
CA ARG A 11 21.09 7.66 -9.59
C ARG A 11 22.17 8.05 -8.57
N LYS A 12 21.84 7.85 -7.30
CA LYS A 12 22.73 8.21 -6.20
C LYS A 12 22.52 7.24 -5.03
N LYS A 13 23.59 7.05 -4.26
CA LYS A 13 23.57 6.26 -3.02
C LYS A 13 22.55 6.79 -2.00
N GLU A 14 21.27 6.55 -2.25
CA GLU A 14 20.23 7.00 -1.35
C GLU A 14 19.56 5.82 -0.69
N PHE A 15 20.16 5.45 0.43
CA PHE A 15 19.83 4.30 1.24
C PHE A 15 18.35 3.92 1.29
N ILE A 16 17.62 4.75 2.02
CA ILE A 16 16.29 4.43 2.45
C ILE A 16 15.27 5.27 1.70
N MET A 17 15.67 6.44 1.20
CA MET A 17 14.86 7.10 0.18
C MET A 17 14.60 6.14 -1.00
N ALA A 18 15.53 5.24 -1.27
CA ALA A 18 15.35 4.27 -2.34
C ALA A 18 14.39 3.19 -1.88
N GLU A 19 14.43 2.91 -0.60
CA GLU A 19 13.45 2.03 0.05
C GLU A 19 12.03 2.60 -0.09
N LEU A 20 11.81 3.90 -0.19
CA LEU A 20 10.45 4.38 -0.42
C LEU A 20 10.17 4.52 -1.92
N LEU A 21 11.14 5.07 -2.66
CA LEU A 21 11.07 5.09 -4.13
C LEU A 21 10.73 3.71 -4.69
N GLN A 22 11.31 2.66 -4.12
CA GLN A 22 11.07 1.31 -4.64
C GLN A 22 9.68 0.81 -4.26
N THR A 23 9.17 1.20 -3.10
CA THR A 23 7.86 0.76 -2.65
C THR A 23 6.72 1.50 -3.35
N GLU A 24 6.90 2.76 -3.74
CA GLU A 24 6.10 3.32 -4.86
C GLU A 24 5.95 2.36 -6.04
N LYS A 25 7.01 2.13 -6.79
CA LYS A 25 6.90 1.32 -8.01
C LYS A 25 6.45 -0.12 -7.71
N ALA A 26 6.96 -0.74 -6.67
CA ALA A 26 6.36 -1.95 -6.09
C ALA A 26 4.85 -1.81 -5.84
N TYR A 27 4.40 -0.76 -5.18
CA TYR A 27 2.99 -0.70 -4.74
C TYR A 27 2.05 -0.37 -5.90
N VAL A 28 2.35 0.60 -6.73
CA VAL A 28 1.48 0.86 -7.88
C VAL A 28 1.52 -0.30 -8.89
N ARG A 29 2.63 -1.06 -8.94
CA ARG A 29 2.73 -2.20 -9.87
C ARG A 29 1.99 -3.42 -9.29
N ASP A 30 2.10 -3.63 -7.98
CA ASP A 30 1.34 -4.67 -7.29
C ASP A 30 -0.15 -4.31 -7.17
N LEU A 31 -0.55 -3.06 -7.37
CA LEU A 31 -1.97 -2.75 -7.53
C LEU A 31 -2.42 -3.02 -8.96
N HIS A 32 -1.63 -2.55 -9.93
CA HIS A 32 -1.88 -2.79 -11.35
C HIS A 32 -2.13 -4.27 -11.64
N GLU A 33 -1.25 -5.13 -11.13
CA GLU A 33 -1.31 -6.55 -11.48
C GLU A 33 -2.51 -7.22 -10.79
N CYS A 34 -2.98 -6.63 -9.70
CA CYS A 34 -4.14 -7.13 -8.99
C CYS A 34 -5.45 -6.86 -9.75
N LEU A 35 -5.74 -5.61 -10.11
CA LEU A 35 -6.96 -5.31 -10.86
C LEU A 35 -7.12 -6.20 -12.09
N GLU A 36 -6.01 -6.43 -12.78
CA GLU A 36 -6.04 -7.13 -14.06
C GLU A 36 -6.22 -8.64 -13.87
N THR A 37 -6.01 -9.13 -12.66
CA THR A 37 -6.16 -10.53 -12.37
C THR A 37 -7.37 -10.85 -11.51
N TYR A 38 -7.22 -10.75 -10.19
CA TYR A 38 -8.25 -11.23 -9.27
C TYR A 38 -9.52 -10.40 -9.35
N LEU A 39 -9.40 -9.12 -9.68
CA LEU A 39 -10.56 -8.26 -9.70
C LEU A 39 -11.24 -8.33 -11.08
N TRP A 40 -10.44 -8.16 -12.12
CA TRP A 40 -10.91 -8.33 -13.49
C TRP A 40 -11.64 -9.65 -13.70
N GLU A 41 -11.16 -10.79 -13.22
CA GLU A 41 -11.86 -12.04 -13.52
C GLU A 41 -13.19 -12.15 -12.76
N MET A 42 -13.36 -11.43 -11.65
CA MET A 42 -14.60 -11.55 -10.88
C MET A 42 -15.66 -10.58 -11.42
N THR A 43 -15.20 -9.46 -11.96
CA THR A 43 -16.10 -8.45 -12.52
C THR A 43 -16.44 -8.74 -13.99
N SER A 44 -15.65 -9.58 -14.63
CA SER A 44 -15.89 -9.94 -16.04
C SER A 44 -16.64 -11.27 -16.17
N GLY A 45 -16.91 -11.93 -15.05
CA GLY A 45 -17.78 -13.10 -15.08
C GLY A 45 -17.40 -14.12 -16.15
N VAL A 46 -16.12 -14.53 -16.18
CA VAL A 46 -15.62 -15.49 -17.15
C VAL A 46 -15.27 -16.80 -16.44
N GLU A 47 -15.16 -16.72 -15.13
CA GLU A 47 -15.05 -17.89 -14.27
C GLU A 47 -16.22 -17.89 -13.30
N GLU A 48 -16.63 -19.06 -12.86
CA GLU A 48 -17.79 -19.19 -11.99
C GLU A 48 -17.42 -18.81 -10.54
N ILE A 49 -18.03 -17.74 -10.06
CA ILE A 49 -17.74 -17.19 -8.75
C ILE A 49 -18.78 -17.65 -7.74
N PRO A 50 -18.36 -18.11 -6.56
CA PRO A 50 -19.28 -18.54 -5.51
C PRO A 50 -20.24 -17.43 -5.09
N PRO A 51 -21.48 -17.81 -4.74
CA PRO A 51 -22.58 -16.90 -4.36
C PRO A 51 -22.23 -15.93 -3.23
N GLY A 52 -21.08 -16.11 -2.60
CA GLY A 52 -20.73 -15.26 -1.48
C GLY A 52 -19.83 -14.10 -1.87
N ILE A 53 -18.99 -14.28 -2.88
CA ILE A 53 -17.99 -13.27 -3.18
C ILE A 53 -18.16 -12.57 -4.53
N LEU A 54 -19.07 -13.05 -5.39
CA LEU A 54 -19.36 -12.39 -6.67
C LEU A 54 -19.44 -10.87 -6.57
N ASN A 55 -20.57 -10.34 -6.13
CA ASN A 55 -20.72 -8.89 -5.95
C ASN A 55 -20.02 -8.43 -4.67
N LYS A 56 -19.05 -9.22 -4.25
CA LYS A 56 -18.22 -8.93 -3.09
C LYS A 56 -16.78 -8.71 -3.53
N GLU A 57 -16.60 -8.39 -4.81
CA GLU A 57 -15.33 -7.91 -5.32
C GLU A 57 -14.80 -6.73 -4.48
N HIS A 58 -15.74 -5.90 -4.01
CA HIS A 58 -15.43 -4.72 -3.22
C HIS A 58 -15.13 -5.07 -1.76
N ILE A 59 -15.28 -6.34 -1.40
CA ILE A 59 -14.90 -6.83 -0.07
C ILE A 59 -13.56 -7.53 -0.19
N ILE A 60 -13.49 -8.48 -1.13
CA ILE A 60 -12.27 -9.22 -1.43
C ILE A 60 -11.08 -8.27 -1.62
N PHE A 61 -11.23 -7.18 -2.36
CA PHE A 61 -10.09 -6.30 -2.55
C PHE A 61 -10.38 -4.85 -2.15
N GLY A 62 -11.45 -4.64 -1.39
CA GLY A 62 -11.80 -3.30 -0.94
C GLY A 62 -11.94 -2.31 -2.08
N ASN A 63 -11.19 -1.22 -2.01
CA ASN A 63 -11.23 -0.17 -3.02
C ASN A 63 -9.84 -0.02 -3.67
N ILE A 64 -9.21 -1.14 -4.01
CA ILE A 64 -7.83 -1.12 -4.49
C ILE A 64 -7.72 -0.45 -5.87
N GLN A 65 -8.81 -0.48 -6.63
CA GLN A 65 -8.81 0.09 -7.98
C GLN A 65 -8.45 1.56 -7.94
N GLU A 66 -8.95 2.24 -6.92
CA GLU A 66 -8.72 3.67 -6.76
C GLU A 66 -7.30 3.93 -6.28
N ILE A 67 -6.74 2.97 -5.57
CA ILE A 67 -5.38 3.07 -5.04
C ILE A 67 -4.37 3.06 -6.17
N TYR A 68 -4.46 2.10 -7.09
CA TYR A 68 -3.61 2.13 -8.28
C TYR A 68 -3.69 3.47 -8.97
N ASP A 69 -4.90 3.82 -9.35
CA ASP A 69 -5.15 4.99 -10.20
C ASP A 69 -4.50 6.22 -9.58
N PHE A 70 -4.82 6.45 -8.32
CA PHE A 70 -4.39 7.66 -7.64
C PHE A 70 -2.90 7.67 -7.35
N HIS A 71 -2.30 6.47 -7.29
CA HIS A 71 -0.87 6.36 -6.96
C HIS A 71 0.00 6.50 -8.23
N ASN A 72 -0.35 5.77 -9.30
CA ASN A 72 0.38 5.82 -10.56
C ASN A 72 0.44 7.23 -11.16
N ASN A 73 -0.62 8.02 -11.01
CA ASN A 73 -0.64 9.34 -11.65
C ASN A 73 -0.18 10.46 -10.69
N ILE A 74 -0.11 10.16 -9.40
CA ILE A 74 0.33 11.13 -8.41
C ILE A 74 1.50 10.65 -7.57
N PHE A 75 1.25 9.87 -6.52
CA PHE A 75 2.27 9.66 -5.46
C PHE A 75 3.62 9.21 -6.03
N LEU A 76 3.64 8.16 -6.84
CA LEU A 76 4.88 7.69 -7.48
C LEU A 76 5.62 8.82 -8.19
N LYS A 77 4.99 9.42 -9.19
CA LYS A 77 5.63 10.44 -10.02
C LYS A 77 5.82 11.77 -9.30
N GLU A 78 5.43 11.80 -8.04
CA GLU A 78 5.72 12.94 -7.19
C GLU A 78 6.98 12.65 -6.37
N LEU A 79 7.14 11.38 -6.01
CA LEU A 79 8.23 10.93 -5.17
C LEU A 79 9.55 10.88 -5.93
N GLU A 80 9.51 10.44 -7.19
CA GLU A 80 10.74 10.38 -8.00
C GLU A 80 11.34 11.79 -8.17
N LYS A 81 10.61 12.82 -7.78
CA LYS A 81 11.12 14.19 -7.80
C LYS A 81 11.89 14.52 -6.51
N TYR A 82 11.88 13.56 -5.59
CA TYR A 82 12.48 13.72 -4.27
C TYR A 82 13.67 12.76 -4.13
N GLU A 83 13.95 12.11 -5.24
CA GLU A 83 15.08 11.17 -5.36
C GLU A 83 16.40 11.85 -4.93
N GLN A 84 16.49 13.16 -5.12
CA GLN A 84 17.68 13.91 -4.73
C GLN A 84 17.49 14.58 -3.37
N LEU A 85 16.43 14.25 -2.64
CA LEU A 85 16.06 15.02 -1.45
C LEU A 85 14.93 14.37 -0.61
N PRO A 86 15.29 13.51 0.39
CA PRO A 86 14.32 12.87 1.32
C PRO A 86 13.80 13.83 2.40
N GLU A 87 14.39 14.99 2.44
CA GLU A 87 13.93 16.14 3.22
C GLU A 87 13.24 17.10 2.28
N ASP A 88 12.69 16.57 1.19
CA ASP A 88 11.52 17.21 0.60
C ASP A 88 10.28 16.27 0.57
N VAL A 89 10.36 15.05 1.14
CA VAL A 89 9.22 14.12 1.15
C VAL A 89 8.37 14.31 2.41
N GLY A 90 8.82 15.15 3.33
CA GLY A 90 7.96 15.55 4.43
C GLY A 90 6.77 16.32 3.88
N HIS A 91 7.04 17.04 2.79
CA HIS A 91 6.03 17.77 2.04
C HIS A 91 5.01 16.83 1.39
N CYS A 92 5.41 15.60 1.15
CA CYS A 92 4.60 14.66 0.37
C CYS A 92 3.64 13.85 1.25
N PHE A 93 4.03 13.34 2.41
CA PHE A 93 3.05 12.64 3.25
C PHE A 93 1.94 13.59 3.72
N VAL A 94 2.29 14.85 4.00
CA VAL A 94 1.30 15.84 4.41
C VAL A 94 0.48 16.39 3.24
N THR A 95 1.12 16.58 2.08
CA THR A 95 0.41 17.21 0.95
C THR A 95 -0.88 16.46 0.66
N TRP A 96 -0.77 15.15 0.90
CA TRP A 96 -1.77 14.16 0.57
C TRP A 96 -2.28 13.48 1.81
N ALA A 97 -2.07 14.09 2.97
CA ALA A 97 -2.41 13.48 4.25
C ALA A 97 -3.85 13.02 4.28
N ASP A 98 -4.75 13.89 3.87
CA ASP A 98 -6.18 13.57 3.88
C ASP A 98 -6.50 12.39 2.96
N LYS A 99 -5.69 12.21 1.91
CA LYS A 99 -5.85 11.08 0.99
C LYS A 99 -5.50 9.76 1.68
N PHE A 100 -4.87 9.82 2.84
CA PHE A 100 -4.58 8.62 3.60
C PHE A 100 -5.79 8.17 4.42
N GLN A 101 -6.89 8.93 4.35
CA GLN A 101 -8.11 8.51 5.01
C GLN A 101 -8.76 7.37 4.22
N MET A 102 -8.27 7.17 3.01
CA MET A 102 -8.67 6.03 2.20
C MET A 102 -8.17 4.72 2.82
N TYR A 103 -7.11 4.83 3.63
CA TYR A 103 -6.57 3.69 4.37
C TYR A 103 -7.37 3.40 5.64
N VAL A 104 -8.20 4.33 6.10
CA VAL A 104 -9.03 4.04 7.26
C VAL A 104 -10.18 3.14 6.81
N THR A 105 -10.64 3.38 5.59
CA THR A 105 -11.64 2.53 4.95
C THR A 105 -11.07 1.16 4.68
N TYR A 106 -9.89 1.12 4.04
CA TYR A 106 -9.27 -0.12 3.61
C TYR A 106 -9.05 -1.10 4.77
N CYS A 107 -8.53 -0.64 5.91
CA CYS A 107 -8.24 -1.58 6.97
C CYS A 107 -9.49 -2.15 7.61
N LYS A 108 -10.59 -1.39 7.65
CA LYS A 108 -11.79 -1.88 8.31
C LYS A 108 -12.38 -3.07 7.54
N ASN A 109 -12.24 -3.04 6.21
CA ASN A 109 -12.80 -4.09 5.36
C ASN A 109 -11.86 -5.29 5.25
N LYS A 110 -10.63 -5.10 5.74
CA LYS A 110 -9.61 -6.16 5.69
C LYS A 110 -10.09 -7.48 6.31
N PRO A 111 -10.57 -7.47 7.58
CA PRO A 111 -11.01 -8.70 8.26
C PRO A 111 -12.22 -9.37 7.60
N ASP A 112 -13.22 -8.57 7.22
CA ASP A 112 -14.40 -9.14 6.59
C ASP A 112 -14.06 -9.69 5.21
N SER A 113 -13.11 -9.04 4.54
CA SER A 113 -12.48 -9.58 3.34
C SER A 113 -11.90 -10.96 3.62
N ASN A 114 -11.09 -11.02 4.67
CA ASN A 114 -10.44 -12.27 5.08
C ASN A 114 -11.45 -13.39 5.16
N GLN A 115 -12.48 -13.19 5.98
CA GLN A 115 -13.55 -14.15 6.14
C GLN A 115 -14.04 -14.66 4.78
N LEU A 116 -14.35 -13.74 3.88
CA LEU A 116 -14.92 -14.12 2.59
C LEU A 116 -13.91 -14.87 1.73
N ILE A 117 -12.64 -14.49 1.75
CA ILE A 117 -11.67 -15.20 0.92
C ILE A 117 -11.34 -16.57 1.49
N LEU A 118 -11.55 -16.76 2.79
CA LEU A 118 -11.31 -18.07 3.39
C LEU A 118 -12.47 -19.02 3.12
N GLU A 119 -13.60 -18.75 3.78
CA GLU A 119 -14.69 -19.71 3.78
C GLU A 119 -15.47 -19.78 2.45
N HIS A 120 -15.92 -18.64 1.93
CA HIS A 120 -16.81 -18.66 0.75
C HIS A 120 -16.14 -18.19 -0.55
N ALA A 121 -14.87 -17.82 -0.54
CA ALA A 121 -14.19 -17.63 -1.82
C ALA A 121 -13.68 -18.97 -2.34
N GLY A 122 -13.04 -19.71 -1.43
CA GLY A 122 -12.62 -21.06 -1.72
C GLY A 122 -11.27 -21.13 -2.39
N THR A 123 -11.13 -22.10 -3.29
CA THR A 123 -9.86 -22.34 -3.97
C THR A 123 -9.80 -21.59 -5.30
N PHE A 124 -10.82 -20.80 -5.60
CA PHE A 124 -11.04 -20.29 -6.96
C PHE A 124 -9.85 -19.46 -7.47
N PHE A 125 -9.15 -18.76 -6.57
CA PHE A 125 -8.05 -17.93 -6.99
C PHE A 125 -6.80 -18.76 -7.26
N ASP A 126 -6.76 -20.00 -6.77
CA ASP A 126 -5.61 -20.88 -6.96
C ASP A 126 -5.52 -21.32 -8.42
N GLU A 127 -6.66 -21.40 -9.10
CA GLU A 127 -6.66 -21.71 -10.52
C GLU A 127 -6.19 -20.51 -11.35
N ILE A 128 -6.66 -19.30 -10.97
CA ILE A 128 -6.23 -18.07 -11.66
C ILE A 128 -4.75 -17.85 -11.40
N GLN A 129 -4.36 -18.16 -10.17
CA GLN A 129 -2.98 -18.17 -9.71
C GLN A 129 -2.03 -18.70 -10.77
N GLN A 130 -2.30 -19.90 -11.25
CA GLN A 130 -1.40 -20.60 -12.15
C GLN A 130 -1.49 -20.09 -13.57
N ARG A 131 -2.67 -19.61 -13.97
CA ARG A 131 -2.85 -19.17 -15.35
C ARG A 131 -1.94 -18.00 -15.67
N HIS A 132 -1.87 -17.04 -14.76
CA HIS A 132 -1.16 -15.80 -15.03
C HIS A 132 0.29 -15.81 -14.51
N GLY A 133 0.63 -16.77 -13.66
CA GLY A 133 1.95 -16.76 -13.04
C GLY A 133 2.06 -15.78 -11.90
N LEU A 134 0.95 -15.60 -11.17
CA LEU A 134 0.88 -14.66 -10.04
C LEU A 134 1.95 -14.96 -8.98
N ALA A 135 2.20 -16.24 -8.76
CA ALA A 135 3.21 -16.77 -7.83
C ALA A 135 2.83 -16.59 -6.35
N ASN A 136 2.21 -15.46 -6.01
CA ASN A 136 1.91 -15.14 -4.61
C ASN A 136 0.41 -15.17 -4.36
N SER A 137 0.05 -15.66 -3.16
CA SER A 137 -1.36 -15.84 -2.77
C SER A 137 -2.17 -14.53 -2.78
N ILE A 138 -3.50 -14.66 -2.89
CA ILE A 138 -4.39 -13.49 -2.92
C ILE A 138 -4.24 -12.65 -1.64
N SER A 139 -4.39 -13.32 -0.49
CA SER A 139 -4.23 -12.70 0.82
C SER A 139 -3.00 -11.79 0.87
N SER A 140 -1.95 -12.20 0.18
CA SER A 140 -0.72 -11.43 0.12
C SER A 140 -0.96 -10.03 -0.42
N TYR A 141 -1.57 -9.93 -1.61
CA TYR A 141 -1.76 -8.63 -2.23
C TYR A 141 -2.70 -7.72 -1.44
N LEU A 142 -3.84 -8.25 -1.00
CA LEU A 142 -4.79 -7.41 -0.25
C LEU A 142 -4.24 -6.93 1.09
N ILE A 143 -3.33 -7.68 1.71
CA ILE A 143 -2.71 -7.20 2.95
C ILE A 143 -1.46 -6.35 2.66
N LYS A 144 -1.00 -6.37 1.41
CA LYS A 144 0.15 -5.57 0.98
C LYS A 144 0.05 -4.10 1.42
N PRO A 145 -1.11 -3.43 1.20
CA PRO A 145 -1.35 -2.08 1.73
C PRO A 145 -0.93 -1.91 3.18
N VAL A 146 -1.06 -2.94 4.00
CA VAL A 146 -0.75 -2.84 5.42
C VAL A 146 0.74 -3.08 5.66
N GLN A 147 1.38 -3.80 4.77
CA GLN A 147 2.84 -3.87 4.82
C GLN A 147 3.42 -2.48 4.48
N ARG A 148 2.75 -1.76 3.57
CA ARG A 148 3.25 -0.44 3.16
C ARG A 148 3.13 0.56 4.30
N VAL A 149 2.03 0.53 5.05
CA VAL A 149 1.81 1.53 6.08
C VAL A 149 2.76 1.33 7.25
N THR A 150 3.34 0.15 7.39
CA THR A 150 4.42 -0.02 8.34
C THR A 150 5.72 0.49 7.75
N LYS A 151 5.94 0.19 6.47
CA LYS A 151 7.17 0.58 5.77
C LYS A 151 7.28 2.10 5.73
N TYR A 152 6.20 2.78 5.37
CA TYR A 152 6.11 4.24 5.45
C TYR A 152 6.46 4.76 6.84
N GLN A 153 6.09 4.05 7.90
CA GLN A 153 6.44 4.53 9.23
C GLN A 153 7.93 4.31 9.50
N LEU A 154 8.42 3.15 9.06
CA LEU A 154 9.84 2.79 9.14
C LEU A 154 10.77 3.91 8.63
N LEU A 155 10.60 4.29 7.36
CA LEU A 155 11.49 5.22 6.71
C LEU A 155 11.28 6.66 7.18
N LEU A 156 10.02 7.03 7.38
CA LEU A 156 9.69 8.35 7.90
C LEU A 156 10.21 8.56 9.32
N LYS A 157 10.31 7.50 10.12
CA LYS A 157 10.94 7.61 11.44
C LYS A 157 12.40 8.02 11.30
N GLU A 158 13.04 7.49 10.27
CA GLU A 158 14.44 7.78 9.98
C GLU A 158 14.67 9.26 9.74
N LEU A 159 13.86 9.85 8.86
CA LEU A 159 14.08 11.21 8.43
C LEU A 159 13.84 12.20 9.56
N LEU A 160 12.72 12.04 10.26
CA LEU A 160 12.35 12.99 11.32
C LEU A 160 13.28 12.92 12.54
N THR A 161 14.07 11.87 12.68
CA THR A 161 15.10 11.84 13.72
C THR A 161 16.47 12.29 13.15
N CYS A 162 16.57 12.38 11.84
CA CYS A 162 17.78 12.87 11.19
C CYS A 162 17.52 14.15 10.35
N CYS A 163 16.62 15.01 10.83
CA CYS A 163 16.17 16.17 10.04
C CYS A 163 17.05 17.39 10.28
N GLU A 164 17.36 18.10 9.20
CA GLU A 164 18.15 19.32 9.26
C GLU A 164 17.25 20.55 9.09
N GLU A 165 16.12 20.36 8.39
CA GLU A 165 15.17 21.44 8.21
C GLU A 165 14.39 21.70 9.48
N GLY A 166 14.38 20.70 10.36
CA GLY A 166 13.88 20.89 11.71
C GLY A 166 12.60 20.13 12.01
N LYS A 167 12.63 18.81 11.78
CA LYS A 167 11.56 17.85 12.15
C LYS A 167 10.21 18.54 12.49
N GLY A 168 9.42 18.77 11.45
CA GLY A 168 8.16 19.50 11.57
C GLY A 168 7.07 18.90 10.68
N GLU A 169 7.08 19.20 9.37
CA GLU A 169 6.15 18.53 8.44
C GLU A 169 6.36 17.02 8.49
N LEU A 170 7.53 16.62 8.95
CA LEU A 170 7.85 15.21 9.13
C LEU A 170 7.07 14.63 10.28
N LYS A 171 6.83 15.45 11.31
CA LYS A 171 6.02 15.03 12.45
C LYS A 171 4.54 15.03 12.08
N ASP A 172 4.09 16.06 11.38
CA ASP A 172 2.71 16.07 10.92
C ASP A 172 2.47 14.95 9.90
N GLY A 173 3.46 14.73 9.02
CA GLY A 173 3.43 13.61 8.11
C GLY A 173 3.41 12.28 8.84
N LEU A 174 4.03 12.25 10.01
CA LEU A 174 3.96 11.11 10.90
C LEU A 174 2.57 10.99 11.53
N GLU A 175 2.08 12.08 12.14
CA GLU A 175 0.78 12.08 12.83
C GLU A 175 -0.33 11.54 11.94
N VAL A 176 -0.36 12.02 10.70
CA VAL A 176 -1.35 11.55 9.72
C VAL A 176 -1.25 10.04 9.52
N MET A 177 -0.02 9.55 9.42
CA MET A 177 0.21 8.12 9.18
C MET A 177 -0.23 7.28 10.39
N LEU A 178 -0.14 7.84 11.59
CA LEU A 178 -0.49 7.09 12.80
C LEU A 178 -1.97 7.21 13.12
N SER A 179 -2.59 8.29 12.67
CA SER A 179 -3.97 8.59 13.06
C SER A 179 -4.98 7.78 12.25
N VAL A 180 -4.58 7.36 11.06
CA VAL A 180 -5.47 6.60 10.18
C VAL A 180 -5.88 5.24 10.76
N PRO A 181 -4.94 4.30 11.00
CA PRO A 181 -5.29 2.99 11.56
C PRO A 181 -5.88 3.12 12.97
N LYS A 182 -5.55 4.21 13.64
CA LYS A 182 -6.12 4.52 14.94
C LYS A 182 -7.60 4.83 14.77
N LYS A 183 -7.89 5.71 13.80
CA LYS A 183 -9.22 6.11 13.50
C LYS A 183 -10.13 4.92 13.21
N ALA A 184 -9.57 3.91 12.53
CA ALA A 184 -10.33 2.74 12.13
C ALA A 184 -10.81 1.97 13.35
N ASN A 185 -10.05 2.09 14.43
CA ASN A 185 -10.38 1.44 15.69
C ASN A 185 -11.48 2.21 16.41
N ASP A 186 -11.40 3.54 16.36
CA ASP A 186 -12.39 4.40 17.00
C ASP A 186 -13.71 4.38 16.24
N ALA A 187 -13.64 4.27 14.91
CA ALA A 187 -14.85 4.18 14.10
C ALA A 187 -15.51 2.82 14.27
N MET A 188 -14.67 1.80 14.45
CA MET A 188 -15.14 0.46 14.77
C MET A 188 -16.01 0.46 16.03
N HIS A 189 -17.31 0.27 15.84
CA HIS A 189 -18.23 0.25 16.96
C HIS A 189 -18.73 -1.17 17.22
N VAL A 190 -18.34 -1.73 18.35
CA VAL A 190 -18.76 -3.05 18.73
C VAL A 190 -19.55 -2.97 20.03
N GLY A 1 37.61 10.29 -26.11
CA GLY A 1 36.42 10.31 -25.22
C GLY A 1 36.39 11.54 -24.34
N PRO A 2 35.42 12.45 -24.56
CA PRO A 2 35.35 13.73 -23.83
C PRO A 2 34.72 13.60 -22.44
N LEU A 3 35.07 12.52 -21.75
CA LEU A 3 34.49 12.17 -20.41
C LEU A 3 32.96 12.32 -20.43
N GLY A 4 32.28 11.21 -20.68
CA GLY A 4 30.84 11.20 -20.65
C GLY A 4 30.32 10.57 -19.38
N SER A 5 29.36 9.67 -19.52
CA SER A 5 28.75 8.95 -18.39
C SER A 5 28.59 9.82 -17.14
N PRO A 6 27.55 10.68 -17.09
CA PRO A 6 27.28 11.49 -15.92
C PRO A 6 26.84 10.64 -14.73
N GLU A 7 27.82 10.21 -13.94
CA GLU A 7 27.61 9.27 -12.86
C GLU A 7 27.68 10.02 -11.53
N PHE A 8 26.59 10.06 -10.80
CA PHE A 8 26.57 10.75 -9.52
C PHE A 8 26.21 9.79 -8.38
N PRO A 9 27.20 9.04 -7.85
CA PRO A 9 26.99 8.26 -6.65
C PRO A 9 27.24 9.15 -5.42
N GLY A 10 26.16 9.73 -4.87
CA GLY A 10 26.30 10.85 -3.96
C GLY A 10 26.94 10.49 -2.63
N ARG A 11 27.29 11.52 -1.89
CA ARG A 11 27.90 11.38 -0.59
C ARG A 11 26.88 11.69 0.49
N LYS A 12 26.37 10.63 1.12
CA LYS A 12 25.28 10.69 2.08
C LYS A 12 24.68 9.27 2.15
N LYS A 13 23.60 9.10 2.88
CA LYS A 13 23.07 7.77 3.15
C LYS A 13 21.61 7.66 2.70
N GLU A 14 21.31 8.24 1.54
CA GLU A 14 19.95 8.29 1.02
C GLU A 14 19.47 6.92 0.51
N PHE A 15 19.97 5.84 1.10
CA PHE A 15 19.63 4.51 0.61
C PHE A 15 18.24 4.11 1.10
N ILE A 16 17.66 4.94 1.95
CA ILE A 16 16.34 4.65 2.49
C ILE A 16 15.30 5.45 1.70
N MET A 17 15.68 6.61 1.17
CA MET A 17 14.87 7.25 0.15
C MET A 17 14.60 6.33 -1.04
N ALA A 18 15.56 5.46 -1.36
CA ALA A 18 15.39 4.57 -2.50
C ALA A 18 14.44 3.45 -2.14
N GLU A 19 14.45 3.08 -0.86
CA GLU A 19 13.47 2.14 -0.32
C GLU A 19 12.06 2.68 -0.46
N LEU A 20 11.84 3.98 -0.43
CA LEU A 20 10.48 4.47 -0.59
C LEU A 20 10.19 4.69 -2.08
N LEU A 21 11.15 5.26 -2.79
CA LEU A 21 11.09 5.35 -4.27
C LEU A 21 10.81 3.98 -4.90
N GLN A 22 11.38 2.93 -4.33
CA GLN A 22 11.17 1.59 -4.87
C GLN A 22 9.77 1.04 -4.52
N THR A 23 9.26 1.42 -3.34
CA THR A 23 7.96 0.93 -2.89
C THR A 23 6.78 1.64 -3.58
N GLU A 24 6.87 2.90 -3.97
CA GLU A 24 6.03 3.41 -5.08
C GLU A 24 5.94 2.42 -6.24
N LYS A 25 7.02 2.19 -6.97
CA LYS A 25 6.92 1.36 -8.18
C LYS A 25 6.45 -0.07 -7.86
N ALA A 26 7.02 -0.70 -6.85
CA ALA A 26 6.45 -1.92 -6.25
C ALA A 26 4.94 -1.80 -5.95
N TYR A 27 4.49 -0.69 -5.40
CA TYR A 27 3.09 -0.58 -4.99
C TYR A 27 2.17 -0.30 -6.17
N VAL A 28 2.50 0.64 -7.04
CA VAL A 28 1.66 0.89 -8.21
C VAL A 28 1.66 -0.31 -9.20
N ARG A 29 2.77 -1.05 -9.28
CA ARG A 29 2.84 -2.22 -10.20
C ARG A 29 2.02 -3.38 -9.60
N ASP A 30 2.11 -3.57 -8.29
CA ASP A 30 1.34 -4.60 -7.60
C ASP A 30 -0.15 -4.22 -7.51
N LEU A 31 -0.53 -2.97 -7.75
CA LEU A 31 -1.95 -2.66 -7.83
C LEU A 31 -2.46 -2.93 -9.25
N HIS A 32 -1.67 -2.51 -10.23
CA HIS A 32 -1.94 -2.80 -11.65
C HIS A 32 -2.24 -4.28 -11.88
N GLU A 33 -1.36 -5.16 -11.40
CA GLU A 33 -1.49 -6.59 -11.70
C GLU A 33 -2.68 -7.19 -10.95
N CYS A 34 -3.08 -6.57 -9.84
CA CYS A 34 -4.21 -7.05 -9.08
C CYS A 34 -5.55 -6.76 -9.78
N LEU A 35 -5.81 -5.54 -10.19
CA LEU A 35 -7.02 -5.23 -10.95
C LEU A 35 -7.21 -6.16 -12.15
N GLU A 36 -6.12 -6.47 -12.82
CA GLU A 36 -6.16 -7.23 -14.06
C GLU A 36 -6.38 -8.72 -13.81
N THR A 37 -6.14 -9.17 -12.59
CA THR A 37 -6.28 -10.57 -12.27
C THR A 37 -7.51 -10.86 -11.38
N TYR A 38 -7.33 -10.69 -10.06
CA TYR A 38 -8.34 -11.13 -9.08
C TYR A 38 -9.57 -10.22 -9.05
N LEU A 39 -9.44 -9.02 -9.59
CA LEU A 39 -10.59 -8.14 -9.68
C LEU A 39 -11.28 -8.26 -11.05
N TRP A 40 -10.48 -8.22 -12.11
CA TRP A 40 -10.95 -8.43 -13.47
C TRP A 40 -11.79 -9.68 -13.59
N GLU A 41 -11.37 -10.84 -13.11
CA GLU A 41 -12.15 -12.05 -13.36
C GLU A 41 -13.49 -12.09 -12.59
N MET A 42 -13.59 -11.36 -11.48
CA MET A 42 -14.83 -11.41 -10.69
C MET A 42 -15.86 -10.43 -11.25
N THR A 43 -15.37 -9.32 -11.78
CA THR A 43 -16.22 -8.29 -12.37
C THR A 43 -16.60 -8.62 -13.82
N SER A 44 -15.83 -9.50 -14.45
CA SER A 44 -16.12 -9.91 -15.82
C SER A 44 -16.90 -11.23 -15.85
N GLY A 45 -17.09 -11.84 -14.68
CA GLY A 45 -17.91 -13.03 -14.58
C GLY A 45 -17.18 -14.29 -14.99
N VAL A 46 -16.74 -14.31 -16.24
CA VAL A 46 -16.07 -15.43 -16.92
C VAL A 46 -15.86 -16.69 -16.06
N GLU A 47 -14.93 -16.64 -15.10
CA GLU A 47 -14.65 -17.78 -14.24
C GLU A 47 -15.62 -17.80 -13.04
N GLU A 48 -16.22 -18.96 -12.84
CA GLU A 48 -17.31 -19.14 -11.85
C GLU A 48 -16.90 -18.70 -10.44
N ILE A 49 -17.64 -17.71 -9.94
CA ILE A 49 -17.47 -17.17 -8.60
C ILE A 49 -18.54 -17.74 -7.67
N PRO A 50 -18.14 -18.20 -6.47
CA PRO A 50 -19.08 -18.69 -5.46
C PRO A 50 -20.08 -17.62 -5.05
N PRO A 51 -21.32 -18.03 -4.70
CA PRO A 51 -22.45 -17.13 -4.37
C PRO A 51 -22.20 -16.20 -3.19
N GLY A 52 -21.03 -16.29 -2.58
CA GLY A 52 -20.73 -15.47 -1.44
C GLY A 52 -19.89 -14.25 -1.77
N ILE A 53 -19.01 -14.36 -2.76
CA ILE A 53 -18.03 -13.31 -3.01
C ILE A 53 -18.22 -12.59 -4.34
N LEU A 54 -19.12 -13.08 -5.19
CA LEU A 54 -19.41 -12.43 -6.50
C LEU A 54 -19.49 -10.91 -6.40
N ASN A 55 -20.65 -10.37 -5.98
CA ASN A 55 -20.79 -8.92 -5.81
C ASN A 55 -20.10 -8.44 -4.54
N LYS A 56 -19.11 -9.21 -4.12
CA LYS A 56 -18.26 -8.89 -2.99
C LYS A 56 -16.84 -8.64 -3.46
N GLU A 57 -16.71 -8.33 -4.75
CA GLU A 57 -15.47 -7.80 -5.30
C GLU A 57 -14.95 -6.62 -4.47
N HIS A 58 -15.89 -5.78 -4.03
CA HIS A 58 -15.57 -4.60 -3.24
C HIS A 58 -15.28 -4.96 -1.79
N ILE A 59 -15.40 -6.23 -1.44
CA ILE A 59 -15.02 -6.72 -0.11
C ILE A 59 -13.66 -7.40 -0.22
N ILE A 60 -13.58 -8.37 -1.13
CA ILE A 60 -12.35 -9.12 -1.38
C ILE A 60 -11.16 -8.19 -1.58
N PHE A 61 -11.27 -7.15 -2.39
CA PHE A 61 -10.12 -6.30 -2.58
C PHE A 61 -10.40 -4.84 -2.19
N GLY A 62 -11.55 -4.60 -1.58
CA GLY A 62 -11.91 -3.25 -1.19
C GLY A 62 -11.97 -2.29 -2.36
N ASN A 63 -11.23 -1.20 -2.26
CA ASN A 63 -11.21 -0.17 -3.29
C ASN A 63 -9.82 0.00 -3.89
N ILE A 64 -9.15 -1.13 -4.20
CA ILE A 64 -7.77 -1.09 -4.67
C ILE A 64 -7.64 -0.41 -6.04
N GLN A 65 -8.71 -0.44 -6.83
CA GLN A 65 -8.69 0.13 -8.18
C GLN A 65 -8.33 1.61 -8.09
N GLU A 66 -8.87 2.25 -7.08
CA GLU A 66 -8.67 3.68 -6.85
C GLU A 66 -7.22 3.96 -6.41
N ILE A 67 -6.59 2.95 -5.80
CA ILE A 67 -5.23 3.10 -5.31
C ILE A 67 -4.23 3.12 -6.47
N TYR A 68 -4.31 2.14 -7.38
CA TYR A 68 -3.44 2.13 -8.55
C TYR A 68 -3.46 3.47 -9.24
N ASP A 69 -4.66 3.87 -9.67
CA ASP A 69 -4.80 5.04 -10.52
C ASP A 69 -4.19 6.25 -9.86
N PHE A 70 -4.53 6.47 -8.60
CA PHE A 70 -4.13 7.68 -7.89
C PHE A 70 -2.63 7.69 -7.58
N HIS A 71 -2.00 6.52 -7.50
CA HIS A 71 -0.56 6.49 -7.24
C HIS A 71 0.26 6.63 -8.53
N ASN A 72 -0.05 5.82 -9.55
CA ASN A 72 0.71 5.81 -10.81
C ASN A 72 0.78 7.21 -11.45
N ASN A 73 -0.23 8.05 -11.23
CA ASN A 73 -0.21 9.38 -11.83
C ASN A 73 0.14 10.50 -10.84
N ILE A 74 0.09 10.22 -9.54
CA ILE A 74 0.42 11.23 -8.53
C ILE A 74 1.54 10.77 -7.60
N PHE A 75 1.24 9.99 -6.56
CA PHE A 75 2.22 9.76 -5.48
C PHE A 75 3.60 9.33 -6.00
N LEU A 76 3.65 8.34 -6.89
CA LEU A 76 4.90 7.94 -7.52
C LEU A 76 5.64 9.13 -8.14
N LYS A 77 5.04 9.77 -9.15
CA LYS A 77 5.70 10.86 -9.87
C LYS A 77 5.85 12.13 -9.03
N GLU A 78 5.38 12.09 -7.80
CA GLU A 78 5.59 13.21 -6.89
C GLU A 78 6.82 12.91 -6.05
N LEU A 79 7.02 11.61 -5.78
CA LEU A 79 8.10 11.14 -4.92
C LEU A 79 9.43 11.15 -5.65
N GLU A 80 9.43 10.74 -6.92
CA GLU A 80 10.68 10.71 -7.70
C GLU A 80 11.27 12.12 -7.83
N LYS A 81 10.48 13.15 -7.49
CA LYS A 81 10.97 14.52 -7.50
C LYS A 81 11.70 14.85 -6.19
N TYR A 82 11.71 13.88 -5.29
CA TYR A 82 12.33 14.02 -3.98
C TYR A 82 13.52 13.09 -3.87
N GLU A 83 13.86 12.48 -5.00
CA GLU A 83 14.98 11.54 -5.06
C GLU A 83 16.29 12.25 -4.68
N GLN A 84 16.35 13.55 -4.95
CA GLN A 84 17.51 14.35 -4.61
C GLN A 84 17.33 15.06 -3.26
N LEU A 85 16.31 14.67 -2.52
CA LEU A 85 15.98 15.35 -1.27
C LEU A 85 15.01 14.54 -0.41
N PRO A 86 15.54 13.58 0.38
CA PRO A 86 14.72 12.80 1.33
C PRO A 86 14.27 13.64 2.51
N GLU A 87 14.83 14.84 2.63
CA GLU A 87 14.43 15.76 3.67
C GLU A 87 13.09 16.41 3.33
N ASP A 88 12.63 16.23 2.09
CA ASP A 88 11.43 16.91 1.62
C ASP A 88 10.23 15.98 1.46
N VAL A 89 10.34 14.72 1.87
CA VAL A 89 9.21 13.79 1.71
C VAL A 89 8.28 13.85 2.91
N GLY A 90 8.63 14.67 3.90
CA GLY A 90 7.69 15.00 4.94
C GLY A 90 6.53 15.80 4.35
N HIS A 91 6.86 16.60 3.35
CA HIS A 91 5.88 17.39 2.59
C HIS A 91 4.90 16.49 1.83
N CYS A 92 5.32 15.27 1.56
CA CYS A 92 4.56 14.37 0.69
C CYS A 92 3.57 13.52 1.49
N PHE A 93 3.90 13.05 2.69
CA PHE A 93 2.89 12.38 3.49
C PHE A 93 1.78 13.35 3.95
N VAL A 94 2.15 14.60 4.21
CA VAL A 94 1.17 15.63 4.59
C VAL A 94 0.40 16.19 3.40
N THR A 95 1.06 16.35 2.25
CA THR A 95 0.40 16.98 1.08
C THR A 95 -0.91 16.27 0.77
N TRP A 96 -0.87 14.99 1.07
CA TRP A 96 -1.91 14.03 0.76
C TRP A 96 -2.44 13.37 2.03
N ALA A 97 -2.21 14.02 3.18
CA ALA A 97 -2.58 13.43 4.46
C ALA A 97 -4.05 13.05 4.50
N ASP A 98 -4.90 13.95 4.05
CA ASP A 98 -6.34 13.70 4.05
C ASP A 98 -6.70 12.54 3.08
N LYS A 99 -5.88 12.36 2.03
CA LYS A 99 -6.06 11.25 1.08
C LYS A 99 -5.73 9.92 1.75
N PHE A 100 -5.10 9.97 2.92
CA PHE A 100 -4.78 8.76 3.66
C PHE A 100 -6.02 8.27 4.41
N GLN A 101 -7.14 8.99 4.29
CA GLN A 101 -8.37 8.52 4.90
C GLN A 101 -8.88 7.32 4.11
N MET A 102 -8.46 7.24 2.85
CA MET A 102 -8.76 6.08 2.01
C MET A 102 -8.15 4.80 2.60
N TYR A 103 -7.05 4.97 3.36
CA TYR A 103 -6.42 3.86 4.06
C TYR A 103 -7.17 3.50 5.35
N VAL A 104 -8.00 4.39 5.88
CA VAL A 104 -8.83 4.01 7.02
C VAL A 104 -9.98 3.16 6.52
N THR A 105 -10.48 3.49 5.33
CA THR A 105 -11.50 2.69 4.67
C THR A 105 -10.96 1.30 4.32
N TYR A 106 -9.84 1.28 3.61
CA TYR A 106 -9.21 0.02 3.14
C TYR A 106 -8.96 -0.98 4.28
N CYS A 107 -8.47 -0.54 5.42
CA CYS A 107 -8.19 -1.47 6.51
C CYS A 107 -9.47 -1.99 7.17
N LYS A 108 -10.54 -1.21 7.11
CA LYS A 108 -11.79 -1.61 7.79
C LYS A 108 -12.49 -2.76 7.08
N ASN A 109 -12.37 -2.79 5.76
CA ASN A 109 -12.98 -3.87 4.98
C ASN A 109 -12.08 -5.11 4.93
N LYS A 110 -10.85 -4.93 5.41
CA LYS A 110 -9.83 -5.97 5.39
C LYS A 110 -10.28 -7.28 6.10
N PRO A 111 -10.74 -7.23 7.38
CA PRO A 111 -11.13 -8.46 8.10
C PRO A 111 -12.35 -9.17 7.49
N ASP A 112 -13.36 -8.40 7.12
CA ASP A 112 -14.54 -9.01 6.48
C ASP A 112 -14.17 -9.55 5.09
N SER A 113 -13.22 -8.89 4.44
CA SER A 113 -12.58 -9.44 3.23
C SER A 113 -11.98 -10.81 3.53
N ASN A 114 -11.15 -10.85 4.57
CA ASN A 114 -10.48 -12.08 5.00
C ASN A 114 -11.48 -13.21 5.12
N GLN A 115 -12.48 -13.00 5.97
CA GLN A 115 -13.54 -13.98 6.18
C GLN A 115 -14.07 -14.54 4.86
N LEU A 116 -14.36 -13.65 3.92
CA LEU A 116 -14.97 -14.07 2.66
C LEU A 116 -13.98 -14.85 1.81
N ILE A 117 -12.71 -14.49 1.80
CA ILE A 117 -11.74 -15.25 1.01
C ILE A 117 -11.39 -16.58 1.65
N LEU A 118 -11.66 -16.72 2.95
CA LEU A 118 -11.41 -18.00 3.61
C LEU A 118 -12.57 -18.97 3.38
N GLU A 119 -13.70 -18.68 4.00
CA GLU A 119 -14.82 -19.64 4.01
C GLU A 119 -15.59 -19.71 2.69
N HIS A 120 -15.96 -18.58 2.09
CA HIS A 120 -16.81 -18.61 0.89
C HIS A 120 -16.13 -18.16 -0.40
N ALA A 121 -14.85 -17.82 -0.41
CA ALA A 121 -14.17 -17.65 -1.69
C ALA A 121 -13.67 -18.98 -2.21
N GLY A 122 -13.08 -19.74 -1.31
CA GLY A 122 -12.67 -21.10 -1.61
C GLY A 122 -11.29 -21.19 -2.23
N THR A 123 -11.13 -22.13 -3.14
CA THR A 123 -9.84 -22.39 -3.79
C THR A 123 -9.73 -21.67 -5.15
N PHE A 124 -10.76 -20.89 -5.49
CA PHE A 124 -10.95 -20.41 -6.86
C PHE A 124 -9.75 -19.59 -7.39
N PHE A 125 -9.06 -18.89 -6.50
CA PHE A 125 -7.95 -18.05 -6.91
C PHE A 125 -6.68 -18.87 -7.16
N ASP A 126 -6.67 -20.13 -6.73
CA ASP A 126 -5.50 -21.00 -6.94
C ASP A 126 -5.37 -21.38 -8.41
N GLU A 127 -6.48 -21.48 -9.12
CA GLU A 127 -6.43 -21.77 -10.55
C GLU A 127 -5.99 -20.53 -11.32
N ILE A 128 -6.54 -19.36 -10.96
CA ILE A 128 -6.13 -18.10 -11.60
C ILE A 128 -4.67 -17.84 -11.30
N GLN A 129 -4.28 -18.22 -10.09
CA GLN A 129 -2.89 -18.25 -9.64
C GLN A 129 -1.96 -18.82 -10.72
N GLN A 130 -2.33 -20.00 -11.22
CA GLN A 130 -1.47 -20.75 -12.12
C GLN A 130 -1.58 -20.22 -13.55
N ARG A 131 -2.77 -19.79 -13.98
CA ARG A 131 -2.97 -19.38 -15.37
C ARG A 131 -2.05 -18.19 -15.71
N HIS A 132 -1.96 -17.22 -14.82
CA HIS A 132 -1.17 -16.02 -15.11
C HIS A 132 0.28 -16.11 -14.62
N GLY A 133 0.57 -17.07 -13.75
CA GLY A 133 1.90 -17.12 -13.12
C GLY A 133 2.03 -16.13 -11.99
N LEU A 134 0.93 -15.92 -11.25
CA LEU A 134 0.89 -14.96 -10.14
C LEU A 134 1.94 -15.28 -9.07
N ALA A 135 2.16 -16.57 -8.83
CA ALA A 135 3.14 -17.09 -7.87
C ALA A 135 2.77 -16.85 -6.40
N ASN A 136 2.16 -15.70 -6.10
CA ASN A 136 1.85 -15.33 -4.74
C ASN A 136 0.35 -15.31 -4.48
N SER A 137 -0.03 -15.82 -3.31
CA SER A 137 -1.43 -15.98 -2.90
C SER A 137 -2.24 -14.67 -2.93
N ILE A 138 -3.56 -14.79 -3.05
CA ILE A 138 -4.44 -13.60 -3.05
C ILE A 138 -4.25 -12.76 -1.78
N SER A 139 -4.41 -13.42 -0.63
CA SER A 139 -4.25 -12.81 0.69
C SER A 139 -3.02 -11.91 0.73
N SER A 140 -1.97 -12.32 0.04
CA SER A 140 -0.75 -11.56 -0.03
C SER A 140 -1.00 -10.15 -0.61
N TYR A 141 -1.57 -10.08 -1.81
CA TYR A 141 -1.72 -8.77 -2.45
C TYR A 141 -2.66 -7.84 -1.68
N LEU A 142 -3.82 -8.34 -1.24
CA LEU A 142 -4.77 -7.49 -0.52
C LEU A 142 -4.22 -7.01 0.83
N ILE A 143 -3.32 -7.79 1.45
CA ILE A 143 -2.74 -7.35 2.72
C ILE A 143 -1.52 -6.44 2.48
N LYS A 144 -0.99 -6.49 1.25
CA LYS A 144 0.22 -5.73 0.87
C LYS A 144 0.13 -4.23 1.27
N PRO A 145 -1.01 -3.53 1.01
CA PRO A 145 -1.27 -2.17 1.52
C PRO A 145 -0.81 -1.94 2.97
N VAL A 146 -1.12 -2.86 3.88
CA VAL A 146 -0.85 -2.65 5.31
C VAL A 146 0.63 -2.89 5.61
N GLN A 147 1.22 -3.85 4.93
CA GLN A 147 2.67 -4.06 4.98
C GLN A 147 3.42 -2.87 4.39
N ARG A 148 2.80 -2.20 3.44
CA ARG A 148 3.38 -1.01 2.82
C ARG A 148 3.32 0.19 3.77
N VAL A 149 2.27 0.27 4.60
CA VAL A 149 2.07 1.39 5.52
C VAL A 149 3.00 1.28 6.72
N THR A 150 3.44 0.08 7.09
CA THR A 150 4.46 -0.02 8.11
C THR A 150 5.76 0.63 7.65
N LYS A 151 6.14 0.35 6.40
CA LYS A 151 7.39 0.85 5.85
C LYS A 151 7.45 2.37 5.90
N TYR A 152 6.38 3.03 5.43
CA TYR A 152 6.22 4.47 5.53
C TYR A 152 6.50 4.95 6.94
N GLN A 153 5.89 4.29 7.91
CA GLN A 153 5.96 4.72 9.30
C GLN A 153 7.35 4.46 9.87
N LEU A 154 8.09 3.56 9.23
CA LEU A 154 9.48 3.35 9.56
C LEU A 154 10.37 4.50 9.05
N LEU A 155 10.86 4.34 7.80
CA LEU A 155 11.60 5.49 7.16
C LEU A 155 11.17 6.90 7.50
N LEU A 156 9.89 7.18 7.58
CA LEU A 156 9.48 8.51 8.03
C LEU A 156 9.95 8.83 9.46
N LYS A 157 9.98 7.84 10.35
CA LYS A 157 10.58 8.03 11.68
C LYS A 157 12.09 8.23 11.55
N GLU A 158 12.68 7.64 10.51
CA GLU A 158 14.12 7.75 10.26
C GLU A 158 14.48 9.21 9.99
N LEU A 159 13.77 9.82 9.06
CA LEU A 159 14.10 11.18 8.63
C LEU A 159 13.89 12.16 9.77
N LEU A 160 12.75 12.06 10.44
CA LEU A 160 12.40 13.01 11.50
C LEU A 160 13.32 12.87 12.73
N THR A 161 13.96 11.73 12.93
CA THR A 161 14.87 11.59 14.06
C THR A 161 16.32 11.92 13.66
N CYS A 162 16.60 11.94 12.37
CA CYS A 162 17.95 12.28 11.90
C CYS A 162 17.95 13.65 11.23
N CYS A 163 17.10 14.53 11.72
CA CYS A 163 16.98 15.88 11.18
C CYS A 163 17.38 16.92 12.22
N GLU A 164 18.10 17.93 11.76
CA GLU A 164 18.55 19.04 12.59
C GLU A 164 17.50 20.14 12.63
N GLU A 165 16.55 20.07 11.71
CA GLU A 165 15.57 21.13 11.55
C GLU A 165 14.30 20.82 12.34
N GLY A 166 13.37 21.79 12.38
CA GLY A 166 12.27 21.83 13.35
C GLY A 166 11.29 20.70 13.28
N LYS A 167 11.63 19.68 12.52
CA LYS A 167 10.83 18.45 12.37
C LYS A 167 9.32 18.73 12.29
N GLY A 168 8.97 19.86 11.69
CA GLY A 168 7.56 20.26 11.66
C GLY A 168 6.73 19.37 10.76
N GLU A 169 6.90 19.47 9.43
CA GLU A 169 6.12 18.65 8.51
C GLU A 169 6.46 17.17 8.68
N LEU A 170 7.59 16.86 9.30
CA LEU A 170 7.97 15.48 9.49
C LEU A 170 7.15 14.84 10.61
N LYS A 171 6.91 15.60 11.67
CA LYS A 171 6.11 15.13 12.79
C LYS A 171 4.63 15.12 12.41
N ASP A 172 4.19 16.08 11.63
CA ASP A 172 2.80 16.06 11.13
C ASP A 172 2.61 14.91 10.14
N GLY A 173 3.58 14.73 9.25
CA GLY A 173 3.53 13.60 8.31
C GLY A 173 3.46 12.26 9.02
N LEU A 174 4.03 12.20 10.19
CA LEU A 174 3.95 11.02 11.03
C LEU A 174 2.56 10.82 11.65
N GLU A 175 2.05 11.84 12.33
CA GLU A 175 0.81 11.69 13.10
C GLU A 175 -0.38 11.31 12.23
N VAL A 176 -0.43 11.85 11.02
CA VAL A 176 -1.40 11.43 10.02
C VAL A 176 -1.32 9.92 9.76
N MET A 177 -0.10 9.44 9.53
CA MET A 177 0.14 8.04 9.21
C MET A 177 -0.29 7.12 10.36
N LEU A 178 -0.04 7.55 11.59
CA LEU A 178 -0.34 6.73 12.76
C LEU A 178 -1.82 6.80 13.10
N SER A 179 -2.49 7.84 12.63
CA SER A 179 -3.87 8.10 13.00
C SER A 179 -4.82 7.29 12.12
N VAL A 180 -4.35 6.91 10.93
CA VAL A 180 -5.18 6.19 9.97
C VAL A 180 -5.61 4.80 10.48
N PRO A 181 -4.68 3.84 10.69
CA PRO A 181 -5.07 2.51 11.19
C PRO A 181 -5.73 2.59 12.56
N LYS A 182 -5.40 3.65 13.29
CA LYS A 182 -5.96 3.88 14.61
C LYS A 182 -7.43 4.24 14.47
N LYS A 183 -7.72 5.18 13.58
CA LYS A 183 -9.08 5.61 13.30
C LYS A 183 -9.97 4.42 12.94
N ALA A 184 -9.38 3.46 12.22
CA ALA A 184 -10.11 2.30 11.71
C ALA A 184 -10.63 1.46 12.85
N ASN A 185 -9.93 1.54 13.98
CA ASN A 185 -10.32 0.84 15.19
C ASN A 185 -11.51 1.55 15.83
N ASP A 186 -11.47 2.89 15.84
CA ASP A 186 -12.55 3.68 16.38
C ASP A 186 -13.80 3.50 15.53
N ALA A 187 -13.60 3.56 14.21
CA ALA A 187 -14.72 3.47 13.28
C ALA A 187 -15.10 2.01 13.01
N MET A 188 -14.71 1.13 13.91
CA MET A 188 -15.04 -0.28 13.76
C MET A 188 -16.21 -0.63 14.68
N HIS A 189 -17.37 -0.77 14.06
CA HIS A 189 -18.60 -1.09 14.77
C HIS A 189 -19.02 -2.51 14.42
N VAL A 190 -18.66 -3.45 15.30
CA VAL A 190 -18.83 -4.86 15.06
C VAL A 190 -19.81 -5.43 16.06
N GLY A 1 28.15 24.27 17.62
CA GLY A 1 27.74 24.21 19.04
C GLY A 1 28.68 23.36 19.86
N PRO A 2 28.60 23.39 21.19
CA PRO A 2 29.51 22.64 22.07
C PRO A 2 29.07 21.18 22.21
N LEU A 3 28.76 20.54 21.10
CA LEU A 3 28.25 19.17 21.11
C LEU A 3 29.34 18.20 20.67
N GLY A 4 29.03 16.92 20.68
CA GLY A 4 30.02 15.91 20.37
C GLY A 4 29.39 14.56 20.10
N SER A 5 28.94 14.37 18.86
CA SER A 5 28.36 13.11 18.41
C SER A 5 29.43 12.05 18.19
N PRO A 6 29.46 11.06 19.08
CA PRO A 6 30.37 9.92 19.01
C PRO A 6 29.96 8.93 17.92
N GLU A 7 30.90 8.64 17.03
CA GLU A 7 30.72 7.66 15.95
C GLU A 7 29.75 8.19 14.90
N PHE A 8 30.16 9.23 14.20
CA PHE A 8 29.23 9.95 13.32
C PHE A 8 29.79 10.04 11.89
N PRO A 9 29.58 9.01 11.05
CA PRO A 9 30.03 9.01 9.65
C PRO A 9 29.15 9.88 8.73
N GLY A 10 28.82 11.09 9.20
CA GLY A 10 28.01 12.07 8.46
C GLY A 10 27.13 11.50 7.37
N ARG A 11 26.08 10.77 7.77
CA ARG A 11 25.21 10.02 6.84
C ARG A 11 24.96 10.77 5.52
N LYS A 12 25.40 10.20 4.39
CA LYS A 12 25.25 10.90 3.12
C LYS A 12 24.80 9.96 2.00
N LYS A 13 24.05 8.93 2.34
CA LYS A 13 23.62 7.96 1.35
C LYS A 13 22.14 7.66 1.50
N GLU A 14 21.52 7.17 0.44
CA GLU A 14 20.08 7.24 0.29
C GLU A 14 19.44 5.90 -0.03
N PHE A 15 19.78 4.84 0.70
CA PHE A 15 19.20 3.53 0.39
C PHE A 15 17.85 3.37 1.04
N ILE A 16 17.40 4.34 1.82
CA ILE A 16 16.13 4.19 2.51
C ILE A 16 15.09 5.04 1.79
N MET A 17 15.47 6.19 1.25
CA MET A 17 14.66 6.87 0.24
C MET A 17 14.36 5.96 -0.96
N ALA A 18 15.31 5.10 -1.33
CA ALA A 18 15.11 4.23 -2.47
C ALA A 18 14.12 3.14 -2.12
N GLU A 19 14.11 2.81 -0.85
CA GLU A 19 13.13 1.89 -0.29
C GLU A 19 11.72 2.46 -0.41
N LEU A 20 11.54 3.78 -0.43
CA LEU A 20 10.20 4.31 -0.59
C LEU A 20 9.90 4.52 -2.08
N LEU A 21 10.87 5.09 -2.81
CA LEU A 21 10.83 5.15 -4.29
C LEU A 21 10.53 3.78 -4.91
N GLN A 22 11.02 2.72 -4.31
CA GLN A 22 10.77 1.38 -4.84
C GLN A 22 9.35 0.89 -4.53
N THR A 23 8.80 1.31 -3.39
CA THR A 23 7.47 0.84 -2.97
C THR A 23 6.33 1.54 -3.72
N GLU A 24 6.44 2.81 -4.09
CA GLU A 24 5.67 3.31 -5.23
C GLU A 24 5.64 2.35 -6.42
N LYS A 25 6.75 2.11 -7.09
CA LYS A 25 6.74 1.32 -8.33
C LYS A 25 6.28 -0.13 -8.07
N ALA A 26 6.78 -0.75 -7.00
CA ALA A 26 6.17 -1.97 -6.46
C ALA A 26 4.65 -1.84 -6.27
N TYR A 27 4.17 -0.81 -5.60
CA TYR A 27 2.75 -0.75 -5.22
C TYR A 27 1.86 -0.48 -6.44
N VAL A 28 2.21 0.48 -7.28
CA VAL A 28 1.40 0.72 -8.47
C VAL A 28 1.45 -0.49 -9.44
N ARG A 29 2.53 -1.28 -9.40
CA ARG A 29 2.60 -2.49 -10.25
C ARG A 29 1.80 -3.64 -9.62
N ASP A 30 1.87 -3.79 -8.30
CA ASP A 30 1.07 -4.80 -7.61
C ASP A 30 -0.40 -4.43 -7.55
N LEU A 31 -0.77 -3.18 -7.84
CA LEU A 31 -2.18 -2.85 -8.03
C LEU A 31 -2.60 -3.16 -9.47
N HIS A 32 -1.76 -2.78 -10.43
CA HIS A 32 -1.95 -3.10 -11.84
C HIS A 32 -2.27 -4.59 -12.03
N GLU A 33 -1.39 -5.44 -11.53
CA GLU A 33 -1.55 -6.87 -11.76
C GLU A 33 -2.71 -7.44 -10.97
N CYS A 34 -3.15 -6.74 -9.93
CA CYS A 34 -4.31 -7.17 -9.17
C CYS A 34 -5.61 -6.87 -9.91
N LEU A 35 -5.83 -5.64 -10.40
CA LEU A 35 -7.00 -5.35 -11.21
C LEU A 35 -7.10 -6.31 -12.40
N GLU A 36 -5.95 -6.61 -13.00
CA GLU A 36 -5.93 -7.39 -14.24
C GLU A 36 -6.19 -8.88 -13.99
N THR A 37 -6.07 -9.31 -12.75
CA THR A 37 -6.29 -10.70 -12.39
C THR A 37 -7.54 -10.91 -11.53
N TYR A 38 -7.36 -10.76 -10.21
CA TYR A 38 -8.38 -11.16 -9.23
C TYR A 38 -9.61 -10.25 -9.24
N LEU A 39 -9.48 -9.06 -9.82
CA LEU A 39 -10.65 -8.20 -9.94
C LEU A 39 -11.31 -8.34 -11.32
N TRP A 40 -10.49 -8.33 -12.38
CA TRP A 40 -10.95 -8.58 -13.73
C TRP A 40 -11.80 -9.83 -13.83
N GLU A 41 -11.38 -10.98 -13.31
CA GLU A 41 -12.16 -12.21 -13.53
C GLU A 41 -13.49 -12.22 -12.76
N MET A 42 -13.61 -11.46 -11.66
CA MET A 42 -14.84 -11.50 -10.86
C MET A 42 -15.86 -10.53 -11.43
N THR A 43 -15.37 -9.46 -12.03
CA THR A 43 -16.22 -8.45 -12.65
C THR A 43 -16.53 -8.77 -14.12
N SER A 44 -15.81 -9.71 -14.69
CA SER A 44 -16.10 -10.18 -16.04
C SER A 44 -16.93 -11.47 -16.01
N GLY A 45 -17.12 -12.03 -14.83
CA GLY A 45 -17.99 -13.19 -14.69
C GLY A 45 -17.34 -14.51 -15.09
N VAL A 46 -16.81 -14.54 -16.33
CA VAL A 46 -16.15 -15.69 -16.97
C VAL A 46 -15.91 -16.92 -16.07
N GLU A 47 -15.15 -16.75 -14.98
CA GLU A 47 -14.89 -17.85 -14.06
C GLU A 47 -15.98 -17.90 -12.98
N GLU A 48 -16.48 -19.10 -12.72
CA GLU A 48 -17.58 -19.28 -11.77
C GLU A 48 -17.19 -18.87 -10.34
N ILE A 49 -17.84 -17.81 -9.87
CA ILE A 49 -17.60 -17.24 -8.55
C ILE A 49 -18.67 -17.71 -7.57
N PRO A 50 -18.25 -18.17 -6.39
CA PRO A 50 -19.17 -18.58 -5.33
C PRO A 50 -20.13 -17.47 -4.93
N PRO A 51 -21.38 -17.83 -4.56
CA PRO A 51 -22.47 -16.90 -4.26
C PRO A 51 -22.18 -15.91 -3.13
N GLY A 52 -21.03 -16.05 -2.48
CA GLY A 52 -20.72 -15.18 -1.38
C GLY A 52 -19.83 -14.01 -1.77
N ILE A 53 -18.95 -14.21 -2.75
CA ILE A 53 -17.94 -13.20 -3.04
C ILE A 53 -18.13 -12.50 -4.38
N LEU A 54 -19.02 -13.02 -5.24
CA LEU A 54 -19.30 -12.39 -6.55
C LEU A 54 -19.42 -10.86 -6.49
N ASN A 55 -20.59 -10.35 -6.12
CA ASN A 55 -20.77 -8.90 -5.96
C ASN A 55 -20.12 -8.41 -4.67
N LYS A 56 -19.14 -9.18 -4.22
CA LYS A 56 -18.33 -8.85 -3.05
C LYS A 56 -16.89 -8.63 -3.50
N GLU A 57 -16.72 -8.37 -4.79
CA GLU A 57 -15.45 -7.92 -5.34
C GLU A 57 -14.91 -6.73 -4.54
N HIS A 58 -15.83 -5.86 -4.10
CA HIS A 58 -15.48 -4.66 -3.34
C HIS A 58 -15.17 -4.98 -1.88
N ILE A 59 -15.28 -6.27 -1.51
CA ILE A 59 -14.87 -6.72 -0.18
C ILE A 59 -13.52 -7.41 -0.31
N ILE A 60 -13.45 -8.37 -1.24
CA ILE A 60 -12.23 -9.13 -1.50
C ILE A 60 -11.03 -8.20 -1.71
N PHE A 61 -11.16 -7.14 -2.48
CA PHE A 61 -10.02 -6.24 -2.63
C PHE A 61 -10.36 -4.81 -2.23
N GLY A 62 -11.58 -4.59 -1.76
CA GLY A 62 -12.00 -3.25 -1.38
C GLY A 62 -12.14 -2.31 -2.57
N ASN A 63 -11.46 -1.17 -2.49
CA ASN A 63 -11.52 -0.15 -3.53
C ASN A 63 -10.14 0.04 -4.16
N ILE A 64 -9.48 -1.07 -4.49
CA ILE A 64 -8.10 -1.03 -4.96
C ILE A 64 -7.98 -0.37 -6.33
N GLN A 65 -9.06 -0.37 -7.10
CA GLN A 65 -9.04 0.19 -8.45
C GLN A 65 -8.67 1.68 -8.37
N GLU A 66 -9.13 2.33 -7.31
CA GLU A 66 -8.89 3.75 -7.11
C GLU A 66 -7.43 3.98 -6.69
N ILE A 67 -6.84 2.98 -6.03
CA ILE A 67 -5.47 3.10 -5.54
C ILE A 67 -4.47 3.10 -6.69
N TYR A 68 -4.57 2.13 -7.60
CA TYR A 68 -3.69 2.11 -8.79
C TYR A 68 -3.70 3.44 -9.49
N ASP A 69 -4.90 3.85 -9.88
CA ASP A 69 -5.07 5.02 -10.73
C ASP A 69 -4.40 6.23 -10.10
N PHE A 70 -4.72 6.46 -8.84
CA PHE A 70 -4.27 7.66 -8.14
C PHE A 70 -2.76 7.65 -7.87
N HIS A 71 -2.16 6.47 -7.71
CA HIS A 71 -0.72 6.42 -7.44
C HIS A 71 0.12 6.49 -8.71
N ASN A 72 -0.23 5.70 -9.74
CA ASN A 72 0.52 5.69 -11.01
C ASN A 72 0.65 7.09 -11.62
N ASN A 73 -0.32 7.97 -11.38
CA ASN A 73 -0.25 9.32 -11.96
C ASN A 73 0.11 10.42 -10.93
N ILE A 74 0.03 10.12 -9.64
CA ILE A 74 0.34 11.11 -8.61
C ILE A 74 1.47 10.65 -7.68
N PHE A 75 1.16 9.85 -6.66
CA PHE A 75 2.11 9.63 -5.55
C PHE A 75 3.49 9.18 -6.06
N LEU A 76 3.55 8.20 -6.95
CA LEU A 76 4.81 7.79 -7.56
C LEU A 76 5.55 9.00 -8.17
N LYS A 77 4.94 9.65 -9.16
CA LYS A 77 5.59 10.74 -9.89
C LYS A 77 5.70 12.03 -9.08
N GLU A 78 5.23 11.99 -7.85
CA GLU A 78 5.44 13.09 -6.93
C GLU A 78 6.68 12.80 -6.09
N LEU A 79 6.88 11.51 -5.82
CA LEU A 79 7.95 11.04 -4.95
C LEU A 79 9.28 11.05 -5.67
N GLU A 80 9.29 10.68 -6.94
CA GLU A 80 10.52 10.65 -7.72
C GLU A 80 11.11 12.07 -7.87
N LYS A 81 10.37 13.07 -7.41
CA LYS A 81 10.91 14.44 -7.36
C LYS A 81 11.69 14.68 -6.07
N TYR A 82 11.71 13.69 -5.20
CA TYR A 82 12.32 13.80 -3.88
C TYR A 82 13.53 12.88 -3.77
N GLU A 83 13.85 12.26 -4.90
CA GLU A 83 14.96 11.29 -4.95
C GLU A 83 16.31 11.96 -4.58
N GLN A 84 16.42 13.26 -4.81
CA GLN A 84 17.61 14.00 -4.39
C GLN A 84 17.39 14.72 -3.07
N LEU A 85 16.34 14.37 -2.34
CA LEU A 85 16.02 15.07 -1.11
C LEU A 85 15.02 14.29 -0.25
N PRO A 86 15.51 13.33 0.55
CA PRO A 86 14.68 12.54 1.47
C PRO A 86 14.19 13.37 2.65
N GLU A 87 14.78 14.54 2.83
CA GLU A 87 14.33 15.47 3.85
C GLU A 87 12.99 16.12 3.45
N ASP A 88 12.62 16.00 2.18
CA ASP A 88 11.44 16.72 1.68
C ASP A 88 10.23 15.82 1.46
N VAL A 89 10.29 14.56 1.90
CA VAL A 89 9.15 13.66 1.71
C VAL A 89 8.19 13.76 2.88
N GLY A 90 8.53 14.60 3.87
CA GLY A 90 7.56 14.94 4.89
C GLY A 90 6.42 15.74 4.27
N HIS A 91 6.78 16.54 3.27
CA HIS A 91 5.82 17.33 2.49
C HIS A 91 4.86 16.42 1.72
N CYS A 92 5.29 15.20 1.47
CA CYS A 92 4.52 14.28 0.63
C CYS A 92 3.54 13.46 1.45
N PHE A 93 3.87 13.02 2.65
CA PHE A 93 2.86 12.39 3.48
C PHE A 93 1.77 13.38 3.94
N VAL A 94 2.16 14.62 4.24
CA VAL A 94 1.21 15.66 4.64
C VAL A 94 0.41 16.24 3.48
N THR A 95 1.05 16.38 2.30
CA THR A 95 0.38 17.02 1.16
C THR A 95 -0.94 16.29 0.85
N TRP A 96 -0.91 15.01 1.20
CA TRP A 96 -1.94 14.06 0.91
C TRP A 96 -2.49 13.42 2.19
N ALA A 97 -2.24 14.06 3.34
CA ALA A 97 -2.57 13.47 4.63
C ALA A 97 -4.02 13.06 4.71
N ASP A 98 -4.90 13.98 4.31
CA ASP A 98 -6.34 13.73 4.35
C ASP A 98 -6.73 12.62 3.37
N LYS A 99 -5.99 12.52 2.27
CA LYS A 99 -6.25 11.48 1.28
C LYS A 99 -5.88 10.10 1.83
N PHE A 100 -5.17 10.08 2.94
CA PHE A 100 -4.80 8.84 3.60
C PHE A 100 -5.98 8.24 4.36
N GLN A 101 -7.14 8.92 4.32
CA GLN A 101 -8.35 8.33 4.88
C GLN A 101 -8.80 7.14 4.03
N MET A 102 -8.26 7.03 2.82
CA MET A 102 -8.45 5.82 1.99
C MET A 102 -7.91 4.59 2.71
N TYR A 103 -6.88 4.78 3.53
CA TYR A 103 -6.23 3.68 4.23
C TYR A 103 -7.00 3.31 5.50
N VAL A 104 -7.84 4.21 6.01
CA VAL A 104 -8.68 3.84 7.15
C VAL A 104 -9.85 2.97 6.66
N THR A 105 -10.38 3.30 5.49
CA THR A 105 -11.41 2.49 4.86
C THR A 105 -10.87 1.11 4.54
N TYR A 106 -9.71 1.08 3.90
CA TYR A 106 -9.08 -0.16 3.48
C TYR A 106 -8.89 -1.13 4.65
N CYS A 107 -8.35 -0.66 5.78
CA CYS A 107 -8.07 -1.55 6.90
C CYS A 107 -9.34 -2.08 7.56
N LYS A 108 -10.41 -1.29 7.57
CA LYS A 108 -11.63 -1.73 8.23
C LYS A 108 -12.26 -2.90 7.48
N ASN A 109 -12.09 -2.90 6.16
CA ASN A 109 -12.64 -3.96 5.31
C ASN A 109 -11.71 -5.17 5.25
N LYS A 110 -10.48 -4.98 5.71
CA LYS A 110 -9.49 -6.07 5.72
C LYS A 110 -10.05 -7.34 6.37
N PRO A 111 -10.59 -7.27 7.61
CA PRO A 111 -11.13 -8.46 8.29
C PRO A 111 -12.33 -9.08 7.58
N ASP A 112 -13.28 -8.25 7.14
CA ASP A 112 -14.46 -8.81 6.49
C ASP A 112 -14.09 -9.44 5.15
N SER A 113 -13.10 -8.83 4.49
CA SER A 113 -12.46 -9.43 3.32
C SER A 113 -11.91 -10.82 3.66
N ASN A 114 -11.14 -10.86 4.74
CA ASN A 114 -10.53 -12.11 5.21
C ASN A 114 -11.55 -13.22 5.27
N GLN A 115 -12.60 -12.99 6.05
CA GLN A 115 -13.67 -13.97 6.20
C GLN A 115 -14.14 -14.50 4.86
N LEU A 116 -14.39 -13.61 3.91
CA LEU A 116 -14.94 -14.00 2.62
C LEU A 116 -13.90 -14.77 1.80
N ILE A 117 -12.63 -14.42 1.86
CA ILE A 117 -11.64 -15.15 1.10
C ILE A 117 -11.30 -16.49 1.74
N LEU A 118 -11.62 -16.66 3.03
CA LEU A 118 -11.40 -17.94 3.66
C LEU A 118 -12.53 -18.90 3.37
N GLU A 119 -13.70 -18.62 3.95
CA GLU A 119 -14.79 -19.59 3.89
C GLU A 119 -15.51 -19.67 2.54
N HIS A 120 -15.87 -18.53 1.94
CA HIS A 120 -16.67 -18.57 0.71
C HIS A 120 -15.94 -18.14 -0.57
N ALA A 121 -14.67 -17.77 -0.51
CA ALA A 121 -13.95 -17.56 -1.76
C ALA A 121 -13.39 -18.88 -2.28
N GLY A 122 -12.83 -19.66 -1.36
CA GLY A 122 -12.36 -21.00 -1.68
C GLY A 122 -10.97 -21.02 -2.28
N THR A 123 -10.77 -21.94 -3.23
CA THR A 123 -9.47 -22.11 -3.88
C THR A 123 -9.39 -21.34 -5.20
N PHE A 124 -10.45 -20.59 -5.50
CA PHE A 124 -10.68 -20.10 -6.86
C PHE A 124 -9.52 -19.27 -7.41
N PHE A 125 -8.82 -18.53 -6.54
CA PHE A 125 -7.71 -17.69 -6.97
C PHE A 125 -6.41 -18.49 -7.15
N ASP A 126 -6.35 -19.69 -6.59
CA ASP A 126 -5.17 -20.55 -6.68
C ASP A 126 -4.98 -21.04 -8.12
N GLU A 127 -6.09 -21.28 -8.80
CA GLU A 127 -6.05 -21.69 -10.20
C GLU A 127 -5.69 -20.52 -11.11
N ILE A 128 -6.27 -19.34 -10.84
CA ILE A 128 -5.97 -18.13 -11.63
C ILE A 128 -4.50 -17.77 -11.50
N GLN A 129 -3.96 -17.99 -10.30
CA GLN A 129 -2.54 -17.90 -10.05
C GLN A 129 -1.72 -18.52 -11.15
N GLN A 130 -1.95 -19.82 -11.36
CA GLN A 130 -1.13 -20.65 -12.24
C GLN A 130 -1.27 -20.25 -13.71
N ARG A 131 -2.33 -19.54 -14.05
CA ARG A 131 -2.56 -19.16 -15.44
C ARG A 131 -1.70 -17.96 -15.80
N HIS A 132 -1.64 -16.99 -14.91
CA HIS A 132 -0.92 -15.75 -15.19
C HIS A 132 0.51 -15.75 -14.62
N GLY A 133 0.85 -16.75 -13.79
CA GLY A 133 2.16 -16.77 -13.15
C GLY A 133 2.24 -15.85 -11.96
N LEU A 134 1.13 -15.71 -11.24
CA LEU A 134 1.03 -14.78 -10.11
C LEU A 134 2.03 -15.12 -9.00
N ALA A 135 2.24 -16.42 -8.76
CA ALA A 135 3.16 -16.96 -7.77
C ALA A 135 2.76 -16.71 -6.30
N ASN A 136 2.16 -15.56 -6.01
CA ASN A 136 1.87 -15.18 -4.63
C ASN A 136 0.37 -15.12 -4.35
N SER A 137 0.01 -15.50 -3.14
CA SER A 137 -1.38 -15.63 -2.70
C SER A 137 -2.17 -14.33 -2.79
N ILE A 138 -3.49 -14.45 -2.90
CA ILE A 138 -4.39 -13.30 -2.91
C ILE A 138 -4.28 -12.47 -1.63
N SER A 139 -4.46 -13.16 -0.49
CA SER A 139 -4.32 -12.56 0.83
C SER A 139 -3.06 -11.71 0.93
N SER A 140 -2.01 -12.20 0.28
CA SER A 140 -0.74 -11.50 0.24
C SER A 140 -0.90 -10.11 -0.37
N TYR A 141 -1.48 -10.02 -1.59
CA TYR A 141 -1.64 -8.71 -2.22
C TYR A 141 -2.55 -7.79 -1.41
N LEU A 142 -3.74 -8.27 -1.03
CA LEU A 142 -4.69 -7.41 -0.34
C LEU A 142 -4.18 -6.92 1.02
N ILE A 143 -3.29 -7.68 1.67
CA ILE A 143 -2.74 -7.22 2.94
C ILE A 143 -1.47 -6.37 2.73
N LYS A 144 -0.87 -6.44 1.55
CA LYS A 144 0.34 -5.67 1.24
C LYS A 144 0.20 -4.17 1.54
N PRO A 145 -0.93 -3.52 1.13
CA PRO A 145 -1.23 -2.14 1.50
C PRO A 145 -0.91 -1.84 2.97
N VAL A 146 -1.12 -2.81 3.85
CA VAL A 146 -0.93 -2.63 5.29
C VAL A 146 0.51 -2.95 5.69
N GLN A 147 1.15 -3.86 4.98
CA GLN A 147 2.58 -4.13 5.22
C GLN A 147 3.39 -2.86 4.91
N ARG A 148 3.00 -2.23 3.80
CA ARG A 148 3.64 -1.03 3.31
C ARG A 148 3.50 0.16 4.25
N VAL A 149 2.36 0.24 4.96
CA VAL A 149 2.12 1.39 5.85
C VAL A 149 2.98 1.29 7.09
N THR A 150 3.48 0.12 7.42
CA THR A 150 4.48 0.02 8.47
C THR A 150 5.83 0.50 7.95
N LYS A 151 6.07 0.25 6.66
CA LYS A 151 7.34 0.63 6.04
C LYS A 151 7.46 2.15 5.98
N TYR A 152 6.37 2.83 5.63
CA TYR A 152 6.29 4.28 5.70
C TYR A 152 6.64 4.79 7.09
N GLN A 153 6.27 4.03 8.12
CA GLN A 153 6.59 4.43 9.50
C GLN A 153 8.08 4.25 9.74
N LEU A 154 8.60 3.12 9.27
CA LEU A 154 10.01 2.79 9.31
C LEU A 154 10.90 3.89 8.73
N LEU A 155 10.69 4.24 7.46
CA LEU A 155 11.60 5.17 6.79
C LEU A 155 11.37 6.62 7.21
N LEU A 156 10.12 7.01 7.41
CA LEU A 156 9.80 8.36 7.90
C LEU A 156 10.34 8.56 9.32
N LYS A 157 10.40 7.51 10.13
CA LYS A 157 11.00 7.60 11.46
C LYS A 157 12.49 7.92 11.35
N GLU A 158 13.13 7.31 10.35
CA GLU A 158 14.54 7.51 10.08
C GLU A 158 14.84 8.99 9.84
N LEU A 159 14.02 9.64 9.03
CA LEU A 159 14.27 11.02 8.66
C LEU A 159 13.99 11.96 9.83
N LEU A 160 12.84 11.82 10.46
CA LEU A 160 12.45 12.73 11.52
C LEU A 160 13.35 12.62 12.76
N THR A 161 14.11 11.54 12.89
CA THR A 161 15.05 11.44 14.01
C THR A 161 16.47 11.87 13.60
N CYS A 162 16.70 12.12 12.31
CA CYS A 162 18.01 12.64 11.90
C CYS A 162 17.98 14.12 11.58
N CYS A 163 16.85 14.64 11.10
CA CYS A 163 16.70 16.07 10.82
C CYS A 163 16.89 16.92 12.09
N GLU A 164 17.66 18.00 11.96
CA GLU A 164 18.01 18.84 13.10
C GLU A 164 16.89 19.84 13.45
N GLU A 165 15.92 19.99 12.55
CA GLU A 165 14.88 21.00 12.73
C GLU A 165 13.98 20.65 13.91
N GLY A 166 14.04 19.40 14.32
CA GLY A 166 13.35 18.96 15.51
C GLY A 166 11.98 18.37 15.20
N LYS A 167 11.91 17.63 14.09
CA LYS A 167 10.64 17.08 13.61
C LYS A 167 9.60 18.17 13.36
N GLY A 168 9.35 18.49 12.11
CA GLY A 168 8.35 19.47 11.78
C GLY A 168 7.27 18.86 10.87
N GLU A 169 7.30 19.11 9.54
CA GLU A 169 6.41 18.39 8.62
C GLU A 169 6.60 16.89 8.75
N LEU A 170 7.77 16.50 9.25
CA LEU A 170 8.08 15.09 9.47
C LEU A 170 7.22 14.51 10.59
N LYS A 171 6.99 15.30 11.62
CA LYS A 171 6.18 14.85 12.75
C LYS A 171 4.71 14.85 12.36
N ASP A 172 4.27 15.87 11.65
CA ASP A 172 2.91 15.91 11.16
C ASP A 172 2.69 14.80 10.14
N GLY A 173 3.67 14.60 9.26
CA GLY A 173 3.63 13.49 8.33
C GLY A 173 3.56 12.14 9.03
N LEU A 174 4.14 12.08 10.22
CA LEU A 174 4.06 10.90 11.06
C LEU A 174 2.67 10.75 11.71
N GLU A 175 2.19 11.82 12.34
CA GLU A 175 0.91 11.79 13.07
C GLU A 175 -0.24 11.28 12.19
N VAL A 176 -0.29 11.79 10.97
CA VAL A 176 -1.25 11.32 9.98
C VAL A 176 -1.14 9.82 9.76
N MET A 177 0.10 9.32 9.60
CA MET A 177 0.30 7.89 9.37
C MET A 177 -0.23 7.06 10.53
N LEU A 178 -0.11 7.59 11.75
CA LEU A 178 -0.44 6.84 12.95
C LEU A 178 -1.92 6.94 13.27
N SER A 179 -2.56 7.99 12.78
CA SER A 179 -3.94 8.27 13.13
C SER A 179 -4.89 7.46 12.24
N VAL A 180 -4.40 7.07 11.06
CA VAL A 180 -5.24 6.32 10.11
C VAL A 180 -5.68 4.95 10.65
N PRO A 181 -4.76 4.00 10.94
CA PRO A 181 -5.17 2.69 11.48
C PRO A 181 -5.85 2.84 12.84
N LYS A 182 -5.51 3.91 13.55
CA LYS A 182 -6.11 4.18 14.85
C LYS A 182 -7.57 4.56 14.65
N LYS A 183 -7.81 5.44 13.69
CA LYS A 183 -9.12 5.86 13.33
C LYS A 183 -10.03 4.67 13.00
N ALA A 184 -9.45 3.64 12.39
CA ALA A 184 -10.21 2.46 11.99
C ALA A 184 -10.75 1.74 13.22
N ASN A 185 -10.05 1.91 14.34
CA ASN A 185 -10.45 1.32 15.61
C ASN A 185 -11.59 2.12 16.23
N ASP A 186 -11.47 3.44 16.16
CA ASP A 186 -12.48 4.35 16.73
C ASP A 186 -13.77 4.32 15.93
N ALA A 187 -13.65 4.16 14.61
CA ALA A 187 -14.80 4.08 13.74
C ALA A 187 -15.37 2.66 13.72
N MET A 188 -15.02 1.88 14.72
CA MET A 188 -15.44 0.49 14.82
C MET A 188 -16.48 0.31 15.92
N HIS A 189 -17.70 -0.03 15.53
CA HIS A 189 -18.75 -0.31 16.50
C HIS A 189 -18.95 -1.81 16.62
N VAL A 190 -18.02 -2.43 17.33
CA VAL A 190 -18.05 -3.86 17.53
C VAL A 190 -18.38 -4.19 18.99
N GLY A 1 25.86 18.13 -15.39
CA GLY A 1 25.87 18.67 -14.01
C GLY A 1 25.07 19.95 -13.90
N PRO A 2 23.80 19.88 -13.44
CA PRO A 2 22.91 21.04 -13.35
C PRO A 2 23.13 21.85 -12.09
N LEU A 3 24.34 21.79 -11.56
CA LEU A 3 24.74 22.50 -10.36
C LEU A 3 25.72 23.62 -10.74
N GLY A 4 26.17 24.38 -9.74
CA GLY A 4 27.07 25.49 -10.00
C GLY A 4 28.39 25.29 -9.28
N SER A 5 28.40 25.55 -7.98
CA SER A 5 29.57 25.28 -7.15
C SER A 5 29.28 24.14 -6.16
N PRO A 6 29.55 22.89 -6.59
CA PRO A 6 29.39 21.67 -5.77
C PRO A 6 30.31 21.64 -4.56
N GLU A 7 29.79 22.03 -3.40
CA GLU A 7 30.55 21.93 -2.15
C GLU A 7 30.41 20.54 -1.54
N PHE A 8 30.67 19.55 -2.42
CA PHE A 8 30.72 18.11 -2.10
C PHE A 8 29.80 17.73 -0.92
N PRO A 9 28.48 17.59 -1.17
CA PRO A 9 27.53 17.20 -0.15
C PRO A 9 27.27 15.68 -0.17
N GLY A 10 28.00 14.94 0.67
CA GLY A 10 27.80 13.51 0.76
C GLY A 10 27.25 13.06 2.11
N ARG A 11 28.11 12.38 2.89
CA ARG A 11 27.74 11.68 4.14
C ARG A 11 26.23 11.43 4.33
N LYS A 12 25.83 10.22 3.95
CA LYS A 12 24.49 9.68 4.15
C LYS A 12 24.31 8.47 3.24
N LYS A 13 23.76 7.40 3.76
CA LYS A 13 23.58 6.19 2.99
C LYS A 13 22.10 5.97 2.74
N GLU A 14 21.51 6.77 1.84
CA GLU A 14 20.06 6.76 1.66
C GLU A 14 19.59 5.61 0.79
N PHE A 15 19.86 4.43 1.28
CA PHE A 15 19.32 3.21 0.72
C PHE A 15 17.90 3.02 1.21
N ILE A 16 17.40 4.00 1.98
CA ILE A 16 16.09 3.86 2.59
C ILE A 16 15.11 4.77 1.85
N MET A 17 15.55 5.93 1.38
CA MET A 17 14.79 6.66 0.37
C MET A 17 14.55 5.80 -0.87
N ALA A 18 15.48 4.93 -1.21
CA ALA A 18 15.29 4.04 -2.35
C ALA A 18 14.28 2.97 -1.97
N GLU A 19 14.28 2.63 -0.69
CA GLU A 19 13.27 1.77 -0.11
C GLU A 19 11.88 2.39 -0.27
N LEU A 20 11.75 3.71 -0.32
CA LEU A 20 10.40 4.27 -0.50
C LEU A 20 10.11 4.45 -1.99
N LEU A 21 11.09 4.95 -2.74
CA LEU A 21 11.01 4.98 -4.21
C LEU A 21 10.68 3.60 -4.78
N GLN A 22 11.21 2.55 -4.19
CA GLN A 22 10.94 1.20 -4.67
C GLN A 22 9.52 0.75 -4.31
N THR A 23 9.01 1.22 -3.17
CA THR A 23 7.67 0.83 -2.73
C THR A 23 6.57 1.61 -3.44
N GLU A 24 6.79 2.85 -3.87
CA GLU A 24 6.02 3.39 -5.01
C GLU A 24 5.87 2.41 -6.16
N LYS A 25 6.93 2.14 -6.90
CA LYS A 25 6.83 1.31 -8.10
C LYS A 25 6.32 -0.10 -7.79
N ALA A 26 6.77 -0.70 -6.70
CA ALA A 26 6.10 -1.87 -6.11
C ALA A 26 4.61 -1.68 -5.86
N TYR A 27 4.19 -0.62 -5.18
CA TYR A 27 2.78 -0.52 -4.76
C TYR A 27 1.86 -0.19 -5.92
N VAL A 28 2.22 0.75 -6.79
CA VAL A 28 1.38 1.00 -7.97
C VAL A 28 1.36 -0.20 -8.93
N ARG A 29 2.43 -0.99 -8.98
CA ARG A 29 2.45 -2.19 -9.82
C ARG A 29 1.67 -3.34 -9.18
N ASP A 30 1.80 -3.49 -7.86
CA ASP A 30 1.01 -4.46 -7.11
C ASP A 30 -0.46 -4.05 -7.08
N LEU A 31 -0.82 -2.83 -7.43
CA LEU A 31 -2.24 -2.51 -7.61
C LEU A 31 -2.64 -2.82 -9.05
N HIS A 32 -1.78 -2.43 -10.00
CA HIS A 32 -1.97 -2.72 -11.43
C HIS A 32 -2.25 -4.20 -11.68
N GLU A 33 -1.41 -5.08 -11.14
CA GLU A 33 -1.55 -6.50 -11.43
C GLU A 33 -2.74 -7.10 -10.70
N CYS A 34 -3.10 -6.53 -9.55
CA CYS A 34 -4.23 -7.03 -8.79
C CYS A 34 -5.56 -6.71 -9.49
N LEU A 35 -5.74 -5.51 -10.01
CA LEU A 35 -6.91 -5.23 -10.83
C LEU A 35 -6.96 -6.18 -12.03
N GLU A 36 -5.79 -6.42 -12.62
CA GLU A 36 -5.68 -7.12 -13.90
C GLU A 36 -5.91 -8.62 -13.76
N THR A 37 -5.76 -9.16 -12.55
CA THR A 37 -5.91 -10.57 -12.30
C THR A 37 -7.19 -10.92 -11.56
N TYR A 38 -7.16 -10.85 -10.24
CA TYR A 38 -8.26 -11.33 -9.41
C TYR A 38 -9.51 -10.46 -9.58
N LEU A 39 -9.33 -9.15 -9.75
CA LEU A 39 -10.48 -8.25 -9.77
C LEU A 39 -11.14 -8.27 -11.15
N TRP A 40 -10.31 -8.17 -12.18
CA TRP A 40 -10.74 -8.37 -13.56
C TRP A 40 -11.59 -9.64 -13.73
N GLU A 41 -11.19 -10.80 -13.23
CA GLU A 41 -11.96 -12.01 -13.50
C GLU A 41 -13.28 -12.05 -12.70
N MET A 42 -13.35 -11.34 -11.57
CA MET A 42 -14.59 -11.40 -10.77
C MET A 42 -15.61 -10.41 -11.33
N THR A 43 -15.11 -9.27 -11.82
CA THR A 43 -15.95 -8.23 -12.41
C THR A 43 -16.29 -8.53 -13.87
N SER A 44 -15.54 -9.42 -14.50
CA SER A 44 -15.85 -9.81 -15.86
C SER A 44 -16.61 -11.14 -15.93
N GLY A 45 -16.95 -11.70 -14.75
CA GLY A 45 -17.82 -12.86 -14.71
C GLY A 45 -17.09 -14.14 -15.03
N VAL A 46 -16.71 -14.28 -16.30
CA VAL A 46 -16.09 -15.45 -16.92
C VAL A 46 -16.11 -16.75 -16.09
N GLU A 47 -15.30 -16.81 -15.04
CA GLU A 47 -15.15 -18.01 -14.22
C GLU A 47 -16.14 -18.02 -13.05
N GLU A 48 -16.71 -19.18 -12.77
CA GLU A 48 -17.65 -19.39 -11.67
C GLU A 48 -17.13 -18.81 -10.35
N ILE A 49 -17.81 -17.77 -9.90
CA ILE A 49 -17.56 -17.16 -8.61
C ILE A 49 -18.62 -17.63 -7.61
N PRO A 50 -18.19 -18.15 -6.45
CA PRO A 50 -19.11 -18.61 -5.40
C PRO A 50 -20.07 -17.51 -4.97
N PRO A 51 -21.31 -17.91 -4.60
CA PRO A 51 -22.42 -16.98 -4.26
C PRO A 51 -22.11 -16.01 -3.11
N GLY A 52 -20.95 -16.15 -2.48
CA GLY A 52 -20.62 -15.29 -1.37
C GLY A 52 -19.80 -14.08 -1.78
N ILE A 53 -18.97 -14.22 -2.82
CA ILE A 53 -18.01 -13.18 -3.14
C ILE A 53 -18.24 -12.51 -4.50
N LEU A 54 -19.16 -13.04 -5.31
CA LEU A 54 -19.47 -12.48 -6.65
C LEU A 54 -19.62 -10.95 -6.67
N ASN A 55 -20.50 -10.40 -5.85
CA ASN A 55 -20.70 -8.95 -5.85
C ASN A 55 -20.00 -8.39 -4.63
N LYS A 56 -19.01 -9.16 -4.20
CA LYS A 56 -18.17 -8.85 -3.05
C LYS A 56 -16.74 -8.64 -3.50
N GLU A 57 -16.56 -8.33 -4.78
CA GLU A 57 -15.28 -7.86 -5.29
C GLU A 57 -14.77 -6.69 -4.45
N HIS A 58 -15.70 -5.84 -4.03
CA HIS A 58 -15.41 -4.65 -3.24
C HIS A 58 -15.16 -4.99 -1.76
N ILE A 59 -15.29 -6.27 -1.41
CA ILE A 59 -14.94 -6.75 -0.08
C ILE A 59 -13.59 -7.44 -0.16
N ILE A 60 -13.49 -8.37 -1.11
CA ILE A 60 -12.26 -9.11 -1.36
C ILE A 60 -11.06 -8.17 -1.52
N PHE A 61 -11.18 -7.08 -2.25
CA PHE A 61 -10.05 -6.20 -2.39
C PHE A 61 -10.37 -4.76 -1.98
N GLY A 62 -11.57 -4.54 -1.46
CA GLY A 62 -11.96 -3.21 -1.01
C GLY A 62 -12.09 -2.22 -2.16
N ASN A 63 -11.39 -1.09 -2.04
CA ASN A 63 -11.44 -0.04 -3.05
C ASN A 63 -10.05 0.14 -3.68
N ILE A 64 -9.40 -0.97 -4.00
CA ILE A 64 -8.02 -0.91 -4.49
C ILE A 64 -7.91 -0.24 -5.86
N GLN A 65 -9.02 -0.24 -6.61
CA GLN A 65 -9.02 0.28 -7.96
C GLN A 65 -8.64 1.76 -7.97
N GLU A 66 -9.13 2.50 -6.99
CA GLU A 66 -8.88 3.92 -6.90
C GLU A 66 -7.43 4.18 -6.49
N ILE A 67 -6.90 3.27 -5.67
CA ILE A 67 -5.54 3.38 -5.16
C ILE A 67 -4.53 3.32 -6.31
N TYR A 68 -4.65 2.32 -7.19
CA TYR A 68 -3.78 2.26 -8.36
C TYR A 68 -3.75 3.58 -9.10
N ASP A 69 -4.92 3.98 -9.61
CA ASP A 69 -5.02 5.14 -10.48
C ASP A 69 -4.37 6.35 -9.86
N PHE A 70 -4.74 6.63 -8.61
CA PHE A 70 -4.29 7.82 -7.94
C PHE A 70 -2.79 7.76 -7.66
N HIS A 71 -2.25 6.56 -7.48
CA HIS A 71 -0.85 6.42 -7.13
C HIS A 71 0.04 6.47 -8.38
N ASN A 72 -0.32 5.72 -9.43
CA ASN A 72 0.44 5.69 -10.67
C ASN A 72 0.59 7.07 -11.34
N ASN A 73 -0.39 7.94 -11.18
CA ASN A 73 -0.30 9.26 -11.84
C ASN A 73 0.12 10.38 -10.88
N ILE A 74 0.07 10.13 -9.58
CA ILE A 74 0.45 11.14 -8.59
C ILE A 74 1.60 10.66 -7.68
N PHE A 75 1.30 9.90 -6.63
CA PHE A 75 2.27 9.69 -5.55
C PHE A 75 3.63 9.21 -6.07
N LEU A 76 3.63 8.19 -6.92
CA LEU A 76 4.89 7.72 -7.53
C LEU A 76 5.67 8.86 -8.20
N LYS A 77 5.05 9.49 -9.19
CA LYS A 77 5.73 10.51 -9.99
C LYS A 77 5.91 11.82 -9.23
N GLU A 78 5.46 11.85 -8.00
CA GLU A 78 5.73 12.99 -7.13
C GLU A 78 6.98 12.69 -6.31
N LEU A 79 7.14 11.41 -5.99
CA LEU A 79 8.23 10.94 -5.14
C LEU A 79 9.56 10.91 -5.89
N GLU A 80 9.53 10.50 -7.16
CA GLU A 80 10.76 10.43 -7.96
C GLU A 80 11.41 11.82 -8.12
N LYS A 81 10.70 12.86 -7.69
CA LYS A 81 11.29 14.21 -7.63
C LYS A 81 12.02 14.47 -6.32
N TYR A 82 11.98 13.51 -5.42
CA TYR A 82 12.56 13.64 -4.10
C TYR A 82 13.73 12.67 -3.96
N GLU A 83 14.02 11.99 -5.06
CA GLU A 83 15.08 10.99 -5.08
C GLU A 83 16.44 11.62 -4.75
N GLN A 84 16.58 12.91 -5.05
CA GLN A 84 17.81 13.65 -4.75
C GLN A 84 17.66 14.42 -3.44
N LEU A 85 16.56 14.19 -2.73
CA LEU A 85 16.26 14.96 -1.53
C LEU A 85 15.26 14.24 -0.63
N PRO A 86 15.71 13.20 0.11
CA PRO A 86 14.87 12.51 1.09
C PRO A 86 14.48 13.42 2.25
N GLU A 87 15.11 14.59 2.32
CA GLU A 87 14.77 15.55 3.36
C GLU A 87 13.47 16.27 3.02
N ASP A 88 12.95 16.06 1.80
CA ASP A 88 11.76 16.77 1.37
C ASP A 88 10.52 15.87 1.20
N VAL A 89 10.58 14.62 1.66
CA VAL A 89 9.42 13.72 1.51
C VAL A 89 8.47 13.87 2.69
N GLY A 90 8.83 14.71 3.65
CA GLY A 90 7.86 15.11 4.65
C GLY A 90 6.75 15.92 4.01
N HIS A 91 7.12 16.63 2.95
CA HIS A 91 6.18 17.44 2.16
C HIS A 91 5.19 16.57 1.39
N CYS A 92 5.53 15.32 1.20
CA CYS A 92 4.72 14.40 0.39
C CYS A 92 3.69 13.64 1.23
N PHE A 93 4.02 13.15 2.41
CA PHE A 93 3.00 12.49 3.22
C PHE A 93 1.89 13.48 3.65
N VAL A 94 2.28 14.71 3.97
CA VAL A 94 1.31 15.74 4.36
C VAL A 94 0.53 16.31 3.17
N THR A 95 1.18 16.46 2.02
CA THR A 95 0.52 17.11 0.88
C THR A 95 -0.80 16.41 0.56
N TRP A 96 -0.77 15.11 0.85
CA TRP A 96 -1.82 14.16 0.53
C TRP A 96 -2.38 13.53 1.79
N ALA A 97 -2.13 14.16 2.94
CA ALA A 97 -2.48 13.57 4.23
C ALA A 97 -3.94 13.16 4.31
N ASP A 98 -4.80 14.09 3.94
CA ASP A 98 -6.26 13.85 3.99
C ASP A 98 -6.66 12.68 3.09
N LYS A 99 -5.92 12.46 2.01
CA LYS A 99 -6.20 11.36 1.09
C LYS A 99 -5.88 10.01 1.74
N PHE A 100 -5.15 10.04 2.85
CA PHE A 100 -4.83 8.82 3.58
C PHE A 100 -6.04 8.35 4.38
N GLN A 101 -7.13 9.12 4.35
CA GLN A 101 -8.35 8.72 5.02
C GLN A 101 -9.06 7.62 4.22
N MET A 102 -8.54 7.34 3.04
CA MET A 102 -9.03 6.21 2.24
C MET A 102 -8.48 4.90 2.80
N TYR A 103 -7.37 5.01 3.53
CA TYR A 103 -6.77 3.86 4.21
C TYR A 103 -7.52 3.48 5.48
N VAL A 104 -8.33 4.37 6.04
CA VAL A 104 -9.13 4.00 7.21
C VAL A 104 -10.30 3.12 6.76
N THR A 105 -10.81 3.39 5.56
CA THR A 105 -11.84 2.55 4.98
C THR A 105 -11.29 1.18 4.61
N TYR A 106 -10.14 1.18 3.94
CA TYR A 106 -9.52 -0.06 3.48
C TYR A 106 -9.28 -1.04 4.62
N CYS A 107 -8.64 -0.60 5.71
CA CYS A 107 -8.30 -1.52 6.79
C CYS A 107 -9.52 -2.08 7.50
N LYS A 108 -10.61 -1.31 7.54
CA LYS A 108 -11.83 -1.80 8.21
C LYS A 108 -12.40 -2.99 7.44
N ASN A 109 -12.15 -3.03 6.15
CA ASN A 109 -12.63 -4.13 5.30
C ASN A 109 -11.67 -5.31 5.30
N LYS A 110 -10.48 -5.10 5.85
CA LYS A 110 -9.43 -6.13 5.90
C LYS A 110 -9.97 -7.47 6.46
N PRO A 111 -10.56 -7.49 7.67
CA PRO A 111 -11.03 -8.74 8.29
C PRO A 111 -12.20 -9.39 7.55
N ASP A 112 -13.17 -8.57 7.13
CA ASP A 112 -14.33 -9.11 6.45
C ASP A 112 -13.94 -9.66 5.08
N SER A 113 -12.97 -9.00 4.45
CA SER A 113 -12.31 -9.56 3.26
C SER A 113 -11.75 -10.94 3.56
N ASN A 114 -10.94 -11.00 4.62
CA ASN A 114 -10.31 -12.25 5.06
C ASN A 114 -11.33 -13.37 5.13
N GLN A 115 -12.34 -13.15 5.95
CA GLN A 115 -13.43 -14.11 6.13
C GLN A 115 -13.93 -14.64 4.78
N LEU A 116 -14.21 -13.73 3.86
CA LEU A 116 -14.80 -14.12 2.58
C LEU A 116 -13.81 -14.89 1.72
N ILE A 117 -12.54 -14.52 1.76
CA ILE A 117 -11.56 -15.23 0.94
C ILE A 117 -11.20 -16.58 1.52
N LEU A 118 -11.40 -16.76 2.82
CA LEU A 118 -11.14 -18.06 3.44
C LEU A 118 -12.26 -19.04 3.14
N GLU A 119 -13.42 -18.80 3.75
CA GLU A 119 -14.50 -19.78 3.69
C GLU A 119 -15.26 -19.82 2.35
N HIS A 120 -15.72 -18.69 1.85
CA HIS A 120 -16.62 -18.69 0.70
C HIS A 120 -16.02 -18.17 -0.60
N ALA A 121 -14.75 -17.77 -0.62
CA ALA A 121 -14.09 -17.56 -1.90
C ALA A 121 -13.57 -18.88 -2.43
N GLY A 122 -12.88 -19.60 -1.55
CA GLY A 122 -12.45 -20.95 -1.84
C GLY A 122 -11.14 -21.04 -2.59
N THR A 123 -11.06 -22.01 -3.49
CA THR A 123 -9.82 -22.30 -4.21
C THR A 123 -9.77 -21.58 -5.56
N PHE A 124 -10.77 -20.74 -5.84
CA PHE A 124 -10.98 -20.23 -7.20
C PHE A 124 -9.76 -19.44 -7.72
N PHE A 125 -9.07 -18.75 -6.83
CA PHE A 125 -7.92 -17.94 -7.23
C PHE A 125 -6.69 -18.82 -7.48
N ASP A 126 -6.70 -20.06 -7.01
CA ASP A 126 -5.58 -20.98 -7.21
C ASP A 126 -5.49 -21.40 -8.67
N GLU A 127 -6.62 -21.45 -9.37
CA GLU A 127 -6.58 -21.78 -10.79
C GLU A 127 -6.09 -20.59 -11.60
N ILE A 128 -6.55 -19.38 -11.25
CA ILE A 128 -6.10 -18.16 -11.93
C ILE A 128 -4.60 -17.97 -11.67
N GLN A 129 -4.21 -18.33 -10.45
CA GLN A 129 -2.82 -18.36 -10.02
C GLN A 129 -1.91 -18.93 -11.10
N GLN A 130 -2.22 -20.15 -11.52
CA GLN A 130 -1.34 -20.91 -12.40
C GLN A 130 -1.43 -20.45 -13.84
N ARG A 131 -2.53 -19.82 -14.22
CA ARG A 131 -2.70 -19.37 -15.59
C ARG A 131 -1.78 -18.19 -15.87
N HIS A 132 -1.76 -17.24 -14.94
CA HIS A 132 -1.01 -16.01 -15.15
C HIS A 132 0.39 -16.05 -14.51
N GLY A 133 0.69 -17.12 -13.75
CA GLY A 133 1.99 -17.21 -13.09
C GLY A 133 2.09 -16.32 -11.86
N LEU A 134 0.97 -16.16 -11.14
CA LEU A 134 0.88 -15.25 -9.99
C LEU A 134 1.90 -15.61 -8.90
N ALA A 135 2.01 -16.91 -8.62
CA ALA A 135 2.93 -17.46 -7.60
C ALA A 135 2.52 -17.19 -6.16
N ASN A 136 1.97 -16.02 -5.89
CA ASN A 136 1.67 -15.59 -4.51
C ASN A 136 0.17 -15.51 -4.23
N SER A 137 -0.17 -15.92 -3.02
CA SER A 137 -1.57 -16.01 -2.58
C SER A 137 -2.33 -14.68 -2.64
N ILE A 138 -3.65 -14.76 -2.80
CA ILE A 138 -4.49 -13.57 -2.83
C ILE A 138 -4.35 -12.73 -1.54
N SER A 139 -4.51 -13.42 -0.40
CA SER A 139 -4.36 -12.82 0.92
C SER A 139 -3.12 -11.93 1.00
N SER A 140 -2.06 -12.37 0.33
CA SER A 140 -0.82 -11.64 0.30
C SER A 140 -1.02 -10.24 -0.29
N TYR A 141 -1.60 -10.16 -1.49
CA TYR A 141 -1.73 -8.87 -2.15
C TYR A 141 -2.68 -7.92 -1.41
N LEU A 142 -3.82 -8.42 -0.96
CA LEU A 142 -4.76 -7.56 -0.24
C LEU A 142 -4.22 -7.08 1.12
N ILE A 143 -3.32 -7.85 1.75
CA ILE A 143 -2.72 -7.37 2.99
C ILE A 143 -1.46 -6.53 2.69
N LYS A 144 -0.99 -6.59 1.44
CA LYS A 144 0.16 -5.80 0.97
C LYS A 144 0.04 -4.31 1.36
N PRO A 145 -1.12 -3.65 1.11
CA PRO A 145 -1.38 -2.28 1.59
C PRO A 145 -0.97 -2.08 3.05
N VAL A 146 -1.22 -3.06 3.89
CA VAL A 146 -0.97 -2.92 5.32
C VAL A 146 0.49 -3.23 5.63
N GLN A 147 1.12 -4.02 4.78
CA GLN A 147 2.56 -4.19 4.88
C GLN A 147 3.25 -2.87 4.52
N ARG A 148 2.66 -2.20 3.53
CA ARG A 148 3.22 -0.98 2.97
C ARG A 148 3.11 0.19 3.95
N VAL A 149 2.01 0.26 4.68
CA VAL A 149 1.80 1.38 5.62
C VAL A 149 2.73 1.23 6.81
N THR A 150 3.20 0.04 7.11
CA THR A 150 4.18 -0.09 8.16
C THR A 150 5.52 0.42 7.64
N LYS A 151 5.79 0.15 6.36
CA LYS A 151 7.06 0.54 5.75
C LYS A 151 7.21 2.06 5.75
N TYR A 152 6.14 2.76 5.41
CA TYR A 152 6.10 4.23 5.49
C TYR A 152 6.48 4.74 6.88
N GLN A 153 6.03 4.09 7.95
CA GLN A 153 6.37 4.56 9.29
C GLN A 153 7.84 4.27 9.59
N LEU A 154 8.31 3.12 9.12
CA LEU A 154 9.71 2.70 9.23
C LEU A 154 10.68 3.80 8.76
N LEU A 155 10.55 4.18 7.49
CA LEU A 155 11.50 5.11 6.86
C LEU A 155 11.25 6.56 7.27
N LEU A 156 10.01 6.97 7.38
CA LEU A 156 9.68 8.32 7.82
C LEU A 156 10.18 8.59 9.24
N LYS A 157 10.22 7.57 10.10
CA LYS A 157 10.83 7.71 11.41
C LYS A 157 12.32 8.07 11.29
N GLU A 158 12.99 7.45 10.32
CA GLU A 158 14.41 7.70 10.05
C GLU A 158 14.68 9.18 9.78
N LEU A 159 13.95 9.74 8.82
CA LEU A 159 14.25 11.08 8.34
C LEU A 159 14.04 12.12 9.44
N LEU A 160 12.93 12.01 10.15
CA LEU A 160 12.56 13.00 11.15
C LEU A 160 13.41 12.90 12.42
N THR A 161 14.08 11.78 12.64
CA THR A 161 14.91 11.63 13.83
C THR A 161 16.40 11.87 13.55
N CYS A 162 16.78 11.98 12.28
CA CYS A 162 18.19 12.21 11.96
C CYS A 162 18.44 13.60 11.35
N CYS A 163 18.13 13.72 10.04
CA CYS A 163 18.43 14.91 9.21
C CYS A 163 19.13 16.10 9.95
N GLU A 164 18.33 16.90 10.69
CA GLU A 164 18.72 18.15 11.37
C GLU A 164 17.54 19.10 11.25
N GLU A 165 16.92 19.05 10.07
CA GLU A 165 15.67 19.73 9.78
C GLU A 165 14.53 19.10 10.57
N GLY A 166 14.25 19.67 11.73
CA GLY A 166 13.08 19.31 12.49
C GLY A 166 11.83 19.91 11.89
N LYS A 167 11.81 19.93 10.56
CA LYS A 167 10.65 20.35 9.78
C LYS A 167 9.40 19.74 10.39
N GLY A 168 8.45 20.57 10.76
CA GLY A 168 7.24 20.06 11.37
C GLY A 168 6.48 19.13 10.44
N GLU A 169 6.74 19.27 9.14
CA GLU A 169 6.05 18.44 8.15
C GLU A 169 6.42 16.96 8.30
N LEU A 170 7.56 16.65 8.92
CA LEU A 170 7.91 15.25 9.13
C LEU A 170 7.06 14.65 10.22
N LYS A 171 6.88 15.42 11.30
CA LYS A 171 6.08 14.97 12.42
C LYS A 171 4.60 15.01 12.06
N ASP A 172 4.18 16.02 11.33
CA ASP A 172 2.82 16.05 10.82
C ASP A 172 2.63 14.90 9.83
N GLY A 173 3.63 14.67 8.98
CA GLY A 173 3.61 13.53 8.08
C GLY A 173 3.50 12.21 8.81
N LEU A 174 4.09 12.16 9.98
CA LEU A 174 3.97 11.01 10.84
C LEU A 174 2.57 10.91 11.47
N GLU A 175 2.13 11.97 12.13
CA GLU A 175 0.87 11.94 12.90
C GLU A 175 -0.32 11.52 12.02
N VAL A 176 -0.36 12.03 10.80
CA VAL A 176 -1.36 11.61 9.80
C VAL A 176 -1.32 10.09 9.57
N MET A 177 -0.13 9.56 9.33
CA MET A 177 0.05 8.14 9.04
C MET A 177 -0.34 7.27 10.21
N LEU A 178 -0.19 7.77 11.43
CA LEU A 178 -0.51 7.00 12.62
C LEU A 178 -1.99 7.10 12.96
N SER A 179 -2.62 8.19 12.52
CA SER A 179 -4.00 8.46 12.91
C SER A 179 -4.98 7.66 12.05
N VAL A 180 -4.52 7.20 10.89
CA VAL A 180 -5.37 6.44 9.99
C VAL A 180 -5.78 5.07 10.57
N PRO A 181 -4.83 4.13 10.80
CA PRO A 181 -5.20 2.82 11.34
C PRO A 181 -5.82 2.93 12.74
N LYS A 182 -5.49 4.00 13.45
CA LYS A 182 -6.07 4.27 14.75
C LYS A 182 -7.54 4.62 14.59
N LYS A 183 -7.83 5.50 13.63
CA LYS A 183 -9.16 5.91 13.32
C LYS A 183 -10.06 4.72 13.01
N ALA A 184 -9.48 3.70 12.37
CA ALA A 184 -10.24 2.53 11.93
C ALA A 184 -10.77 1.76 13.12
N ASN A 185 -10.03 1.87 14.23
CA ASN A 185 -10.39 1.22 15.48
C ASN A 185 -11.50 1.98 16.17
N ASP A 186 -11.40 3.31 16.14
CA ASP A 186 -12.41 4.19 16.72
C ASP A 186 -13.71 4.13 15.91
N ALA A 187 -13.58 4.00 14.60
CA ALA A 187 -14.74 3.90 13.73
C ALA A 187 -15.26 2.47 13.66
N MET A 188 -14.87 1.68 14.65
CA MET A 188 -15.28 0.29 14.77
C MET A 188 -16.22 0.11 15.95
N HIS A 189 -17.48 -0.24 15.69
CA HIS A 189 -18.40 -0.53 16.79
C HIS A 189 -18.63 -2.03 16.88
N VAL A 190 -17.63 -2.71 17.40
CA VAL A 190 -17.67 -4.16 17.53
C VAL A 190 -18.05 -4.58 18.95
#